data_2K27
#
_entry.id   2K27
#
_entity_poly.entity_id   1
_entity_poly.type   'polypeptide(L)'
_entity_poly.pdbx_seq_one_letter_code
;MPHNSIRSGHGGLNQLGGAFVNGRPLPEVVRQRIVDLAHQGVRPCDISRQLRVSHGCVSKILGRYYETGSIRPGVIGGSK
PKVATPKVVEKIGDYKRQNPTMFAWEIRDRLLAEGVCDNDTVPSVSSINRIIRTKVQQPFNLPMDSGAPGGGSHHHHHH
;
_entity_poly.pdbx_strand_id   A
#
# COMPACT_ATOMS: atom_id res chain seq x y z
N MET A 1 8.00 -19.16 -33.99
CA MET A 1 8.79 -17.93 -34.17
C MET A 1 9.93 -17.89 -33.16
N PRO A 2 11.16 -18.33 -33.53
CA PRO A 2 12.29 -18.33 -32.62
C PRO A 2 12.78 -16.89 -32.40
N HIS A 3 12.46 -16.33 -31.22
CA HIS A 3 12.79 -14.96 -30.87
C HIS A 3 14.26 -14.87 -30.46
N ASN A 4 15.15 -14.86 -31.46
CA ASN A 4 16.61 -14.74 -31.34
C ASN A 4 17.23 -16.06 -30.88
N SER A 5 18.51 -16.27 -31.24
CA SER A 5 19.27 -17.46 -30.88
C SER A 5 19.54 -17.49 -29.37
N ILE A 6 19.74 -18.71 -28.84
CA ILE A 6 20.07 -18.94 -27.43
C ILE A 6 21.21 -19.96 -27.33
N ARG A 7 21.88 -19.98 -26.17
CA ARG A 7 23.07 -20.79 -25.91
C ARG A 7 22.65 -22.21 -25.55
N SER A 8 22.10 -22.94 -26.52
CA SER A 8 21.68 -24.31 -26.35
C SER A 8 22.90 -25.21 -26.12
N GLY A 9 22.76 -26.23 -25.27
CA GLY A 9 23.82 -27.17 -24.94
C GLY A 9 24.73 -26.65 -23.83
N HIS A 10 25.34 -27.58 -23.09
CA HIS A 10 26.21 -27.28 -21.94
C HIS A 10 27.56 -26.75 -22.41
N GLY A 11 28.28 -26.07 -21.50
CA GLY A 11 29.66 -25.67 -21.70
C GLY A 11 30.58 -26.86 -21.42
N GLY A 12 30.50 -27.88 -22.26
CA GLY A 12 31.21 -29.15 -22.06
C GLY A 12 30.68 -29.86 -20.82
N LEU A 13 31.57 -30.16 -19.87
CA LEU A 13 31.23 -30.76 -18.59
C LEU A 13 32.20 -30.21 -17.55
N ASN A 14 31.74 -29.22 -16.77
CA ASN A 14 32.53 -28.62 -15.70
C ASN A 14 32.65 -29.60 -14.53
N GLN A 15 33.88 -29.79 -14.03
CA GLN A 15 34.15 -30.66 -12.89
C GLN A 15 33.33 -30.24 -11.68
N LEU A 16 33.35 -28.93 -11.37
CA LEU A 16 32.66 -28.29 -10.25
C LEU A 16 33.30 -28.65 -8.90
N GLY A 17 33.37 -27.68 -8.00
CA GLY A 17 33.89 -27.88 -6.66
C GLY A 17 35.40 -28.15 -6.62
N GLY A 18 36.14 -27.54 -7.56
CA GLY A 18 37.59 -27.59 -7.59
C GLY A 18 38.13 -26.55 -6.60
N ALA A 19 38.21 -26.92 -5.32
CA ALA A 19 38.58 -26.02 -4.22
C ALA A 19 39.98 -25.44 -4.41
N PHE A 20 40.05 -24.30 -5.10
CA PHE A 20 41.27 -23.69 -5.59
C PHE A 20 42.06 -24.69 -6.46
N VAL A 21 41.36 -25.40 -7.37
CA VAL A 21 41.97 -26.35 -8.30
C VAL A 21 41.85 -25.77 -9.71
N ASN A 22 40.69 -25.98 -10.36
CA ASN A 22 40.44 -25.59 -11.74
C ASN A 22 38.94 -25.76 -12.02
N GLY A 23 38.40 -24.99 -12.96
CA GLY A 23 36.98 -25.04 -13.31
C GLY A 23 36.13 -24.79 -12.07
N ARG A 24 36.37 -23.66 -11.38
CA ARG A 24 35.83 -23.35 -10.07
C ARG A 24 34.96 -22.09 -10.17
N PRO A 25 33.63 -22.21 -10.32
CA PRO A 25 32.74 -21.08 -10.50
C PRO A 25 32.48 -20.38 -9.15
N LEU A 26 32.52 -19.04 -9.15
CA LEU A 26 32.43 -18.19 -7.96
C LEU A 26 33.32 -18.71 -6.83
N PRO A 27 34.65 -18.72 -7.03
CA PRO A 27 35.60 -19.26 -6.07
C PRO A 27 35.82 -18.22 -4.97
N GLU A 28 35.06 -18.31 -3.87
CA GLU A 28 35.12 -17.38 -2.74
C GLU A 28 36.54 -17.17 -2.21
N VAL A 29 37.37 -18.21 -2.24
CA VAL A 29 38.79 -18.18 -1.94
C VAL A 29 39.52 -17.04 -2.65
N VAL A 30 39.19 -16.75 -3.91
CA VAL A 30 39.82 -15.69 -4.68
C VAL A 30 39.52 -14.33 -4.03
N ARG A 31 38.23 -14.00 -3.85
CA ARG A 31 37.78 -12.81 -3.13
C ARG A 31 38.55 -12.66 -1.82
N GLN A 32 38.64 -13.74 -1.02
CA GLN A 32 39.31 -13.74 0.27
C GLN A 32 40.81 -13.42 0.14
N ARG A 33 41.51 -14.04 -0.81
CA ARG A 33 42.92 -13.75 -1.07
C ARG A 33 43.14 -12.27 -1.35
N ILE A 34 42.42 -11.71 -2.34
CA ILE A 34 42.60 -10.32 -2.76
C ILE A 34 42.30 -9.37 -1.59
N VAL A 35 41.19 -9.60 -0.88
CA VAL A 35 40.82 -8.83 0.31
C VAL A 35 41.93 -8.88 1.37
N ASP A 36 42.46 -10.08 1.67
CA ASP A 36 43.52 -10.25 2.64
C ASP A 36 44.76 -9.45 2.24
N LEU A 37 45.32 -9.72 1.06
CA LEU A 37 46.51 -9.04 0.58
C LEU A 37 46.32 -7.52 0.49
N ALA A 38 45.13 -7.07 0.10
CA ALA A 38 44.79 -5.65 0.10
C ALA A 38 44.78 -5.05 1.50
N HIS A 39 44.41 -5.83 2.53
CA HIS A 39 44.31 -5.33 3.90
C HIS A 39 45.67 -4.85 4.41
N GLN A 40 46.68 -5.74 4.45
CA GLN A 40 48.03 -5.35 4.83
C GLN A 40 48.71 -4.51 3.74
N GLY A 41 48.20 -4.56 2.50
CA GLY A 41 48.63 -3.71 1.42
C GLY A 41 49.89 -4.26 0.76
N VAL A 42 49.75 -5.43 0.13
CA VAL A 42 50.83 -6.05 -0.62
C VAL A 42 50.94 -5.35 -1.99
N ARG A 43 52.06 -4.63 -2.19
CA ARG A 43 52.43 -3.97 -3.42
C ARG A 43 52.57 -5.00 -4.56
N PRO A 44 52.32 -4.63 -5.83
CA PRO A 44 52.30 -5.56 -6.95
C PRO A 44 53.63 -6.32 -7.12
N CYS A 45 54.75 -5.62 -6.93
CA CYS A 45 56.09 -6.18 -6.96
C CYS A 45 56.34 -7.21 -5.85
N ASP A 46 55.40 -7.39 -4.91
CA ASP A 46 55.46 -8.38 -3.83
C ASP A 46 54.34 -9.42 -3.97
N ILE A 47 53.21 -9.08 -4.60
CA ILE A 47 52.22 -10.08 -5.01
C ILE A 47 52.94 -11.11 -5.90
N SER A 48 53.75 -10.63 -6.86
CA SER A 48 54.59 -11.44 -7.71
C SER A 48 55.42 -12.44 -6.92
N ARG A 49 55.97 -12.02 -5.77
CA ARG A 49 56.80 -12.86 -4.91
C ARG A 49 55.95 -13.96 -4.29
N GLN A 50 54.96 -13.57 -3.46
CA GLN A 50 54.15 -14.48 -2.67
C GLN A 50 53.47 -15.58 -3.49
N LEU A 51 52.92 -15.22 -4.67
CA LEU A 51 52.19 -16.17 -5.51
C LEU A 51 53.11 -16.82 -6.55
N ARG A 52 54.33 -16.31 -6.73
CA ARG A 52 55.27 -16.73 -7.74
C ARG A 52 54.66 -16.55 -9.14
N VAL A 53 54.43 -15.29 -9.50
CA VAL A 53 53.79 -14.90 -10.76
C VAL A 53 54.49 -13.67 -11.35
N SER A 54 54.10 -13.31 -12.58
CA SER A 54 54.77 -12.29 -13.39
C SER A 54 54.31 -10.88 -13.00
N HIS A 55 53.49 -10.23 -13.84
CA HIS A 55 53.08 -8.84 -13.68
C HIS A 55 51.72 -8.60 -14.36
N GLY A 56 51.55 -9.11 -15.58
CA GLY A 56 50.23 -9.23 -16.20
C GLY A 56 49.35 -10.14 -15.34
N CYS A 57 49.94 -11.21 -14.81
CA CYS A 57 49.31 -12.11 -13.85
C CYS A 57 48.87 -11.33 -12.62
N VAL A 58 49.77 -10.50 -12.06
CA VAL A 58 49.49 -9.68 -10.89
C VAL A 58 48.31 -8.75 -11.16
N SER A 59 48.28 -8.12 -12.34
CA SER A 59 47.19 -7.24 -12.75
C SER A 59 45.84 -7.96 -12.72
N LYS A 60 45.78 -9.17 -13.30
CA LYS A 60 44.57 -9.98 -13.32
C LYS A 60 44.17 -10.42 -11.91
N ILE A 61 45.15 -10.83 -11.09
CA ILE A 61 44.94 -11.33 -9.73
C ILE A 61 44.40 -10.22 -8.83
N LEU A 62 45.16 -9.12 -8.68
CA LEU A 62 44.77 -8.01 -7.83
C LEU A 62 43.52 -7.34 -8.39
N GLY A 63 43.57 -6.93 -9.66
CA GLY A 63 42.46 -6.31 -10.35
C GLY A 63 41.49 -7.37 -10.88
N ARG A 64 40.58 -7.84 -10.01
CA ARG A 64 39.54 -8.79 -10.39
C ARG A 64 38.44 -8.10 -11.20
N TYR A 65 37.98 -6.93 -10.73
CA TYR A 65 36.85 -6.18 -11.27
C TYR A 65 35.60 -7.05 -11.28
N TYR A 66 34.99 -7.21 -10.11
CA TYR A 66 33.84 -8.07 -9.86
C TYR A 66 34.26 -9.55 -9.99
N GLU A 67 34.61 -10.18 -8.86
CA GLU A 67 35.19 -11.51 -8.82
C GLU A 67 34.27 -12.52 -9.50
N THR A 68 34.71 -13.05 -10.66
CA THR A 68 33.91 -13.85 -11.58
C THR A 68 32.45 -13.38 -11.65
N GLY A 69 32.25 -12.07 -11.81
CA GLY A 69 30.95 -11.43 -11.88
C GLY A 69 30.16 -11.59 -10.57
N SER A 70 30.67 -11.04 -9.47
CA SER A 70 29.96 -10.93 -8.21
C SER A 70 30.52 -9.75 -7.40
N ILE A 71 30.17 -9.65 -6.12
CA ILE A 71 30.53 -8.54 -5.23
C ILE A 71 29.91 -7.24 -5.77
N ARG A 72 28.57 -7.20 -5.82
CA ARG A 72 27.82 -6.05 -6.32
C ARG A 72 26.36 -6.12 -5.82
N PRO A 73 26.12 -5.97 -4.51
CA PRO A 73 24.79 -6.02 -3.93
C PRO A 73 24.02 -4.74 -4.25
N GLY A 74 23.21 -4.76 -5.31
CA GLY A 74 22.40 -3.64 -5.73
C GLY A 74 21.53 -4.01 -6.93
N VAL A 75 20.29 -3.52 -6.95
CA VAL A 75 19.32 -3.70 -8.01
C VAL A 75 18.22 -2.64 -7.83
N ILE A 76 17.97 -1.86 -8.89
CA ILE A 76 17.01 -0.76 -8.90
C ILE A 76 15.60 -1.33 -9.15
N GLY A 77 14.59 -0.74 -8.52
CA GLY A 77 13.19 -1.12 -8.68
C GLY A 77 12.26 -0.07 -8.07
N GLY A 78 10.95 -0.22 -8.31
CA GLY A 78 9.93 0.68 -7.80
C GLY A 78 8.54 0.25 -8.31
N SER A 79 7.48 0.78 -7.69
CA SER A 79 6.09 0.47 -8.05
C SER A 79 5.16 1.55 -7.48
N LYS A 80 3.95 1.65 -8.03
CA LYS A 80 2.93 2.62 -7.60
C LYS A 80 1.53 2.08 -7.94
N PRO A 81 1.03 1.05 -7.23
CA PRO A 81 -0.24 0.42 -7.51
C PRO A 81 -1.41 1.16 -6.87
N LYS A 82 -2.63 0.94 -7.41
CA LYS A 82 -3.87 1.53 -6.91
C LYS A 82 -4.43 0.64 -5.80
N VAL A 83 -3.91 0.82 -4.58
CA VAL A 83 -4.32 0.07 -3.40
C VAL A 83 -5.28 0.89 -2.54
N ALA A 84 -6.21 0.20 -1.88
CA ALA A 84 -7.19 0.74 -0.95
C ALA A 84 -7.66 -0.37 -0.01
N THR A 85 -8.41 0.00 1.03
CA THR A 85 -8.87 -0.92 2.06
C THR A 85 -10.22 -1.56 1.65
N PRO A 86 -10.48 -2.81 2.04
CA PRO A 86 -11.76 -3.46 1.84
C PRO A 86 -12.85 -2.85 2.73
N LYS A 87 -12.48 -2.10 3.77
CA LYS A 87 -13.38 -1.46 4.72
C LYS A 87 -14.39 -0.52 4.07
N VAL A 88 -14.10 -0.02 2.85
CA VAL A 88 -15.04 0.76 2.07
C VAL A 88 -16.37 -0.01 1.87
N VAL A 89 -16.33 -1.34 1.79
CA VAL A 89 -17.52 -2.19 1.77
C VAL A 89 -18.36 -1.98 3.04
N GLU A 90 -17.70 -1.92 4.21
CA GLU A 90 -18.38 -1.64 5.47
C GLU A 90 -19.02 -0.25 5.42
N LYS A 91 -18.34 0.73 4.82
CA LYS A 91 -18.85 2.09 4.66
C LYS A 91 -20.11 2.14 3.79
N ILE A 92 -20.21 1.31 2.74
CA ILE A 92 -21.45 1.17 1.99
C ILE A 92 -22.56 0.68 2.93
N GLY A 93 -22.25 -0.35 3.74
CA GLY A 93 -23.16 -0.88 4.74
C GLY A 93 -23.68 0.21 5.67
N ASP A 94 -22.76 1.01 6.23
CA ASP A 94 -23.08 2.12 7.12
C ASP A 94 -23.96 3.15 6.43
N TYR A 95 -23.69 3.44 5.17
CA TYR A 95 -24.46 4.43 4.43
C TYR A 95 -25.84 3.88 4.05
N LYS A 96 -25.98 2.55 3.91
CA LYS A 96 -27.28 1.89 3.96
C LYS A 96 -27.97 2.14 5.30
N ARG A 97 -27.26 1.97 6.42
CA ARG A 97 -27.83 2.19 7.75
C ARG A 97 -28.27 3.66 7.91
N GLN A 98 -27.48 4.62 7.43
CA GLN A 98 -27.80 6.03 7.54
C GLN A 98 -28.98 6.41 6.62
N ASN A 99 -29.00 5.83 5.41
CA ASN A 99 -29.97 6.13 4.37
C ASN A 99 -30.34 4.81 3.65
N PRO A 100 -31.36 4.08 4.13
CA PRO A 100 -31.74 2.78 3.59
C PRO A 100 -32.50 2.90 2.27
N THR A 101 -33.24 4.00 2.07
CA THR A 101 -34.02 4.24 0.86
C THR A 101 -33.11 4.32 -0.36
N MET A 102 -31.93 4.95 -0.24
CA MET A 102 -30.92 4.93 -1.29
C MET A 102 -30.43 3.52 -1.53
N PHE A 103 -30.45 3.12 -2.80
CA PHE A 103 -30.14 1.77 -3.27
C PHE A 103 -28.62 1.54 -3.33
N ALA A 104 -28.22 0.29 -3.57
CA ALA A 104 -26.82 -0.14 -3.65
C ALA A 104 -25.98 0.77 -4.55
N TRP A 105 -26.48 1.03 -5.76
CA TRP A 105 -25.80 1.82 -6.78
C TRP A 105 -25.86 3.33 -6.45
N GLU A 106 -26.80 3.76 -5.60
CA GLU A 106 -26.94 5.12 -5.14
C GLU A 106 -25.88 5.38 -4.07
N ILE A 107 -25.79 4.48 -3.07
CA ILE A 107 -24.82 4.55 -2.00
C ILE A 107 -23.38 4.40 -2.51
N ARG A 108 -23.18 3.69 -3.63
CA ARG A 108 -21.91 3.68 -4.33
C ARG A 108 -21.44 5.12 -4.59
N ASP A 109 -22.34 5.98 -5.09
CA ASP A 109 -22.07 7.40 -5.33
C ASP A 109 -22.02 8.23 -4.05
N ARG A 110 -22.75 7.83 -2.98
CA ARG A 110 -22.73 8.52 -1.69
C ARG A 110 -21.29 8.72 -1.17
N LEU A 111 -20.41 7.73 -1.39
CA LEU A 111 -18.99 7.83 -1.03
C LEU A 111 -18.27 8.87 -1.89
N LEU A 112 -18.46 8.80 -3.21
CA LEU A 112 -17.73 9.63 -4.16
C LEU A 112 -18.11 11.10 -4.02
N ALA A 113 -19.40 11.38 -3.85
CA ALA A 113 -19.94 12.71 -3.65
C ALA A 113 -19.30 13.39 -2.43
N GLU A 114 -19.19 12.66 -1.32
CA GLU A 114 -18.56 13.13 -0.09
C GLU A 114 -17.04 13.20 -0.26
N GLY A 115 -16.47 12.32 -1.10
CA GLY A 115 -15.06 12.28 -1.41
C GLY A 115 -14.33 11.38 -0.42
N VAL A 116 -14.82 10.14 -0.26
CA VAL A 116 -14.30 9.18 0.71
C VAL A 116 -13.29 8.25 0.03
N CYS A 117 -13.63 7.74 -1.16
CA CYS A 117 -12.79 6.81 -1.91
C CYS A 117 -12.71 7.23 -3.37
N ASP A 118 -11.82 6.57 -4.12
CA ASP A 118 -11.59 6.82 -5.54
C ASP A 118 -12.57 6.03 -6.39
N ASN A 119 -12.85 6.54 -7.60
CA ASN A 119 -13.79 6.01 -8.58
C ASN A 119 -13.47 4.57 -8.98
N ASP A 120 -12.21 4.15 -8.90
CA ASP A 120 -11.77 2.79 -9.17
C ASP A 120 -12.03 1.92 -7.94
N THR A 121 -11.59 2.43 -6.78
CA THR A 121 -11.50 1.69 -5.53
C THR A 121 -12.87 1.42 -4.90
N VAL A 122 -13.88 2.24 -5.21
CA VAL A 122 -15.26 2.06 -4.76
C VAL A 122 -15.74 0.65 -5.13
N PRO A 123 -16.32 -0.12 -4.19
CA PRO A 123 -16.57 -1.54 -4.38
C PRO A 123 -17.73 -1.81 -5.32
N SER A 124 -17.70 -3.00 -5.93
CA SER A 124 -18.67 -3.51 -6.90
C SER A 124 -20.09 -3.54 -6.33
N VAL A 125 -21.05 -3.09 -7.16
CA VAL A 125 -22.48 -3.12 -6.86
C VAL A 125 -22.95 -4.54 -6.51
N SER A 126 -22.45 -5.54 -7.23
CA SER A 126 -22.76 -6.94 -7.01
C SER A 126 -22.23 -7.45 -5.66
N SER A 127 -21.11 -6.89 -5.17
CA SER A 127 -20.49 -7.33 -3.94
C SER A 127 -21.25 -6.78 -2.75
N ILE A 128 -21.49 -5.46 -2.71
CA ILE A 128 -22.18 -4.79 -1.60
C ILE A 128 -23.56 -5.40 -1.35
N ASN A 129 -24.24 -5.87 -2.41
CA ASN A 129 -25.51 -6.57 -2.34
C ASN A 129 -25.51 -7.71 -1.33
N ARG A 130 -24.44 -8.51 -1.29
CA ARG A 130 -24.36 -9.71 -0.46
C ARG A 130 -24.46 -9.39 1.03
N ILE A 131 -24.10 -8.17 1.44
CA ILE A 131 -24.24 -7.69 2.80
C ILE A 131 -25.71 -7.37 3.09
N ILE A 132 -26.38 -6.60 2.21
CA ILE A 132 -27.76 -6.14 2.36
C ILE A 132 -28.68 -7.29 2.77
N ARG A 133 -28.66 -8.40 2.00
CA ARG A 133 -29.54 -9.54 2.22
C ARG A 133 -29.53 -10.07 3.65
N THR A 134 -28.37 -10.09 4.33
CA THR A 134 -28.30 -10.62 5.69
C THR A 134 -29.17 -9.81 6.67
N LYS A 135 -29.46 -8.54 6.34
CA LYS A 135 -30.34 -7.68 7.13
C LYS A 135 -31.78 -7.85 6.65
N VAL A 136 -32.01 -7.79 5.34
CA VAL A 136 -33.33 -7.76 4.72
C VAL A 136 -33.32 -8.66 3.49
N GLN A 137 -33.71 -9.92 3.68
CA GLN A 137 -34.02 -10.87 2.62
C GLN A 137 -35.19 -11.77 3.04
N GLN A 138 -35.75 -12.50 2.07
CA GLN A 138 -36.79 -13.51 2.29
C GLN A 138 -36.23 -14.87 1.87
N PRO A 139 -36.53 -15.95 2.61
CA PRO A 139 -36.00 -17.27 2.34
C PRO A 139 -36.53 -17.79 1.00
N PHE A 140 -35.62 -18.37 0.20
CA PHE A 140 -35.87 -18.70 -1.19
C PHE A 140 -36.58 -20.06 -1.30
N ASN A 141 -37.83 -20.10 -0.84
CA ASN A 141 -38.64 -21.30 -0.80
C ASN A 141 -40.12 -20.92 -0.60
N LEU A 142 -41.02 -21.73 -1.16
CA LEU A 142 -42.46 -21.53 -1.06
C LEU A 142 -43.15 -22.89 -1.23
N PRO A 143 -43.19 -23.72 -0.17
CA PRO A 143 -43.75 -25.07 -0.24
C PRO A 143 -45.27 -25.01 -0.29
N MET A 144 -45.88 -26.00 -0.95
CA MET A 144 -47.31 -26.13 -1.12
C MET A 144 -47.65 -27.55 -1.57
N ASP A 145 -48.93 -27.94 -1.43
CA ASP A 145 -49.42 -29.23 -1.91
C ASP A 145 -49.47 -29.23 -3.44
N SER A 146 -48.97 -30.30 -4.06
CA SER A 146 -48.95 -30.47 -5.50
C SER A 146 -48.67 -31.94 -5.83
N GLY A 147 -48.93 -32.34 -7.08
CA GLY A 147 -48.68 -33.69 -7.57
C GLY A 147 -49.60 -34.70 -6.88
N ALA A 148 -50.91 -34.56 -7.07
CA ALA A 148 -51.94 -35.42 -6.51
C ALA A 148 -52.85 -35.94 -7.62
N PRO A 149 -52.37 -36.89 -8.45
CA PRO A 149 -53.14 -37.48 -9.53
C PRO A 149 -54.15 -38.50 -9.00
N GLY A 150 -55.04 -38.99 -9.88
CA GLY A 150 -56.04 -39.98 -9.54
C GLY A 150 -56.85 -40.38 -10.77
N GLY A 151 -57.80 -41.31 -10.59
CA GLY A 151 -58.67 -41.78 -11.65
C GLY A 151 -59.71 -42.76 -11.08
N GLY A 152 -60.76 -43.04 -11.87
CA GLY A 152 -61.85 -43.91 -11.46
C GLY A 152 -63.05 -43.67 -12.36
N SER A 153 -63.07 -44.33 -13.53
CA SER A 153 -64.16 -44.26 -14.50
C SER A 153 -64.18 -45.56 -15.29
N HIS A 154 -64.94 -46.55 -14.80
CA HIS A 154 -65.01 -47.88 -15.37
C HIS A 154 -66.47 -48.35 -15.30
N HIS A 155 -66.98 -48.93 -16.39
CA HIS A 155 -68.40 -49.24 -16.57
C HIS A 155 -68.55 -50.54 -17.36
N HIS A 156 -69.75 -51.14 -17.28
CA HIS A 156 -70.09 -52.40 -17.93
C HIS A 156 -71.61 -52.44 -18.10
N HIS A 157 -72.07 -53.11 -19.17
CA HIS A 157 -73.48 -53.23 -19.52
C HIS A 157 -73.75 -54.63 -20.09
N HIS A 158 -75.00 -55.07 -19.98
CA HIS A 158 -75.48 -56.36 -20.45
C HIS A 158 -77.00 -56.35 -20.47
N HIS A 159 -77.60 -57.38 -21.08
CA HIS A 159 -79.04 -57.61 -21.07
C HIS A 159 -79.43 -58.44 -19.85
N MET A 1 -14.00 5.16 -12.51
CA MET A 1 -13.54 5.52 -13.86
C MET A 1 -13.37 7.03 -13.98
N PRO A 2 -12.28 7.52 -14.60
CA PRO A 2 -12.02 8.95 -14.74
C PRO A 2 -13.13 9.63 -15.55
N HIS A 3 -13.95 10.44 -14.88
CA HIS A 3 -15.08 11.15 -15.47
C HIS A 3 -14.58 12.41 -16.19
N ASN A 4 -13.80 12.20 -17.26
CA ASN A 4 -13.14 13.24 -18.03
C ASN A 4 -13.27 12.94 -19.52
N SER A 5 -13.37 13.99 -20.34
CA SER A 5 -13.51 13.90 -21.78
C SER A 5 -13.00 15.19 -22.41
N ILE A 6 -13.69 16.31 -22.14
CA ILE A 6 -13.40 17.65 -22.65
C ILE A 6 -13.23 17.60 -24.17
N ARG A 7 -14.33 17.34 -24.89
CA ARG A 7 -14.39 17.34 -26.34
C ARG A 7 -14.87 18.71 -26.84
N SER A 8 -14.92 18.87 -28.16
CA SER A 8 -15.37 20.10 -28.83
C SER A 8 -16.02 19.74 -30.17
N GLY A 9 -16.72 20.71 -30.76
CA GLY A 9 -17.42 20.54 -32.03
C GLY A 9 -18.78 19.87 -31.82
N HIS A 10 -19.74 20.18 -32.70
CA HIS A 10 -21.10 19.65 -32.67
C HIS A 10 -21.78 19.94 -34.00
N GLY A 11 -22.96 19.34 -34.21
CA GLY A 11 -23.76 19.54 -35.40
C GLY A 11 -24.98 18.62 -35.38
N GLY A 12 -25.79 18.68 -36.44
CA GLY A 12 -26.98 17.86 -36.60
C GLY A 12 -27.68 18.19 -37.91
N LEU A 13 -28.55 17.28 -38.37
CA LEU A 13 -29.33 17.43 -39.58
C LEU A 13 -30.62 16.62 -39.44
N ASN A 14 -31.77 17.29 -39.57
CA ASN A 14 -33.09 16.68 -39.59
C ASN A 14 -34.01 17.54 -40.47
N GLN A 15 -34.99 16.91 -41.13
CA GLN A 15 -35.85 17.55 -42.11
C GLN A 15 -37.31 17.23 -41.83
N LEU A 16 -37.68 15.94 -41.91
CA LEU A 16 -39.05 15.49 -41.68
C LEU A 16 -39.31 15.39 -40.18
N GLY A 17 -39.39 16.55 -39.52
CA GLY A 17 -39.57 16.65 -38.08
C GLY A 17 -38.27 16.33 -37.34
N GLY A 18 -38.36 16.16 -36.02
CA GLY A 18 -37.23 15.83 -35.16
C GLY A 18 -37.73 15.50 -33.77
N ALA A 19 -38.59 14.49 -33.67
CA ALA A 19 -39.21 14.07 -32.42
C ALA A 19 -38.23 13.22 -31.60
N PHE A 20 -38.08 13.53 -30.32
CA PHE A 20 -37.25 12.82 -29.35
C PHE A 20 -37.98 12.86 -28.01
N VAL A 21 -37.96 11.73 -27.27
CA VAL A 21 -38.80 11.48 -26.11
C VAL A 21 -40.24 11.93 -26.36
N ASN A 22 -40.77 11.54 -27.52
CA ASN A 22 -42.04 11.99 -28.07
C ASN A 22 -42.40 11.01 -29.18
N GLY A 23 -43.24 10.01 -28.86
CA GLY A 23 -43.53 8.91 -29.77
C GLY A 23 -42.41 7.87 -29.74
N ARG A 24 -41.14 8.31 -29.81
CA ARG A 24 -39.97 7.45 -29.78
C ARG A 24 -39.95 6.60 -28.51
N PRO A 25 -39.64 5.30 -28.60
CA PRO A 25 -39.48 4.44 -27.44
C PRO A 25 -38.14 4.74 -26.74
N LEU A 26 -37.93 4.17 -25.56
CA LEU A 26 -36.73 4.39 -24.75
C LEU A 26 -36.09 3.04 -24.37
N PRO A 27 -35.49 2.32 -25.34
CA PRO A 27 -34.65 1.15 -25.08
C PRO A 27 -33.28 1.61 -24.57
N GLU A 28 -32.27 0.72 -24.61
CA GLU A 28 -30.92 0.97 -24.12
C GLU A 28 -30.23 2.19 -24.75
N VAL A 29 -30.75 2.75 -25.85
CA VAL A 29 -30.31 4.03 -26.39
C VAL A 29 -30.35 5.12 -25.31
N VAL A 30 -31.33 5.04 -24.39
CA VAL A 30 -31.52 5.95 -23.27
C VAL A 30 -30.29 6.02 -22.38
N ARG A 31 -29.45 4.97 -22.36
CA ARG A 31 -28.22 4.94 -21.59
C ARG A 31 -27.35 6.16 -21.90
N GLN A 32 -27.18 6.47 -23.20
CA GLN A 32 -26.38 7.62 -23.61
C GLN A 32 -26.99 8.93 -23.13
N ARG A 33 -28.33 9.01 -23.01
CA ARG A 33 -29.00 10.17 -22.47
C ARG A 33 -28.71 10.31 -20.98
N ILE A 34 -28.73 9.20 -20.20
CA ILE A 34 -28.32 9.22 -18.80
C ILE A 34 -26.90 9.77 -18.69
N VAL A 35 -25.98 9.24 -19.50
CA VAL A 35 -24.58 9.68 -19.55
C VAL A 35 -24.50 11.18 -19.82
N ASP A 36 -25.20 11.65 -20.86
CA ASP A 36 -25.18 13.04 -21.30
C ASP A 36 -25.64 13.98 -20.20
N LEU A 37 -26.81 13.70 -19.61
CA LEU A 37 -27.41 14.53 -18.58
C LEU A 37 -26.56 14.50 -17.30
N ALA A 38 -26.12 13.31 -16.87
CA ALA A 38 -25.23 13.17 -15.72
C ALA A 38 -23.95 14.00 -15.91
N HIS A 39 -23.34 13.90 -17.10
CA HIS A 39 -22.09 14.57 -17.42
C HIS A 39 -22.23 16.09 -17.41
N GLN A 40 -23.25 16.64 -18.11
CA GLN A 40 -23.44 18.08 -18.19
C GLN A 40 -23.83 18.69 -16.84
N GLY A 41 -24.34 17.87 -15.91
CA GLY A 41 -24.53 18.21 -14.51
C GLY A 41 -26.00 18.34 -14.16
N VAL A 42 -26.74 17.23 -14.31
CA VAL A 42 -28.18 17.17 -14.11
C VAL A 42 -28.48 16.08 -13.07
N ARG A 43 -28.92 16.51 -11.88
CA ARG A 43 -29.38 15.66 -10.79
C ARG A 43 -30.64 14.90 -11.22
N PRO A 44 -31.03 13.79 -10.56
CA PRO A 44 -32.29 13.11 -10.83
C PRO A 44 -33.49 14.06 -10.75
N CYS A 45 -33.47 15.00 -9.79
CA CYS A 45 -34.46 16.06 -9.67
C CYS A 45 -34.46 16.94 -10.93
N ASP A 46 -33.27 17.31 -11.40
CA ASP A 46 -33.09 18.15 -12.57
C ASP A 46 -33.54 17.43 -13.85
N ILE A 47 -33.44 16.09 -13.90
CA ILE A 47 -34.06 15.33 -14.98
C ILE A 47 -35.56 15.52 -14.90
N SER A 48 -36.16 15.23 -13.74
CA SER A 48 -37.60 15.29 -13.53
C SER A 48 -38.20 16.63 -13.96
N ARG A 49 -37.58 17.75 -13.55
CA ARG A 49 -38.09 19.08 -13.86
C ARG A 49 -37.96 19.41 -15.36
N GLN A 50 -36.82 19.11 -16.01
CA GLN A 50 -36.66 19.34 -17.44
C GLN A 50 -37.63 18.51 -18.28
N LEU A 51 -37.90 17.26 -17.89
CA LEU A 51 -38.87 16.41 -18.56
C LEU A 51 -40.30 16.77 -18.15
N ARG A 52 -40.44 17.56 -17.08
CA ARG A 52 -41.69 18.07 -16.54
C ARG A 52 -42.59 16.93 -16.07
N VAL A 53 -42.06 16.12 -15.13
CA VAL A 53 -42.72 14.97 -14.56
C VAL A 53 -42.31 14.82 -13.08
N SER A 54 -42.94 13.88 -12.38
CA SER A 54 -42.59 13.49 -11.03
C SER A 54 -41.86 12.14 -11.05
N HIS A 55 -42.43 11.15 -11.75
CA HIS A 55 -41.96 9.77 -11.77
C HIS A 55 -42.11 9.12 -13.15
N GLY A 56 -43.18 9.47 -13.88
CA GLY A 56 -43.60 8.81 -15.11
C GLY A 56 -42.47 8.62 -16.12
N CYS A 57 -41.95 9.73 -16.67
CA CYS A 57 -40.87 9.68 -17.64
C CYS A 57 -39.53 9.46 -16.95
N VAL A 58 -39.38 9.90 -15.69
CA VAL A 58 -38.18 9.71 -14.89
C VAL A 58 -37.75 8.25 -14.92
N SER A 59 -38.69 7.34 -14.63
CA SER A 59 -38.48 5.90 -14.69
C SER A 59 -37.85 5.49 -16.03
N LYS A 60 -38.41 5.97 -17.13
CA LYS A 60 -37.95 5.63 -18.48
C LYS A 60 -36.53 6.14 -18.72
N ILE A 61 -36.23 7.39 -18.34
CA ILE A 61 -34.93 8.01 -18.52
C ILE A 61 -33.86 7.27 -17.69
N LEU A 62 -34.06 7.18 -16.37
CA LEU A 62 -33.13 6.51 -15.46
C LEU A 62 -32.95 5.04 -15.82
N GLY A 63 -34.00 4.40 -16.33
CA GLY A 63 -33.99 2.99 -16.73
C GLY A 63 -35.22 2.31 -16.14
N ARG A 64 -35.99 1.63 -16.99
CA ARG A 64 -37.24 0.97 -16.63
C ARG A 64 -37.12 0.18 -15.33
N TYR A 65 -36.08 -0.65 -15.24
CA TYR A 65 -35.74 -1.44 -14.06
C TYR A 65 -34.26 -1.85 -14.15
N TYR A 66 -33.94 -2.70 -15.14
CA TYR A 66 -32.62 -3.24 -15.39
C TYR A 66 -32.65 -3.73 -16.85
N GLU A 67 -32.18 -2.91 -17.80
CA GLU A 67 -32.31 -3.22 -19.22
C GLU A 67 -31.41 -4.39 -19.64
N THR A 68 -31.61 -4.88 -20.87
CA THR A 68 -31.02 -6.11 -21.38
C THR A 68 -29.58 -5.90 -21.85
N GLY A 69 -28.72 -5.39 -20.96
CA GLY A 69 -27.31 -5.14 -21.23
C GLY A 69 -26.88 -3.96 -20.36
N SER A 70 -27.39 -2.77 -20.72
CA SER A 70 -27.16 -1.54 -19.99
C SER A 70 -27.92 -1.55 -18.67
N ILE A 71 -27.49 -0.70 -17.74
CA ILE A 71 -28.18 -0.44 -16.48
C ILE A 71 -28.30 -1.72 -15.65
N ARG A 72 -27.20 -2.48 -15.56
CA ARG A 72 -27.07 -3.64 -14.68
C ARG A 72 -25.58 -4.00 -14.57
N PRO A 73 -25.12 -4.52 -13.41
CA PRO A 73 -23.72 -4.77 -13.18
C PRO A 73 -23.23 -6.03 -13.88
N GLY A 74 -21.95 -6.00 -14.31
CA GLY A 74 -21.25 -7.16 -14.84
C GLY A 74 -20.81 -8.04 -13.68
N VAL A 75 -21.76 -8.73 -13.05
CA VAL A 75 -21.52 -9.56 -11.88
C VAL A 75 -20.51 -10.67 -12.16
N ILE A 76 -20.59 -11.29 -13.35
CA ILE A 76 -19.64 -12.30 -13.77
C ILE A 76 -18.30 -11.63 -14.06
N GLY A 77 -17.28 -11.98 -13.27
CA GLY A 77 -15.95 -11.38 -13.31
C GLY A 77 -15.39 -11.24 -11.90
N GLY A 78 -14.25 -10.55 -11.78
CA GLY A 78 -13.61 -10.30 -10.49
C GLY A 78 -12.37 -9.44 -10.68
N SER A 79 -12.54 -8.28 -11.33
CA SER A 79 -11.46 -7.34 -11.60
C SER A 79 -11.06 -6.61 -10.31
N LYS A 80 -9.76 -6.31 -10.18
CA LYS A 80 -9.17 -5.59 -9.05
C LYS A 80 -8.39 -4.38 -9.59
N PRO A 81 -9.07 -3.32 -10.03
CA PRO A 81 -8.42 -2.10 -10.48
C PRO A 81 -7.85 -1.31 -9.30
N LYS A 82 -8.40 -1.50 -8.10
CA LYS A 82 -8.09 -0.79 -6.88
C LYS A 82 -8.17 -1.80 -5.74
N VAL A 83 -7.29 -1.65 -4.76
CA VAL A 83 -7.19 -2.51 -3.59
C VAL A 83 -8.46 -2.42 -2.75
N ALA A 84 -8.98 -3.57 -2.31
CA ALA A 84 -10.18 -3.69 -1.50
C ALA A 84 -9.81 -3.84 -0.02
N THR A 85 -10.82 -3.70 0.85
CA THR A 85 -10.67 -3.76 2.30
C THR A 85 -12.01 -4.18 2.91
N PRO A 86 -12.04 -4.92 4.03
CA PRO A 86 -13.27 -5.24 4.74
C PRO A 86 -14.02 -4.00 5.23
N LYS A 87 -13.33 -2.85 5.32
CA LYS A 87 -13.95 -1.57 5.66
C LYS A 87 -15.07 -1.20 4.67
N VAL A 88 -15.00 -1.69 3.43
CA VAL A 88 -16.07 -1.58 2.44
C VAL A 88 -17.42 -1.98 3.05
N VAL A 89 -17.46 -3.11 3.77
CA VAL A 89 -18.67 -3.60 4.44
C VAL A 89 -19.17 -2.56 5.45
N GLU A 90 -18.25 -1.98 6.24
CA GLU A 90 -18.59 -0.96 7.22
C GLU A 90 -19.16 0.29 6.55
N LYS A 91 -18.66 0.67 5.36
CA LYS A 91 -19.20 1.80 4.61
C LYS A 91 -20.67 1.56 4.24
N ILE A 92 -21.02 0.36 3.75
CA ILE A 92 -22.43 0.01 3.53
C ILE A 92 -23.24 0.20 4.83
N GLY A 93 -22.67 -0.20 5.97
CA GLY A 93 -23.25 0.05 7.28
C GLY A 93 -23.51 1.53 7.52
N ASP A 94 -22.47 2.37 7.36
CA ASP A 94 -22.52 3.81 7.61
C ASP A 94 -23.61 4.46 6.78
N TYR A 95 -23.64 4.19 5.46
CA TYR A 95 -24.63 4.76 4.56
C TYR A 95 -25.99 4.03 4.61
N LYS A 96 -26.27 3.31 5.70
CA LYS A 96 -27.62 2.95 6.12
C LYS A 96 -28.03 3.78 7.35
N ARG A 97 -27.07 4.38 8.06
CA ARG A 97 -27.31 5.33 9.13
C ARG A 97 -27.47 6.73 8.53
N GLN A 98 -26.49 7.14 7.70
CA GLN A 98 -26.42 8.44 7.07
C GLN A 98 -27.47 8.50 5.95
N ASN A 99 -27.23 7.76 4.86
CA ASN A 99 -28.22 7.55 3.81
C ASN A 99 -29.27 6.54 4.32
N PRO A 100 -30.46 6.51 3.71
CA PRO A 100 -31.53 5.58 4.06
C PRO A 100 -31.23 4.16 3.56
N THR A 101 -32.23 3.27 3.62
CA THR A 101 -32.11 1.87 3.24
C THR A 101 -32.16 1.72 1.71
N MET A 102 -31.16 2.26 1.03
CA MET A 102 -30.98 2.18 -0.41
C MET A 102 -30.23 0.92 -0.81
N PHE A 103 -30.09 0.74 -2.13
CA PHE A 103 -29.35 -0.34 -2.77
C PHE A 103 -27.97 0.17 -3.16
N ALA A 104 -27.03 -0.77 -3.40
CA ALA A 104 -25.63 -0.48 -3.69
C ALA A 104 -25.42 0.49 -4.85
N TRP A 105 -26.40 0.60 -5.74
CA TRP A 105 -26.39 1.53 -6.86
C TRP A 105 -26.14 2.96 -6.34
N GLU A 106 -26.91 3.36 -5.32
CA GLU A 106 -26.71 4.61 -4.60
C GLU A 106 -25.42 4.55 -3.79
N ILE A 107 -25.28 3.54 -2.92
CA ILE A 107 -24.24 3.53 -1.89
C ILE A 107 -22.84 3.68 -2.48
N ARG A 108 -22.57 3.04 -3.63
CA ARG A 108 -21.34 3.21 -4.40
C ARG A 108 -21.08 4.71 -4.60
N ASP A 109 -21.99 5.38 -5.32
CA ASP A 109 -21.85 6.77 -5.72
C ASP A 109 -22.03 7.74 -4.54
N ARG A 110 -22.52 7.26 -3.39
CA ARG A 110 -22.57 8.02 -2.15
C ARG A 110 -21.15 8.44 -1.76
N LEU A 111 -20.23 7.47 -1.65
CA LEU A 111 -18.81 7.70 -1.39
C LEU A 111 -18.21 8.73 -2.37
N LEU A 112 -18.50 8.55 -3.66
CA LEU A 112 -17.93 9.36 -4.73
C LEU A 112 -18.41 10.80 -4.62
N ALA A 113 -19.72 11.01 -4.52
CA ALA A 113 -20.36 12.30 -4.39
C ALA A 113 -19.90 13.02 -3.11
N GLU A 114 -19.75 12.28 -2.01
CA GLU A 114 -19.30 12.81 -0.73
C GLU A 114 -17.82 13.17 -0.75
N GLY A 115 -17.07 12.69 -1.77
CA GLY A 115 -15.66 13.00 -1.95
C GLY A 115 -14.79 12.21 -0.96
N VAL A 116 -15.20 10.99 -0.65
CA VAL A 116 -14.50 10.07 0.24
C VAL A 116 -13.51 9.24 -0.57
N CYS A 117 -13.89 8.87 -1.80
CA CYS A 117 -13.18 7.94 -2.66
C CYS A 117 -12.92 8.55 -4.04
N ASP A 118 -11.93 7.99 -4.73
CA ASP A 118 -11.69 8.18 -6.16
C ASP A 118 -12.84 7.55 -6.94
N ASN A 119 -13.05 8.01 -8.19
CA ASN A 119 -14.15 7.65 -9.07
C ASN A 119 -14.42 6.14 -9.13
N ASP A 120 -13.39 5.30 -8.97
CA ASP A 120 -13.54 3.91 -8.57
C ASP A 120 -12.53 3.60 -7.48
N THR A 121 -12.98 2.81 -6.53
CA THR A 121 -12.21 2.29 -5.39
C THR A 121 -12.86 0.99 -4.94
N VAL A 122 -14.14 1.09 -4.56
CA VAL A 122 -14.92 -0.04 -4.08
C VAL A 122 -15.02 -1.13 -5.14
N PRO A 123 -15.05 -2.40 -4.74
CA PRO A 123 -15.21 -3.52 -5.66
C PRO A 123 -16.64 -3.58 -6.20
N SER A 124 -16.92 -4.63 -6.99
CA SER A 124 -18.21 -5.03 -7.54
C SER A 124 -19.41 -4.44 -6.78
N VAL A 125 -20.18 -3.59 -7.45
CA VAL A 125 -21.41 -3.01 -6.89
C VAL A 125 -22.42 -4.13 -6.56
N SER A 126 -22.42 -5.21 -7.35
CA SER A 126 -23.22 -6.40 -7.08
C SER A 126 -22.77 -7.12 -5.80
N SER A 127 -21.50 -6.96 -5.40
CA SER A 127 -20.96 -7.60 -4.20
C SER A 127 -21.37 -6.82 -2.96
N ILE A 128 -21.19 -5.49 -2.95
CA ILE A 128 -21.70 -4.69 -1.84
C ILE A 128 -23.23 -4.77 -1.73
N ASN A 129 -23.92 -4.99 -2.86
CA ASN A 129 -25.35 -5.28 -2.86
C ASN A 129 -25.67 -6.56 -2.07
N ARG A 130 -24.77 -7.54 -2.08
CA ARG A 130 -24.99 -8.83 -1.42
C ARG A 130 -25.26 -8.68 0.09
N ILE A 131 -24.78 -7.60 0.72
CA ILE A 131 -25.12 -7.29 2.10
C ILE A 131 -26.64 -7.11 2.20
N ILE A 132 -27.22 -6.22 1.39
CA ILE A 132 -28.66 -6.00 1.31
C ILE A 132 -29.39 -7.33 1.05
N ARG A 133 -28.88 -8.18 0.15
CA ARG A 133 -29.49 -9.46 -0.16
C ARG A 133 -29.53 -10.38 1.07
N THR A 134 -28.39 -10.55 1.75
CA THR A 134 -28.30 -11.41 2.93
C THR A 134 -29.20 -10.90 4.06
N LYS A 135 -29.42 -9.58 4.16
CA LYS A 135 -30.41 -9.03 5.08
C LYS A 135 -31.82 -9.36 4.59
N VAL A 136 -32.27 -8.70 3.50
CA VAL A 136 -33.60 -8.85 2.93
C VAL A 136 -33.48 -8.81 1.40
N GLN A 137 -33.25 -9.99 0.80
CA GLN A 137 -33.33 -10.19 -0.65
C GLN A 137 -34.79 -10.30 -1.10
N GLN A 138 -35.03 -10.01 -2.38
CA GLN A 138 -36.34 -10.04 -3.01
C GLN A 138 -36.23 -10.73 -4.38
N PRO A 139 -35.97 -12.05 -4.41
CA PRO A 139 -35.85 -12.81 -5.64
C PRO A 139 -37.21 -12.96 -6.32
N PHE A 140 -37.20 -13.15 -7.65
CA PHE A 140 -38.40 -13.18 -8.48
C PHE A 140 -38.65 -14.61 -8.98
N ASN A 141 -39.93 -14.94 -9.21
CA ASN A 141 -40.35 -16.25 -9.66
C ASN A 141 -39.90 -16.50 -11.11
N LEU A 142 -39.75 -17.78 -11.47
CA LEU A 142 -39.46 -18.25 -12.81
C LEU A 142 -40.64 -19.11 -13.26
N PRO A 143 -41.72 -18.52 -13.80
CA PRO A 143 -42.91 -19.25 -14.20
C PRO A 143 -42.65 -20.03 -15.50
N MET A 144 -43.23 -21.23 -15.61
CA MET A 144 -43.14 -22.08 -16.78
C MET A 144 -44.30 -21.76 -17.73
N ASP A 145 -43.98 -21.31 -18.94
CA ASP A 145 -44.95 -21.15 -20.02
C ASP A 145 -45.25 -22.50 -20.66
N SER A 146 -46.49 -22.67 -21.13
CA SER A 146 -46.99 -23.91 -21.74
C SER A 146 -48.03 -23.57 -22.80
N GLY A 147 -48.23 -24.47 -23.77
CA GLY A 147 -49.21 -24.31 -24.83
C GLY A 147 -49.35 -25.62 -25.62
N ALA A 148 -50.41 -25.70 -26.44
CA ALA A 148 -50.68 -26.88 -27.25
C ALA A 148 -49.73 -26.93 -28.44
N PRO A 149 -49.24 -28.13 -28.84
CA PRO A 149 -48.35 -28.29 -29.96
C PRO A 149 -49.12 -28.19 -31.29
N GLY A 150 -48.39 -27.95 -32.39
CA GLY A 150 -48.95 -27.91 -33.73
C GLY A 150 -48.95 -29.31 -34.37
N GLY A 151 -49.50 -29.41 -35.58
CA GLY A 151 -49.58 -30.64 -36.33
C GLY A 151 -50.29 -30.42 -37.67
N GLY A 152 -50.53 -31.49 -38.42
CA GLY A 152 -51.21 -31.44 -39.70
C GLY A 152 -51.46 -32.85 -40.23
N SER A 153 -52.35 -32.95 -41.22
CA SER A 153 -52.71 -34.18 -41.91
C SER A 153 -53.35 -33.78 -43.24
N HIS A 154 -52.55 -33.83 -44.31
CA HIS A 154 -52.89 -33.29 -45.62
C HIS A 154 -52.51 -34.29 -46.69
N HIS A 155 -53.35 -34.42 -47.72
CA HIS A 155 -53.23 -35.42 -48.76
C HIS A 155 -53.79 -34.85 -50.07
N HIS A 156 -53.46 -35.50 -51.20
CA HIS A 156 -53.93 -35.13 -52.53
C HIS A 156 -54.16 -36.40 -53.34
N HIS A 157 -55.08 -36.35 -54.31
CA HIS A 157 -55.41 -37.47 -55.16
C HIS A 157 -54.28 -37.78 -56.14
N HIS A 158 -54.31 -38.98 -56.74
CA HIS A 158 -53.40 -39.35 -57.81
C HIS A 158 -53.89 -38.69 -59.09
N HIS A 159 -53.35 -37.51 -59.40
CA HIS A 159 -53.64 -36.79 -60.64
C HIS A 159 -52.94 -37.47 -61.83
N MET A 1 68.07 -80.57 50.28
CA MET A 1 68.29 -79.99 48.95
C MET A 1 67.59 -78.65 48.83
N PRO A 2 68.19 -77.55 49.32
CA PRO A 2 67.58 -76.23 49.29
C PRO A 2 67.64 -75.64 47.88
N HIS A 3 66.82 -74.61 47.63
CA HIS A 3 66.76 -73.91 46.36
C HIS A 3 66.23 -72.49 46.61
N ASN A 4 65.02 -72.40 47.18
CA ASN A 4 64.31 -71.16 47.49
C ASN A 4 63.82 -70.44 46.22
N SER A 5 62.81 -69.59 46.39
CA SER A 5 62.21 -68.83 45.29
C SER A 5 61.73 -67.48 45.85
N ILE A 6 62.61 -66.47 45.77
CA ILE A 6 62.32 -65.12 46.24
C ILE A 6 61.26 -64.51 45.31
N ARG A 7 60.28 -63.81 45.89
CA ARG A 7 59.25 -63.08 45.16
C ARG A 7 59.04 -61.71 45.80
N SER A 8 58.56 -60.74 45.02
CA SER A 8 58.34 -59.36 45.45
C SER A 8 57.30 -58.74 44.52
N GLY A 9 56.02 -58.85 44.92
CA GLY A 9 54.89 -58.33 44.15
C GLY A 9 54.83 -56.81 44.25
N HIS A 10 54.41 -56.16 43.14
CA HIS A 10 54.25 -54.72 43.05
C HIS A 10 53.00 -54.40 42.23
N GLY A 11 52.47 -53.18 42.37
CA GLY A 11 51.32 -52.71 41.65
C GLY A 11 50.92 -51.32 42.12
N GLY A 12 49.74 -50.86 41.69
CA GLY A 12 49.16 -49.59 42.09
C GLY A 12 47.67 -49.57 41.74
N LEU A 13 46.95 -48.59 42.30
CA LEU A 13 45.51 -48.44 42.13
C LEU A 13 45.22 -47.25 41.22
N ASN A 14 44.12 -47.33 40.46
CA ASN A 14 43.68 -46.24 39.59
C ASN A 14 43.14 -45.09 40.43
N GLN A 15 43.52 -43.86 40.07
CA GLN A 15 43.07 -42.63 40.71
C GLN A 15 41.93 -42.04 39.90
N LEU A 16 42.18 -41.76 38.61
CA LEU A 16 41.22 -41.19 37.67
C LEU A 16 40.92 -42.23 36.59
N GLY A 17 39.69 -42.74 36.56
CA GLY A 17 39.24 -43.67 35.55
C GLY A 17 38.94 -42.93 34.25
N GLY A 18 37.87 -42.14 34.26
CA GLY A 18 37.48 -41.27 33.16
C GLY A 18 35.97 -41.30 32.97
N ALA A 19 35.25 -40.45 33.72
CA ALA A 19 33.80 -40.34 33.67
C ALA A 19 33.37 -39.00 34.26
N PHE A 20 32.05 -38.76 34.31
CA PHE A 20 31.49 -37.54 34.89
C PHE A 20 31.58 -37.62 36.41
N VAL A 21 30.66 -38.35 37.05
CA VAL A 21 30.63 -38.62 38.48
C VAL A 21 30.32 -40.10 38.61
N ASN A 22 31.23 -40.94 38.09
CA ASN A 22 30.98 -42.34 37.78
C ASN A 22 29.77 -42.43 36.82
N GLY A 23 29.81 -41.63 35.75
CA GLY A 23 28.70 -41.43 34.83
C GLY A 23 27.76 -40.36 35.37
N ARG A 24 26.85 -39.85 34.51
CA ARG A 24 25.87 -38.84 34.88
C ARG A 24 24.85 -38.72 33.74
N PRO A 25 23.53 -38.63 34.02
CA PRO A 25 22.53 -38.33 33.00
C PRO A 25 22.67 -36.86 32.56
N LEU A 26 22.38 -36.56 31.30
CA LEU A 26 22.71 -35.29 30.67
C LEU A 26 21.44 -34.49 30.31
N PRO A 27 20.84 -33.77 31.27
CA PRO A 27 19.93 -32.66 30.98
C PRO A 27 20.76 -31.42 30.63
N GLU A 28 20.12 -30.25 30.49
CA GLU A 28 20.74 -29.02 30.01
C GLU A 28 21.91 -28.53 30.89
N VAL A 29 22.16 -29.12 32.06
CA VAL A 29 23.38 -28.87 32.81
C VAL A 29 24.62 -29.12 31.94
N VAL A 30 24.56 -30.13 31.05
CA VAL A 30 25.65 -30.46 30.14
C VAL A 30 25.92 -29.31 29.17
N ARG A 31 24.88 -28.58 28.73
CA ARG A 31 25.01 -27.41 27.87
C ARG A 31 25.97 -26.41 28.50
N GLN A 32 25.76 -26.11 29.79
CA GLN A 32 26.58 -25.18 30.55
C GLN A 32 28.02 -25.70 30.65
N ARG A 33 28.21 -26.98 30.97
CA ARG A 33 29.53 -27.59 31.00
C ARG A 33 30.26 -27.43 29.67
N ILE A 34 29.58 -27.70 28.56
CA ILE A 34 30.12 -27.58 27.21
C ILE A 34 30.55 -26.12 26.96
N VAL A 35 29.68 -25.16 27.27
CA VAL A 35 29.96 -23.73 27.12
C VAL A 35 31.23 -23.35 27.89
N ASP A 36 31.30 -23.69 29.18
CA ASP A 36 32.41 -23.36 30.05
C ASP A 36 33.72 -23.96 29.54
N LEU A 37 33.70 -25.26 29.26
CA LEU A 37 34.86 -26.03 28.84
C LEU A 37 35.37 -25.56 27.48
N ALA A 38 34.45 -25.31 26.54
CA ALA A 38 34.75 -24.82 25.19
C ALA A 38 35.52 -23.51 25.20
N HIS A 39 35.39 -22.70 26.27
CA HIS A 39 36.10 -21.43 26.42
C HIS A 39 37.63 -21.64 26.30
N GLN A 40 38.14 -22.79 26.74
CA GLN A 40 39.55 -23.15 26.59
C GLN A 40 39.99 -23.16 25.11
N GLY A 41 39.08 -23.54 24.21
CA GLY A 41 39.38 -23.80 22.81
C GLY A 41 39.44 -25.31 22.58
N VAL A 42 38.34 -25.99 22.88
CA VAL A 42 38.25 -27.45 22.86
C VAL A 42 38.35 -27.97 21.42
N ARG A 43 39.35 -28.81 21.18
CA ARG A 43 39.49 -29.62 19.98
C ARG A 43 38.70 -30.93 20.18
N PRO A 44 38.26 -31.61 19.11
CA PRO A 44 37.56 -32.89 19.21
C PRO A 44 38.56 -34.00 19.52
N CYS A 45 39.12 -33.95 20.73
CA CYS A 45 40.21 -34.76 21.27
C CYS A 45 40.70 -34.15 22.60
N ASP A 46 40.59 -32.82 22.75
CA ASP A 46 40.91 -32.13 23.99
C ASP A 46 39.98 -32.57 25.13
N ILE A 47 38.77 -33.04 24.81
CA ILE A 47 37.92 -33.73 25.75
C ILE A 47 38.63 -34.99 26.25
N SER A 48 39.04 -35.85 25.32
CA SER A 48 39.74 -37.10 25.60
C SER A 48 40.93 -36.89 26.55
N ARG A 49 41.71 -35.81 26.33
CA ARG A 49 42.80 -35.42 27.22
C ARG A 49 42.30 -35.23 28.65
N GLN A 50 41.47 -34.21 28.85
CA GLN A 50 41.07 -33.73 30.17
C GLN A 50 40.26 -34.77 30.95
N LEU A 51 39.28 -35.40 30.30
CA LEU A 51 38.32 -36.28 30.93
C LEU A 51 38.86 -37.72 31.00
N ARG A 52 39.97 -38.01 30.30
CA ARG A 52 40.69 -39.28 30.35
C ARG A 52 39.87 -40.39 29.70
N VAL A 53 39.20 -40.06 28.60
CA VAL A 53 38.31 -40.95 27.87
C VAL A 53 38.82 -41.18 26.44
N SER A 54 38.08 -42.01 25.66
CA SER A 54 38.38 -42.34 24.29
C SER A 54 37.52 -41.48 23.35
N HIS A 55 36.32 -41.96 23.01
CA HIS A 55 35.42 -41.36 22.03
C HIS A 55 33.95 -41.52 22.45
N GLY A 56 33.58 -42.70 22.99
CA GLY A 56 32.22 -42.99 23.42
C GLY A 56 31.69 -41.95 24.40
N CYS A 57 32.50 -41.59 25.40
CA CYS A 57 32.15 -40.60 26.41
C CYS A 57 32.37 -39.17 25.89
N VAL A 58 33.22 -38.96 24.88
CA VAL A 58 33.39 -37.64 24.27
C VAL A 58 32.04 -37.15 23.75
N SER A 59 31.30 -38.02 23.05
CA SER A 59 29.95 -37.72 22.58
C SER A 59 29.03 -37.30 23.74
N LYS A 60 29.05 -38.05 24.85
CA LYS A 60 28.23 -37.75 26.02
C LYS A 60 28.55 -36.36 26.57
N ILE A 61 29.84 -36.04 26.72
CA ILE A 61 30.32 -34.73 27.14
C ILE A 61 29.79 -33.65 26.20
N LEU A 62 29.87 -33.89 24.88
CA LEU A 62 29.34 -33.00 23.86
C LEU A 62 27.81 -32.90 23.88
N GLY A 63 27.10 -33.79 24.60
CA GLY A 63 25.70 -33.67 24.92
C GLY A 63 24.93 -34.93 24.56
N ARG A 64 23.73 -35.02 25.13
CA ARG A 64 22.67 -35.94 24.70
C ARG A 64 22.03 -35.41 23.40
N TYR A 65 22.09 -34.09 23.16
CA TYR A 65 21.72 -33.43 21.91
C TYR A 65 20.19 -33.28 21.78
N TYR A 66 19.69 -32.04 21.77
CA TYR A 66 18.27 -31.72 21.82
C TYR A 66 17.62 -32.47 22.99
N GLU A 67 17.88 -31.97 24.19
CA GLU A 67 17.71 -32.72 25.42
C GLU A 67 16.33 -32.46 26.01
N THR A 68 16.10 -32.97 27.23
CA THR A 68 14.81 -33.04 27.91
C THR A 68 14.07 -31.70 27.93
N GLY A 69 13.25 -31.46 26.89
CA GLY A 69 12.58 -30.19 26.64
C GLY A 69 13.54 -29.01 26.74
N SER A 70 14.70 -29.10 26.09
CA SER A 70 15.78 -28.13 26.27
C SER A 70 16.74 -28.15 25.09
N ILE A 71 17.69 -27.20 25.09
CA ILE A 71 18.59 -26.91 23.99
C ILE A 71 17.77 -26.57 22.73
N ARG A 72 16.83 -25.63 22.88
CA ARG A 72 16.02 -25.05 21.81
C ARG A 72 15.84 -23.56 22.11
N PRO A 73 16.92 -22.75 22.03
CA PRO A 73 16.86 -21.32 22.31
C PRO A 73 16.27 -20.57 21.13
N GLY A 74 14.93 -20.60 21.03
CA GLY A 74 14.19 -19.93 19.97
C GLY A 74 12.70 -19.96 20.26
N VAL A 75 12.29 -19.37 21.40
CA VAL A 75 10.90 -19.29 21.82
C VAL A 75 10.21 -18.07 21.18
N ILE A 76 10.29 -17.98 19.84
CA ILE A 76 9.71 -16.90 19.06
C ILE A 76 8.20 -17.17 18.93
N GLY A 77 7.39 -16.14 19.20
CA GLY A 77 5.93 -16.25 19.17
C GLY A 77 5.37 -16.24 17.75
N GLY A 78 4.08 -16.59 17.63
CA GLY A 78 3.35 -16.58 16.37
C GLY A 78 2.84 -15.18 16.03
N SER A 79 1.66 -15.10 15.41
CA SER A 79 1.05 -13.87 14.93
C SER A 79 -0.45 -13.88 15.26
N LYS A 80 -0.94 -12.79 15.87
CA LYS A 80 -2.33 -12.63 16.23
C LYS A 80 -3.15 -12.35 14.97
N PRO A 81 -4.43 -12.75 14.93
CA PRO A 81 -5.31 -12.52 13.79
C PRO A 81 -5.73 -11.05 13.71
N LYS A 82 -6.26 -10.63 12.56
CA LYS A 82 -6.68 -9.27 12.29
C LYS A 82 -7.67 -9.29 11.12
N VAL A 83 -8.93 -8.93 11.39
CA VAL A 83 -9.97 -8.84 10.38
C VAL A 83 -9.63 -7.72 9.39
N ALA A 84 -9.79 -8.01 8.10
CA ALA A 84 -9.52 -7.08 7.01
C ALA A 84 -10.79 -6.31 6.64
N THR A 85 -10.60 -5.15 6.00
CA THR A 85 -11.65 -4.28 5.49
C THR A 85 -12.82 -4.05 6.47
N PRO A 86 -12.56 -3.63 7.73
CA PRO A 86 -13.61 -3.41 8.71
C PRO A 86 -14.45 -2.18 8.36
N LYS A 87 -13.81 -1.00 8.30
CA LYS A 87 -14.47 0.27 8.05
C LYS A 87 -15.07 0.34 6.65
N VAL A 88 -14.54 -0.45 5.71
CA VAL A 88 -15.08 -0.62 4.38
C VAL A 88 -16.54 -1.08 4.47
N VAL A 89 -16.83 -2.15 5.22
CA VAL A 89 -18.17 -2.65 5.45
C VAL A 89 -19.04 -1.57 6.11
N GLU A 90 -18.47 -0.83 7.08
CA GLU A 90 -19.17 0.23 7.79
C GLU A 90 -19.61 1.38 6.86
N LYS A 91 -19.03 1.51 5.65
CA LYS A 91 -19.51 2.49 4.68
C LYS A 91 -20.95 2.13 4.28
N ILE A 92 -21.16 0.99 3.63
CA ILE A 92 -22.48 0.44 3.34
C ILE A 92 -23.40 0.54 4.56
N GLY A 93 -22.93 0.06 5.72
CA GLY A 93 -23.67 0.09 6.97
C GLY A 93 -24.24 1.48 7.27
N ASP A 94 -23.35 2.47 7.44
CA ASP A 94 -23.73 3.84 7.76
C ASP A 94 -24.63 4.45 6.69
N TYR A 95 -24.30 4.24 5.41
CA TYR A 95 -25.05 4.80 4.30
C TYR A 95 -26.51 4.32 4.31
N LYS A 96 -26.75 3.08 4.74
CA LYS A 96 -28.09 2.52 4.91
C LYS A 96 -28.75 2.99 6.21
N ARG A 97 -28.00 3.09 7.31
CA ARG A 97 -28.50 3.68 8.55
C ARG A 97 -29.02 5.11 8.28
N GLN A 98 -28.27 5.89 7.50
CA GLN A 98 -28.64 7.23 7.09
C GLN A 98 -29.87 7.17 6.17
N ASN A 99 -29.71 6.55 5.00
CA ASN A 99 -30.69 6.53 3.94
C ASN A 99 -31.10 5.08 3.64
N PRO A 100 -32.03 4.49 4.41
CA PRO A 100 -32.46 3.11 4.21
C PRO A 100 -33.27 2.95 2.93
N THR A 101 -34.06 3.97 2.56
CA THR A 101 -34.87 3.99 1.35
C THR A 101 -33.99 3.93 0.09
N MET A 102 -32.84 4.62 0.10
CA MET A 102 -31.91 4.63 -1.02
C MET A 102 -31.25 3.28 -1.21
N PHE A 103 -30.75 3.07 -2.44
CA PHE A 103 -30.34 1.78 -2.96
C PHE A 103 -28.84 1.73 -3.21
N ALA A 104 -28.27 0.51 -3.19
CA ALA A 104 -26.85 0.24 -3.39
C ALA A 104 -26.32 0.84 -4.69
N TRP A 105 -27.10 0.74 -5.77
CA TRP A 105 -26.77 1.25 -7.10
C TRP A 105 -26.41 2.74 -7.03
N GLU A 106 -27.21 3.52 -6.29
CA GLU A 106 -27.04 4.94 -6.12
C GLU A 106 -25.85 5.20 -5.19
N ILE A 107 -25.85 4.48 -4.07
CA ILE A 107 -24.90 4.63 -2.96
C ILE A 107 -23.47 4.20 -3.36
N ARG A 108 -23.30 3.53 -4.50
CA ARG A 108 -22.05 3.47 -5.24
C ARG A 108 -21.34 4.82 -5.18
N ASP A 109 -22.07 5.88 -5.54
CA ASP A 109 -21.53 7.21 -5.71
C ASP A 109 -21.34 7.94 -4.37
N ARG A 110 -21.90 7.43 -3.26
CA ARG A 110 -21.65 7.99 -1.94
C ARG A 110 -20.24 7.67 -1.46
N LEU A 111 -19.67 6.52 -1.89
CA LEU A 111 -18.27 6.21 -1.68
C LEU A 111 -17.40 7.31 -2.29
N LEU A 112 -17.74 7.75 -3.51
CA LEU A 112 -17.03 8.82 -4.21
C LEU A 112 -17.21 10.15 -3.48
N ALA A 113 -18.46 10.52 -3.20
CA ALA A 113 -18.83 11.80 -2.63
C ALA A 113 -18.17 12.04 -1.26
N GLU A 114 -18.16 11.00 -0.40
CA GLU A 114 -17.53 11.07 0.91
C GLU A 114 -16.01 11.12 0.79
N GLY A 115 -15.44 10.59 -0.30
CA GLY A 115 -14.01 10.61 -0.56
C GLY A 115 -13.34 9.36 0.00
N VAL A 116 -13.91 8.19 -0.30
CA VAL A 116 -13.40 6.89 0.10
C VAL A 116 -12.48 6.34 -1.00
N CYS A 117 -12.89 6.53 -2.27
CA CYS A 117 -12.22 5.98 -3.44
C CYS A 117 -12.63 6.76 -4.68
N ASP A 118 -11.93 6.53 -5.80
CA ASP A 118 -12.14 7.22 -7.07
C ASP A 118 -13.17 6.49 -7.93
N ASN A 119 -13.61 7.17 -9.00
CA ASN A 119 -14.72 6.77 -9.86
C ASN A 119 -14.56 5.38 -10.49
N ASP A 120 -13.31 4.97 -10.76
CA ASP A 120 -13.00 3.67 -11.35
C ASP A 120 -12.68 2.65 -10.25
N THR A 121 -11.90 3.08 -9.25
CA THR A 121 -11.38 2.21 -8.19
C THR A 121 -12.48 1.71 -7.26
N VAL A 122 -13.62 2.40 -7.19
CA VAL A 122 -14.78 2.03 -6.40
C VAL A 122 -15.13 0.54 -6.58
N PRO A 123 -15.32 -0.21 -5.47
CA PRO A 123 -15.50 -1.65 -5.53
C PRO A 123 -16.83 -2.03 -6.17
N SER A 124 -16.99 -3.34 -6.42
CA SER A 124 -18.14 -3.95 -7.07
C SER A 124 -19.47 -3.44 -6.50
N VAL A 125 -20.34 -2.92 -7.38
CA VAL A 125 -21.71 -2.53 -7.04
C VAL A 125 -22.46 -3.73 -6.47
N SER A 126 -22.26 -4.90 -7.10
CA SER A 126 -22.79 -6.17 -6.64
C SER A 126 -22.38 -6.48 -5.20
N SER A 127 -21.17 -6.08 -4.78
CA SER A 127 -20.68 -6.43 -3.45
C SER A 127 -21.41 -5.62 -2.38
N ILE A 128 -21.47 -4.29 -2.55
CA ILE A 128 -22.21 -3.42 -1.66
C ILE A 128 -23.71 -3.77 -1.61
N ASN A 129 -24.27 -4.25 -2.73
CA ASN A 129 -25.64 -4.74 -2.78
C ASN A 129 -25.82 -5.98 -1.91
N ARG A 130 -25.05 -7.05 -2.15
CA ARG A 130 -25.24 -8.34 -1.49
C ARG A 130 -24.95 -8.33 0.01
N ILE A 131 -24.41 -7.24 0.58
CA ILE A 131 -24.25 -7.14 2.04
C ILE A 131 -25.60 -7.38 2.71
N ILE A 132 -26.61 -6.60 2.29
CA ILE A 132 -28.00 -6.67 2.72
C ILE A 132 -28.51 -8.11 2.70
N ARG A 133 -28.24 -8.85 1.62
CA ARG A 133 -28.71 -10.22 1.45
C ARG A 133 -27.96 -11.17 2.39
N THR A 134 -26.63 -11.12 2.41
CA THR A 134 -25.83 -11.96 3.30
C THR A 134 -26.20 -11.76 4.77
N LYS A 135 -26.71 -10.57 5.14
CA LYS A 135 -27.36 -10.37 6.43
C LYS A 135 -28.70 -11.11 6.46
N VAL A 136 -29.64 -10.69 5.61
CA VAL A 136 -31.02 -11.18 5.57
C VAL A 136 -31.49 -11.18 4.11
N GLN A 137 -31.38 -12.34 3.45
CA GLN A 137 -31.75 -12.54 2.04
C GLN A 137 -33.24 -12.77 1.84
N GLN A 138 -34.09 -12.04 2.57
CA GLN A 138 -35.53 -12.17 2.50
C GLN A 138 -36.08 -11.09 1.56
N PRO A 139 -36.69 -11.45 0.41
CA PRO A 139 -37.47 -10.51 -0.37
C PRO A 139 -38.80 -10.28 0.34
N PHE A 140 -39.06 -9.01 0.67
CA PHE A 140 -40.17 -8.61 1.54
C PHE A 140 -41.42 -8.42 0.70
N ASN A 141 -41.97 -9.53 0.21
CA ASN A 141 -43.11 -9.56 -0.70
C ASN A 141 -43.70 -10.97 -0.75
N LEU A 142 -45.02 -11.07 -0.95
CA LEU A 142 -45.75 -12.32 -1.05
C LEU A 142 -47.02 -12.06 -1.86
N PRO A 143 -46.99 -12.19 -3.19
CA PRO A 143 -48.14 -11.94 -4.06
C PRO A 143 -49.04 -13.17 -4.08
N MET A 144 -49.69 -13.47 -2.95
CA MET A 144 -50.56 -14.63 -2.79
C MET A 144 -51.57 -14.35 -1.68
N ASP A 145 -52.77 -14.93 -1.79
CA ASP A 145 -53.83 -14.84 -0.79
C ASP A 145 -54.76 -16.05 -0.94
N SER A 146 -55.41 -16.44 0.17
CA SER A 146 -56.45 -17.45 0.17
C SER A 146 -57.50 -17.13 1.24
N GLY A 147 -57.80 -15.83 1.43
CA GLY A 147 -58.71 -15.35 2.45
C GLY A 147 -60.15 -15.33 1.96
N ALA A 148 -60.75 -16.52 1.80
CA ALA A 148 -62.12 -16.66 1.35
C ALA A 148 -62.76 -17.91 1.98
N PRO A 149 -62.99 -17.93 3.31
CA PRO A 149 -63.65 -19.02 3.99
C PRO A 149 -65.17 -18.97 3.76
N GLY A 150 -65.88 -20.04 4.10
CA GLY A 150 -67.34 -20.11 3.99
C GLY A 150 -67.82 -21.52 4.32
N GLY A 151 -69.10 -21.63 4.72
CA GLY A 151 -69.72 -22.90 5.06
C GLY A 151 -71.06 -22.68 5.76
N GLY A 152 -71.78 -23.78 6.01
CA GLY A 152 -73.08 -23.78 6.67
C GLY A 152 -73.65 -25.19 6.70
N SER A 153 -74.48 -25.48 7.71
CA SER A 153 -75.07 -26.80 7.92
C SER A 153 -76.24 -26.68 8.90
N HIS A 154 -77.39 -27.26 8.53
CA HIS A 154 -78.61 -27.27 9.34
C HIS A 154 -79.57 -28.33 8.79
N HIS A 155 -80.47 -28.82 9.65
CA HIS A 155 -81.49 -29.82 9.30
C HIS A 155 -82.54 -29.88 10.40
N HIS A 156 -83.64 -30.59 10.15
CA HIS A 156 -84.72 -30.81 11.10
C HIS A 156 -85.54 -32.02 10.67
N HIS A 157 -86.21 -32.66 11.63
CA HIS A 157 -87.18 -33.72 11.40
C HIS A 157 -88.21 -33.68 12.53
N HIS A 158 -89.42 -34.18 12.23
CA HIS A 158 -90.50 -34.32 13.20
C HIS A 158 -90.24 -35.52 14.14
N HIS A 159 -91.25 -35.91 14.92
CA HIS A 159 -91.16 -37.09 15.77
C HIS A 159 -91.60 -38.33 14.98
N MET A 1 84.19 -35.37 -39.76
CA MET A 1 84.17 -34.08 -40.47
C MET A 1 83.61 -32.97 -39.57
N PRO A 2 84.45 -32.32 -38.75
CA PRO A 2 84.02 -31.27 -37.83
C PRO A 2 83.81 -29.96 -38.58
N HIS A 3 82.72 -29.89 -39.36
CA HIS A 3 82.37 -28.72 -40.16
C HIS A 3 82.04 -27.54 -39.25
N ASN A 4 81.02 -27.70 -38.40
CA ASN A 4 80.48 -26.66 -37.50
C ASN A 4 79.78 -25.55 -38.28
N SER A 5 78.97 -24.75 -37.58
CA SER A 5 78.26 -23.60 -38.14
C SER A 5 78.17 -22.55 -37.03
N ILE A 6 79.10 -21.58 -37.03
CA ILE A 6 79.14 -20.51 -36.06
C ILE A 6 78.02 -19.51 -36.36
N ARG A 7 77.28 -19.09 -35.33
CA ARG A 7 76.11 -18.22 -35.43
C ARG A 7 76.04 -17.33 -34.19
N SER A 8 75.21 -16.29 -34.25
CA SER A 8 75.01 -15.35 -33.15
C SER A 8 73.61 -14.75 -33.26
N GLY A 9 72.84 -14.80 -32.18
CA GLY A 9 71.50 -14.23 -32.10
C GLY A 9 71.55 -12.74 -31.76
N HIS A 10 70.39 -12.09 -31.81
CA HIS A 10 70.23 -10.67 -31.52
C HIS A 10 68.75 -10.36 -31.26
N GLY A 11 68.49 -9.22 -30.61
CA GLY A 11 67.15 -8.78 -30.27
C GLY A 11 67.21 -7.45 -29.52
N GLY A 12 66.09 -7.06 -28.90
CA GLY A 12 65.98 -5.84 -28.13
C GLY A 12 64.79 -5.93 -27.17
N LEU A 13 64.92 -5.29 -26.00
CA LEU A 13 63.91 -5.32 -24.95
C LEU A 13 62.85 -4.25 -25.28
N ASN A 14 61.98 -4.56 -26.25
CA ASN A 14 60.86 -3.73 -26.66
C ASN A 14 59.62 -4.02 -25.81
N GLN A 15 58.77 -3.02 -25.64
CA GLN A 15 57.51 -3.11 -24.91
C GLN A 15 56.59 -1.97 -25.35
N LEU A 16 55.28 -2.12 -25.11
CA LEU A 16 54.25 -1.16 -25.48
C LEU A 16 53.06 -1.31 -24.53
N GLY A 17 52.40 -0.20 -24.21
CA GLY A 17 51.19 -0.17 -23.41
C GLY A 17 50.36 1.05 -23.80
N GLY A 18 49.03 0.89 -23.85
CA GLY A 18 48.09 1.92 -24.28
C GLY A 18 46.83 1.90 -23.41
N ALA A 19 45.89 2.81 -23.72
CA ALA A 19 44.60 2.95 -23.05
C ALA A 19 44.74 3.32 -21.57
N PHE A 20 43.60 3.43 -20.88
CA PHE A 20 43.54 3.70 -19.45
C PHE A 20 43.86 2.41 -18.68
N VAL A 21 44.96 2.44 -17.90
CA VAL A 21 45.41 1.32 -17.08
C VAL A 21 45.89 1.91 -15.75
N ASN A 22 47.14 2.41 -15.74
CA ASN A 22 47.73 3.13 -14.62
C ASN A 22 48.70 4.16 -15.18
N GLY A 23 48.72 5.35 -14.58
CA GLY A 23 49.37 6.53 -15.14
C GLY A 23 48.51 7.22 -16.20
N ARG A 24 47.39 6.59 -16.61
CA ARG A 24 46.44 7.11 -17.57
C ARG A 24 45.03 7.07 -16.96
N PRO A 25 44.76 7.80 -15.88
CA PRO A 25 43.43 7.86 -15.29
C PRO A 25 42.50 8.66 -16.20
N LEU A 26 41.25 8.21 -16.35
CA LEU A 26 40.25 8.89 -17.15
C LEU A 26 38.84 8.48 -16.69
N PRO A 27 38.38 7.23 -16.88
CA PRO A 27 37.09 6.78 -16.38
C PRO A 27 37.19 6.43 -14.88
N GLU A 28 36.24 5.62 -14.39
CA GLU A 28 36.11 5.14 -13.00
C GLU A 28 37.45 4.78 -12.34
N VAL A 29 38.39 4.20 -13.10
CA VAL A 29 39.72 3.82 -12.63
C VAL A 29 40.42 4.92 -11.82
N VAL A 30 40.12 6.21 -12.10
CA VAL A 30 40.62 7.34 -11.32
C VAL A 30 40.31 7.16 -9.83
N ARG A 31 39.06 6.82 -9.49
CA ARG A 31 38.61 6.58 -8.12
C ARG A 31 39.48 5.51 -7.47
N GLN A 32 39.61 4.35 -8.12
CA GLN A 32 40.39 3.23 -7.63
C GLN A 32 41.82 3.67 -7.32
N ARG A 33 42.48 4.31 -8.29
CA ARG A 33 43.87 4.76 -8.16
C ARG A 33 44.04 5.72 -6.97
N ILE A 34 43.21 6.75 -6.87
CA ILE A 34 43.28 7.73 -5.80
C ILE A 34 43.02 7.07 -4.44
N VAL A 35 42.05 6.15 -4.35
CA VAL A 35 41.78 5.38 -3.14
C VAL A 35 43.02 4.58 -2.73
N ASP A 36 43.57 3.78 -3.64
CA ASP A 36 44.72 2.92 -3.40
C ASP A 36 45.92 3.74 -2.94
N LEU A 37 46.15 4.90 -3.57
CA LEU A 37 47.23 5.80 -3.19
C LEU A 37 47.00 6.33 -1.77
N ALA A 38 45.85 6.98 -1.55
CA ALA A 38 45.47 7.57 -0.26
C ALA A 38 45.60 6.57 0.88
N HIS A 39 45.24 5.30 0.64
CA HIS A 39 45.24 4.23 1.61
C HIS A 39 46.59 4.02 2.29
N GLN A 40 47.72 4.30 1.60
CA GLN A 40 49.03 4.17 2.22
C GLN A 40 49.21 5.12 3.42
N GLY A 41 48.42 6.21 3.47
CA GLY A 41 48.44 7.20 4.53
C GLY A 41 49.19 8.45 4.06
N VAL A 42 48.64 9.11 3.03
CA VAL A 42 49.27 10.23 2.36
C VAL A 42 48.90 11.54 3.07
N ARG A 43 49.90 12.37 3.38
CA ARG A 43 49.71 13.71 3.93
C ARG A 43 49.11 14.61 2.84
N PRO A 44 48.33 15.64 3.17
CA PRO A 44 47.72 16.53 2.19
C PRO A 44 48.77 17.14 1.26
N CYS A 45 49.89 17.62 1.82
CA CYS A 45 51.03 18.11 1.07
C CYS A 45 51.64 17.02 0.19
N ASP A 46 51.69 15.78 0.69
CA ASP A 46 52.30 14.66 -0.02
C ASP A 46 51.44 14.24 -1.23
N ILE A 47 50.11 14.33 -1.13
CA ILE A 47 49.22 14.15 -2.29
C ILE A 47 49.62 15.13 -3.37
N SER A 48 49.69 16.42 -3.02
CA SER A 48 49.95 17.50 -3.97
C SER A 48 51.19 17.25 -4.82
N ARG A 49 52.33 16.91 -4.19
CA ARG A 49 53.56 16.65 -4.92
C ARG A 49 53.45 15.43 -5.84
N GLN A 50 52.93 14.30 -5.36
CA GLN A 50 52.78 13.08 -6.16
C GLN A 50 51.88 13.32 -7.38
N LEU A 51 50.80 14.09 -7.22
CA LEU A 51 49.87 14.43 -8.29
C LEU A 51 50.37 15.67 -9.07
N ARG A 52 51.53 16.23 -8.69
CA ARG A 52 52.14 17.44 -9.24
C ARG A 52 51.15 18.59 -9.44
N VAL A 53 50.50 18.98 -8.34
CA VAL A 53 49.56 20.10 -8.25
C VAL A 53 49.80 20.83 -6.91
N SER A 54 48.96 21.82 -6.60
CA SER A 54 49.07 22.64 -5.39
C SER A 54 48.00 22.24 -4.37
N HIS A 55 46.72 22.53 -4.66
CA HIS A 55 45.60 22.33 -3.73
C HIS A 55 44.25 22.41 -4.45
N GLY A 56 44.09 23.39 -5.35
CA GLY A 56 42.86 23.61 -6.07
C GLY A 56 42.43 22.36 -6.87
N CYS A 57 43.40 21.72 -7.52
CA CYS A 57 43.18 20.51 -8.29
C CYS A 57 42.94 19.31 -7.37
N VAL A 58 43.64 19.25 -6.23
CA VAL A 58 43.54 18.17 -5.26
C VAL A 58 42.07 17.94 -4.87
N SER A 59 41.31 19.03 -4.65
CA SER A 59 39.89 18.97 -4.35
C SER A 59 39.13 18.07 -5.33
N LYS A 60 39.17 18.40 -6.63
CA LYS A 60 38.47 17.64 -7.67
C LYS A 60 39.06 16.24 -7.86
N ILE A 61 40.39 16.08 -7.70
CA ILE A 61 41.07 14.79 -7.84
C ILE A 61 40.59 13.82 -6.76
N LEU A 62 40.39 14.29 -5.52
CA LEU A 62 39.82 13.50 -4.44
C LEU A 62 38.35 13.20 -4.70
N GLY A 63 37.60 14.20 -5.20
CA GLY A 63 36.23 14.01 -5.68
C GLY A 63 35.29 15.05 -5.11
N ARG A 64 35.39 16.28 -5.63
CA ARG A 64 34.51 17.38 -5.23
C ARG A 64 33.12 17.19 -5.85
N TYR A 65 33.06 16.76 -7.12
CA TYR A 65 31.83 16.32 -7.78
C TYR A 65 31.72 14.80 -7.65
N TYR A 66 32.52 14.06 -8.43
CA TYR A 66 32.59 12.60 -8.45
C TYR A 66 33.87 12.15 -9.16
N GLU A 67 34.94 12.91 -8.94
CA GLU A 67 36.18 12.87 -9.72
C GLU A 67 35.84 12.98 -11.21
N THR A 68 36.54 12.24 -12.08
CA THR A 68 36.14 12.01 -13.46
C THR A 68 35.65 10.57 -13.62
N GLY A 69 35.10 9.98 -12.54
CA GLY A 69 34.69 8.59 -12.51
C GLY A 69 33.17 8.48 -12.66
N SER A 70 32.53 7.78 -11.72
CA SER A 70 31.09 7.57 -11.69
C SER A 70 30.64 7.40 -10.24
N ILE A 71 31.12 8.28 -9.35
CA ILE A 71 30.89 8.21 -7.91
C ILE A 71 29.58 8.91 -7.59
N ARG A 72 28.49 8.45 -8.21
CA ARG A 72 27.17 9.09 -8.16
C ARG A 72 26.09 7.99 -8.08
N PRO A 73 25.97 7.30 -6.93
CA PRO A 73 24.96 6.27 -6.73
C PRO A 73 23.57 6.90 -6.54
N GLY A 74 22.53 6.08 -6.76
CA GLY A 74 21.15 6.49 -6.62
C GLY A 74 20.24 5.26 -6.74
N VAL A 75 18.97 5.50 -7.08
CA VAL A 75 17.96 4.49 -7.27
C VAL A 75 16.84 5.09 -8.14
N ILE A 76 16.55 4.43 -9.26
CA ILE A 76 15.51 4.84 -10.19
C ILE A 76 14.15 4.49 -9.59
N GLY A 77 13.26 5.50 -9.52
CA GLY A 77 11.90 5.33 -9.03
C GLY A 77 11.85 5.08 -7.53
N GLY A 78 10.69 4.63 -7.05
CA GLY A 78 10.44 4.33 -5.65
C GLY A 78 9.06 3.70 -5.49
N SER A 79 8.76 3.21 -4.28
CA SER A 79 7.49 2.57 -3.97
C SER A 79 6.37 3.61 -3.86
N LYS A 80 5.16 3.22 -4.30
CA LYS A 80 3.97 4.06 -4.25
C LYS A 80 2.74 3.15 -4.16
N PRO A 81 2.43 2.60 -2.98
CA PRO A 81 1.32 1.68 -2.79
C PRO A 81 -0.01 2.44 -2.77
N LYS A 82 -1.11 1.70 -2.99
CA LYS A 82 -2.47 2.22 -2.97
C LYS A 82 -3.40 1.03 -2.74
N VAL A 83 -3.72 0.75 -1.47
CA VAL A 83 -4.50 -0.40 -1.04
C VAL A 83 -5.73 0.10 -0.27
N ALA A 84 -6.89 -0.52 -0.53
CA ALA A 84 -8.16 -0.16 0.09
C ALA A 84 -8.32 -0.86 1.44
N THR A 85 -9.34 -0.44 2.22
CA THR A 85 -9.72 -1.02 3.50
C THR A 85 -11.15 -1.54 3.39
N PRO A 86 -11.50 -2.68 4.02
CA PRO A 86 -12.84 -3.24 3.98
C PRO A 86 -13.89 -2.33 4.63
N LYS A 87 -13.46 -1.33 5.41
CA LYS A 87 -14.36 -0.32 5.97
C LYS A 87 -15.10 0.44 4.85
N VAL A 88 -14.49 0.58 3.67
CA VAL A 88 -15.14 1.16 2.49
C VAL A 88 -16.44 0.40 2.18
N VAL A 89 -16.47 -0.92 2.36
CA VAL A 89 -17.66 -1.73 2.18
C VAL A 89 -18.69 -1.43 3.27
N GLU A 90 -18.24 -1.43 4.54
CA GLU A 90 -19.09 -1.17 5.70
C GLU A 90 -19.85 0.16 5.59
N LYS A 91 -19.19 1.18 5.04
CA LYS A 91 -19.76 2.52 4.84
C LYS A 91 -21.10 2.51 4.09
N ILE A 92 -21.30 1.60 3.13
CA ILE A 92 -22.58 1.50 2.45
C ILE A 92 -23.70 1.26 3.46
N GLY A 93 -23.43 0.41 4.47
CA GLY A 93 -24.32 0.18 5.59
C GLY A 93 -24.75 1.50 6.24
N ASP A 94 -23.77 2.33 6.66
CA ASP A 94 -24.06 3.58 7.34
C ASP A 94 -24.88 4.52 6.47
N TYR A 95 -24.48 4.74 5.22
CA TYR A 95 -25.19 5.65 4.34
C TYR A 95 -26.62 5.18 4.04
N LYS A 96 -26.86 3.88 3.89
CA LYS A 96 -28.21 3.34 3.81
C LYS A 96 -28.99 3.58 5.10
N ARG A 97 -28.39 3.32 6.26
CA ARG A 97 -29.03 3.48 7.55
C ARG A 97 -29.48 4.93 7.77
N GLN A 98 -28.55 5.88 7.60
CA GLN A 98 -28.83 7.28 7.85
C GLN A 98 -29.82 7.84 6.82
N ASN A 99 -29.68 7.43 5.55
CA ASN A 99 -30.53 7.85 4.44
C ASN A 99 -31.17 6.62 3.80
N PRO A 100 -32.40 6.25 4.17
CA PRO A 100 -33.06 5.03 3.71
C PRO A 100 -33.48 5.12 2.24
N THR A 101 -33.86 6.30 1.75
CA THR A 101 -34.36 6.50 0.41
C THR A 101 -33.28 6.26 -0.65
N MET A 102 -32.03 6.67 -0.39
CA MET A 102 -30.92 6.48 -1.31
C MET A 102 -30.69 5.00 -1.59
N PHE A 103 -30.53 4.68 -2.87
CA PHE A 103 -30.39 3.32 -3.41
C PHE A 103 -28.91 2.99 -3.62
N ALA A 104 -28.62 1.72 -3.91
CA ALA A 104 -27.26 1.20 -4.05
C ALA A 104 -26.34 2.10 -4.90
N TRP A 105 -26.84 2.58 -6.04
CA TRP A 105 -26.08 3.40 -6.98
C TRP A 105 -25.90 4.83 -6.45
N GLU A 106 -26.89 5.35 -5.71
CA GLU A 106 -26.78 6.66 -5.07
C GLU A 106 -25.66 6.60 -4.03
N ILE A 107 -25.67 5.57 -3.19
CA ILE A 107 -24.68 5.34 -2.14
C ILE A 107 -23.28 5.09 -2.74
N ARG A 108 -23.21 4.31 -3.83
CA ARG A 108 -21.96 4.10 -4.56
C ARG A 108 -21.29 5.43 -4.84
N ASP A 109 -22.04 6.36 -5.44
CA ASP A 109 -21.52 7.66 -5.83
C ASP A 109 -21.41 8.61 -4.62
N ARG A 110 -22.14 8.33 -3.52
CA ARG A 110 -21.97 9.05 -2.26
C ARG A 110 -20.54 8.92 -1.75
N LEU A 111 -19.99 7.69 -1.77
CA LEU A 111 -18.61 7.43 -1.39
C LEU A 111 -17.64 8.31 -2.18
N LEU A 112 -17.88 8.43 -3.50
CA LEU A 112 -17.05 9.23 -4.39
C LEU A 112 -17.14 10.72 -4.01
N ALA A 113 -18.37 11.22 -3.82
CA ALA A 113 -18.63 12.61 -3.45
C ALA A 113 -17.93 12.98 -2.14
N GLU A 114 -18.06 12.12 -1.12
CA GLU A 114 -17.43 12.31 0.18
C GLU A 114 -15.90 12.10 0.13
N GLY A 115 -15.39 11.46 -0.94
CA GLY A 115 -13.97 11.21 -1.13
C GLY A 115 -13.47 10.11 -0.20
N VAL A 116 -14.27 9.05 -0.07
CA VAL A 116 -13.96 7.87 0.73
C VAL A 116 -13.07 6.92 -0.06
N CYS A 117 -13.39 6.74 -1.36
CA CYS A 117 -12.67 5.86 -2.27
C CYS A 117 -12.80 6.37 -3.70
N ASP A 118 -12.01 5.80 -4.62
CA ASP A 118 -11.91 6.23 -6.00
C ASP A 118 -13.04 5.62 -6.85
N ASN A 119 -13.25 6.21 -8.02
CA ASN A 119 -14.30 5.87 -9.00
C ASN A 119 -14.33 4.38 -9.36
N ASP A 120 -13.16 3.74 -9.37
CA ASP A 120 -12.98 2.35 -9.75
C ASP A 120 -12.94 1.46 -8.51
N THR A 121 -12.19 1.89 -7.48
CA THR A 121 -11.94 1.12 -6.26
C THR A 121 -13.22 0.91 -5.44
N VAL A 122 -14.22 1.79 -5.59
CA VAL A 122 -15.53 1.66 -4.96
C VAL A 122 -16.10 0.25 -5.21
N PRO A 123 -16.61 -0.44 -4.18
CA PRO A 123 -16.98 -1.83 -4.27
C PRO A 123 -18.22 -2.04 -5.13
N SER A 124 -18.37 -3.28 -5.61
CA SER A 124 -19.44 -3.69 -6.51
C SER A 124 -20.81 -3.58 -5.84
N VAL A 125 -21.83 -3.22 -6.63
CA VAL A 125 -23.23 -3.32 -6.23
C VAL A 125 -23.56 -4.78 -5.84
N SER A 126 -22.98 -5.73 -6.57
CA SER A 126 -23.08 -7.15 -6.28
C SER A 126 -22.49 -7.50 -4.92
N SER A 127 -21.34 -6.90 -4.54
CA SER A 127 -20.62 -7.32 -3.35
C SER A 127 -21.40 -6.93 -2.09
N ILE A 128 -21.76 -5.65 -1.96
CA ILE A 128 -22.56 -5.14 -0.84
C ILE A 128 -23.82 -6.00 -0.62
N ASN A 129 -24.48 -6.43 -1.70
CA ASN A 129 -25.63 -7.32 -1.62
C ASN A 129 -25.21 -8.70 -1.10
N ARG A 130 -24.18 -9.30 -1.70
CA ARG A 130 -23.64 -10.61 -1.29
C ARG A 130 -23.30 -10.66 0.20
N ILE A 131 -22.81 -9.56 0.79
CA ILE A 131 -22.53 -9.52 2.22
C ILE A 131 -23.83 -9.81 2.99
N ILE A 132 -24.89 -9.05 2.69
CA ILE A 132 -26.18 -9.11 3.36
C ILE A 132 -26.91 -10.43 3.07
N ARG A 133 -26.73 -11.01 1.87
CA ARG A 133 -27.32 -12.30 1.49
C ARG A 133 -27.04 -13.38 2.53
N THR A 134 -25.78 -13.47 3.00
CA THR A 134 -25.38 -14.47 3.99
C THR A 134 -26.03 -14.23 5.36
N LYS A 135 -26.55 -13.03 5.63
CA LYS A 135 -27.21 -12.68 6.87
C LYS A 135 -28.72 -12.87 6.69
N VAL A 136 -29.39 -11.93 6.00
CA VAL A 136 -30.83 -11.90 5.84
C VAL A 136 -31.22 -10.90 4.75
N GLN A 137 -31.46 -11.42 3.54
CA GLN A 137 -32.08 -10.68 2.45
C GLN A 137 -33.55 -11.08 2.38
N GLN A 138 -34.39 -10.34 3.13
CA GLN A 138 -35.83 -10.51 3.18
C GLN A 138 -36.50 -9.16 2.92
N PRO A 139 -36.56 -8.70 1.65
CA PRO A 139 -37.14 -7.42 1.29
C PRO A 139 -38.67 -7.46 1.40
N PHE A 140 -39.29 -6.27 1.37
CA PHE A 140 -40.73 -6.12 1.50
C PHE A 140 -41.45 -6.66 0.26
N ASN A 141 -42.74 -6.96 0.43
CA ASN A 141 -43.61 -7.48 -0.62
C ASN A 141 -45.06 -7.07 -0.33
N LEU A 142 -45.88 -6.97 -1.38
CA LEU A 142 -47.32 -6.73 -1.30
C LEU A 142 -48.05 -8.04 -1.62
N PRO A 143 -48.47 -8.82 -0.62
CA PRO A 143 -49.17 -10.07 -0.83
C PRO A 143 -50.63 -9.83 -1.23
N MET A 144 -51.35 -10.92 -1.52
CA MET A 144 -52.76 -10.92 -1.86
C MET A 144 -53.43 -12.10 -1.16
N ASP A 145 -54.61 -11.86 -0.57
CA ASP A 145 -55.37 -12.85 0.18
C ASP A 145 -56.87 -12.59 -0.03
N SER A 146 -57.70 -13.60 0.30
CA SER A 146 -59.15 -13.53 0.20
C SER A 146 -59.78 -14.44 1.26
N GLY A 147 -61.06 -14.22 1.56
CA GLY A 147 -61.80 -14.99 2.53
C GLY A 147 -63.28 -14.61 2.52
N ALA A 148 -64.01 -14.96 3.58
CA ALA A 148 -65.43 -14.69 3.74
C ALA A 148 -65.76 -14.64 5.23
N PRO A 149 -66.77 -13.86 5.65
CA PRO A 149 -67.17 -13.74 7.04
C PRO A 149 -67.86 -15.02 7.53
N GLY A 150 -67.99 -15.16 8.86
CA GLY A 150 -68.61 -16.30 9.50
C GLY A 150 -70.12 -16.10 9.65
N GLY A 151 -70.73 -16.88 10.54
CA GLY A 151 -72.16 -16.82 10.84
C GLY A 151 -72.49 -17.69 12.04
N GLY A 152 -73.78 -17.75 12.40
CA GLY A 152 -74.30 -18.53 13.50
C GLY A 152 -75.82 -18.47 13.53
N SER A 153 -76.43 -19.24 14.44
CA SER A 153 -77.88 -19.33 14.59
C SER A 153 -78.22 -19.89 15.96
N HIS A 154 -79.47 -19.69 16.39
CA HIS A 154 -80.05 -20.31 17.58
C HIS A 154 -81.55 -20.44 17.39
N HIS A 155 -82.23 -19.29 17.22
CA HIS A 155 -83.69 -19.19 17.23
C HIS A 155 -84.23 -19.76 18.55
N HIS A 156 -84.05 -18.99 19.63
CA HIS A 156 -84.49 -19.37 20.96
C HIS A 156 -86.01 -19.50 21.02
N HIS A 157 -86.51 -20.37 21.90
CA HIS A 157 -87.91 -20.68 22.06
C HIS A 157 -88.31 -20.63 23.53
N HIS A 158 -89.61 -20.66 23.80
CA HIS A 158 -90.19 -20.61 25.13
C HIS A 158 -91.35 -21.61 25.22
N HIS A 159 -91.86 -21.81 26.45
CA HIS A 159 -93.03 -22.63 26.71
C HIS A 159 -94.30 -21.92 26.22
N MET A 1 30.93 42.09 57.21
CA MET A 1 31.02 43.56 57.06
C MET A 1 29.79 44.11 56.33
N PRO A 2 29.35 45.34 56.63
CA PRO A 2 28.22 45.97 55.95
C PRO A 2 28.62 46.31 54.51
N HIS A 3 27.73 46.03 53.56
CA HIS A 3 27.92 46.28 52.13
C HIS A 3 26.62 46.85 51.55
N ASN A 4 26.72 47.46 50.36
CA ASN A 4 25.57 48.05 49.67
C ASN A 4 24.57 46.96 49.30
N SER A 5 25.01 45.96 48.54
CA SER A 5 24.21 44.84 48.07
C SER A 5 23.09 45.32 47.12
N ILE A 6 22.27 44.37 46.65
CA ILE A 6 21.11 44.58 45.77
C ILE A 6 21.41 45.56 44.63
N ARG A 7 22.51 45.33 43.91
CA ARG A 7 22.94 46.15 42.79
C ARG A 7 22.22 45.72 41.50
N SER A 8 22.31 46.55 40.46
CA SER A 8 21.75 46.27 39.15
C SER A 8 22.48 47.10 38.09
N GLY A 9 22.28 46.74 36.81
CA GLY A 9 22.92 47.37 35.68
C GLY A 9 22.43 46.71 34.40
N HIS A 10 21.46 47.35 33.73
CA HIS A 10 20.79 46.83 32.54
C HIS A 10 20.26 47.99 31.70
N GLY A 11 19.81 47.71 30.48
CA GLY A 11 19.25 48.71 29.59
C GLY A 11 18.69 48.08 28.32
N GLY A 12 17.77 48.80 27.67
CA GLY A 12 17.13 48.38 26.43
C GLY A 12 17.91 48.92 25.23
N LEU A 13 18.82 48.12 24.69
CA LEU A 13 19.61 48.46 23.52
C LEU A 13 18.70 48.57 22.29
N ASN A 14 19.10 49.41 21.32
CA ASN A 14 18.30 49.67 20.13
C ASN A 14 18.25 48.44 19.22
N GLN A 15 17.09 48.22 18.61
CA GLN A 15 16.83 47.07 17.74
C GLN A 15 17.39 47.28 16.33
N LEU A 16 17.40 48.53 15.83
CA LEU A 16 17.81 48.90 14.49
C LEU A 16 16.97 48.16 13.45
N GLY A 17 15.69 48.54 13.35
CA GLY A 17 14.73 47.93 12.44
C GLY A 17 14.89 48.46 11.02
N GLY A 18 16.05 48.22 10.41
CA GLY A 18 16.35 48.61 9.04
C GLY A 18 17.77 48.19 8.66
N ALA A 19 18.16 46.96 9.02
CA ALA A 19 19.47 46.41 8.72
C ALA A 19 19.48 45.84 7.30
N PHE A 20 19.36 46.73 6.31
CA PHE A 20 19.26 46.40 4.90
C PHE A 20 19.77 47.58 4.07
N VAL A 21 20.86 47.36 3.33
CA VAL A 21 21.51 48.33 2.46
C VAL A 21 22.41 47.58 1.48
N ASN A 22 22.80 48.23 0.37
CA ASN A 22 23.74 47.67 -0.59
C ASN A 22 25.08 47.39 0.08
N GLY A 23 25.32 46.11 0.42
CA GLY A 23 26.46 45.69 1.22
C GLY A 23 26.05 44.50 2.10
N ARG A 24 24.83 44.57 2.66
CA ARG A 24 24.25 43.51 3.46
C ARG A 24 23.94 42.28 2.59
N PRO A 25 23.99 41.06 3.16
CA PRO A 25 23.61 39.84 2.47
C PRO A 25 22.10 39.80 2.25
N LEU A 26 21.64 38.88 1.39
CA LEU A 26 20.24 38.73 1.01
C LEU A 26 19.71 37.36 1.46
N PRO A 27 19.53 37.12 2.77
CA PRO A 27 18.84 35.94 3.26
C PRO A 27 17.32 36.10 3.05
N GLU A 28 16.53 35.17 3.59
CA GLU A 28 15.07 35.12 3.49
C GLU A 28 14.43 36.51 3.68
N VAL A 29 14.91 37.28 4.66
CA VAL A 29 14.35 38.58 5.05
C VAL A 29 14.16 39.55 3.88
N VAL A 30 14.94 39.41 2.80
CA VAL A 30 14.81 40.24 1.62
C VAL A 30 13.36 40.25 1.10
N ARG A 31 12.64 39.14 1.26
CA ARG A 31 11.25 39.01 0.86
C ARG A 31 10.36 40.13 1.43
N GLN A 32 10.59 40.55 2.68
CA GLN A 32 9.90 41.69 3.27
C GLN A 32 10.18 42.98 2.52
N ARG A 33 11.43 43.15 2.05
CA ARG A 33 11.82 44.31 1.24
C ARG A 33 11.16 44.27 -0.13
N ILE A 34 11.07 43.07 -0.76
CA ILE A 34 10.39 42.92 -2.03
C ILE A 34 8.92 43.32 -1.87
N VAL A 35 8.24 42.79 -0.84
CA VAL A 35 6.86 43.10 -0.51
C VAL A 35 6.68 44.61 -0.32
N ASP A 36 7.52 45.22 0.53
CA ASP A 36 7.46 46.63 0.87
C ASP A 36 7.55 47.51 -0.39
N LEU A 37 8.58 47.29 -1.21
CA LEU A 37 8.83 48.06 -2.41
C LEU A 37 7.70 47.84 -3.41
N ALA A 38 7.36 46.57 -3.69
CA ALA A 38 6.33 46.20 -4.64
C ALA A 38 4.96 46.78 -4.27
N HIS A 39 4.69 46.97 -2.97
CA HIS A 39 3.42 47.50 -2.48
C HIS A 39 3.04 48.83 -3.15
N GLN A 40 4.00 49.76 -3.30
CA GLN A 40 3.70 51.05 -3.92
C GLN A 40 3.46 50.93 -5.44
N GLY A 41 3.92 49.83 -6.05
CA GLY A 41 3.72 49.51 -7.45
C GLY A 41 4.80 50.13 -8.33
N VAL A 42 6.07 49.87 -8.00
CA VAL A 42 7.20 50.33 -8.80
C VAL A 42 7.29 49.47 -10.07
N ARG A 43 7.38 50.12 -11.24
CA ARG A 43 7.60 49.43 -12.50
C ARG A 43 9.01 48.84 -12.51
N PRO A 44 9.24 47.69 -13.17
CA PRO A 44 10.56 47.04 -13.21
C PRO A 44 11.63 48.00 -13.76
N CYS A 45 11.28 48.74 -14.81
CA CYS A 45 12.14 49.77 -15.39
C CYS A 45 12.46 50.90 -14.40
N ASP A 46 11.56 51.18 -13.45
CA ASP A 46 11.69 52.28 -12.49
C ASP A 46 12.50 51.88 -11.27
N ILE A 47 12.42 50.61 -10.83
CA ILE A 47 13.31 50.08 -9.80
C ILE A 47 14.76 50.38 -10.19
N SER A 48 15.11 50.10 -11.46
CA SER A 48 16.42 50.38 -12.02
C SER A 48 16.85 51.84 -11.80
N ARG A 49 15.92 52.79 -11.99
CA ARG A 49 16.20 54.21 -11.82
C ARG A 49 16.47 54.54 -10.35
N GLN A 50 15.52 54.20 -9.47
CA GLN A 50 15.60 54.54 -8.07
C GLN A 50 16.83 53.96 -7.37
N LEU A 51 17.31 52.80 -7.81
CA LEU A 51 18.50 52.14 -7.25
C LEU A 51 19.77 52.52 -8.03
N ARG A 52 19.62 53.13 -9.22
CA ARG A 52 20.69 53.54 -10.12
C ARG A 52 21.50 52.32 -10.58
N VAL A 53 20.82 51.43 -11.29
CA VAL A 53 21.37 50.20 -11.85
C VAL A 53 20.69 49.92 -13.21
N SER A 54 21.06 48.82 -13.86
CA SER A 54 20.56 48.45 -15.19
C SER A 54 19.62 47.25 -15.11
N HIS A 55 20.17 46.04 -14.86
CA HIS A 55 19.42 44.79 -14.87
C HIS A 55 20.11 43.70 -14.06
N GLY A 56 21.45 43.60 -14.16
CA GLY A 56 22.23 42.59 -13.44
C GLY A 56 22.02 42.68 -11.94
N CYS A 57 22.06 43.89 -11.39
CA CYS A 57 21.82 44.15 -9.97
C CYS A 57 20.34 44.02 -9.65
N VAL A 58 19.46 44.43 -10.57
CA VAL A 58 18.01 44.37 -10.40
C VAL A 58 17.59 42.94 -10.02
N SER A 59 18.19 41.93 -10.68
CA SER A 59 17.96 40.52 -10.36
C SER A 59 18.03 40.27 -8.85
N LYS A 60 19.18 40.53 -8.23
CA LYS A 60 19.38 40.27 -6.80
C LYS A 60 18.59 41.23 -5.91
N ILE A 61 18.34 42.47 -6.36
CA ILE A 61 17.50 43.42 -5.64
C ILE A 61 16.06 42.90 -5.54
N LEU A 62 15.56 42.25 -6.59
CA LEU A 62 14.26 41.59 -6.62
C LEU A 62 14.26 40.25 -5.85
N GLY A 63 15.41 39.85 -5.27
CA GLY A 63 15.52 38.64 -4.46
C GLY A 63 15.43 37.37 -5.33
N ARG A 64 16.22 37.34 -6.41
CA ARG A 64 16.32 36.21 -7.33
C ARG A 64 16.73 34.89 -6.66
N TYR A 65 17.28 34.96 -5.45
CA TYR A 65 17.66 33.79 -4.66
C TYR A 65 16.44 32.96 -4.27
N TYR A 66 15.25 33.57 -4.23
CA TYR A 66 13.99 32.95 -3.83
C TYR A 66 12.96 33.08 -4.94
N GLU A 67 12.83 34.29 -5.51
CA GLU A 67 11.88 34.68 -6.55
C GLU A 67 10.45 34.76 -6.01
N THR A 68 9.65 35.65 -6.60
CA THR A 68 8.25 35.85 -6.28
C THR A 68 7.44 34.55 -6.39
N GLY A 69 7.77 33.71 -7.37
CA GLY A 69 7.15 32.41 -7.58
C GLY A 69 7.30 31.46 -6.39
N SER A 70 8.39 31.59 -5.60
CA SER A 70 8.70 30.66 -4.52
C SER A 70 9.43 31.41 -3.39
N ILE A 71 8.69 32.25 -2.66
CA ILE A 71 9.17 32.95 -1.49
C ILE A 71 9.19 31.96 -0.32
N ARG A 72 10.15 31.03 -0.36
CA ARG A 72 10.50 30.13 0.72
C ARG A 72 9.27 29.42 1.32
N PRO A 73 8.56 28.59 0.53
CA PRO A 73 7.36 27.90 0.97
C PRO A 73 7.71 26.68 1.82
N GLY A 74 8.18 26.94 3.04
CA GLY A 74 8.56 25.92 4.01
C GLY A 74 7.33 25.39 4.74
N VAL A 75 6.38 24.84 3.98
CA VAL A 75 5.11 24.32 4.49
C VAL A 75 4.77 22.98 3.81
N ILE A 76 4.75 22.97 2.46
CA ILE A 76 4.50 21.83 1.59
C ILE A 76 3.10 21.20 1.80
N GLY A 77 2.54 20.62 0.74
CA GLY A 77 1.22 20.02 0.75
C GLY A 77 0.81 19.60 -0.65
N GLY A 78 -0.51 19.49 -0.88
CA GLY A 78 -1.07 19.10 -2.17
C GLY A 78 -0.90 17.59 -2.38
N SER A 79 -1.59 16.79 -1.56
CA SER A 79 -1.49 15.34 -1.57
C SER A 79 -2.86 14.74 -1.24
N LYS A 80 -3.55 14.19 -2.25
CA LYS A 80 -4.88 13.60 -2.12
C LYS A 80 -4.88 12.24 -2.83
N PRO A 81 -4.27 11.19 -2.24
CA PRO A 81 -4.27 9.85 -2.79
C PRO A 81 -5.66 9.20 -2.61
N LYS A 82 -5.82 7.96 -3.09
CA LYS A 82 -7.06 7.22 -3.00
C LYS A 82 -6.75 5.75 -3.27
N VAL A 83 -7.28 4.86 -2.43
CA VAL A 83 -7.12 3.42 -2.53
C VAL A 83 -8.41 2.71 -2.13
N ALA A 84 -8.62 1.50 -2.66
CA ALA A 84 -9.71 0.62 -2.27
C ALA A 84 -9.52 0.18 -0.82
N THR A 85 -10.63 -0.15 -0.14
CA THR A 85 -10.60 -0.59 1.25
C THR A 85 -11.84 -1.45 1.53
N PRO A 86 -11.72 -2.53 2.32
CA PRO A 86 -12.87 -3.32 2.75
C PRO A 86 -13.78 -2.51 3.69
N LYS A 87 -13.26 -1.43 4.29
CA LYS A 87 -14.02 -0.54 5.16
C LYS A 87 -15.20 0.15 4.43
N VAL A 88 -15.23 0.10 3.09
CA VAL A 88 -16.40 0.43 2.30
C VAL A 88 -17.64 -0.27 2.84
N VAL A 89 -17.54 -1.55 3.23
CA VAL A 89 -18.66 -2.32 3.76
C VAL A 89 -19.24 -1.66 5.01
N GLU A 90 -18.37 -1.17 5.92
CA GLU A 90 -18.79 -0.43 7.09
C GLU A 90 -19.51 0.86 6.67
N LYS A 91 -18.97 1.54 5.65
CA LYS A 91 -19.60 2.74 5.10
C LYS A 91 -20.98 2.45 4.51
N ILE A 92 -21.21 1.29 3.87
CA ILE A 92 -22.58 0.91 3.51
C ILE A 92 -23.46 0.90 4.75
N GLY A 93 -23.00 0.23 5.81
CA GLY A 93 -23.68 0.20 7.11
C GLY A 93 -24.10 1.59 7.56
N ASP A 94 -23.15 2.52 7.63
CA ASP A 94 -23.40 3.90 8.02
C ASP A 94 -24.40 4.57 7.07
N TYR A 95 -24.21 4.42 5.76
CA TYR A 95 -25.04 5.07 4.77
C TYR A 95 -26.46 4.49 4.71
N LYS A 96 -26.72 3.27 5.18
CA LYS A 96 -28.09 2.83 5.38
C LYS A 96 -28.71 3.58 6.57
N ARG A 97 -27.96 3.77 7.66
CA ARG A 97 -28.42 4.51 8.82
C ARG A 97 -28.68 5.98 8.49
N GLN A 98 -27.77 6.61 7.74
CA GLN A 98 -27.83 8.02 7.38
C GLN A 98 -28.83 8.25 6.25
N ASN A 99 -28.70 7.46 5.17
CA ASN A 99 -29.51 7.54 3.95
C ASN A 99 -30.26 6.21 3.74
N PRO A 100 -31.32 5.94 4.51
CA PRO A 100 -32.14 4.74 4.37
C PRO A 100 -33.00 4.75 3.11
N THR A 101 -33.02 5.86 2.35
CA THR A 101 -33.90 6.06 1.21
C THR A 101 -33.69 4.98 0.14
N MET A 102 -32.47 4.87 -0.39
CA MET A 102 -32.15 4.05 -1.55
C MET A 102 -31.21 2.90 -1.20
N PHE A 103 -31.09 1.99 -2.17
CA PHE A 103 -30.38 0.72 -2.08
C PHE A 103 -28.93 0.88 -2.56
N ALA A 104 -28.15 -0.20 -2.49
CA ALA A 104 -26.73 -0.30 -2.85
C ALA A 104 -26.36 0.45 -4.13
N TRP A 105 -27.23 0.41 -5.15
CA TRP A 105 -27.06 1.10 -6.42
C TRP A 105 -26.72 2.59 -6.23
N GLU A 106 -27.37 3.25 -5.27
CA GLU A 106 -27.15 4.64 -4.92
C GLU A 106 -26.01 4.79 -3.92
N ILE A 107 -25.92 3.90 -2.91
CA ILE A 107 -24.92 4.02 -1.86
C ILE A 107 -23.50 3.94 -2.44
N ARG A 108 -23.34 3.18 -3.54
CA ARG A 108 -22.18 3.22 -4.42
C ARG A 108 -21.66 4.65 -4.61
N ASP A 109 -22.56 5.58 -4.93
CA ASP A 109 -22.25 6.96 -5.26
C ASP A 109 -22.06 7.83 -4.01
N ARG A 110 -22.66 7.48 -2.87
CA ARG A 110 -22.40 8.16 -1.61
C ARG A 110 -20.92 8.05 -1.22
N LEU A 111 -20.30 6.90 -1.51
CA LEU A 111 -18.87 6.69 -1.28
C LEU A 111 -18.06 7.71 -2.07
N LEU A 112 -18.40 7.88 -3.36
CA LEU A 112 -17.75 8.82 -4.26
C LEU A 112 -17.97 10.27 -3.80
N ALA A 113 -19.19 10.59 -3.35
CA ALA A 113 -19.57 11.92 -2.91
C ALA A 113 -18.73 12.36 -1.71
N GLU A 114 -18.58 11.49 -0.70
CA GLU A 114 -17.72 11.76 0.43
C GLU A 114 -16.25 11.82 -0.02
N GLY A 115 -15.87 10.89 -0.91
CA GLY A 115 -14.51 10.73 -1.39
C GLY A 115 -13.79 9.62 -0.61
N VAL A 116 -14.50 8.53 -0.30
CA VAL A 116 -13.94 7.32 0.26
C VAL A 116 -13.10 6.64 -0.82
N CYS A 117 -13.65 6.59 -2.03
CA CYS A 117 -13.04 6.02 -3.22
C CYS A 117 -13.33 6.93 -4.42
N ASP A 118 -12.56 6.76 -5.48
CA ASP A 118 -12.85 7.25 -6.82
C ASP A 118 -13.51 6.12 -7.63
N ASN A 119 -13.98 6.46 -8.83
CA ASN A 119 -14.67 5.56 -9.75
C ASN A 119 -13.84 4.33 -10.14
N ASP A 120 -12.50 4.41 -10.02
CA ASP A 120 -11.61 3.31 -10.29
C ASP A 120 -11.51 2.42 -9.05
N THR A 121 -11.22 3.05 -7.91
CA THR A 121 -10.86 2.36 -6.68
C THR A 121 -12.06 1.73 -5.99
N VAL A 122 -13.27 2.27 -6.18
CA VAL A 122 -14.50 1.79 -5.58
C VAL A 122 -14.73 0.32 -5.99
N PRO A 123 -15.03 -0.58 -5.04
CA PRO A 123 -15.26 -1.99 -5.35
C PRO A 123 -16.59 -2.17 -6.08
N SER A 124 -16.78 -3.37 -6.63
CA SER A 124 -17.99 -3.76 -7.35
C SER A 124 -19.24 -3.48 -6.52
N VAL A 125 -20.28 -2.94 -7.17
CA VAL A 125 -21.60 -2.78 -6.55
C VAL A 125 -22.16 -4.15 -6.14
N SER A 126 -21.80 -5.21 -6.87
CA SER A 126 -22.11 -6.58 -6.50
C SER A 126 -21.48 -6.95 -5.14
N SER A 127 -20.28 -6.45 -4.86
CA SER A 127 -19.49 -6.85 -3.70
C SER A 127 -19.95 -6.16 -2.41
N ILE A 128 -20.74 -5.08 -2.51
CA ILE A 128 -21.48 -4.50 -1.39
C ILE A 128 -22.91 -5.05 -1.34
N ASN A 129 -23.55 -5.23 -2.50
CA ASN A 129 -24.90 -5.77 -2.61
C ASN A 129 -25.04 -7.11 -1.89
N ARG A 130 -24.12 -8.05 -2.15
CA ARG A 130 -24.15 -9.41 -1.61
C ARG A 130 -24.39 -9.45 -0.10
N ILE A 131 -23.79 -8.53 0.66
CA ILE A 131 -23.95 -8.41 2.10
C ILE A 131 -25.42 -8.12 2.40
N ILE A 132 -25.94 -6.99 1.90
CA ILE A 132 -27.32 -6.57 2.06
C ILE A 132 -28.30 -7.69 1.70
N ARG A 133 -28.07 -8.39 0.57
CA ARG A 133 -28.92 -9.49 0.14
C ARG A 133 -28.93 -10.62 1.17
N THR A 134 -27.75 -11.13 1.56
CA THR A 134 -27.65 -12.25 2.50
C THR A 134 -28.29 -11.90 3.86
N LYS A 135 -28.18 -10.64 4.31
CA LYS A 135 -28.85 -10.19 5.52
C LYS A 135 -30.37 -10.14 5.31
N VAL A 136 -30.83 -9.24 4.43
CA VAL A 136 -32.25 -8.99 4.19
C VAL A 136 -32.42 -8.70 2.69
N GLN A 137 -32.70 -9.76 1.92
CA GLN A 137 -33.18 -9.67 0.55
C GLN A 137 -34.71 -9.87 0.53
N GLN A 138 -35.35 -9.33 -0.52
CA GLN A 138 -36.79 -9.41 -0.72
C GLN A 138 -37.08 -9.71 -2.18
N PRO A 139 -36.81 -10.95 -2.66
CA PRO A 139 -37.09 -11.36 -4.02
C PRO A 139 -38.60 -11.52 -4.24
N PHE A 140 -39.04 -11.37 -5.49
CA PHE A 140 -40.44 -11.50 -5.86
C PHE A 140 -40.93 -12.94 -5.65
N ASN A 141 -40.16 -13.91 -6.16
CA ASN A 141 -40.40 -15.35 -6.01
C ASN A 141 -41.62 -15.80 -6.83
N LEU A 142 -41.75 -17.13 -7.03
CA LEU A 142 -42.92 -17.73 -7.63
C LEU A 142 -44.12 -17.53 -6.70
N PRO A 143 -45.35 -17.45 -7.24
CA PRO A 143 -46.55 -17.27 -6.43
C PRO A 143 -46.81 -18.50 -5.57
N MET A 144 -47.22 -18.28 -4.32
CA MET A 144 -47.44 -19.33 -3.33
C MET A 144 -48.83 -19.94 -3.54
N ASP A 145 -48.99 -20.68 -4.65
CA ASP A 145 -50.23 -21.37 -4.99
C ASP A 145 -50.45 -22.54 -4.02
N SER A 146 -51.72 -22.95 -3.85
CA SER A 146 -52.12 -24.01 -2.93
C SER A 146 -53.48 -24.56 -3.34
N GLY A 147 -53.95 -25.57 -2.60
CA GLY A 147 -55.21 -26.27 -2.86
C GLY A 147 -55.02 -27.42 -3.85
N ALA A 148 -56.02 -28.31 -3.91
CA ALA A 148 -56.03 -29.48 -4.78
C ALA A 148 -57.46 -29.98 -4.92
N PRO A 149 -57.82 -30.59 -6.08
CA PRO A 149 -59.14 -31.17 -6.31
C PRO A 149 -59.29 -32.51 -5.58
N GLY A 150 -60.47 -33.13 -5.68
CA GLY A 150 -60.76 -34.41 -5.06
C GLY A 150 -62.10 -34.96 -5.54
N GLY A 151 -62.43 -36.17 -5.11
CA GLY A 151 -63.68 -36.85 -5.46
C GLY A 151 -63.73 -38.23 -4.79
N GLY A 152 -64.80 -38.98 -5.06
CA GLY A 152 -65.01 -40.31 -4.50
C GLY A 152 -66.43 -40.80 -4.80
N SER A 153 -66.85 -41.85 -4.08
CA SER A 153 -68.18 -42.44 -4.16
C SER A 153 -68.49 -42.91 -5.60
N HIS A 154 -67.65 -43.82 -6.11
CA HIS A 154 -67.78 -44.40 -7.44
C HIS A 154 -67.59 -45.92 -7.31
N HIS A 155 -68.56 -46.58 -6.70
CA HIS A 155 -68.54 -48.02 -6.45
C HIS A 155 -69.97 -48.50 -6.14
N HIS A 156 -70.23 -49.77 -6.43
CA HIS A 156 -71.44 -50.49 -6.03
C HIS A 156 -71.12 -51.97 -5.88
N HIS A 157 -71.87 -52.65 -5.00
CA HIS A 157 -71.74 -54.08 -4.76
C HIS A 157 -73.11 -54.61 -4.33
N HIS A 158 -73.84 -55.22 -5.28
CA HIS A 158 -75.04 -55.98 -4.97
C HIS A 158 -74.60 -57.27 -4.27
N HIS A 159 -75.26 -57.60 -3.15
CA HIS A 159 -75.04 -58.84 -2.42
C HIS A 159 -76.25 -59.74 -2.67
N MET A 1 14.61 58.82 -65.55
CA MET A 1 14.01 59.80 -64.63
C MET A 1 15.06 60.31 -63.64
N PRO A 2 14.98 61.58 -63.21
CA PRO A 2 15.89 62.14 -62.23
C PRO A 2 15.64 61.53 -60.84
N HIS A 3 16.67 61.53 -59.99
CA HIS A 3 16.61 60.99 -58.64
C HIS A 3 17.73 61.60 -57.81
N ASN A 4 17.92 61.08 -56.58
CA ASN A 4 19.02 61.42 -55.69
C ASN A 4 19.57 60.13 -55.06
N SER A 5 20.68 60.23 -54.34
CA SER A 5 21.28 59.15 -53.59
C SER A 5 22.12 59.73 -52.44
N ILE A 6 22.38 58.91 -51.41
CA ILE A 6 23.14 59.31 -50.24
C ILE A 6 23.82 58.07 -49.64
N ARG A 7 24.92 58.29 -48.91
CA ARG A 7 25.69 57.25 -48.23
C ARG A 7 25.86 57.66 -46.76
N SER A 8 25.91 56.67 -45.86
CA SER A 8 26.06 56.87 -44.43
C SER A 8 26.50 55.56 -43.77
N GLY A 9 26.90 55.62 -42.50
CA GLY A 9 27.33 54.46 -41.74
C GLY A 9 27.61 54.85 -40.29
N HIS A 10 27.88 53.85 -39.44
CA HIS A 10 28.16 54.01 -38.02
C HIS A 10 28.84 52.76 -37.48
N GLY A 11 29.35 52.83 -36.24
CA GLY A 11 29.97 51.70 -35.56
C GLY A 11 30.42 52.10 -34.16
N GLY A 12 30.92 51.12 -33.40
CA GLY A 12 31.41 51.33 -32.04
C GLY A 12 31.85 50.00 -31.43
N LEU A 13 32.57 50.06 -30.31
CA LEU A 13 33.09 48.90 -29.59
C LEU A 13 33.41 49.31 -28.15
N ASN A 14 32.97 48.49 -27.18
CA ASN A 14 33.28 48.65 -25.77
C ASN A 14 34.38 47.67 -25.38
N GLN A 15 34.06 46.36 -25.39
CA GLN A 15 34.94 45.27 -24.99
C GLN A 15 34.65 44.06 -25.87
N LEU A 16 35.59 43.11 -25.93
CA LEU A 16 35.47 41.88 -26.68
C LEU A 16 34.69 40.85 -25.85
N GLY A 17 33.44 41.18 -25.51
CA GLY A 17 32.54 40.34 -24.72
C GLY A 17 33.13 40.06 -23.34
N GLY A 18 33.58 38.82 -23.13
CA GLY A 18 34.17 38.38 -21.87
C GLY A 18 34.44 36.87 -21.94
N ALA A 19 35.44 36.48 -22.73
CA ALA A 19 35.77 35.09 -23.02
C ALA A 19 36.33 34.36 -21.78
N PHE A 20 36.41 33.03 -21.88
CA PHE A 20 37.02 32.18 -20.88
C PHE A 20 38.54 32.33 -20.95
N VAL A 21 39.18 32.68 -19.83
CA VAL A 21 40.60 33.00 -19.78
C VAL A 21 41.47 31.74 -19.98
N ASN A 22 41.01 30.59 -19.45
CA ASN A 22 41.80 29.38 -19.28
C ASN A 22 42.93 29.67 -18.29
N GLY A 23 42.55 29.69 -17.00
CA GLY A 23 43.34 30.22 -15.91
C GLY A 23 42.39 30.66 -14.79
N ARG A 24 41.27 31.30 -15.19
CA ARG A 24 40.13 31.57 -14.33
C ARG A 24 39.62 30.28 -13.67
N PRO A 25 38.97 30.37 -12.49
CA PRO A 25 38.31 29.23 -11.87
C PRO A 25 37.00 28.93 -12.61
N LEU A 26 36.49 27.70 -12.42
CA LEU A 26 35.27 27.20 -13.06
C LEU A 26 34.23 26.81 -12.00
N PRO A 27 33.62 27.79 -11.30
CA PRO A 27 32.48 27.54 -10.42
C PRO A 27 31.20 27.47 -11.25
N GLU A 28 30.03 27.56 -10.58
CA GLU A 28 28.70 27.50 -11.19
C GLU A 28 28.49 28.53 -12.30
N VAL A 29 29.29 29.61 -12.31
CA VAL A 29 29.27 30.65 -13.32
C VAL A 29 29.44 30.09 -14.74
N VAL A 30 30.10 28.93 -14.90
CA VAL A 30 30.28 28.27 -16.19
C VAL A 30 28.92 28.02 -16.85
N ARG A 31 28.01 27.31 -16.16
CA ARG A 31 26.64 27.10 -16.61
C ARG A 31 26.03 28.42 -17.10
N GLN A 32 26.03 29.43 -16.22
CA GLN A 32 25.39 30.72 -16.47
C GLN A 32 25.93 31.38 -17.74
N ARG A 33 27.27 31.39 -17.91
CA ARG A 33 27.94 32.00 -19.04
C ARG A 33 27.58 31.30 -20.35
N ILE A 34 27.60 29.96 -20.37
CA ILE A 34 27.27 29.20 -21.57
C ILE A 34 25.79 29.37 -21.93
N VAL A 35 24.89 29.37 -20.93
CA VAL A 35 23.47 29.65 -21.13
C VAL A 35 23.30 31.05 -21.73
N ASP A 36 23.93 32.07 -21.14
CA ASP A 36 23.85 33.46 -21.59
C ASP A 36 24.33 33.60 -23.02
N LEU A 37 25.51 33.03 -23.33
CA LEU A 37 26.08 33.00 -24.66
C LEU A 37 25.09 32.38 -25.64
N ALA A 38 24.63 31.15 -25.37
CA ALA A 38 23.68 30.42 -26.18
C ALA A 38 22.39 31.22 -26.43
N HIS A 39 21.92 31.96 -25.41
CA HIS A 39 20.68 32.70 -25.44
C HIS A 39 20.62 33.75 -26.55
N GLN A 40 21.76 34.32 -26.97
CA GLN A 40 21.76 35.26 -28.09
C GLN A 40 21.33 34.60 -29.41
N GLY A 41 21.45 33.27 -29.49
CA GLY A 41 20.98 32.44 -30.59
C GLY A 41 22.15 31.73 -31.26
N VAL A 42 22.74 30.76 -30.55
CA VAL A 42 23.94 30.05 -30.99
C VAL A 42 23.69 28.53 -31.02
N ARG A 43 24.00 27.90 -32.15
CA ARG A 43 24.01 26.44 -32.31
C ARG A 43 25.19 25.85 -31.49
N PRO A 44 25.19 24.56 -31.14
CA PRO A 44 26.32 23.93 -30.48
C PRO A 44 27.60 24.07 -31.31
N CYS A 45 27.49 23.98 -32.64
CA CYS A 45 28.57 24.23 -33.57
C CYS A 45 29.07 25.67 -33.48
N ASP A 46 28.13 26.62 -33.42
CA ASP A 46 28.44 28.05 -33.36
C ASP A 46 28.95 28.47 -31.97
N ILE A 47 28.74 27.66 -30.92
CA ILE A 47 29.42 27.81 -29.65
C ILE A 47 30.85 27.27 -29.82
N SER A 48 30.97 26.07 -30.39
CA SER A 48 32.23 25.36 -30.57
C SER A 48 33.29 26.23 -31.27
N ARG A 49 32.88 27.03 -32.27
CA ARG A 49 33.80 27.90 -32.99
C ARG A 49 34.31 29.04 -32.10
N GLN A 50 33.44 29.71 -31.34
CA GLN A 50 33.83 30.76 -30.42
C GLN A 50 34.75 30.24 -29.32
N LEU A 51 34.48 29.04 -28.80
CA LEU A 51 35.32 28.38 -27.80
C LEU A 51 36.56 27.75 -28.44
N ARG A 52 36.60 27.67 -29.79
CA ARG A 52 37.60 26.99 -30.59
C ARG A 52 37.91 25.58 -30.08
N VAL A 53 36.89 24.71 -30.10
CA VAL A 53 36.97 23.30 -29.69
C VAL A 53 36.29 22.41 -30.73
N SER A 54 36.29 21.09 -30.48
CA SER A 54 35.83 20.07 -31.41
C SER A 54 34.36 19.70 -31.18
N HIS A 55 34.09 18.73 -30.30
CA HIS A 55 32.76 18.19 -30.05
C HIS A 55 32.70 17.47 -28.69
N GLY A 56 33.71 16.66 -28.38
CA GLY A 56 33.82 15.98 -27.10
C GLY A 56 33.88 16.99 -25.95
N CYS A 57 34.57 18.11 -26.17
CA CYS A 57 34.63 19.21 -25.23
C CYS A 57 33.28 19.92 -25.17
N VAL A 58 32.68 20.21 -26.33
CA VAL A 58 31.39 20.90 -26.44
C VAL A 58 30.35 20.22 -25.55
N SER A 59 30.31 18.88 -25.58
CA SER A 59 29.41 18.07 -24.78
C SER A 59 29.43 18.48 -23.30
N LYS A 60 30.62 18.64 -22.71
CA LYS A 60 30.77 19.01 -21.30
C LYS A 60 30.64 20.51 -21.05
N ILE A 61 30.99 21.36 -22.02
CA ILE A 61 30.77 22.80 -21.93
C ILE A 61 29.27 23.09 -21.80
N LEU A 62 28.46 22.54 -22.71
CA LEU A 62 27.01 22.66 -22.70
C LEU A 62 26.45 21.89 -21.48
N GLY A 63 26.69 20.59 -21.42
CA GLY A 63 26.14 19.68 -20.43
C GLY A 63 27.27 19.02 -19.64
N ARG A 64 27.82 19.74 -18.65
CA ARG A 64 28.80 19.19 -17.72
C ARG A 64 28.15 18.06 -16.89
N TYR A 65 26.84 18.18 -16.63
CA TYR A 65 26.00 17.26 -15.88
C TYR A 65 26.25 17.44 -14.39
N TYR A 66 27.45 17.10 -13.93
CA TYR A 66 27.91 17.31 -12.56
C TYR A 66 28.97 18.40 -12.57
N GLU A 67 28.55 19.63 -12.85
CA GLU A 67 29.35 20.82 -12.60
C GLU A 67 29.52 20.98 -11.08
N THR A 68 30.24 22.01 -10.63
CA THR A 68 30.26 22.41 -9.23
C THR A 68 28.82 22.62 -8.69
N GLY A 69 27.90 23.05 -9.56
CA GLY A 69 26.48 23.12 -9.26
C GLY A 69 25.80 21.78 -9.53
N SER A 70 24.78 21.78 -10.40
CA SER A 70 23.94 20.62 -10.66
C SER A 70 23.14 20.84 -11.95
N ILE A 71 23.70 20.42 -13.09
CA ILE A 71 23.02 20.46 -14.38
C ILE A 71 22.26 19.14 -14.52
N ARG A 72 21.27 18.91 -13.64
CA ARG A 72 20.63 17.62 -13.46
C ARG A 72 19.10 17.76 -13.45
N PRO A 73 18.48 18.14 -14.57
CA PRO A 73 17.04 18.28 -14.68
C PRO A 73 16.36 16.91 -14.66
N GLY A 74 15.52 16.65 -13.64
CA GLY A 74 14.77 15.41 -13.53
C GLY A 74 13.71 15.52 -12.45
N VAL A 75 12.78 16.49 -12.61
CA VAL A 75 11.73 16.78 -11.65
C VAL A 75 10.48 15.94 -11.93
N ILE A 76 10.65 14.61 -11.95
CA ILE A 76 9.60 13.66 -12.27
C ILE A 76 8.80 13.36 -10.99
N GLY A 77 7.47 13.46 -11.08
CA GLY A 77 6.57 13.20 -9.98
C GLY A 77 5.13 13.59 -10.33
N GLY A 78 4.21 13.41 -9.38
CA GLY A 78 2.81 13.80 -9.50
C GLY A 78 1.90 12.58 -9.55
N SER A 79 1.04 12.42 -8.53
CA SER A 79 0.04 11.36 -8.46
C SER A 79 -1.04 11.74 -7.44
N LYS A 80 -2.16 11.02 -7.44
CA LYS A 80 -3.27 11.22 -6.51
C LYS A 80 -4.06 9.90 -6.36
N PRO A 81 -3.52 8.92 -5.62
CA PRO A 81 -4.13 7.60 -5.48
C PRO A 81 -5.23 7.60 -4.40
N LYS A 82 -5.86 6.44 -4.22
CA LYS A 82 -6.78 6.12 -3.15
C LYS A 82 -6.53 4.65 -2.79
N VAL A 83 -6.70 4.33 -1.51
CA VAL A 83 -6.49 3.00 -0.95
C VAL A 83 -7.76 2.16 -1.07
N ALA A 84 -7.58 0.87 -1.37
CA ALA A 84 -8.66 -0.13 -1.37
C ALA A 84 -8.79 -0.71 0.03
N THR A 85 -10.03 -0.90 0.50
CA THR A 85 -10.30 -1.34 1.87
C THR A 85 -11.67 -2.01 1.92
N PRO A 86 -11.85 -3.07 2.73
CA PRO A 86 -13.15 -3.69 2.95
C PRO A 86 -14.08 -2.80 3.79
N LYS A 87 -13.54 -1.74 4.43
CA LYS A 87 -14.26 -0.78 5.26
C LYS A 87 -15.46 -0.16 4.54
N VAL A 88 -15.46 -0.16 3.21
CA VAL A 88 -16.59 0.25 2.38
C VAL A 88 -17.90 -0.45 2.79
N VAL A 89 -17.84 -1.70 3.25
CA VAL A 89 -19.03 -2.44 3.71
C VAL A 89 -19.72 -1.70 4.87
N GLU A 90 -18.92 -1.17 5.80
CA GLU A 90 -19.43 -0.38 6.93
C GLU A 90 -19.96 0.96 6.44
N LYS A 91 -19.28 1.59 5.46
CA LYS A 91 -19.73 2.84 4.88
C LYS A 91 -21.09 2.70 4.19
N ILE A 92 -21.36 1.59 3.47
CA ILE A 92 -22.71 1.31 2.98
C ILE A 92 -23.70 1.33 4.15
N GLY A 93 -23.33 0.75 5.29
CA GLY A 93 -24.12 0.78 6.51
C GLY A 93 -24.40 2.21 7.00
N ASP A 94 -23.34 3.02 7.18
CA ASP A 94 -23.47 4.40 7.64
C ASP A 94 -24.38 5.19 6.71
N TYR A 95 -24.15 5.10 5.41
CA TYR A 95 -24.89 5.82 4.40
C TYR A 95 -26.36 5.40 4.38
N LYS A 96 -26.65 4.10 4.48
CA LYS A 96 -28.01 3.58 4.65
C LYS A 96 -28.68 4.22 5.87
N ARG A 97 -27.96 4.27 7.00
CA ARG A 97 -28.45 4.86 8.24
C ARG A 97 -28.66 6.37 8.11
N GLN A 98 -27.85 7.06 7.31
CA GLN A 98 -27.97 8.49 7.07
C GLN A 98 -29.19 8.79 6.21
N ASN A 99 -29.21 8.23 4.99
CA ASN A 99 -30.16 8.54 3.94
C ASN A 99 -31.44 7.68 4.10
N PRO A 100 -32.45 7.81 3.21
CA PRO A 100 -33.76 7.17 3.39
C PRO A 100 -33.71 5.75 2.80
N THR A 101 -34.83 5.23 2.29
CA THR A 101 -34.94 3.89 1.74
C THR A 101 -34.35 3.82 0.33
N MET A 102 -33.05 4.11 0.21
CA MET A 102 -32.27 3.95 -1.00
C MET A 102 -31.56 2.59 -0.98
N PHE A 103 -30.88 2.27 -2.08
CA PHE A 103 -30.24 0.98 -2.29
C PHE A 103 -28.91 1.18 -3.03
N ALA A 104 -28.12 0.09 -3.11
CA ALA A 104 -26.68 0.11 -3.40
C ALA A 104 -26.26 1.00 -4.58
N TRP A 105 -27.13 1.20 -5.59
CA TRP A 105 -26.93 2.17 -6.65
C TRP A 105 -26.49 3.54 -6.10
N GLU A 106 -27.36 4.19 -5.31
CA GLU A 106 -27.09 5.44 -4.60
C GLU A 106 -25.87 5.29 -3.70
N ILE A 107 -25.84 4.22 -2.90
CA ILE A 107 -24.87 4.06 -1.84
C ILE A 107 -23.44 3.91 -2.39
N ARG A 108 -23.31 3.38 -3.62
CA ARG A 108 -22.03 3.23 -4.29
C ARG A 108 -21.39 4.60 -4.52
N ASP A 109 -22.07 5.49 -5.26
CA ASP A 109 -21.55 6.82 -5.57
C ASP A 109 -21.42 7.69 -4.31
N ARG A 110 -22.17 7.39 -3.25
CA ARG A 110 -22.08 8.07 -1.97
C ARG A 110 -20.64 8.01 -1.40
N LEU A 111 -19.89 6.93 -1.66
CA LEU A 111 -18.48 6.83 -1.32
C LEU A 111 -17.71 7.99 -1.93
N LEU A 112 -17.90 8.22 -3.24
CA LEU A 112 -17.23 9.27 -4.00
C LEU A 112 -17.73 10.65 -3.58
N ALA A 113 -19.03 10.77 -3.26
CA ALA A 113 -19.62 12.01 -2.78
C ALA A 113 -18.96 12.47 -1.47
N GLU A 114 -18.71 11.53 -0.55
CA GLU A 114 -17.98 11.80 0.69
C GLU A 114 -16.48 11.99 0.39
N GLY A 115 -15.95 11.33 -0.64
CA GLY A 115 -14.58 11.48 -1.11
C GLY A 115 -13.68 10.39 -0.54
N VAL A 116 -14.22 9.18 -0.36
CA VAL A 116 -13.52 8.04 0.21
C VAL A 116 -12.73 7.35 -0.89
N CYS A 117 -13.43 6.84 -1.90
CA CYS A 117 -12.88 6.01 -2.98
C CYS A 117 -12.59 6.87 -4.22
N ASP A 118 -12.34 6.21 -5.36
CA ASP A 118 -12.04 6.84 -6.65
C ASP A 118 -12.76 6.10 -7.78
N ASN A 119 -12.27 4.92 -8.16
CA ASN A 119 -12.76 4.16 -9.30
C ASN A 119 -12.63 2.64 -9.09
N ASP A 120 -11.42 2.15 -8.81
CA ASP A 120 -11.18 0.74 -8.51
C ASP A 120 -11.63 0.46 -7.08
N THR A 121 -11.28 1.39 -6.19
CA THR A 121 -11.53 1.32 -4.76
C THR A 121 -13.03 1.32 -4.44
N VAL A 122 -13.85 2.00 -5.25
CA VAL A 122 -15.30 1.97 -5.12
C VAL A 122 -15.80 0.62 -5.64
N PRO A 123 -16.47 -0.20 -4.80
CA PRO A 123 -16.87 -1.55 -5.13
C PRO A 123 -18.08 -1.54 -6.07
N SER A 124 -18.39 -2.70 -6.66
CA SER A 124 -19.56 -2.84 -7.51
C SER A 124 -20.84 -2.75 -6.68
N VAL A 125 -21.91 -2.24 -7.30
CA VAL A 125 -23.26 -2.26 -6.74
C VAL A 125 -23.63 -3.70 -6.33
N SER A 126 -23.27 -4.66 -7.18
CA SER A 126 -23.51 -6.08 -6.99
C SER A 126 -22.78 -6.60 -5.76
N SER A 127 -21.51 -6.20 -5.55
CA SER A 127 -20.70 -6.68 -4.45
C SER A 127 -21.38 -6.44 -3.10
N ILE A 128 -21.57 -5.17 -2.70
CA ILE A 128 -22.03 -4.89 -1.34
C ILE A 128 -23.46 -5.37 -1.14
N ASN A 129 -24.27 -5.34 -2.20
CA ASN A 129 -25.58 -5.97 -2.21
C ASN A 129 -25.47 -7.46 -1.84
N ARG A 130 -24.68 -8.22 -2.59
CA ARG A 130 -24.52 -9.66 -2.40
C ARG A 130 -23.97 -9.98 -1.01
N ILE A 131 -23.02 -9.18 -0.52
CA ILE A 131 -22.44 -9.33 0.81
C ILE A 131 -23.53 -9.16 1.87
N ILE A 132 -24.24 -8.02 1.86
CA ILE A 132 -25.34 -7.74 2.79
C ILE A 132 -26.42 -8.82 2.72
N ARG A 133 -26.75 -9.32 1.53
CA ARG A 133 -27.71 -10.41 1.36
C ARG A 133 -27.22 -11.68 2.06
N THR A 134 -25.99 -12.11 1.77
CA THR A 134 -25.42 -13.31 2.41
C THR A 134 -25.31 -13.17 3.93
N LYS A 135 -25.17 -11.94 4.46
CA LYS A 135 -25.32 -11.70 5.89
C LYS A 135 -26.78 -11.92 6.29
N VAL A 136 -27.68 -11.01 5.90
CA VAL A 136 -29.09 -11.02 6.26
C VAL A 136 -29.90 -10.49 5.07
N GLN A 137 -30.30 -11.40 4.18
CA GLN A 137 -31.22 -11.10 3.08
C GLN A 137 -32.65 -10.93 3.59
N GLN A 138 -33.41 -10.07 2.90
CA GLN A 138 -34.82 -9.83 3.15
C GLN A 138 -35.59 -10.28 1.89
N PRO A 139 -36.09 -11.53 1.86
CA PRO A 139 -36.71 -12.09 0.67
C PRO A 139 -38.18 -11.67 0.57
N PHE A 140 -38.72 -11.68 -0.66
CA PHE A 140 -40.13 -11.45 -0.92
C PHE A 140 -40.88 -12.77 -0.73
N ASN A 141 -41.89 -12.77 0.15
CA ASN A 141 -42.67 -13.95 0.49
C ASN A 141 -44.07 -13.54 0.93
N LEU A 142 -45.06 -14.39 0.63
CA LEU A 142 -46.45 -14.21 1.03
C LEU A 142 -47.08 -15.61 1.15
N PRO A 143 -47.74 -15.95 2.26
CA PRO A 143 -48.35 -17.26 2.46
C PRO A 143 -49.63 -17.38 1.64
N MET A 144 -50.11 -18.62 1.46
CA MET A 144 -51.31 -18.93 0.70
C MET A 144 -51.92 -20.24 1.22
N ASP A 145 -53.25 -20.32 1.20
CA ASP A 145 -54.03 -21.48 1.60
C ASP A 145 -55.30 -21.53 0.75
N SER A 146 -55.95 -22.69 0.67
CA SER A 146 -57.17 -22.88 -0.09
C SER A 146 -57.92 -24.12 0.42
N GLY A 147 -59.26 -24.05 0.42
CA GLY A 147 -60.13 -25.12 0.85
C GLY A 147 -61.59 -24.68 0.74
N ALA A 148 -62.50 -25.63 0.54
CA ALA A 148 -63.92 -25.38 0.39
C ALA A 148 -64.70 -26.68 0.61
N PRO A 149 -65.94 -26.61 1.14
CA PRO A 149 -66.80 -27.78 1.32
C PRO A 149 -67.37 -28.23 -0.02
N GLY A 150 -68.07 -29.39 -0.03
CA GLY A 150 -68.69 -29.92 -1.21
C GLY A 150 -69.56 -31.14 -0.86
N GLY A 151 -70.43 -31.53 -1.79
CA GLY A 151 -71.34 -32.65 -1.62
C GLY A 151 -72.26 -32.77 -2.84
N GLY A 152 -73.03 -33.85 -2.91
CA GLY A 152 -73.98 -34.09 -3.99
C GLY A 152 -74.61 -35.48 -3.87
N SER A 153 -75.59 -35.75 -4.75
CA SER A 153 -76.31 -37.02 -4.83
C SER A 153 -77.04 -37.08 -6.17
N HIS A 154 -77.58 -38.25 -6.51
CA HIS A 154 -78.36 -38.47 -7.71
C HIS A 154 -79.38 -39.58 -7.47
N HIS A 155 -80.48 -39.57 -8.23
CA HIS A 155 -81.57 -40.52 -8.12
C HIS A 155 -81.20 -41.87 -8.76
N HIS A 156 -82.06 -42.87 -8.57
CA HIS A 156 -81.93 -44.18 -9.18
C HIS A 156 -83.33 -44.82 -9.25
N HIS A 157 -83.76 -45.17 -10.47
CA HIS A 157 -85.01 -45.89 -10.66
C HIS A 157 -84.79 -47.34 -10.23
N HIS A 158 -85.49 -47.75 -9.16
CA HIS A 158 -85.38 -49.09 -8.59
C HIS A 158 -85.83 -50.17 -9.59
N HIS A 159 -85.46 -51.42 -9.31
CA HIS A 159 -85.93 -52.58 -10.04
C HIS A 159 -87.37 -52.91 -9.65
N MET A 1 85.03 -8.54 49.42
CA MET A 1 84.75 -7.79 48.19
C MET A 1 83.83 -8.59 47.26
N PRO A 2 82.51 -8.64 47.54
CA PRO A 2 81.57 -9.37 46.71
C PRO A 2 81.34 -8.61 45.39
N HIS A 3 81.19 -9.34 44.29
CA HIS A 3 80.99 -8.80 42.96
C HIS A 3 80.45 -9.89 42.03
N ASN A 4 79.86 -9.47 40.90
CA ASN A 4 79.27 -10.35 39.90
C ASN A 4 79.51 -9.75 38.51
N SER A 5 79.16 -10.50 37.46
CA SER A 5 79.24 -10.09 36.08
C SER A 5 78.09 -10.72 35.30
N ILE A 6 77.64 -10.06 34.23
CA ILE A 6 76.56 -10.50 33.36
C ILE A 6 76.93 -10.24 31.91
N ARG A 7 76.25 -10.94 30.99
CA ARG A 7 76.46 -10.85 29.55
C ARG A 7 75.10 -10.95 28.84
N SER A 8 75.00 -10.34 27.66
CA SER A 8 73.81 -10.37 26.82
C SER A 8 74.20 -10.05 25.38
N GLY A 9 73.37 -10.49 24.42
CA GLY A 9 73.62 -10.28 23.00
C GLY A 9 72.70 -11.19 22.19
N HIS A 10 71.42 -10.82 22.09
CA HIS A 10 70.41 -11.58 21.36
C HIS A 10 69.23 -10.68 20.99
N GLY A 11 68.53 -11.03 19.91
CA GLY A 11 67.33 -10.35 19.45
C GLY A 11 66.65 -11.19 18.37
N GLY A 12 65.51 -10.71 17.85
CA GLY A 12 64.75 -11.40 16.83
C GLY A 12 63.67 -10.50 16.25
N LEU A 13 64.09 -9.43 15.57
CA LEU A 13 63.19 -8.48 14.92
C LEU A 13 62.73 -9.08 13.59
N ASN A 14 61.59 -9.79 13.61
CA ASN A 14 61.03 -10.43 12.43
C ASN A 14 59.51 -10.55 12.59
N GLN A 15 58.78 -10.31 11.49
CA GLN A 15 57.34 -10.40 11.41
C GLN A 15 56.92 -10.52 9.94
N LEU A 16 55.77 -11.14 9.68
CA LEU A 16 55.20 -11.31 8.35
C LEU A 16 53.72 -11.68 8.44
N GLY A 17 52.98 -11.49 7.35
CA GLY A 17 51.56 -11.78 7.28
C GLY A 17 50.94 -11.16 6.03
N GLY A 18 49.61 -11.21 5.94
CA GLY A 18 48.83 -10.59 4.88
C GLY A 18 48.69 -11.51 3.67
N ALA A 19 47.46 -12.00 3.42
CA ALA A 19 47.13 -12.81 2.26
C ALA A 19 46.80 -11.91 1.07
N PHE A 20 47.78 -11.11 0.64
CA PHE A 20 47.65 -10.24 -0.53
C PHE A 20 48.04 -11.01 -1.79
N VAL A 21 47.32 -10.74 -2.88
CA VAL A 21 47.56 -11.21 -4.24
C VAL A 21 47.27 -12.71 -4.41
N ASN A 22 46.60 -13.06 -5.52
CA ASN A 22 46.28 -14.42 -5.93
C ASN A 22 45.58 -15.18 -4.81
N GLY A 23 44.37 -14.72 -4.47
CA GLY A 23 43.57 -15.20 -3.35
C GLY A 23 43.41 -14.08 -2.34
N ARG A 24 42.60 -13.06 -2.68
CA ARG A 24 42.36 -11.92 -1.81
C ARG A 24 40.90 -11.43 -1.84
N PRO A 25 39.92 -12.30 -1.50
CA PRO A 25 38.52 -11.91 -1.37
C PRO A 25 38.32 -11.13 -0.07
N LEU A 26 38.90 -9.92 -0.03
CA LEU A 26 38.84 -8.98 1.08
C LEU A 26 37.71 -8.00 0.81
N PRO A 27 37.25 -7.23 1.82
CA PRO A 27 36.09 -6.36 1.70
C PRO A 27 36.39 -5.12 0.84
N GLU A 28 35.67 -4.01 1.06
CA GLU A 28 35.78 -2.76 0.33
C GLU A 28 37.23 -2.31 0.12
N VAL A 29 38.10 -2.60 1.10
CA VAL A 29 39.54 -2.33 1.07
C VAL A 29 40.22 -2.79 -0.23
N VAL A 30 39.71 -3.85 -0.88
CA VAL A 30 40.14 -4.27 -2.22
C VAL A 30 40.14 -3.07 -3.18
N ARG A 31 39.03 -2.33 -3.25
CA ARG A 31 38.87 -1.13 -4.06
C ARG A 31 40.02 -0.15 -3.76
N GLN A 32 40.20 0.18 -2.48
CA GLN A 32 41.16 1.17 -2.02
C GLN A 32 42.59 0.79 -2.38
N ARG A 33 42.95 -0.49 -2.23
CA ARG A 33 44.29 -0.98 -2.56
C ARG A 33 44.55 -0.95 -4.06
N ILE A 34 43.55 -1.34 -4.88
CA ILE A 34 43.63 -1.24 -6.34
C ILE A 34 43.87 0.22 -6.74
N VAL A 35 43.07 1.14 -6.18
CA VAL A 35 43.19 2.56 -6.43
C VAL A 35 44.59 3.07 -6.05
N ASP A 36 45.07 2.72 -4.85
CA ASP A 36 46.37 3.14 -4.34
C ASP A 36 47.49 2.71 -5.30
N LEU A 37 47.53 1.43 -5.64
CA LEU A 37 48.54 0.86 -6.53
C LEU A 37 48.48 1.54 -7.90
N ALA A 38 47.29 1.62 -8.51
CA ALA A 38 47.10 2.27 -9.79
C ALA A 38 47.50 3.75 -9.77
N HIS A 39 47.25 4.45 -8.66
CA HIS A 39 47.50 5.87 -8.50
C HIS A 39 48.97 6.24 -8.68
N GLN A 40 49.91 5.32 -8.41
CA GLN A 40 51.33 5.57 -8.66
C GLN A 40 51.61 5.79 -10.16
N GLY A 41 50.75 5.28 -11.03
CA GLY A 41 50.86 5.40 -12.48
C GLY A 41 51.81 4.34 -13.03
N VAL A 42 51.59 3.08 -12.65
CA VAL A 42 52.46 1.97 -13.03
C VAL A 42 51.94 1.27 -14.29
N ARG A 43 52.85 0.91 -15.19
CA ARG A 43 52.54 0.26 -16.46
C ARG A 43 52.10 -1.19 -16.23
N PRO A 44 51.23 -1.76 -17.10
CA PRO A 44 50.73 -3.12 -16.97
C PRO A 44 51.85 -4.17 -16.92
N CYS A 45 52.97 -3.91 -17.60
CA CYS A 45 54.15 -4.76 -17.59
C CYS A 45 54.66 -5.01 -16.17
N ASP A 46 54.54 -4.00 -15.30
CA ASP A 46 55.01 -4.04 -13.91
C ASP A 46 53.88 -4.44 -12.97
N ILE A 47 52.61 -4.15 -13.30
CA ILE A 47 51.47 -4.71 -12.57
C ILE A 47 51.52 -6.25 -12.66
N SER A 48 51.86 -6.80 -13.84
CA SER A 48 52.06 -8.23 -14.03
C SER A 48 53.03 -8.81 -13.00
N ARG A 49 54.10 -8.07 -12.65
CA ARG A 49 55.09 -8.52 -11.68
C ARG A 49 54.47 -8.52 -10.28
N GLN A 50 53.89 -7.39 -9.89
CA GLN A 50 53.27 -7.20 -8.58
C GLN A 50 52.19 -8.24 -8.28
N LEU A 51 51.39 -8.60 -9.30
CA LEU A 51 50.31 -9.58 -9.18
C LEU A 51 50.82 -11.00 -9.46
N ARG A 52 51.98 -11.14 -10.12
CA ARG A 52 52.56 -12.38 -10.58
C ARG A 52 51.63 -13.09 -11.58
N VAL A 53 51.39 -12.42 -12.71
CA VAL A 53 50.54 -12.87 -13.80
C VAL A 53 51.13 -12.33 -15.13
N SER A 54 50.30 -12.16 -16.17
CA SER A 54 50.68 -11.59 -17.47
C SER A 54 49.66 -10.52 -17.88
N HIS A 55 49.95 -9.79 -18.97
CA HIS A 55 49.17 -8.63 -19.42
C HIS A 55 47.68 -8.93 -19.60
N GLY A 56 47.35 -10.06 -20.24
CA GLY A 56 45.98 -10.50 -20.43
C GLY A 56 45.23 -10.62 -19.11
N CYS A 57 45.92 -11.15 -18.09
CA CYS A 57 45.35 -11.33 -16.75
C CYS A 57 45.20 -9.98 -16.04
N VAL A 58 46.23 -9.12 -16.11
CA VAL A 58 46.23 -7.78 -15.49
C VAL A 58 44.92 -7.05 -15.74
N SER A 59 44.45 -7.04 -16.99
CA SER A 59 43.20 -6.37 -17.39
C SER A 59 42.04 -6.66 -16.43
N LYS A 60 41.90 -7.92 -15.99
CA LYS A 60 40.83 -8.35 -15.10
C LYS A 60 41.27 -8.30 -13.64
N ILE A 61 42.40 -8.93 -13.33
CA ILE A 61 42.90 -9.17 -11.97
C ILE A 61 43.22 -7.86 -11.25
N LEU A 62 43.72 -6.84 -11.97
CA LEU A 62 43.94 -5.52 -11.41
C LEU A 62 42.62 -4.95 -10.92
N GLY A 63 41.58 -5.02 -11.77
CA GLY A 63 40.24 -4.57 -11.47
C GLY A 63 39.74 -3.74 -12.65
N ARG A 64 38.80 -4.29 -13.42
CA ARG A 64 38.22 -3.62 -14.59
C ARG A 64 37.68 -2.23 -14.21
N TYR A 65 36.92 -2.16 -13.11
CA TYR A 65 36.26 -0.96 -12.65
C TYR A 65 36.30 -0.88 -11.12
N TYR A 66 35.82 -1.91 -10.41
CA TYR A 66 35.67 -1.93 -8.96
C TYR A 66 36.07 -3.29 -8.37
N GLU A 67 35.35 -4.34 -8.77
CA GLU A 67 35.37 -5.74 -8.30
C GLU A 67 34.15 -5.98 -7.40
N THR A 68 33.99 -7.21 -6.90
CA THR A 68 33.02 -7.56 -5.89
C THR A 68 33.40 -6.86 -4.57
N GLY A 69 34.53 -7.27 -3.98
CA GLY A 69 35.04 -6.74 -2.72
C GLY A 69 33.97 -6.84 -1.64
N SER A 70 33.67 -5.71 -1.00
CA SER A 70 32.39 -5.47 -0.34
C SER A 70 31.87 -4.11 -0.83
N ILE A 71 31.76 -3.99 -2.16
CA ILE A 71 31.33 -2.78 -2.87
C ILE A 71 29.90 -2.99 -3.36
N ARG A 72 29.13 -3.82 -2.65
CA ARG A 72 27.85 -4.36 -3.11
C ARG A 72 26.83 -4.36 -1.97
N PRO A 73 26.41 -3.19 -1.47
CA PRO A 73 25.41 -3.06 -0.43
C PRO A 73 24.01 -3.33 -1.01
N GLY A 74 23.66 -4.61 -1.10
CA GLY A 74 22.40 -5.06 -1.68
C GLY A 74 21.24 -4.98 -0.68
N VAL A 75 20.98 -3.76 -0.16
CA VAL A 75 19.90 -3.50 0.80
C VAL A 75 18.58 -3.25 0.05
N ILE A 76 18.19 -4.22 -0.79
CA ILE A 76 17.06 -4.11 -1.70
C ILE A 76 15.79 -4.52 -0.95
N GLY A 77 14.71 -3.74 -1.12
CA GLY A 77 13.38 -4.04 -0.60
C GLY A 77 13.27 -3.69 0.88
N GLY A 78 13.97 -4.45 1.73
CA GLY A 78 13.93 -4.30 3.18
C GLY A 78 12.65 -4.94 3.74
N SER A 79 11.50 -4.29 3.49
CA SER A 79 10.18 -4.77 3.87
C SER A 79 9.12 -4.06 3.03
N LYS A 80 7.90 -4.58 3.03
CA LYS A 80 6.78 -4.05 2.27
C LYS A 80 5.46 -4.49 2.94
N PRO A 81 5.09 -3.85 4.07
CA PRO A 81 3.90 -4.21 4.82
C PRO A 81 2.63 -3.75 4.10
N LYS A 82 1.50 -4.39 4.44
CA LYS A 82 0.19 -4.13 3.86
C LYS A 82 -0.84 -4.03 4.99
N VAL A 83 -1.09 -2.81 5.46
CA VAL A 83 -2.05 -2.53 6.52
C VAL A 83 -3.47 -2.66 5.94
N ALA A 84 -4.36 -3.32 6.69
CA ALA A 84 -5.75 -3.53 6.30
C ALA A 84 -6.65 -2.42 6.85
N THR A 85 -7.82 -2.22 6.22
CA THR A 85 -8.82 -1.24 6.60
C THR A 85 -10.18 -1.95 6.72
N PRO A 86 -10.62 -2.31 7.94
CA PRO A 86 -11.82 -3.11 8.14
C PRO A 86 -13.10 -2.32 7.90
N LYS A 87 -13.08 -1.00 8.12
CA LYS A 87 -14.24 -0.14 8.00
C LYS A 87 -14.87 -0.19 6.60
N VAL A 88 -14.11 -0.60 5.58
CA VAL A 88 -14.60 -0.89 4.23
C VAL A 88 -15.94 -1.64 4.26
N VAL A 89 -16.06 -2.65 5.13
CA VAL A 89 -17.29 -3.43 5.30
C VAL A 89 -18.39 -2.58 5.94
N GLU A 90 -18.03 -1.78 6.95
CA GLU A 90 -18.94 -0.94 7.71
C GLU A 90 -19.54 0.20 6.87
N LYS A 91 -18.80 0.71 5.88
CA LYS A 91 -19.21 1.85 5.04
C LYS A 91 -20.63 1.64 4.47
N ILE A 92 -20.84 0.54 3.74
CA ILE A 92 -22.16 0.07 3.32
C ILE A 92 -23.19 0.26 4.45
N GLY A 93 -22.92 -0.34 5.62
CA GLY A 93 -23.75 -0.27 6.80
C GLY A 93 -24.15 1.16 7.15
N ASP A 94 -23.15 2.04 7.31
CA ASP A 94 -23.36 3.45 7.66
C ASP A 94 -24.31 4.12 6.67
N TYR A 95 -24.07 3.95 5.37
CA TYR A 95 -24.92 4.49 4.33
C TYR A 95 -26.36 4.00 4.43
N LYS A 96 -26.59 2.75 4.90
CA LYS A 96 -27.94 2.26 5.14
C LYS A 96 -28.56 2.86 6.41
N ARG A 97 -27.75 3.10 7.46
CA ARG A 97 -28.23 3.83 8.64
C ARG A 97 -28.65 5.25 8.25
N GLN A 98 -27.85 5.91 7.40
CA GLN A 98 -28.09 7.26 6.91
C GLN A 98 -29.36 7.28 6.06
N ASN A 99 -29.32 6.62 4.90
CA ASN A 99 -30.34 6.58 3.87
C ASN A 99 -30.77 5.13 3.63
N PRO A 100 -31.70 4.60 4.43
CA PRO A 100 -32.16 3.21 4.33
C PRO A 100 -32.94 2.97 3.04
N THR A 101 -33.83 3.90 2.68
CA THR A 101 -34.74 3.81 1.55
C THR A 101 -34.03 3.57 0.21
N MET A 102 -32.79 4.07 0.06
CA MET A 102 -32.04 4.00 -1.18
C MET A 102 -31.55 2.58 -1.47
N PHE A 103 -30.85 2.42 -2.59
CA PHE A 103 -30.43 1.14 -3.15
C PHE A 103 -28.99 1.23 -3.66
N ALA A 104 -28.37 0.05 -3.85
CA ALA A 104 -26.95 -0.15 -4.09
C ALA A 104 -26.32 0.85 -5.06
N TRP A 105 -27.03 1.20 -6.15
CA TRP A 105 -26.61 2.20 -7.12
C TRP A 105 -26.13 3.48 -6.44
N GLU A 106 -27.00 4.11 -5.63
CA GLU A 106 -26.65 5.32 -4.93
C GLU A 106 -25.60 5.07 -3.85
N ILE A 107 -25.62 3.90 -3.20
CA ILE A 107 -24.64 3.56 -2.16
C ILE A 107 -23.22 3.57 -2.73
N ARG A 108 -23.02 3.10 -3.97
CA ARG A 108 -21.75 3.23 -4.68
C ARG A 108 -21.40 4.70 -4.85
N ASP A 109 -22.32 5.49 -5.43
CA ASP A 109 -22.11 6.90 -5.71
C ASP A 109 -21.80 7.70 -4.43
N ARG A 110 -22.33 7.26 -3.28
CA ARG A 110 -22.16 7.92 -2.00
C ARG A 110 -20.69 7.94 -1.55
N LEU A 111 -19.95 6.87 -1.81
CA LEU A 111 -18.51 6.81 -1.55
C LEU A 111 -17.78 7.87 -2.37
N LEU A 112 -18.14 8.00 -3.66
CA LEU A 112 -17.52 8.95 -4.57
C LEU A 112 -17.82 10.38 -4.12
N ALA A 113 -19.09 10.66 -3.83
CA ALA A 113 -19.57 11.96 -3.36
C ALA A 113 -18.90 12.37 -2.05
N GLU A 114 -18.79 11.43 -1.11
CA GLU A 114 -18.13 11.62 0.17
C GLU A 114 -16.62 11.81 -0.01
N GLY A 115 -16.07 11.46 -1.18
CA GLY A 115 -14.67 11.68 -1.52
C GLY A 115 -13.77 10.65 -0.85
N VAL A 116 -14.25 9.40 -0.79
CA VAL A 116 -13.56 8.29 -0.15
C VAL A 116 -12.55 7.68 -1.11
N CYS A 117 -12.98 7.43 -2.35
CA CYS A 117 -12.22 6.65 -3.33
C CYS A 117 -12.72 6.95 -4.75
N ASP A 118 -12.04 6.37 -5.75
CA ASP A 118 -12.24 6.65 -7.17
C ASP A 118 -13.35 5.78 -7.75
N ASN A 119 -13.82 6.14 -8.94
CA ASN A 119 -14.88 5.44 -9.67
C ASN A 119 -14.54 3.96 -9.94
N ASP A 120 -13.25 3.62 -10.02
CA ASP A 120 -12.77 2.27 -10.28
C ASP A 120 -12.52 1.55 -8.96
N THR A 121 -11.83 2.22 -8.02
CA THR A 121 -11.35 1.64 -6.78
C THR A 121 -12.48 1.38 -5.78
N VAL A 122 -13.58 2.13 -5.88
CA VAL A 122 -14.79 1.94 -5.08
C VAL A 122 -15.29 0.48 -5.20
N PRO A 123 -15.80 -0.13 -4.11
CA PRO A 123 -16.46 -1.42 -4.19
C PRO A 123 -17.69 -1.34 -5.10
N SER A 124 -17.95 -2.41 -5.83
CA SER A 124 -18.95 -2.46 -6.89
C SER A 124 -20.38 -2.38 -6.35
N VAL A 125 -21.32 -1.99 -7.22
CA VAL A 125 -22.74 -2.09 -6.97
C VAL A 125 -23.08 -3.53 -6.57
N SER A 126 -22.55 -4.49 -7.34
CA SER A 126 -22.71 -5.91 -7.11
C SER A 126 -22.27 -6.32 -5.70
N SER A 127 -21.10 -5.84 -5.25
CA SER A 127 -20.58 -6.24 -3.95
C SER A 127 -21.44 -5.62 -2.84
N ILE A 128 -21.54 -4.29 -2.77
CA ILE A 128 -22.29 -3.64 -1.69
C ILE A 128 -23.74 -4.12 -1.63
N ASN A 129 -24.35 -4.38 -2.80
CA ASN A 129 -25.64 -5.05 -2.89
C ASN A 129 -25.61 -6.39 -2.16
N ARG A 130 -24.68 -7.30 -2.53
CA ARG A 130 -24.65 -8.63 -1.93
C ARG A 130 -24.36 -8.59 -0.42
N ILE A 131 -23.55 -7.63 0.07
CA ILE A 131 -23.44 -7.36 1.50
C ILE A 131 -24.85 -7.11 2.08
N ILE A 132 -25.56 -6.09 1.60
CA ILE A 132 -26.90 -5.73 2.06
C ILE A 132 -27.82 -6.96 2.07
N ARG A 133 -27.89 -7.70 0.96
CA ARG A 133 -28.72 -8.89 0.85
C ARG A 133 -28.38 -9.92 1.94
N THR A 134 -27.10 -10.30 2.07
CA THR A 134 -26.68 -11.29 3.05
C THR A 134 -26.99 -10.86 4.49
N LYS A 135 -27.03 -9.55 4.78
CA LYS A 135 -27.51 -9.06 6.06
C LYS A 135 -29.01 -9.33 6.20
N VAL A 136 -29.81 -8.94 5.20
CA VAL A 136 -31.26 -9.13 5.19
C VAL A 136 -31.76 -9.07 3.74
N GLN A 137 -32.27 -10.21 3.26
CA GLN A 137 -32.91 -10.38 1.97
C GLN A 137 -34.15 -11.28 2.09
N GLN A 138 -35.10 -11.09 1.17
CA GLN A 138 -36.30 -11.91 1.04
C GLN A 138 -36.53 -12.19 -0.46
N PRO A 139 -35.68 -13.02 -1.08
CA PRO A 139 -35.69 -13.26 -2.52
C PRO A 139 -36.83 -14.21 -2.91
N PHE A 140 -37.10 -14.27 -4.23
CA PHE A 140 -38.10 -15.13 -4.84
C PHE A 140 -39.51 -14.82 -4.34
N ASN A 141 -39.79 -13.56 -4.03
CA ASN A 141 -41.11 -13.10 -3.60
C ASN A 141 -42.03 -12.99 -4.81
N LEU A 142 -43.28 -13.44 -4.64
CA LEU A 142 -44.29 -13.47 -5.69
C LEU A 142 -45.66 -13.65 -4.99
N PRO A 143 -46.66 -12.79 -5.26
CA PRO A 143 -47.97 -12.92 -4.66
C PRO A 143 -48.73 -14.09 -5.28
N MET A 144 -49.55 -14.78 -4.49
CA MET A 144 -50.37 -15.90 -4.95
C MET A 144 -51.63 -15.35 -5.62
N ASP A 145 -51.46 -14.72 -6.78
CA ASP A 145 -52.55 -14.19 -7.59
C ASP A 145 -53.25 -15.36 -8.32
N SER A 146 -54.05 -16.12 -7.56
CA SER A 146 -54.70 -17.33 -8.03
C SER A 146 -56.01 -17.52 -7.26
N GLY A 147 -57.04 -16.76 -7.62
CA GLY A 147 -58.36 -16.82 -7.02
C GLY A 147 -59.41 -16.45 -8.07
N ALA A 148 -59.73 -17.41 -8.96
CA ALA A 148 -60.72 -17.28 -10.02
C ALA A 148 -61.83 -18.31 -9.82
N PRO A 149 -62.75 -18.10 -8.87
CA PRO A 149 -63.86 -18.99 -8.62
C PRO A 149 -64.91 -18.87 -9.75
N GLY A 150 -65.89 -19.79 -9.76
CA GLY A 150 -66.96 -19.78 -10.73
C GLY A 150 -68.03 -20.80 -10.33
N GLY A 151 -69.19 -20.73 -10.99
CA GLY A 151 -70.31 -21.60 -10.72
C GLY A 151 -71.53 -21.18 -11.54
N GLY A 152 -72.65 -21.87 -11.35
CA GLY A 152 -73.90 -21.58 -12.04
C GLY A 152 -75.02 -22.47 -11.50
N SER A 153 -76.26 -22.13 -11.86
CA SER A 153 -77.46 -22.85 -11.46
C SER A 153 -78.61 -22.48 -12.38
N HIS A 154 -79.72 -23.23 -12.30
CA HIS A 154 -80.92 -23.01 -13.09
C HIS A 154 -82.11 -23.66 -12.38
N HIS A 155 -83.32 -23.27 -12.79
CA HIS A 155 -84.58 -23.76 -12.24
C HIS A 155 -85.72 -23.37 -13.19
N HIS A 156 -86.92 -23.86 -12.88
CA HIS A 156 -88.15 -23.49 -13.57
C HIS A 156 -89.28 -23.53 -12.55
N HIS A 157 -89.90 -22.37 -12.27
CA HIS A 157 -90.96 -22.28 -11.29
C HIS A 157 -92.24 -22.97 -11.78
N HIS A 158 -93.15 -23.26 -10.83
CA HIS A 158 -94.48 -23.76 -11.13
C HIS A 158 -95.28 -22.69 -11.90
N HIS A 159 -95.16 -21.44 -11.49
CA HIS A 159 -95.78 -20.28 -12.12
C HIS A 159 -94.97 -19.83 -13.34
N MET A 1 45.77 -86.91 44.18
CA MET A 1 44.66 -87.73 44.69
C MET A 1 43.37 -86.91 44.85
N PRO A 2 43.23 -86.01 45.84
CA PRO A 2 42.01 -85.22 46.00
C PRO A 2 41.85 -84.21 44.86
N HIS A 3 42.94 -83.56 44.45
CA HIS A 3 42.97 -82.53 43.42
C HIS A 3 42.03 -81.36 43.79
N ASN A 4 42.37 -80.67 44.88
CA ASN A 4 41.67 -79.47 45.30
C ASN A 4 42.12 -78.31 44.42
N SER A 5 41.17 -77.62 43.78
CA SER A 5 41.44 -76.56 42.83
C SER A 5 40.24 -75.61 42.75
N ILE A 6 40.52 -74.31 42.69
CA ILE A 6 39.53 -73.24 42.63
C ILE A 6 40.14 -72.02 41.93
N ARG A 7 39.30 -71.18 41.32
CA ARG A 7 39.71 -69.97 40.62
C ARG A 7 38.81 -68.81 41.04
N SER A 8 39.39 -67.61 41.16
CA SER A 8 38.68 -66.38 41.45
C SER A 8 39.48 -65.20 40.89
N GLY A 9 38.79 -64.11 40.52
CA GLY A 9 39.40 -62.94 39.94
C GLY A 9 38.32 -62.10 39.26
N HIS A 10 37.54 -61.37 40.07
CA HIS A 10 36.31 -60.72 39.65
C HIS A 10 36.45 -59.21 39.77
N GLY A 11 36.20 -58.49 38.67
CA GLY A 11 36.28 -57.04 38.61
C GLY A 11 35.99 -56.54 37.20
N GLY A 12 35.95 -55.22 37.03
CA GLY A 12 35.70 -54.59 35.74
C GLY A 12 35.71 -53.06 35.89
N LEU A 13 36.00 -52.36 34.79
CA LEU A 13 36.05 -50.90 34.72
C LEU A 13 35.33 -50.44 33.44
N ASN A 14 34.99 -49.16 33.38
CA ASN A 14 34.30 -48.55 32.25
C ASN A 14 34.61 -47.04 32.19
N GLN A 15 34.39 -46.45 31.01
CA GLN A 15 34.56 -45.02 30.75
C GLN A 15 33.86 -44.67 29.44
N LEU A 16 33.67 -43.38 29.15
CA LEU A 16 33.01 -42.90 27.95
C LEU A 16 33.52 -41.55 27.44
N GLY A 17 34.40 -40.88 28.20
CA GLY A 17 34.91 -39.56 27.87
C GLY A 17 33.79 -38.52 27.91
N GLY A 18 33.32 -38.08 26.74
CA GLY A 18 32.23 -37.13 26.60
C GLY A 18 32.57 -35.78 27.20
N ALA A 19 33.52 -35.07 26.58
CA ALA A 19 34.01 -33.78 27.05
C ALA A 19 34.57 -32.96 25.90
N PHE A 20 34.92 -31.70 26.18
CA PHE A 20 35.59 -30.83 25.22
C PHE A 20 37.04 -31.30 25.02
N VAL A 21 37.55 -31.16 23.79
CA VAL A 21 38.94 -31.42 23.45
C VAL A 21 39.47 -30.19 22.70
N ASN A 22 40.70 -29.77 23.02
CA ASN A 22 41.36 -28.63 22.39
C ASN A 22 41.75 -29.01 20.96
N GLY A 23 40.77 -28.98 20.06
CA GLY A 23 40.92 -29.45 18.68
C GLY A 23 39.59 -29.78 18.03
N ARG A 24 38.55 -30.14 18.82
CA ARG A 24 37.28 -30.58 18.27
C ARG A 24 36.59 -29.43 17.50
N PRO A 25 35.82 -29.74 16.44
CA PRO A 25 35.08 -28.73 15.68
C PRO A 25 33.94 -28.14 16.51
N LEU A 26 33.30 -27.09 15.98
CA LEU A 26 32.27 -26.31 16.65
C LEU A 26 30.93 -26.45 15.91
N PRO A 27 30.25 -27.61 15.97
CA PRO A 27 28.91 -27.77 15.45
C PRO A 27 27.89 -27.23 16.47
N GLU A 28 26.61 -27.58 16.30
CA GLU A 28 25.51 -27.11 17.13
C GLU A 28 25.58 -27.60 18.59
N VAL A 29 26.53 -28.48 18.92
CA VAL A 29 26.87 -28.80 20.32
C VAL A 29 27.23 -27.52 21.09
N VAL A 30 27.88 -26.56 20.43
CA VAL A 30 28.22 -25.26 21.01
C VAL A 30 26.96 -24.51 21.44
N ARG A 31 25.86 -24.65 20.69
CA ARG A 31 24.57 -24.04 21.02
C ARG A 31 24.16 -24.48 22.43
N GLN A 32 23.94 -25.78 22.62
CA GLN A 32 23.49 -26.32 23.91
C GLN A 32 24.56 -26.14 24.99
N ARG A 33 25.85 -26.11 24.64
CA ARG A 33 26.90 -25.87 25.61
C ARG A 33 26.74 -24.50 26.27
N ILE A 34 26.43 -23.44 25.50
CA ILE A 34 26.14 -22.13 26.05
C ILE A 34 25.02 -22.25 27.10
N VAL A 35 23.92 -22.92 26.73
CA VAL A 35 22.74 -23.09 27.56
C VAL A 35 23.12 -23.79 28.87
N ASP A 36 23.58 -25.03 28.77
CA ASP A 36 23.93 -25.90 29.89
C ASP A 36 24.99 -25.27 30.80
N LEU A 37 26.07 -24.75 30.21
CA LEU A 37 27.15 -24.10 30.94
C LEU A 37 26.61 -22.91 31.74
N ALA A 38 25.79 -22.06 31.12
CA ALA A 38 25.14 -20.96 31.83
C ALA A 38 24.21 -21.47 32.94
N HIS A 39 23.49 -22.57 32.68
CA HIS A 39 22.48 -23.13 33.56
C HIS A 39 23.02 -23.49 34.95
N GLN A 40 24.31 -23.85 35.05
CA GLN A 40 24.93 -24.15 36.34
C GLN A 40 24.86 -22.95 37.30
N GLY A 41 24.75 -21.73 36.76
CA GLY A 41 24.72 -20.50 37.52
C GLY A 41 26.14 -19.97 37.68
N VAL A 42 26.74 -19.52 36.57
CA VAL A 42 28.11 -19.04 36.52
C VAL A 42 28.14 -17.74 35.71
N ARG A 43 28.98 -16.78 36.15
CA ARG A 43 29.12 -15.47 35.52
C ARG A 43 30.16 -15.58 34.39
N PRO A 44 30.09 -14.74 33.34
CA PRO A 44 31.07 -14.74 32.25
C PRO A 44 32.50 -14.56 32.76
N CYS A 45 32.68 -13.69 33.76
CA CYS A 45 33.96 -13.49 34.42
C CYS A 45 34.39 -14.72 35.25
N ASP A 46 33.43 -15.52 35.74
CA ASP A 46 33.68 -16.63 36.66
C ASP A 46 34.03 -17.91 35.90
N ILE A 47 33.46 -18.12 34.70
CA ILE A 47 33.75 -19.28 33.85
C ILE A 47 35.25 -19.48 33.69
N SER A 48 35.98 -18.36 33.51
CA SER A 48 37.40 -18.31 33.21
C SER A 48 38.20 -19.37 33.96
N ARG A 49 38.10 -19.37 35.29
CA ARG A 49 38.93 -20.20 36.16
C ARG A 49 38.58 -21.69 36.12
N GLN A 50 37.41 -22.08 35.58
CA GLN A 50 37.08 -23.49 35.44
C GLN A 50 37.98 -24.17 34.41
N LEU A 51 38.16 -23.52 33.25
CA LEU A 51 39.01 -23.97 32.15
C LEU A 51 40.41 -23.34 32.26
N ARG A 52 40.56 -22.29 33.07
CA ARG A 52 41.77 -21.48 33.21
C ARG A 52 42.09 -20.76 31.89
N VAL A 53 41.27 -19.78 31.55
CA VAL A 53 41.36 -19.01 30.30
C VAL A 53 41.70 -17.55 30.62
N SER A 54 40.75 -16.62 30.46
CA SER A 54 41.01 -15.18 30.52
C SER A 54 39.77 -14.44 31.04
N HIS A 55 39.09 -13.64 30.20
CA HIS A 55 37.90 -12.90 30.58
C HIS A 55 37.14 -12.45 29.33
N GLY A 56 37.79 -11.65 28.47
CA GLY A 56 37.17 -11.07 27.28
C GLY A 56 36.67 -12.14 26.32
N CYS A 57 37.55 -13.09 25.99
CA CYS A 57 37.23 -14.22 25.13
C CYS A 57 36.17 -15.10 25.80
N VAL A 58 36.35 -15.36 27.10
CA VAL A 58 35.46 -16.18 27.91
C VAL A 58 34.02 -15.66 27.83
N SER A 59 33.86 -14.33 27.99
CA SER A 59 32.58 -13.67 27.95
C SER A 59 31.90 -13.85 26.58
N LYS A 60 32.68 -13.87 25.49
CA LYS A 60 32.14 -14.04 24.14
C LYS A 60 31.72 -15.48 23.86
N ILE A 61 32.57 -16.47 24.15
CA ILE A 61 32.21 -17.87 23.92
C ILE A 61 30.98 -18.28 24.74
N LEU A 62 30.78 -17.66 25.91
CA LEU A 62 29.53 -17.75 26.65
C LEU A 62 28.44 -17.00 25.89
N GLY A 63 28.48 -15.66 25.90
CA GLY A 63 27.47 -14.78 25.34
C GLY A 63 28.03 -14.07 24.11
N ARG A 64 27.69 -14.59 22.93
CA ARG A 64 28.15 -14.03 21.66
C ARG A 64 27.44 -12.71 21.37
N TYR A 65 26.13 -12.68 21.62
CA TYR A 65 25.23 -11.60 21.21
C TYR A 65 25.33 -11.39 19.69
N TYR A 66 25.40 -12.51 18.95
CA TYR A 66 25.49 -12.57 17.51
C TYR A 66 24.99 -13.94 17.05
N GLU A 67 25.70 -15.01 17.46
CA GLU A 67 25.41 -16.38 17.08
C GLU A 67 25.35 -16.55 15.56
N THR A 68 26.20 -15.80 14.84
CA THR A 68 26.33 -15.83 13.39
C THR A 68 27.24 -16.99 13.00
N GLY A 69 26.76 -18.22 13.22
CA GLY A 69 27.47 -19.44 12.89
C GLY A 69 26.55 -20.64 13.07
N SER A 70 27.13 -21.82 13.26
CA SER A 70 26.41 -23.08 13.35
C SER A 70 25.81 -23.30 14.74
N ILE A 71 25.15 -22.27 15.31
CA ILE A 71 24.48 -22.32 16.60
C ILE A 71 23.20 -21.48 16.55
N ARG A 72 22.46 -21.57 15.42
CA ARG A 72 21.29 -20.76 15.18
C ARG A 72 20.39 -21.46 14.16
N PRO A 73 19.73 -22.57 14.56
CA PRO A 73 18.88 -23.35 13.66
C PRO A 73 17.55 -22.63 13.42
N GLY A 74 17.48 -21.85 12.33
CA GLY A 74 16.28 -21.15 11.94
C GLY A 74 16.52 -20.42 10.62
N VAL A 75 16.61 -21.17 9.52
CA VAL A 75 16.77 -20.64 8.17
C VAL A 75 15.40 -20.26 7.60
N ILE A 76 14.69 -19.38 8.32
CA ILE A 76 13.34 -18.96 8.00
C ILE A 76 13.36 -17.94 6.86
N GLY A 77 12.46 -18.09 5.90
CA GLY A 77 12.31 -17.18 4.78
C GLY A 77 11.36 -16.04 5.15
N GLY A 78 10.20 -15.97 4.48
CA GLY A 78 9.21 -14.94 4.69
C GLY A 78 8.04 -15.09 3.71
N SER A 79 7.20 -14.07 3.60
CA SER A 79 6.06 -14.03 2.70
C SER A 79 5.68 -12.57 2.42
N LYS A 80 4.76 -12.37 1.46
CA LYS A 80 4.32 -11.05 1.02
C LYS A 80 2.83 -11.11 0.64
N PRO A 81 1.92 -11.26 1.63
CA PRO A 81 0.50 -11.38 1.40
C PRO A 81 -0.16 -10.02 1.14
N LYS A 82 -1.43 -10.05 0.71
CA LYS A 82 -2.28 -8.90 0.52
C LYS A 82 -3.70 -9.30 0.93
N VAL A 83 -4.19 -8.74 2.04
CA VAL A 83 -5.52 -8.99 2.60
C VAL A 83 -6.19 -7.65 2.88
N ALA A 84 -7.49 -7.54 2.56
CA ALA A 84 -8.27 -6.32 2.76
C ALA A 84 -8.55 -6.09 4.25
N THR A 85 -8.73 -4.82 4.63
CA THR A 85 -9.10 -4.43 5.98
C THR A 85 -10.59 -4.73 6.20
N PRO A 86 -11.03 -5.00 7.45
CA PRO A 86 -12.41 -5.32 7.75
C PRO A 86 -13.36 -4.15 7.52
N LYS A 87 -12.86 -2.92 7.68
CA LYS A 87 -13.65 -1.69 7.59
C LYS A 87 -14.39 -1.54 6.25
N VAL A 88 -13.86 -2.14 5.17
CA VAL A 88 -14.52 -2.14 3.87
C VAL A 88 -15.97 -2.64 3.95
N VAL A 89 -16.25 -3.60 4.85
CA VAL A 89 -17.58 -4.15 5.07
C VAL A 89 -18.48 -3.11 5.76
N GLU A 90 -17.93 -2.38 6.75
CA GLU A 90 -18.64 -1.36 7.51
C GLU A 90 -19.19 -0.26 6.59
N LYS A 91 -18.46 0.08 5.53
CA LYS A 91 -18.83 1.10 4.55
C LYS A 91 -20.30 0.96 4.12
N ILE A 92 -20.66 -0.20 3.56
CA ILE A 92 -22.03 -0.56 3.18
C ILE A 92 -23.01 -0.14 4.26
N GLY A 93 -22.77 -0.59 5.50
CA GLY A 93 -23.57 -0.26 6.67
C GLY A 93 -23.79 1.24 6.78
N ASP A 94 -22.71 2.04 6.76
CA ASP A 94 -22.78 3.48 6.91
C ASP A 94 -23.64 4.12 5.83
N TYR A 95 -23.30 3.92 4.54
CA TYR A 95 -23.99 4.58 3.44
C TYR A 95 -25.46 4.18 3.34
N LYS A 96 -25.82 2.93 3.70
CA LYS A 96 -27.22 2.55 3.84
C LYS A 96 -27.88 3.32 4.99
N ARG A 97 -27.23 3.37 6.16
CA ARG A 97 -27.81 3.93 7.38
C ARG A 97 -28.02 5.45 7.30
N GLN A 98 -27.00 6.18 6.83
CA GLN A 98 -27.02 7.64 6.78
C GLN A 98 -28.06 8.13 5.76
N ASN A 99 -28.18 7.44 4.63
CA ASN A 99 -29.22 7.66 3.63
C ASN A 99 -30.55 7.12 4.17
N PRO A 100 -31.70 7.57 3.62
CA PRO A 100 -33.01 7.08 4.03
C PRO A 100 -33.17 5.59 3.67
N THR A 101 -33.56 5.28 2.43
CA THR A 101 -33.83 3.93 1.97
C THR A 101 -33.22 3.73 0.56
N MET A 102 -31.94 4.09 0.40
CA MET A 102 -31.25 4.00 -0.88
C MET A 102 -30.69 2.60 -1.12
N PHE A 103 -30.14 2.40 -2.32
CA PHE A 103 -29.74 1.11 -2.86
C PHE A 103 -28.37 1.22 -3.53
N ALA A 104 -27.68 0.08 -3.61
CA ALA A 104 -26.30 -0.09 -4.07
C ALA A 104 -25.90 0.83 -5.23
N TRP A 105 -26.78 0.92 -6.24
CA TRP A 105 -26.59 1.77 -7.41
C TRP A 105 -26.22 3.19 -7.03
N GLU A 106 -27.00 3.83 -6.15
CA GLU A 106 -26.73 5.17 -5.67
C GLU A 106 -25.53 5.17 -4.72
N ILE A 107 -25.40 4.14 -3.86
CA ILE A 107 -24.31 4.07 -2.89
C ILE A 107 -22.94 4.19 -3.55
N ARG A 108 -22.77 3.64 -4.76
CA ARG A 108 -21.57 3.82 -5.55
C ARG A 108 -21.20 5.31 -5.63
N ASP A 109 -22.13 6.13 -6.12
CA ASP A 109 -21.96 7.57 -6.26
C ASP A 109 -21.94 8.29 -4.91
N ARG A 110 -22.64 7.75 -3.90
CA ARG A 110 -22.68 8.32 -2.56
C ARG A 110 -21.28 8.45 -1.98
N LEU A 111 -20.46 7.40 -2.13
CA LEU A 111 -19.08 7.38 -1.71
C LEU A 111 -18.25 8.49 -2.39
N LEU A 112 -18.46 8.68 -3.69
CA LEU A 112 -17.76 9.71 -4.46
C LEU A 112 -18.16 11.10 -3.94
N ALA A 113 -19.47 11.34 -3.81
CA ALA A 113 -20.03 12.60 -3.34
C ALA A 113 -19.58 12.92 -1.92
N GLU A 114 -19.54 11.92 -1.03
CA GLU A 114 -19.08 12.07 0.35
C GLU A 114 -17.59 12.42 0.36
N GLY A 115 -16.81 11.81 -0.54
CA GLY A 115 -15.38 11.99 -0.66
C GLY A 115 -14.67 10.88 0.11
N VAL A 116 -15.00 9.63 -0.22
CA VAL A 116 -14.55 8.44 0.48
C VAL A 116 -13.76 7.56 -0.50
N CYS A 117 -14.39 7.22 -1.63
CA CYS A 117 -13.78 6.46 -2.71
C CYS A 117 -13.55 7.38 -3.92
N ASP A 118 -12.73 6.88 -4.85
CA ASP A 118 -12.59 7.39 -6.21
C ASP A 118 -13.41 6.50 -7.14
N ASN A 119 -13.73 7.01 -8.34
CA ASN A 119 -14.49 6.31 -9.37
C ASN A 119 -13.90 4.94 -9.71
N ASP A 120 -12.59 4.73 -9.51
CA ASP A 120 -11.95 3.44 -9.69
C ASP A 120 -12.13 2.60 -8.43
N THR A 121 -11.71 3.16 -7.28
CA THR A 121 -11.52 2.41 -6.05
C THR A 121 -12.84 1.97 -5.40
N VAL A 122 -13.94 2.67 -5.69
CA VAL A 122 -15.29 2.34 -5.27
C VAL A 122 -15.61 0.86 -5.52
N PRO A 123 -16.16 0.14 -4.53
CA PRO A 123 -16.43 -1.30 -4.65
C PRO A 123 -17.59 -1.59 -5.60
N SER A 124 -17.65 -2.84 -6.05
CA SER A 124 -18.67 -3.36 -6.95
C SER A 124 -20.08 -3.17 -6.37
N VAL A 125 -20.99 -2.62 -7.19
CA VAL A 125 -22.41 -2.47 -6.89
C VAL A 125 -22.99 -3.82 -6.43
N SER A 126 -22.72 -4.87 -7.20
CA SER A 126 -23.15 -6.22 -6.89
C SER A 126 -22.62 -6.69 -5.52
N SER A 127 -21.38 -6.31 -5.18
CA SER A 127 -20.72 -6.79 -3.97
C SER A 127 -21.31 -6.13 -2.74
N ILE A 128 -21.54 -4.82 -2.78
CA ILE A 128 -22.16 -4.09 -1.68
C ILE A 128 -23.64 -4.46 -1.51
N ASN A 129 -24.32 -4.77 -2.62
CA ASN A 129 -25.71 -5.21 -2.61
C ASN A 129 -25.86 -6.55 -1.86
N ARG A 130 -25.13 -7.58 -2.29
CA ARG A 130 -25.27 -8.94 -1.78
C ARG A 130 -24.95 -9.09 -0.29
N ILE A 131 -24.34 -8.10 0.36
CA ILE A 131 -24.08 -8.10 1.80
C ILE A 131 -25.40 -8.21 2.56
N ILE A 132 -26.39 -7.40 2.16
CA ILE A 132 -27.70 -7.28 2.82
C ILE A 132 -28.41 -8.63 2.87
N ARG A 133 -28.22 -9.50 1.87
CA ARG A 133 -28.81 -10.83 1.84
C ARG A 133 -28.50 -11.63 3.11
N THR A 134 -27.25 -11.61 3.56
CA THR A 134 -26.83 -12.35 4.75
C THR A 134 -27.48 -11.78 6.02
N LYS A 135 -27.85 -10.50 6.02
CA LYS A 135 -28.54 -9.87 7.14
C LYS A 135 -30.03 -10.24 7.08
N VAL A 136 -30.75 -9.75 6.06
CA VAL A 136 -32.19 -9.89 5.93
C VAL A 136 -32.62 -9.45 4.52
N GLN A 137 -32.94 -10.42 3.66
CA GLN A 137 -33.63 -10.21 2.38
C GLN A 137 -35.06 -10.74 2.49
N GLN A 138 -35.83 -10.22 3.44
CA GLN A 138 -37.18 -10.67 3.76
C GLN A 138 -38.17 -9.52 3.62
N PRO A 139 -38.54 -9.11 2.40
CA PRO A 139 -39.57 -8.11 2.17
C PRO A 139 -40.94 -8.68 2.53
N PHE A 140 -41.82 -7.81 3.05
CA PHE A 140 -43.10 -8.21 3.62
C PHE A 140 -44.22 -7.97 2.61
N ASN A 141 -45.12 -8.95 2.47
CA ASN A 141 -46.24 -8.91 1.54
C ASN A 141 -47.32 -9.87 2.06
N LEU A 142 -48.58 -9.58 1.71
CA LEU A 142 -49.74 -10.38 2.04
C LEU A 142 -50.78 -10.15 0.93
N PRO A 143 -51.04 -11.13 0.05
CA PRO A 143 -51.96 -10.97 -1.06
C PRO A 143 -53.41 -11.04 -0.55
N MET A 144 -53.92 -9.90 -0.09
CA MET A 144 -55.30 -9.76 0.39
C MET A 144 -56.29 -10.00 -0.76
N ASP A 145 -57.39 -10.68 -0.46
CA ASP A 145 -58.46 -10.99 -1.39
C ASP A 145 -59.79 -11.07 -0.64
N SER A 146 -60.91 -10.90 -1.37
CA SER A 146 -62.25 -11.00 -0.82
C SER A 146 -63.23 -11.29 -1.97
N GLY A 147 -64.26 -12.09 -1.69
CA GLY A 147 -65.27 -12.45 -2.67
C GLY A 147 -66.30 -13.38 -2.02
N ALA A 148 -67.08 -12.82 -1.08
CA ALA A 148 -68.11 -13.55 -0.35
C ALA A 148 -69.42 -12.75 -0.37
N PRO A 149 -70.10 -12.64 -1.53
CA PRO A 149 -71.35 -11.92 -1.66
C PRO A 149 -72.51 -12.75 -1.09
N GLY A 150 -73.70 -12.15 -1.01
CA GLY A 150 -74.89 -12.81 -0.54
C GLY A 150 -76.12 -11.91 -0.73
N GLY A 151 -77.32 -12.50 -0.64
CA GLY A 151 -78.57 -11.80 -0.81
C GLY A 151 -79.72 -12.80 -0.95
N GLY A 152 -80.95 -12.28 -1.11
CA GLY A 152 -82.14 -13.09 -1.27
C GLY A 152 -83.37 -12.19 -1.38
N SER A 153 -84.50 -12.77 -1.81
CA SER A 153 -85.76 -12.07 -1.98
C SER A 153 -86.89 -13.04 -1.62
N HIS A 154 -87.90 -12.53 -0.90
CA HIS A 154 -89.08 -13.28 -0.51
C HIS A 154 -90.25 -12.30 -0.44
N HIS A 155 -91.36 -12.64 -1.09
CA HIS A 155 -92.52 -11.76 -1.22
C HIS A 155 -93.70 -12.60 -1.73
N HIS A 156 -94.74 -12.73 -0.89
CA HIS A 156 -95.93 -13.51 -1.20
C HIS A 156 -97.14 -12.84 -0.54
N HIS A 157 -98.31 -12.95 -1.17
CA HIS A 157 -99.56 -12.35 -0.73
C HIS A 157 -100.73 -13.15 -1.31
N HIS A 158 -101.93 -12.91 -0.79
CA HIS A 158 -103.16 -13.54 -1.25
C HIS A 158 -104.34 -12.61 -0.96
N HIS A 159 -105.49 -12.90 -1.58
CA HIS A 159 -106.73 -12.17 -1.35
C HIS A 159 -107.27 -12.48 0.04
N MET A 1 87.55 -44.18 21.94
CA MET A 1 86.27 -43.46 21.85
C MET A 1 86.29 -42.16 22.66
N PRO A 2 86.90 -41.08 22.14
CA PRO A 2 87.01 -39.81 22.83
C PRO A 2 85.69 -39.03 22.73
N HIS A 3 84.68 -39.49 23.48
CA HIS A 3 83.36 -38.88 23.49
C HIS A 3 83.43 -37.46 24.08
N ASN A 4 82.61 -36.55 23.52
CA ASN A 4 82.53 -35.15 23.94
C ASN A 4 81.08 -34.77 24.18
N SER A 5 80.86 -33.67 24.90
CA SER A 5 79.54 -33.15 25.21
C SER A 5 78.84 -32.62 23.95
N ILE A 6 79.58 -31.82 23.16
CA ILE A 6 79.12 -31.21 21.91
C ILE A 6 77.93 -30.27 22.20
N ARG A 7 78.23 -29.13 22.83
CA ARG A 7 77.27 -28.10 23.20
C ARG A 7 77.91 -26.72 23.04
N SER A 8 77.09 -25.66 22.97
CA SER A 8 77.54 -24.28 22.82
C SER A 8 76.43 -23.32 23.24
N GLY A 9 76.64 -22.02 22.99
CA GLY A 9 75.72 -20.95 23.32
C GLY A 9 74.59 -20.84 22.29
N HIS A 10 73.73 -19.83 22.47
CA HIS A 10 72.58 -19.56 21.62
C HIS A 10 72.19 -18.08 21.72
N GLY A 11 71.48 -17.58 20.70
CA GLY A 11 70.89 -16.25 20.66
C GLY A 11 69.68 -16.28 19.72
N GLY A 12 68.75 -15.34 19.92
CA GLY A 12 67.52 -15.26 19.16
C GLY A 12 66.96 -13.85 19.22
N LEU A 13 67.67 -12.89 18.60
CA LEU A 13 67.32 -11.48 18.61
C LEU A 13 66.03 -11.27 17.83
N ASN A 14 65.00 -10.71 18.47
CA ASN A 14 63.70 -10.45 17.87
C ASN A 14 63.02 -9.26 18.56
N GLN A 15 61.97 -8.74 17.93
CA GLN A 15 61.12 -7.66 18.44
C GLN A 15 59.76 -7.72 17.75
N LEU A 16 58.73 -7.10 18.34
CA LEU A 16 57.36 -7.18 17.84
C LEU A 16 56.58 -5.94 18.30
N GLY A 17 56.28 -5.03 17.36
CA GLY A 17 55.44 -3.87 17.64
C GLY A 17 55.11 -3.10 16.35
N GLY A 18 53.85 -2.68 16.20
CA GLY A 18 53.40 -1.87 15.08
C GLY A 18 51.89 -1.67 15.14
N ALA A 19 51.37 -0.64 14.45
CA ALA A 19 49.94 -0.34 14.39
C ALA A 19 49.19 -1.48 13.70
N PHE A 20 47.90 -1.66 14.06
CA PHE A 20 46.99 -2.66 13.50
C PHE A 20 47.23 -4.07 14.06
N VAL A 21 48.47 -4.37 14.43
CA VAL A 21 48.92 -5.58 15.13
C VAL A 21 49.34 -5.16 16.55
N ASN A 22 49.84 -6.11 17.36
CA ASN A 22 50.43 -5.85 18.67
C ASN A 22 49.41 -5.18 19.60
N GLY A 23 48.48 -5.99 20.13
CA GLY A 23 47.39 -5.49 20.97
C GLY A 23 46.16 -5.21 20.11
N ARG A 24 46.32 -4.42 19.03
CA ARG A 24 45.27 -4.20 18.05
C ARG A 24 44.93 -5.56 17.42
N PRO A 25 43.67 -6.02 17.49
CA PRO A 25 43.29 -7.37 17.10
C PRO A 25 43.22 -7.51 15.58
N LEU A 26 43.67 -8.68 15.07
CA LEU A 26 43.66 -9.02 13.66
C LEU A 26 42.32 -9.65 13.23
N PRO A 27 41.73 -10.62 13.97
CA PRO A 27 40.57 -11.36 13.50
C PRO A 27 39.26 -10.66 13.90
N GLU A 28 38.13 -11.24 13.45
CA GLU A 28 36.72 -10.89 13.65
C GLU A 28 36.43 -9.50 14.22
N VAL A 29 36.73 -9.26 15.51
CA VAL A 29 36.49 -8.01 16.21
C VAL A 29 37.16 -6.79 15.53
N VAL A 30 38.16 -7.01 14.68
CA VAL A 30 38.72 -6.02 13.76
C VAL A 30 37.63 -5.23 13.04
N ARG A 31 36.51 -5.90 12.71
CA ARG A 31 35.27 -5.32 12.21
C ARG A 31 34.93 -4.01 12.93
N GLN A 32 34.93 -4.03 14.27
CA GLN A 32 34.61 -2.86 15.08
C GLN A 32 35.53 -1.68 14.77
N ARG A 33 36.83 -1.94 14.59
CA ARG A 33 37.80 -0.90 14.29
C ARG A 33 37.52 -0.29 12.92
N ILE A 34 37.29 -1.14 11.88
CA ILE A 34 36.97 -0.65 10.55
C ILE A 34 35.67 0.18 10.56
N VAL A 35 34.62 -0.34 11.20
CA VAL A 35 33.33 0.32 11.33
C VAL A 35 33.50 1.68 12.00
N ASP A 36 34.09 1.71 13.20
CA ASP A 36 34.31 2.92 13.98
C ASP A 36 35.07 3.97 13.18
N LEU A 37 36.20 3.56 12.60
CA LEU A 37 37.08 4.41 11.83
C LEU A 37 36.31 5.06 10.68
N ALA A 38 35.64 4.27 9.85
CA ALA A 38 34.82 4.78 8.75
C ALA A 38 33.68 5.66 9.25
N HIS A 39 33.04 5.27 10.37
CA HIS A 39 31.87 5.91 10.94
C HIS A 39 32.14 7.37 11.36
N GLN A 40 33.40 7.73 11.66
CA GLN A 40 33.73 9.13 11.95
C GLN A 40 33.40 10.03 10.75
N GLY A 41 33.41 9.47 9.52
CA GLY A 41 33.17 10.18 8.28
C GLY A 41 34.50 10.70 7.76
N VAL A 42 35.34 9.77 7.25
CA VAL A 42 36.71 10.05 6.82
C VAL A 42 36.99 9.39 5.48
N ARG A 43 37.88 10.00 4.69
CA ARG A 43 38.27 9.53 3.37
C ARG A 43 39.27 8.38 3.51
N PRO A 44 39.25 7.39 2.61
CA PRO A 44 40.28 6.35 2.58
C PRO A 44 41.66 6.96 2.30
N CYS A 45 41.70 8.04 1.51
CA CYS A 45 42.90 8.83 1.27
C CYS A 45 43.43 9.47 2.55
N ASP A 46 42.56 9.75 3.53
CA ASP A 46 42.95 10.28 4.84
C ASP A 46 43.35 9.15 5.79
N ILE A 47 42.68 8.00 5.75
CA ILE A 47 43.12 6.81 6.47
C ILE A 47 44.55 6.46 6.07
N SER A 48 44.89 6.65 4.77
CA SER A 48 46.25 6.48 4.28
C SER A 48 47.25 7.34 5.08
N ARG A 49 46.86 8.56 5.46
CA ARG A 49 47.69 9.45 6.27
C ARG A 49 47.82 8.88 7.68
N GLN A 50 46.68 8.58 8.32
CA GLN A 50 46.63 8.06 9.68
C GLN A 50 47.55 6.84 9.88
N LEU A 51 47.45 5.86 8.98
CA LEU A 51 48.24 4.64 9.02
C LEU A 51 49.62 4.84 8.37
N ARG A 52 49.85 5.99 7.71
CA ARG A 52 51.02 6.33 6.93
C ARG A 52 51.41 5.23 5.95
N VAL A 53 50.50 4.95 5.01
CA VAL A 53 50.63 3.96 3.95
C VAL A 53 50.19 4.59 2.62
N SER A 54 50.22 3.80 1.53
CA SER A 54 49.90 4.24 0.18
C SER A 54 48.40 4.54 0.04
N HIS A 55 47.61 3.50 -0.24
CA HIS A 55 46.16 3.53 -0.44
C HIS A 55 45.65 2.10 -0.68
N GLY A 56 46.41 1.30 -1.42
CA GLY A 56 46.14 -0.12 -1.60
C GLY A 56 46.10 -0.85 -0.25
N CYS A 57 46.94 -0.44 0.69
CA CYS A 57 46.95 -0.97 2.04
C CYS A 57 45.62 -0.66 2.74
N VAL A 58 45.10 0.57 2.58
CA VAL A 58 43.81 0.96 3.11
C VAL A 58 42.71 0.10 2.49
N SER A 59 42.75 -0.13 1.18
CA SER A 59 41.81 -0.98 0.48
C SER A 59 41.75 -2.37 1.11
N LYS A 60 42.91 -2.94 1.48
CA LYS A 60 43.02 -4.22 2.16
C LYS A 60 42.55 -4.14 3.62
N ILE A 61 42.80 -3.03 4.31
CA ILE A 61 42.33 -2.81 5.67
C ILE A 61 40.79 -2.81 5.72
N LEU A 62 40.15 -2.14 4.75
CA LEU A 62 38.71 -2.23 4.56
C LEU A 62 38.33 -3.66 4.20
N GLY A 63 38.98 -4.22 3.18
CA GLY A 63 38.75 -5.57 2.69
C GLY A 63 39.50 -6.60 3.53
N ARG A 64 39.22 -6.65 4.84
CA ARG A 64 39.93 -7.45 5.80
C ARG A 64 39.44 -8.91 5.79
N TYR A 65 38.15 -9.13 6.00
CA TYR A 65 37.52 -10.44 6.10
C TYR A 65 36.01 -10.22 5.97
N TYR A 66 35.35 -11.01 5.13
CA TYR A 66 33.93 -10.90 4.76
C TYR A 66 33.66 -9.70 3.86
N GLU A 67 34.16 -8.52 4.27
CA GLU A 67 34.39 -7.36 3.42
C GLU A 67 33.10 -6.69 2.91
N THR A 68 31.96 -7.05 3.48
CA THR A 68 30.63 -6.68 3.01
C THR A 68 29.69 -6.50 4.21
N GLY A 69 28.42 -6.19 3.94
CA GLY A 69 27.37 -6.12 4.95
C GLY A 69 27.51 -4.87 5.82
N SER A 70 28.29 -4.98 6.90
CA SER A 70 28.45 -3.94 7.91
C SER A 70 29.90 -3.88 8.38
N ILE A 71 30.84 -3.82 7.43
CA ILE A 71 32.25 -3.49 7.67
C ILE A 71 32.62 -2.28 6.79
N ARG A 72 31.63 -1.40 6.54
CA ARG A 72 31.69 -0.27 5.64
C ARG A 72 30.65 0.76 6.12
N PRO A 73 30.81 2.06 5.80
CA PRO A 73 29.91 3.11 6.24
C PRO A 73 28.65 3.10 5.37
N GLY A 74 27.74 2.18 5.69
CA GLY A 74 26.50 1.99 4.96
C GLY A 74 25.76 0.76 5.51
N VAL A 75 24.43 0.83 5.53
CA VAL A 75 23.54 -0.23 5.96
C VAL A 75 22.13 0.12 5.50
N ILE A 76 21.46 -0.81 4.82
CA ILE A 76 20.09 -0.66 4.34
C ILE A 76 19.14 -0.66 5.55
N GLY A 77 18.19 0.26 5.57
CA GLY A 77 17.25 0.41 6.68
C GLY A 77 16.05 1.25 6.25
N GLY A 78 15.06 0.61 5.61
CA GLY A 78 13.83 1.26 5.18
C GLY A 78 12.80 0.22 4.77
N SER A 79 11.52 0.60 4.87
CA SER A 79 10.38 -0.23 4.46
C SER A 79 9.14 0.67 4.33
N LYS A 80 8.08 0.14 3.71
CA LYS A 80 6.85 0.89 3.44
C LYS A 80 5.65 -0.07 3.44
N PRO A 81 5.06 -0.36 4.61
CA PRO A 81 3.92 -1.24 4.72
C PRO A 81 2.63 -0.54 4.29
N LYS A 82 1.56 -1.32 4.07
CA LYS A 82 0.25 -0.83 3.69
C LYS A 82 -0.79 -1.90 4.02
N VAL A 83 -1.71 -1.59 4.94
CA VAL A 83 -2.80 -2.46 5.37
C VAL A 83 -4.13 -1.90 4.82
N ALA A 84 -5.08 -2.78 4.51
CA ALA A 84 -6.41 -2.40 4.06
C ALA A 84 -7.22 -1.87 5.24
N THR A 85 -7.80 -0.66 5.10
CA THR A 85 -8.49 0.01 6.19
C THR A 85 -9.94 -0.50 6.31
N PRO A 86 -10.47 -0.63 7.53
CA PRO A 86 -11.82 -1.13 7.77
C PRO A 86 -12.89 -0.12 7.35
N LYS A 87 -12.58 1.18 7.36
CA LYS A 87 -13.51 2.25 7.08
C LYS A 87 -14.32 2.02 5.80
N VAL A 88 -13.66 1.53 4.74
CA VAL A 88 -14.28 1.26 3.45
C VAL A 88 -15.39 0.23 3.61
N VAL A 89 -15.11 -0.87 4.34
CA VAL A 89 -16.06 -1.95 4.60
C VAL A 89 -17.27 -1.43 5.38
N GLU A 90 -17.06 -0.53 6.34
CA GLU A 90 -18.12 0.04 7.16
C GLU A 90 -19.17 0.77 6.32
N LYS A 91 -18.77 1.41 5.21
CA LYS A 91 -19.62 2.33 4.48
C LYS A 91 -20.85 1.66 3.87
N ILE A 92 -20.69 0.44 3.35
CA ILE A 92 -21.79 -0.47 3.01
C ILE A 92 -22.90 -0.39 4.06
N GLY A 93 -22.53 -0.60 5.33
CA GLY A 93 -23.45 -0.51 6.46
C GLY A 93 -23.93 0.93 6.64
N ASP A 94 -23.01 1.86 6.94
CA ASP A 94 -23.33 3.21 7.39
C ASP A 94 -24.31 3.92 6.47
N TYR A 95 -24.05 3.93 5.16
CA TYR A 95 -24.86 4.66 4.21
C TYR A 95 -26.25 4.04 4.07
N LYS A 96 -26.36 2.70 4.17
CA LYS A 96 -27.64 2.04 4.20
C LYS A 96 -28.40 2.37 5.50
N ARG A 97 -27.70 2.42 6.63
CA ARG A 97 -28.28 2.76 7.93
C ARG A 97 -28.81 4.20 7.91
N GLN A 98 -28.03 5.14 7.36
CA GLN A 98 -28.40 6.55 7.26
C GLN A 98 -29.56 6.73 6.29
N ASN A 99 -29.42 6.22 5.06
CA ASN A 99 -30.39 6.30 3.98
C ASN A 99 -30.82 4.89 3.59
N PRO A 100 -31.84 4.32 4.24
CA PRO A 100 -32.35 2.99 3.91
C PRO A 100 -33.16 3.05 2.61
N THR A 101 -34.02 4.07 2.48
CA THR A 101 -34.97 4.26 1.40
C THR A 101 -34.34 4.05 0.01
N MET A 102 -33.17 4.63 -0.25
CA MET A 102 -32.55 4.53 -1.56
C MET A 102 -31.89 3.17 -1.78
N PHE A 103 -31.41 2.98 -3.01
CA PHE A 103 -30.94 1.70 -3.54
C PHE A 103 -29.46 1.47 -3.23
N ALA A 104 -28.91 0.37 -3.75
CA ALA A 104 -27.49 0.03 -3.65
C ALA A 104 -26.62 1.00 -4.46
N TRP A 105 -27.09 1.49 -5.61
CA TRP A 105 -26.31 2.43 -6.41
C TRP A 105 -26.05 3.74 -5.67
N GLU A 106 -26.99 4.16 -4.81
CA GLU A 106 -26.80 5.31 -3.92
C GLU A 106 -25.59 5.11 -3.02
N ILE A 107 -25.36 3.88 -2.54
CA ILE A 107 -24.24 3.55 -1.67
C ILE A 107 -22.91 3.67 -2.44
N ARG A 108 -22.85 3.14 -3.67
CA ARG A 108 -21.68 3.26 -4.53
C ARG A 108 -21.37 4.74 -4.81
N ASP A 109 -22.39 5.49 -5.23
CA ASP A 109 -22.25 6.89 -5.62
C ASP A 109 -21.82 7.75 -4.42
N ARG A 110 -22.39 7.49 -3.24
CA ARG A 110 -22.08 8.25 -2.03
C ARG A 110 -20.59 8.19 -1.67
N LEU A 111 -19.94 7.04 -1.86
CA LEU A 111 -18.50 6.91 -1.62
C LEU A 111 -17.72 7.94 -2.42
N LEU A 112 -18.05 8.09 -3.72
CA LEU A 112 -17.37 8.98 -4.63
C LEU A 112 -17.75 10.44 -4.37
N ALA A 113 -19.01 10.69 -4.00
CA ALA A 113 -19.51 12.02 -3.66
C ALA A 113 -18.75 12.59 -2.45
N GLU A 114 -18.60 11.78 -1.39
CA GLU A 114 -17.85 12.14 -0.21
C GLU A 114 -16.33 12.11 -0.47
N GLY A 115 -15.90 11.27 -1.42
CA GLY A 115 -14.51 11.19 -1.86
C GLY A 115 -13.71 10.29 -0.91
N VAL A 116 -14.17 9.04 -0.78
CA VAL A 116 -13.63 8.06 0.16
C VAL A 116 -12.53 7.21 -0.49
N CYS A 117 -12.77 6.75 -1.73
CA CYS A 117 -11.84 5.92 -2.48
C CYS A 117 -12.08 6.15 -3.98
N ASP A 118 -11.13 5.78 -4.84
CA ASP A 118 -11.11 6.17 -6.25
C ASP A 118 -12.25 5.56 -7.06
N ASN A 119 -12.61 6.24 -8.16
CA ASN A 119 -13.76 6.00 -9.03
C ASN A 119 -14.07 4.52 -9.28
N ASP A 120 -13.07 3.73 -9.67
CA ASP A 120 -13.23 2.32 -10.01
C ASP A 120 -13.16 1.47 -8.73
N THR A 121 -12.11 1.70 -7.94
CA THR A 121 -11.66 0.85 -6.84
C THR A 121 -12.75 0.56 -5.81
N VAL A 122 -13.63 1.53 -5.53
CA VAL A 122 -14.80 1.35 -4.67
C VAL A 122 -15.55 0.05 -4.99
N PRO A 123 -16.10 -0.65 -3.99
CA PRO A 123 -16.79 -1.92 -4.19
C PRO A 123 -18.03 -1.76 -5.06
N SER A 124 -18.32 -2.80 -5.86
CA SER A 124 -19.36 -2.79 -6.87
C SER A 124 -20.74 -2.58 -6.27
N VAL A 125 -21.67 -2.07 -7.07
CA VAL A 125 -23.09 -1.99 -6.72
C VAL A 125 -23.61 -3.38 -6.38
N SER A 126 -23.18 -4.39 -7.16
CA SER A 126 -23.46 -5.79 -6.91
C SER A 126 -22.92 -6.22 -5.55
N SER A 127 -21.66 -5.88 -5.24
CA SER A 127 -21.01 -6.27 -3.99
C SER A 127 -21.81 -5.69 -2.82
N ILE A 128 -21.80 -4.37 -2.66
CA ILE A 128 -22.41 -3.68 -1.51
C ILE A 128 -23.85 -4.13 -1.27
N ASN A 129 -24.63 -4.30 -2.35
CA ASN A 129 -25.95 -4.89 -2.30
C ASN A 129 -25.89 -6.29 -1.67
N ARG A 130 -25.16 -7.21 -2.31
CA ARG A 130 -25.07 -8.61 -1.93
C ARG A 130 -24.62 -8.80 -0.48
N ILE A 131 -23.71 -7.96 0.02
CA ILE A 131 -23.22 -8.08 1.39
C ILE A 131 -24.42 -7.97 2.36
N ILE A 132 -25.33 -7.01 2.11
CA ILE A 132 -26.51 -6.78 2.93
C ILE A 132 -27.62 -7.79 2.58
N ARG A 133 -27.69 -8.32 1.35
CA ARG A 133 -28.68 -9.35 1.01
C ARG A 133 -28.55 -10.57 1.91
N THR A 134 -27.33 -10.93 2.34
CA THR A 134 -27.14 -12.01 3.32
C THR A 134 -27.82 -11.67 4.66
N LYS A 135 -27.91 -10.37 4.99
CA LYS A 135 -28.74 -9.88 6.08
C LYS A 135 -30.16 -9.72 5.53
N VAL A 136 -30.68 -8.47 5.40
CA VAL A 136 -32.01 -8.20 4.85
C VAL A 136 -31.97 -6.89 4.07
N GLN A 137 -31.33 -6.88 2.89
CA GLN A 137 -31.43 -5.78 1.95
C GLN A 137 -32.73 -5.94 1.16
N GLN A 138 -33.65 -4.97 1.32
CA GLN A 138 -34.90 -4.90 0.56
C GLN A 138 -34.96 -3.53 -0.10
N PRO A 139 -35.03 -3.45 -1.44
CA PRO A 139 -35.16 -2.17 -2.14
C PRO A 139 -36.59 -1.66 -1.99
N PHE A 140 -36.72 -0.41 -1.57
CA PHE A 140 -37.99 0.19 -1.17
C PHE A 140 -38.85 0.49 -2.39
N ASN A 141 -39.78 -0.41 -2.68
CA ASN A 141 -40.75 -0.29 -3.75
C ASN A 141 -42.08 -0.84 -3.24
N LEU A 142 -43.18 -0.16 -3.58
CA LEU A 142 -44.52 -0.50 -3.09
C LEU A 142 -45.54 -0.02 -4.14
N PRO A 143 -45.68 -0.76 -5.26
CA PRO A 143 -46.57 -0.38 -6.36
C PRO A 143 -48.00 -0.81 -6.02
N MET A 144 -48.59 -0.17 -5.01
CA MET A 144 -49.91 -0.48 -4.47
C MET A 144 -50.65 0.83 -4.21
N ASP A 145 -51.92 0.89 -4.65
CA ASP A 145 -52.79 2.04 -4.48
C ASP A 145 -54.24 1.57 -4.40
N SER A 146 -55.12 2.41 -3.84
CA SER A 146 -56.55 2.14 -3.71
C SER A 146 -57.28 3.48 -3.51
N GLY A 147 -58.51 3.56 -4.02
CA GLY A 147 -59.33 4.77 -3.91
C GLY A 147 -60.67 4.55 -4.62
N ALA A 148 -61.53 3.73 -4.02
CA ALA A 148 -62.85 3.39 -4.55
C ALA A 148 -63.92 3.60 -3.47
N PRO A 149 -64.24 4.85 -3.12
CA PRO A 149 -65.27 5.17 -2.14
C PRO A 149 -66.67 4.98 -2.76
N GLY A 150 -67.72 5.07 -1.93
CA GLY A 150 -69.09 4.94 -2.37
C GLY A 150 -70.05 5.25 -1.22
N GLY A 151 -71.32 5.55 -1.57
CA GLY A 151 -72.37 5.88 -0.62
C GLY A 151 -73.59 6.43 -1.35
N GLY A 152 -74.64 6.76 -0.59
CA GLY A 152 -75.87 7.32 -1.12
C GLY A 152 -76.88 7.55 0.00
N SER A 153 -78.04 8.13 -0.34
CA SER A 153 -79.11 8.47 0.59
C SER A 153 -80.46 8.33 -0.09
N HIS A 154 -81.52 8.15 0.71
CA HIS A 154 -82.91 8.05 0.26
C HIS A 154 -83.84 8.28 1.44
N HIS A 155 -85.16 8.35 1.16
CA HIS A 155 -86.21 8.47 2.15
C HIS A 155 -87.53 8.00 1.55
N HIS A 156 -88.61 8.01 2.35
CA HIS A 156 -89.95 7.65 1.92
C HIS A 156 -90.97 8.25 2.88
N HIS A 157 -92.19 8.49 2.37
CA HIS A 157 -93.34 8.92 3.15
C HIS A 157 -94.62 8.51 2.41
N HIS A 158 -95.73 8.37 3.15
CA HIS A 158 -97.05 8.13 2.60
C HIS A 158 -97.81 9.46 2.53
N HIS A 159 -99.03 9.53 3.09
CA HIS A 159 -99.73 10.79 3.31
C HIS A 159 -98.98 11.67 4.31
N MET A 1 13.76 33.47 -68.23
CA MET A 1 15.08 33.91 -67.75
C MET A 1 15.72 32.83 -66.86
N PRO A 2 16.30 31.77 -67.44
CA PRO A 2 16.89 30.68 -66.66
C PRO A 2 18.20 31.13 -66.03
N HIS A 3 18.38 30.80 -64.75
CA HIS A 3 19.58 31.13 -63.98
C HIS A 3 19.63 30.24 -62.73
N ASN A 4 20.78 30.21 -62.06
CA ASN A 4 20.98 29.46 -60.83
C ASN A 4 22.19 30.02 -60.09
N SER A 5 22.37 29.60 -58.83
CA SER A 5 23.52 29.94 -58.01
C SER A 5 23.78 28.81 -57.02
N ILE A 6 25.06 28.51 -56.75
CA ILE A 6 25.48 27.45 -55.86
C ILE A 6 26.89 27.77 -55.35
N ARG A 7 27.13 27.53 -54.06
CA ARG A 7 28.42 27.70 -53.41
C ARG A 7 28.68 26.47 -52.53
N SER A 8 29.96 26.17 -52.28
CA SER A 8 30.40 25.05 -51.47
C SER A 8 31.64 25.47 -50.68
N GLY A 9 31.86 24.85 -49.51
CA GLY A 9 33.00 25.12 -48.67
C GLY A 9 32.99 24.23 -47.42
N HIS A 10 34.11 24.24 -46.68
CA HIS A 10 34.31 23.45 -45.47
C HIS A 10 35.52 23.99 -44.72
N GLY A 11 35.70 23.57 -43.46
CA GLY A 11 36.80 23.98 -42.62
C GLY A 11 36.70 23.34 -41.24
N GLY A 12 37.58 23.75 -40.33
CA GLY A 12 37.61 23.26 -38.95
C GLY A 12 38.67 24.02 -38.15
N LEU A 13 38.65 23.84 -36.83
CA LEU A 13 39.55 24.50 -35.88
C LEU A 13 40.01 23.48 -34.83
N ASN A 14 41.12 23.80 -34.15
CA ASN A 14 41.70 23.02 -33.08
C ASN A 14 42.58 23.93 -32.23
N GLN A 15 42.64 23.65 -30.92
CA GLN A 15 43.47 24.38 -29.97
C GLN A 15 44.13 23.37 -29.02
N LEU A 16 45.40 23.61 -28.69
CA LEU A 16 46.17 22.80 -27.76
C LEU A 16 46.06 23.42 -26.36
N GLY A 17 46.10 22.57 -25.32
CA GLY A 17 46.04 22.99 -23.94
C GLY A 17 46.20 21.79 -23.01
N GLY A 18 46.23 22.04 -21.69
CA GLY A 18 46.39 21.00 -20.69
C GLY A 18 46.41 21.61 -19.30
N ALA A 19 45.29 22.21 -18.89
CA ALA A 19 45.12 22.81 -17.57
C ALA A 19 43.62 22.82 -17.23
N PHE A 20 43.29 22.54 -15.96
CA PHE A 20 41.93 22.40 -15.49
C PHE A 20 41.21 21.33 -16.32
N VAL A 21 41.72 20.10 -16.21
CA VAL A 21 41.28 18.95 -16.95
C VAL A 21 41.47 17.69 -16.10
N ASN A 22 42.70 17.45 -15.60
CA ASN A 22 43.04 16.33 -14.74
C ASN A 22 43.58 16.86 -13.41
N GLY A 23 43.27 16.17 -12.30
CA GLY A 23 43.74 16.52 -10.96
C GLY A 23 42.92 17.66 -10.35
N ARG A 24 42.90 18.81 -11.03
CA ARG A 24 42.29 20.06 -10.58
C ARG A 24 40.83 19.85 -10.15
N PRO A 25 40.31 20.68 -9.22
CA PRO A 25 38.97 20.54 -8.67
C PRO A 25 37.92 20.99 -9.69
N LEU A 26 37.56 20.08 -10.60
CA LEU A 26 36.54 20.28 -11.61
C LEU A 26 35.15 19.98 -11.02
N PRO A 27 34.06 20.35 -11.72
CA PRO A 27 32.69 20.06 -11.31
C PRO A 27 32.38 18.56 -11.53
N GLU A 28 31.11 18.20 -11.76
CA GLU A 28 30.61 16.83 -11.87
C GLU A 28 31.43 15.95 -12.82
N VAL A 29 32.03 16.53 -13.86
CA VAL A 29 32.90 15.82 -14.81
C VAL A 29 34.04 15.06 -14.11
N VAL A 30 34.46 15.49 -12.91
CA VAL A 30 35.38 14.76 -12.04
C VAL A 30 34.96 13.29 -11.92
N ARG A 31 33.66 13.01 -11.78
CA ARG A 31 33.12 11.65 -11.74
C ARG A 31 33.69 10.81 -12.88
N GLN A 32 33.64 11.33 -14.11
CA GLN A 32 34.16 10.65 -15.30
C GLN A 32 35.67 10.45 -15.20
N ARG A 33 36.41 11.38 -14.58
CA ARG A 33 37.84 11.22 -14.32
C ARG A 33 38.07 10.06 -13.35
N ILE A 34 37.21 9.90 -12.31
CA ILE A 34 37.33 8.81 -11.36
C ILE A 34 37.12 7.48 -12.09
N VAL A 35 36.09 7.40 -12.93
CA VAL A 35 35.79 6.23 -13.75
C VAL A 35 36.99 5.88 -14.61
N ASP A 36 37.48 6.84 -15.41
CA ASP A 36 38.66 6.69 -16.26
C ASP A 36 39.88 6.19 -15.50
N LEU A 37 40.18 6.85 -14.37
CA LEU A 37 41.38 6.60 -13.60
C LEU A 37 41.36 5.21 -12.96
N ALA A 38 40.23 4.84 -12.36
CA ALA A 38 40.05 3.49 -11.83
C ALA A 38 40.17 2.46 -12.96
N HIS A 39 39.47 2.69 -14.08
CA HIS A 39 39.40 1.79 -15.22
C HIS A 39 40.78 1.48 -15.80
N GLN A 40 41.60 2.51 -16.06
CA GLN A 40 42.91 2.31 -16.66
C GLN A 40 43.88 1.54 -15.75
N GLY A 41 43.58 1.46 -14.44
CA GLY A 41 44.28 0.62 -13.49
C GLY A 41 45.42 1.40 -12.84
N VAL A 42 45.10 2.15 -11.77
CA VAL A 42 46.02 3.10 -11.14
C VAL A 42 45.89 2.97 -9.63
N ARG A 43 46.96 2.51 -8.96
CA ARG A 43 47.05 2.44 -7.50
C ARG A 43 47.02 3.85 -6.92
N PRO A 44 46.67 4.06 -5.64
CA PRO A 44 46.85 5.33 -4.97
C PRO A 44 48.30 5.82 -5.07
N CYS A 45 49.27 4.89 -4.98
CA CYS A 45 50.68 5.16 -5.21
C CYS A 45 50.93 5.75 -6.59
N ASP A 46 50.28 5.19 -7.61
CA ASP A 46 50.37 5.65 -8.99
C ASP A 46 49.72 7.02 -9.16
N ILE A 47 48.62 7.31 -8.46
CA ILE A 47 48.05 8.66 -8.44
C ILE A 47 49.10 9.62 -7.88
N SER A 48 49.67 9.32 -6.71
CA SER A 48 50.64 10.18 -6.05
C SER A 48 51.74 10.66 -6.99
N ARG A 49 52.39 9.73 -7.71
CA ARG A 49 53.45 10.10 -8.65
C ARG A 49 52.88 10.87 -9.86
N GLN A 50 51.84 10.36 -10.54
CA GLN A 50 51.34 10.95 -11.77
C GLN A 50 50.81 12.38 -11.56
N LEU A 51 50.21 12.66 -10.40
CA LEU A 51 49.67 13.97 -10.06
C LEU A 51 50.70 14.82 -9.31
N ARG A 52 51.80 14.22 -8.84
CA ARG A 52 52.85 14.85 -8.07
C ARG A 52 52.30 15.40 -6.75
N VAL A 53 51.82 14.49 -5.91
CA VAL A 53 51.28 14.75 -4.58
C VAL A 53 51.70 13.63 -3.61
N SER A 54 51.34 13.78 -2.34
CA SER A 54 51.72 12.84 -1.27
C SER A 54 50.72 11.67 -1.20
N HIS A 55 49.53 11.93 -0.67
CA HIS A 55 48.50 10.91 -0.40
C HIS A 55 47.21 11.57 0.12
N GLY A 56 47.34 12.60 0.96
CA GLY A 56 46.20 13.36 1.47
C GLY A 56 45.35 13.93 0.33
N CYS A 57 46.02 14.45 -0.70
CA CYS A 57 45.39 14.98 -1.91
C CYS A 57 44.69 13.85 -2.67
N VAL A 58 45.36 12.70 -2.81
CA VAL A 58 44.86 11.54 -3.54
C VAL A 58 43.47 11.16 -3.06
N SER A 59 43.31 10.94 -1.75
CA SER A 59 42.04 10.60 -1.13
C SER A 59 40.93 11.58 -1.55
N LYS A 60 41.22 12.89 -1.45
CA LYS A 60 40.25 13.95 -1.71
C LYS A 60 39.81 13.98 -3.18
N ILE A 61 40.77 14.00 -4.13
CA ILE A 61 40.43 14.07 -5.55
C ILE A 61 39.77 12.78 -6.03
N LEU A 62 40.31 11.62 -5.62
CA LEU A 62 39.86 10.30 -6.05
C LEU A 62 38.44 10.03 -5.55
N GLY A 63 38.22 10.18 -4.24
CA GLY A 63 36.99 9.78 -3.58
C GLY A 63 36.53 10.83 -2.59
N ARG A 64 35.72 11.79 -3.05
CA ARG A 64 34.95 12.64 -2.16
C ARG A 64 33.92 11.79 -1.42
N TYR A 65 33.17 10.99 -2.19
CA TYR A 65 32.01 10.22 -1.78
C TYR A 65 30.79 11.10 -1.49
N TYR A 66 30.93 12.43 -1.57
CA TYR A 66 29.85 13.39 -1.42
C TYR A 66 30.25 14.70 -2.11
N GLU A 67 30.60 14.62 -3.41
CA GLU A 67 30.88 15.78 -4.24
C GLU A 67 29.61 16.59 -4.44
N THR A 68 29.75 17.90 -4.69
CA THR A 68 28.63 18.82 -4.88
C THR A 68 28.01 18.60 -6.27
N GLY A 69 27.27 17.49 -6.43
CA GLY A 69 26.59 17.13 -7.66
C GLY A 69 26.26 15.64 -7.66
N SER A 70 26.46 14.97 -8.80
CA SER A 70 26.01 13.60 -9.03
C SER A 70 26.94 12.54 -8.43
N ILE A 71 27.45 12.77 -7.21
CA ILE A 71 28.01 11.74 -6.34
C ILE A 71 27.27 11.84 -5.01
N ARG A 72 25.93 11.85 -5.08
CA ARG A 72 25.02 11.96 -3.95
C ARG A 72 23.81 11.05 -4.22
N PRO A 73 23.98 9.72 -4.15
CA PRO A 73 22.91 8.78 -4.49
C PRO A 73 21.80 8.80 -3.43
N GLY A 74 20.55 8.66 -3.88
CA GLY A 74 19.36 8.67 -3.03
C GLY A 74 18.65 7.32 -3.07
N VAL A 75 17.34 7.34 -2.82
CA VAL A 75 16.46 6.17 -2.80
C VAL A 75 15.20 6.52 -3.59
N ILE A 76 14.09 5.84 -3.31
CA ILE A 76 12.82 6.00 -4.00
C ILE A 76 12.12 7.27 -3.50
N GLY A 77 11.94 7.38 -2.17
CA GLY A 77 11.24 8.49 -1.55
C GLY A 77 9.74 8.24 -1.53
N GLY A 78 9.29 7.33 -0.66
CA GLY A 78 7.89 7.02 -0.46
C GLY A 78 7.35 6.04 -1.50
N SER A 79 6.04 5.78 -1.44
CA SER A 79 5.33 4.85 -2.32
C SER A 79 3.82 5.15 -2.25
N LYS A 80 3.07 4.63 -3.22
CA LYS A 80 1.63 4.81 -3.34
C LYS A 80 0.96 3.46 -3.57
N PRO A 81 0.82 2.61 -2.53
CA PRO A 81 0.17 1.31 -2.65
C PRO A 81 -1.34 1.47 -2.89
N LYS A 82 -1.99 2.40 -2.17
CA LYS A 82 -3.41 2.69 -2.27
C LYS A 82 -4.23 1.43 -1.97
N VAL A 83 -3.94 0.79 -0.83
CA VAL A 83 -4.52 -0.49 -0.45
C VAL A 83 -5.98 -0.31 0.00
N ALA A 84 -6.81 -1.33 -0.28
CA ALA A 84 -8.22 -1.36 0.10
C ALA A 84 -8.38 -1.78 1.57
N THR A 85 -9.62 -1.71 2.06
CA THR A 85 -9.98 -2.08 3.43
C THR A 85 -11.48 -2.40 3.46
N PRO A 86 -11.93 -3.40 4.26
CA PRO A 86 -13.33 -3.76 4.38
C PRO A 86 -14.17 -2.64 5.01
N LYS A 87 -13.54 -1.63 5.62
CA LYS A 87 -14.24 -0.47 6.14
C LYS A 87 -15.04 0.23 5.04
N VAL A 88 -14.50 0.26 3.81
CA VAL A 88 -15.21 0.78 2.64
C VAL A 88 -16.57 0.10 2.48
N VAL A 89 -16.61 -1.23 2.60
CA VAL A 89 -17.84 -2.02 2.47
C VAL A 89 -18.82 -1.62 3.58
N GLU A 90 -18.33 -1.48 4.82
CA GLU A 90 -19.15 -1.10 5.97
C GLU A 90 -19.80 0.28 5.79
N LYS A 91 -19.21 1.18 5.00
CA LYS A 91 -19.80 2.50 4.76
C LYS A 91 -21.14 2.41 4.04
N ILE A 92 -21.36 1.40 3.19
CA ILE A 92 -22.68 1.19 2.61
C ILE A 92 -23.69 0.86 3.70
N GLY A 93 -23.28 0.03 4.68
CA GLY A 93 -24.04 -0.24 5.88
C GLY A 93 -24.43 1.05 6.59
N ASP A 94 -23.45 1.93 6.85
CA ASP A 94 -23.67 3.21 7.48
C ASP A 94 -24.62 4.09 6.68
N TYR A 95 -24.45 4.15 5.35
CA TYR A 95 -25.27 4.97 4.49
C TYR A 95 -26.72 4.49 4.40
N LYS A 96 -26.99 3.19 4.62
CA LYS A 96 -28.36 2.73 4.80
C LYS A 96 -28.99 3.25 6.10
N ARG A 97 -28.18 3.78 7.04
CA ARG A 97 -28.67 4.48 8.22
C ARG A 97 -28.84 5.97 7.91
N GLN A 98 -27.77 6.59 7.39
CA GLN A 98 -27.69 8.03 7.16
C GLN A 98 -28.75 8.45 6.13
N ASN A 99 -28.68 7.86 4.92
CA ASN A 99 -29.73 7.92 3.93
C ASN A 99 -30.71 6.76 4.22
N PRO A 100 -31.96 6.82 3.74
CA PRO A 100 -32.88 5.69 3.86
C PRO A 100 -32.43 4.51 2.99
N THR A 101 -33.26 3.45 2.97
CA THR A 101 -32.99 2.16 2.34
C THR A 101 -32.28 2.27 0.99
N MET A 102 -32.98 2.83 0.00
CA MET A 102 -32.50 3.22 -1.32
C MET A 102 -31.70 2.16 -2.10
N PHE A 103 -31.24 2.58 -3.28
CA PHE A 103 -30.61 1.74 -4.29
C PHE A 103 -29.10 1.94 -4.31
N ALA A 104 -28.38 0.88 -4.69
CA ALA A 104 -26.92 0.84 -4.78
C ALA A 104 -26.34 1.97 -5.65
N TRP A 105 -27.07 2.43 -6.67
CA TRP A 105 -26.57 3.47 -7.57
C TRP A 105 -26.43 4.80 -6.83
N GLU A 106 -27.40 5.17 -5.97
CA GLU A 106 -27.28 6.38 -5.16
C GLU A 106 -26.09 6.24 -4.21
N ILE A 107 -25.94 5.05 -3.61
CA ILE A 107 -24.83 4.78 -2.72
C ILE A 107 -23.48 4.85 -3.44
N ARG A 108 -23.42 4.53 -4.73
CA ARG A 108 -22.22 4.72 -5.54
C ARG A 108 -21.81 6.20 -5.49
N ASP A 109 -22.76 7.09 -5.77
CA ASP A 109 -22.52 8.53 -5.70
C ASP A 109 -22.11 8.95 -4.28
N ARG A 110 -22.77 8.39 -3.26
CA ARG A 110 -22.50 8.67 -1.85
C ARG A 110 -21.04 8.41 -1.50
N LEU A 111 -20.51 7.24 -1.90
CA LEU A 111 -19.14 6.82 -1.65
C LEU A 111 -18.13 7.83 -2.23
N LEU A 112 -18.27 8.15 -3.53
CA LEU A 112 -17.33 9.02 -4.21
C LEU A 112 -17.45 10.46 -3.68
N ALA A 113 -18.68 10.94 -3.49
CA ALA A 113 -18.97 12.29 -3.00
C ALA A 113 -18.36 12.54 -1.63
N GLU A 114 -18.52 11.59 -0.70
CA GLU A 114 -17.93 11.70 0.64
C GLU A 114 -16.41 11.55 0.55
N GLY A 115 -15.94 10.67 -0.35
CA GLY A 115 -14.52 10.41 -0.58
C GLY A 115 -14.06 9.20 0.23
N VAL A 116 -14.85 8.12 0.17
CA VAL A 116 -14.57 6.87 0.89
C VAL A 116 -13.49 6.08 0.14
N CYS A 117 -13.71 5.84 -1.16
CA CYS A 117 -12.83 5.08 -2.02
C CYS A 117 -13.07 5.51 -3.45
N ASP A 118 -11.98 5.71 -4.22
CA ASP A 118 -11.99 6.40 -5.51
C ASP A 118 -12.77 5.65 -6.59
N ASN A 119 -13.11 6.39 -7.66
CA ASN A 119 -13.95 6.01 -8.78
C ASN A 119 -13.84 4.54 -9.20
N ASP A 120 -12.61 4.06 -9.42
CA ASP A 120 -12.33 2.72 -9.90
C ASP A 120 -12.09 1.77 -8.73
N THR A 121 -11.34 2.23 -7.73
CA THR A 121 -10.86 1.41 -6.62
C THR A 121 -12.00 0.90 -5.73
N VAL A 122 -13.11 1.65 -5.65
CA VAL A 122 -14.33 1.27 -4.91
C VAL A 122 -14.82 -0.11 -5.36
N PRO A 123 -15.21 -1.01 -4.44
CA PRO A 123 -15.60 -2.38 -4.77
C PRO A 123 -16.91 -2.42 -5.56
N SER A 124 -17.18 -3.57 -6.18
CA SER A 124 -18.29 -3.77 -7.12
C SER A 124 -19.64 -3.39 -6.55
N VAL A 125 -20.52 -2.86 -7.41
CA VAL A 125 -21.93 -2.62 -7.14
C VAL A 125 -22.60 -3.93 -6.70
N SER A 126 -22.29 -5.02 -7.41
CA SER A 126 -22.74 -6.36 -7.10
C SER A 126 -22.39 -6.79 -5.68
N SER A 127 -21.22 -6.36 -5.18
CA SER A 127 -20.71 -6.79 -3.88
C SER A 127 -21.51 -6.12 -2.78
N ILE A 128 -21.52 -4.78 -2.74
CA ILE A 128 -22.24 -4.00 -1.74
C ILE A 128 -23.71 -4.44 -1.62
N ASN A 129 -24.33 -4.79 -2.76
CA ASN A 129 -25.70 -5.27 -2.79
C ASN A 129 -25.85 -6.59 -2.02
N ARG A 130 -25.06 -7.61 -2.37
CA ARG A 130 -25.24 -8.95 -1.84
C ARG A 130 -24.78 -9.13 -0.38
N ILE A 131 -23.99 -8.21 0.19
CA ILE A 131 -23.53 -8.34 1.59
C ILE A 131 -24.73 -8.55 2.53
N ILE A 132 -25.84 -7.83 2.26
CA ILE A 132 -27.07 -7.87 3.02
C ILE A 132 -27.54 -9.30 3.33
N ARG A 133 -27.29 -10.26 2.45
CA ARG A 133 -27.65 -11.65 2.65
C ARG A 133 -27.20 -12.17 4.03
N THR A 134 -25.97 -11.81 4.45
CA THR A 134 -25.41 -12.30 5.71
C THR A 134 -26.22 -11.83 6.92
N LYS A 135 -26.89 -10.68 6.80
CA LYS A 135 -27.75 -10.14 7.85
C LYS A 135 -29.15 -10.75 7.76
N VAL A 136 -29.66 -10.91 6.53
CA VAL A 136 -31.03 -11.33 6.28
C VAL A 136 -31.11 -12.05 4.93
N GLN A 137 -31.06 -13.38 4.98
CA GLN A 137 -31.40 -14.26 3.87
C GLN A 137 -32.14 -15.50 4.39
N GLN A 138 -32.75 -16.26 3.47
CA GLN A 138 -33.45 -17.51 3.72
C GLN A 138 -34.30 -17.46 5.00
N PRO A 139 -35.34 -16.61 5.06
CA PRO A 139 -36.15 -16.45 6.26
C PRO A 139 -36.94 -17.72 6.55
N PHE A 140 -36.83 -18.20 7.79
CA PHE A 140 -37.34 -19.50 8.22
C PHE A 140 -38.77 -19.34 8.74
N ASN A 141 -39.69 -19.03 7.83
CA ASN A 141 -41.10 -18.86 8.15
C ASN A 141 -41.73 -20.21 8.51
N LEU A 142 -42.57 -20.23 9.54
CA LEU A 142 -43.27 -21.43 9.99
C LEU A 142 -44.51 -21.00 10.80
N PRO A 143 -45.71 -21.02 10.21
CA PRO A 143 -46.93 -20.64 10.90
C PRO A 143 -47.39 -21.80 11.80
N MET A 144 -46.72 -21.96 12.95
CA MET A 144 -46.93 -23.05 13.87
C MET A 144 -48.17 -22.77 14.73
N ASP A 145 -49.35 -22.95 14.13
CA ASP A 145 -50.64 -22.81 14.81
C ASP A 145 -50.73 -23.83 15.94
N SER A 146 -50.83 -23.35 17.18
CA SER A 146 -50.81 -24.17 18.38
C SER A 146 -51.28 -23.33 19.57
N GLY A 147 -51.98 -23.97 20.52
CA GLY A 147 -52.53 -23.34 21.69
C GLY A 147 -53.77 -24.09 22.15
N ALA A 148 -53.57 -25.34 22.63
CA ALA A 148 -54.63 -26.25 23.03
C ALA A 148 -54.36 -26.78 24.45
N PRO A 149 -54.58 -25.97 25.48
CA PRO A 149 -54.34 -26.37 26.87
C PRO A 149 -55.46 -27.30 27.36
N GLY A 150 -55.19 -28.06 28.42
CA GLY A 150 -56.14 -28.99 29.02
C GLY A 150 -55.45 -29.87 30.05
N GLY A 151 -56.24 -30.73 30.72
CA GLY A 151 -55.75 -31.67 31.72
C GLY A 151 -55.66 -31.00 33.10
N GLY A 152 -56.44 -31.50 34.07
CA GLY A 152 -56.43 -31.01 35.43
C GLY A 152 -57.33 -31.85 36.32
N SER A 153 -57.13 -31.77 37.64
CA SER A 153 -57.90 -32.50 38.64
C SER A 153 -57.71 -31.81 40.00
N HIS A 154 -58.65 -32.05 40.92
CA HIS A 154 -58.62 -31.51 42.27
C HIS A 154 -59.62 -32.28 43.14
N HIS A 155 -59.36 -32.33 44.46
CA HIS A 155 -60.17 -33.03 45.44
C HIS A 155 -59.71 -32.63 46.84
N HIS A 156 -60.59 -32.81 47.83
CA HIS A 156 -60.36 -32.47 49.23
C HIS A 156 -61.41 -33.16 50.09
N HIS A 157 -61.09 -33.42 51.36
CA HIS A 157 -62.01 -33.93 52.36
C HIS A 157 -61.58 -33.42 53.74
N HIS A 158 -62.55 -33.31 54.65
CA HIS A 158 -62.37 -32.83 56.01
C HIS A 158 -63.47 -33.40 56.89
N HIS A 159 -63.29 -33.31 58.21
CA HIS A 159 -64.32 -33.61 59.19
C HIS A 159 -65.36 -32.48 59.16
N MET A 1 24.40 40.73 -63.25
CA MET A 1 23.56 39.85 -62.41
C MET A 1 23.78 40.17 -60.93
N PRO A 2 22.73 40.05 -60.08
CA PRO A 2 22.83 40.33 -58.65
C PRO A 2 23.70 39.25 -57.98
N HIS A 3 24.75 39.70 -57.28
CA HIS A 3 25.70 38.83 -56.60
C HIS A 3 26.38 39.61 -55.48
N ASN A 4 26.80 38.91 -54.43
CA ASN A 4 27.49 39.46 -53.26
C ASN A 4 26.71 40.62 -52.66
N SER A 5 25.58 40.31 -52.03
CA SER A 5 24.70 41.29 -51.41
C SER A 5 24.09 40.73 -50.14
N ILE A 6 24.95 40.29 -49.20
CA ILE A 6 24.55 39.84 -47.87
C ILE A 6 24.42 41.09 -47.02
N ARG A 7 23.34 41.85 -47.24
CA ARG A 7 23.10 43.16 -46.64
C ARG A 7 21.94 43.03 -45.65
N SER A 8 22.18 42.25 -44.59
CA SER A 8 21.16 41.85 -43.63
C SER A 8 21.83 41.44 -42.32
N GLY A 9 22.19 42.43 -41.49
CA GLY A 9 22.80 42.19 -40.19
C GLY A 9 22.89 43.51 -39.42
N HIS A 10 22.28 43.55 -38.22
CA HIS A 10 22.27 44.70 -37.34
C HIS A 10 21.90 44.24 -35.93
N GLY A 11 22.28 45.02 -34.91
CA GLY A 11 21.94 44.78 -33.53
C GLY A 11 22.11 46.05 -32.72
N GLY A 12 21.68 46.01 -31.45
CA GLY A 12 21.75 47.14 -30.53
C GLY A 12 21.02 46.81 -29.24
N LEU A 13 21.42 45.71 -28.59
CA LEU A 13 20.81 45.21 -27.36
C LEU A 13 21.37 45.98 -26.16
N ASN A 14 21.09 47.30 -26.11
CA ASN A 14 21.59 48.22 -25.11
C ASN A 14 20.47 49.19 -24.74
N GLN A 15 19.51 48.70 -23.93
CA GLN A 15 18.34 49.45 -23.52
C GLN A 15 18.67 50.42 -22.38
N LEU A 16 19.40 49.94 -21.36
CA LEU A 16 19.56 50.58 -20.06
C LEU A 16 18.21 50.66 -19.33
N GLY A 17 18.17 51.35 -18.19
CA GLY A 17 16.98 51.54 -17.39
C GLY A 17 17.30 52.37 -16.16
N GLY A 18 16.29 52.63 -15.32
CA GLY A 18 16.44 53.41 -14.10
C GLY A 18 15.15 53.36 -13.29
N ALA A 19 14.82 52.15 -12.80
CA ALA A 19 13.60 51.87 -12.05
C ALA A 19 13.80 50.61 -11.22
N PHE A 20 12.75 50.18 -10.51
CA PHE A 20 12.75 48.98 -9.68
C PHE A 20 13.81 49.07 -8.58
N VAL A 21 13.68 50.10 -7.72
CA VAL A 21 14.54 50.32 -6.56
C VAL A 21 13.68 50.14 -5.30
N ASN A 22 14.27 49.56 -4.26
CA ASN A 22 13.62 49.41 -2.95
C ASN A 22 13.60 50.75 -2.21
N GLY A 23 12.76 51.68 -2.69
CA GLY A 23 12.57 53.00 -2.13
C GLY A 23 11.96 53.93 -3.18
N ARG A 24 10.97 53.44 -3.94
CA ARG A 24 10.27 54.15 -4.99
C ARG A 24 8.82 53.65 -5.03
N PRO A 25 7.87 54.46 -5.53
CA PRO A 25 6.47 54.06 -5.66
C PRO A 25 6.35 52.99 -6.75
N LEU A 26 6.20 51.72 -6.33
CA LEU A 26 6.07 50.55 -7.18
C LEU A 26 4.80 49.79 -6.80
N PRO A 27 4.14 49.09 -7.75
CA PRO A 27 2.90 48.38 -7.51
C PRO A 27 3.14 47.09 -6.70
N GLU A 28 2.12 46.23 -6.63
CA GLU A 28 2.07 45.01 -5.81
C GLU A 28 3.31 44.12 -5.93
N VAL A 29 4.01 44.15 -7.07
CA VAL A 29 5.26 43.43 -7.29
C VAL A 29 6.26 43.60 -6.14
N VAL A 30 6.25 44.77 -5.48
CA VAL A 30 7.10 45.08 -4.34
C VAL A 30 7.04 44.00 -3.26
N ARG A 31 5.85 43.47 -2.98
CA ARG A 31 5.65 42.46 -1.96
C ARG A 31 6.51 41.21 -2.23
N GLN A 32 6.66 40.84 -3.51
CA GLN A 32 7.48 39.71 -3.92
C GLN A 32 8.97 40.00 -3.76
N ARG A 33 9.38 41.27 -3.77
CA ARG A 33 10.75 41.65 -3.42
C ARG A 33 10.97 41.39 -1.94
N ILE A 34 10.00 41.76 -1.09
CA ILE A 34 10.08 41.44 0.34
C ILE A 34 10.19 39.91 0.54
N VAL A 35 9.41 39.09 -0.18
CA VAL A 35 9.46 37.63 -0.06
C VAL A 35 10.90 37.12 -0.09
N ASP A 36 11.63 37.43 -1.17
CA ASP A 36 12.98 36.95 -1.41
C ASP A 36 13.88 37.18 -0.19
N LEU A 37 14.06 38.44 0.21
CA LEU A 37 14.96 38.77 1.30
C LEU A 37 14.46 38.19 2.63
N ALA A 38 13.15 38.32 2.90
CA ALA A 38 12.54 37.84 4.14
C ALA A 38 12.81 36.35 4.37
N HIS A 39 12.78 35.55 3.30
CA HIS A 39 12.93 34.11 3.34
C HIS A 39 14.34 33.64 3.74
N GLN A 40 15.34 34.52 3.81
CA GLN A 40 16.62 34.18 4.43
C GLN A 40 16.49 34.06 5.95
N GLY A 41 15.52 34.77 6.55
CA GLY A 41 15.34 34.89 7.98
C GLY A 41 16.11 36.11 8.48
N VAL A 42 15.53 37.30 8.31
CA VAL A 42 16.18 38.59 8.54
C VAL A 42 15.20 39.56 9.21
N ARG A 43 15.76 40.53 9.94
CA ARG A 43 15.05 41.62 10.60
C ARG A 43 15.55 42.95 10.03
N PRO A 44 14.74 44.03 10.02
CA PRO A 44 15.07 45.29 9.38
C PRO A 44 16.40 45.90 9.85
N CYS A 45 16.72 45.75 11.14
CA CYS A 45 18.00 46.17 11.71
C CYS A 45 19.17 45.48 11.01
N ASP A 46 18.99 44.21 10.63
CA ASP A 46 20.01 43.39 9.99
C ASP A 46 20.07 43.60 8.47
N ILE A 47 18.93 43.92 7.84
CA ILE A 47 18.91 44.35 6.43
C ILE A 47 19.93 45.48 6.25
N SER A 48 19.87 46.48 7.14
CA SER A 48 20.74 47.65 7.09
C SER A 48 22.22 47.29 6.94
N ARG A 49 22.73 46.37 7.78
CA ARG A 49 24.15 46.03 7.77
C ARG A 49 24.52 45.12 6.60
N GLN A 50 23.73 44.07 6.31
CA GLN A 50 24.05 43.12 5.26
C GLN A 50 24.10 43.81 3.89
N LEU A 51 23.08 44.61 3.58
CA LEU A 51 22.99 45.35 2.34
C LEU A 51 23.80 46.65 2.43
N ARG A 52 24.38 46.95 3.60
CA ARG A 52 25.21 48.10 3.89
C ARG A 52 24.59 49.41 3.38
N VAL A 53 23.45 49.76 3.97
CA VAL A 53 22.69 50.97 3.72
C VAL A 53 22.39 51.67 5.05
N SER A 54 22.06 52.96 4.99
CA SER A 54 21.49 53.69 6.11
C SER A 54 20.01 53.34 6.23
N HIS A 55 19.21 53.74 5.23
CA HIS A 55 17.77 53.47 5.18
C HIS A 55 17.33 53.28 3.72
N GLY A 56 17.98 52.36 2.99
CA GLY A 56 17.69 52.07 1.60
C GLY A 56 16.84 50.79 1.52
N CYS A 57 17.51 49.63 1.56
CA CYS A 57 16.90 48.31 1.57
C CYS A 57 15.96 48.11 2.78
N VAL A 58 16.12 48.92 3.82
CA VAL A 58 15.19 49.05 4.95
C VAL A 58 13.74 49.22 4.48
N SER A 59 13.51 49.76 3.27
CA SER A 59 12.21 49.90 2.64
C SER A 59 11.38 48.59 2.63
N LYS A 60 12.03 47.42 2.76
CA LYS A 60 11.37 46.12 2.91
C LYS A 60 10.35 46.09 4.05
N ILE A 61 10.48 46.99 5.04
CA ILE A 61 9.47 47.27 6.06
C ILE A 61 8.06 47.36 5.46
N LEU A 62 7.93 47.98 4.28
CA LEU A 62 6.70 48.14 3.53
C LEU A 62 5.90 46.85 3.45
N GLY A 63 6.45 45.82 2.79
CA GLY A 63 5.72 44.58 2.54
C GLY A 63 5.57 43.75 3.82
N ARG A 64 6.63 43.68 4.65
CA ARG A 64 6.63 42.82 5.82
C ARG A 64 5.64 43.28 6.89
N TYR A 65 5.17 44.53 6.86
CA TYR A 65 4.01 44.95 7.66
C TYR A 65 2.83 44.03 7.40
N TYR A 66 2.50 43.87 6.11
CA TYR A 66 1.26 43.25 5.65
C TYR A 66 1.38 41.73 5.62
N GLU A 67 2.57 41.24 5.26
CA GLU A 67 2.89 39.83 5.07
C GLU A 67 2.03 39.19 3.97
N THR A 68 1.68 39.97 2.95
CA THR A 68 0.84 39.54 1.83
C THR A 68 1.68 38.82 0.78
N GLY A 69 1.04 38.39 -0.31
CA GLY A 69 1.66 37.65 -1.39
C GLY A 69 2.07 36.27 -0.91
N SER A 70 3.33 36.15 -0.48
CA SER A 70 3.88 34.92 0.08
C SER A 70 4.98 35.22 1.11
N ILE A 71 4.89 36.33 1.85
CA ILE A 71 5.90 36.74 2.82
C ILE A 71 5.63 35.99 4.13
N ARG A 72 5.70 34.66 4.07
CA ARG A 72 5.38 33.77 5.18
C ARG A 72 6.26 32.53 5.08
N PRO A 73 7.53 32.61 5.49
CA PRO A 73 8.45 31.48 5.48
C PRO A 73 8.16 30.56 6.67
N GLY A 74 7.07 29.80 6.55
CA GLY A 74 6.61 28.90 7.60
C GLY A 74 5.22 28.36 7.23
N VAL A 75 5.18 27.48 6.24
CA VAL A 75 3.96 26.85 5.75
C VAL A 75 4.15 25.33 5.69
N ILE A 76 4.64 24.76 6.80
CA ILE A 76 4.86 23.32 6.94
C ILE A 76 3.50 22.64 7.06
N GLY A 77 3.29 21.54 6.31
CA GLY A 77 2.06 20.79 6.30
C GLY A 77 2.19 19.54 5.44
N GLY A 78 1.07 18.86 5.20
CA GLY A 78 1.01 17.64 4.41
C GLY A 78 -0.43 17.15 4.29
N SER A 79 -0.60 15.89 3.91
CA SER A 79 -1.90 15.23 3.78
C SER A 79 -1.70 13.72 3.91
N LYS A 80 -2.68 13.03 4.50
CA LYS A 80 -2.70 11.59 4.62
C LYS A 80 -2.92 10.95 3.24
N PRO A 81 -2.45 9.72 3.03
CA PRO A 81 -2.56 9.02 1.74
C PRO A 81 -3.97 8.47 1.49
N LYS A 82 -4.73 8.17 2.55
CA LYS A 82 -6.01 7.46 2.50
C LYS A 82 -5.78 6.04 1.97
N VAL A 83 -5.12 5.21 2.77
CA VAL A 83 -4.79 3.83 2.41
C VAL A 83 -6.08 3.02 2.24
N ALA A 84 -6.06 2.08 1.29
CA ALA A 84 -7.19 1.20 0.99
C ALA A 84 -7.49 0.28 2.17
N THR A 85 -8.77 -0.10 2.32
CA THR A 85 -9.25 -0.94 3.41
C THR A 85 -10.58 -1.57 3.00
N PRO A 86 -10.86 -2.82 3.42
CA PRO A 86 -12.16 -3.45 3.20
C PRO A 86 -13.27 -2.77 4.00
N LYS A 87 -12.94 -1.95 4.99
CA LYS A 87 -13.92 -1.22 5.81
C LYS A 87 -14.83 -0.31 4.98
N VAL A 88 -14.41 0.08 3.77
CA VAL A 88 -15.26 0.77 2.82
C VAL A 88 -16.60 0.05 2.65
N VAL A 89 -16.61 -1.29 2.63
CA VAL A 89 -17.84 -2.10 2.60
C VAL A 89 -18.79 -1.68 3.73
N GLU A 90 -18.26 -1.53 4.95
CA GLU A 90 -19.04 -1.10 6.11
C GLU A 90 -19.57 0.32 5.92
N LYS A 91 -18.87 1.17 5.15
CA LYS A 91 -19.33 2.53 4.88
C LYS A 91 -20.54 2.53 3.94
N ILE A 92 -20.59 1.63 2.93
CA ILE A 92 -21.85 1.41 2.21
C ILE A 92 -22.91 0.97 3.21
N GLY A 93 -22.55 0.05 4.12
CA GLY A 93 -23.39 -0.39 5.22
C GLY A 93 -24.07 0.77 5.94
N ASP A 94 -23.28 1.70 6.49
CA ASP A 94 -23.79 2.82 7.28
C ASP A 94 -24.58 3.81 6.43
N TYR A 95 -24.10 4.17 5.24
CA TYR A 95 -24.84 5.06 4.36
C TYR A 95 -26.22 4.45 4.01
N LYS A 96 -26.31 3.14 3.76
CA LYS A 96 -27.57 2.47 3.50
C LYS A 96 -28.46 2.42 4.75
N ARG A 97 -27.89 2.07 5.91
CA ARG A 97 -28.58 2.07 7.20
C ARG A 97 -29.22 3.43 7.48
N GLN A 98 -28.43 4.51 7.40
CA GLN A 98 -28.91 5.85 7.71
C GLN A 98 -29.90 6.35 6.66
N ASN A 99 -29.65 6.04 5.38
CA ASN A 99 -30.48 6.44 4.24
C ASN A 99 -30.88 5.19 3.44
N PRO A 100 -32.00 4.54 3.79
CA PRO A 100 -32.44 3.29 3.17
C PRO A 100 -33.01 3.49 1.77
N THR A 101 -33.53 4.68 1.45
CA THR A 101 -34.11 4.97 0.15
C THR A 101 -33.03 5.00 -0.93
N MET A 102 -31.86 5.57 -0.64
CA MET A 102 -30.73 5.55 -1.57
C MET A 102 -30.28 4.12 -1.81
N PHE A 103 -30.36 3.70 -3.08
CA PHE A 103 -30.05 2.35 -3.54
C PHE A 103 -28.55 2.20 -3.77
N ALA A 104 -28.11 0.99 -4.16
CA ALA A 104 -26.71 0.62 -4.31
C ALA A 104 -25.87 1.69 -5.01
N TRP A 105 -26.24 2.04 -6.24
CA TRP A 105 -25.54 3.05 -7.05
C TRP A 105 -25.52 4.42 -6.36
N GLU A 106 -26.63 4.80 -5.70
CA GLU A 106 -26.75 6.08 -5.02
C GLU A 106 -25.75 6.14 -3.86
N ILE A 107 -25.70 5.08 -3.04
CA ILE A 107 -24.78 4.95 -1.94
C ILE A 107 -23.32 4.92 -2.42
N ARG A 108 -23.07 4.21 -3.52
CA ARG A 108 -21.76 4.16 -4.18
C ARG A 108 -21.28 5.58 -4.46
N ASP A 109 -22.15 6.39 -5.10
CA ASP A 109 -21.87 7.79 -5.41
C ASP A 109 -21.71 8.65 -4.15
N ARG A 110 -22.41 8.29 -3.05
CA ARG A 110 -22.31 8.98 -1.76
C ARG A 110 -20.84 9.01 -1.27
N LEU A 111 -20.10 7.92 -1.44
CA LEU A 111 -18.69 7.83 -1.09
C LEU A 111 -17.83 8.74 -1.96
N LEU A 112 -18.16 8.84 -3.25
CA LEU A 112 -17.44 9.69 -4.19
C LEU A 112 -17.66 11.16 -3.81
N ALA A 113 -18.91 11.52 -3.48
CA ALA A 113 -19.29 12.84 -3.00
C ALA A 113 -18.60 13.17 -1.68
N GLU A 114 -18.45 12.19 -0.77
CA GLU A 114 -17.73 12.36 0.48
C GLU A 114 -16.24 12.58 0.22
N GLY A 115 -15.70 11.91 -0.81
CA GLY A 115 -14.29 11.94 -1.18
C GLY A 115 -13.52 10.89 -0.40
N VAL A 116 -14.10 9.69 -0.30
CA VAL A 116 -13.57 8.55 0.44
C VAL A 116 -12.74 7.67 -0.49
N CYS A 117 -13.26 7.39 -1.69
CA CYS A 117 -12.67 6.46 -2.64
C CYS A 117 -13.05 6.88 -4.07
N ASP A 118 -12.49 6.14 -5.06
CA ASP A 118 -12.70 6.37 -6.48
C ASP A 118 -13.81 5.46 -7.02
N ASN A 119 -14.43 5.91 -8.12
CA ASN A 119 -15.52 5.25 -8.84
C ASN A 119 -15.30 3.77 -9.15
N ASP A 120 -14.04 3.33 -9.33
CA ASP A 120 -13.71 1.94 -9.62
C ASP A 120 -13.33 1.22 -8.33
N THR A 121 -12.50 1.87 -7.49
CA THR A 121 -11.98 1.29 -6.27
C THR A 121 -13.07 0.92 -5.27
N VAL A 122 -14.15 1.72 -5.21
CA VAL A 122 -15.33 1.45 -4.39
C VAL A 122 -15.85 0.03 -4.68
N PRO A 123 -16.18 -0.76 -3.65
CA PRO A 123 -16.48 -2.18 -3.81
C PRO A 123 -17.74 -2.44 -4.63
N SER A 124 -17.79 -3.65 -5.21
CA SER A 124 -18.81 -4.09 -6.16
C SER A 124 -20.23 -3.93 -5.61
N VAL A 125 -21.13 -3.43 -6.47
CA VAL A 125 -22.57 -3.38 -6.26
C VAL A 125 -23.10 -4.76 -5.91
N SER A 126 -22.64 -5.80 -6.61
CA SER A 126 -22.99 -7.18 -6.34
C SER A 126 -22.52 -7.62 -4.95
N SER A 127 -21.34 -7.16 -4.51
CA SER A 127 -20.78 -7.54 -3.22
C SER A 127 -21.62 -6.93 -2.10
N ILE A 128 -21.67 -5.59 -2.03
CA ILE A 128 -22.46 -4.87 -1.03
C ILE A 128 -23.91 -5.34 -0.99
N ASN A 129 -24.51 -5.63 -2.15
CA ASN A 129 -25.86 -6.20 -2.20
C ASN A 129 -25.90 -7.52 -1.44
N ARG A 130 -25.01 -8.47 -1.77
CA ARG A 130 -24.93 -9.75 -1.08
C ARG A 130 -24.69 -9.58 0.42
N ILE A 131 -23.90 -8.58 0.85
CA ILE A 131 -23.73 -8.33 2.29
C ILE A 131 -25.06 -7.90 2.88
N ILE A 132 -25.63 -6.79 2.43
CA ILE A 132 -26.91 -6.23 2.87
C ILE A 132 -28.03 -7.29 2.87
N ARG A 133 -28.02 -8.23 1.92
CA ARG A 133 -29.05 -9.27 1.82
C ARG A 133 -28.81 -10.31 2.90
N THR A 134 -27.64 -10.95 2.87
CA THR A 134 -27.19 -11.97 3.80
C THR A 134 -25.99 -11.40 4.55
N LYS A 135 -26.22 -10.84 5.74
CA LYS A 135 -25.20 -10.12 6.50
C LYS A 135 -23.91 -10.94 6.67
N VAL A 136 -24.06 -12.22 7.04
CA VAL A 136 -22.96 -13.17 7.10
C VAL A 136 -22.71 -13.80 5.73
N GLN A 137 -22.47 -12.94 4.72
CA GLN A 137 -22.12 -13.36 3.38
C GLN A 137 -20.66 -13.81 3.38
N GLN A 138 -20.43 -15.07 3.00
CA GLN A 138 -19.12 -15.71 2.93
C GLN A 138 -19.01 -16.44 1.60
N PRO A 139 -17.81 -16.56 1.01
CA PRO A 139 -17.61 -17.21 -0.28
C PRO A 139 -17.92 -18.71 -0.18
N PHE A 140 -18.42 -19.27 -1.28
CA PHE A 140 -18.84 -20.66 -1.36
C PHE A 140 -17.63 -21.58 -1.18
N ASN A 141 -17.74 -22.54 -0.25
CA ASN A 141 -16.63 -23.40 0.15
C ASN A 141 -17.17 -24.71 0.71
N LEU A 142 -16.33 -25.76 0.71
CA LEU A 142 -16.61 -27.09 1.24
C LEU A 142 -17.79 -27.73 0.51
N PRO A 143 -17.63 -28.10 -0.76
CA PRO A 143 -18.64 -28.82 -1.53
C PRO A 143 -18.67 -30.30 -1.12
N MET A 144 -19.68 -31.04 -1.60
CA MET A 144 -19.81 -32.47 -1.38
C MET A 144 -20.52 -33.08 -2.59
N ASP A 145 -19.74 -33.46 -3.61
CA ASP A 145 -20.25 -34.12 -4.81
C ASP A 145 -20.85 -35.48 -4.41
N SER A 146 -22.18 -35.59 -4.50
CA SER A 146 -22.92 -36.76 -4.04
C SER A 146 -24.33 -36.72 -4.66
N GLY A 147 -24.87 -37.91 -4.98
CA GLY A 147 -26.16 -38.05 -5.62
C GLY A 147 -26.26 -39.42 -6.30
N ALA A 148 -27.11 -40.30 -5.77
CA ALA A 148 -27.36 -41.62 -6.31
C ALA A 148 -28.84 -42.00 -6.18
N PRO A 149 -29.74 -41.33 -6.91
CA PRO A 149 -31.16 -41.62 -6.90
C PRO A 149 -31.47 -42.88 -7.73
N GLY A 150 -32.75 -43.28 -7.75
CA GLY A 150 -33.21 -44.42 -8.53
C GLY A 150 -32.77 -45.74 -7.90
N GLY A 151 -33.29 -46.03 -6.70
CA GLY A 151 -33.01 -47.24 -5.96
C GLY A 151 -34.33 -47.87 -5.49
N GLY A 152 -35.05 -48.49 -6.42
CA GLY A 152 -36.32 -49.15 -6.14
C GLY A 152 -36.73 -50.04 -7.30
N SER A 153 -37.37 -51.18 -6.98
CA SER A 153 -37.88 -52.14 -7.94
C SER A 153 -38.97 -52.95 -7.25
N HIS A 154 -40.19 -52.91 -7.78
CA HIS A 154 -41.38 -53.46 -7.14
C HIS A 154 -42.31 -53.99 -8.23
N HIS A 155 -42.25 -55.31 -8.47
CA HIS A 155 -43.01 -56.00 -9.52
C HIS A 155 -43.47 -57.35 -9.00
N HIS A 156 -44.55 -57.88 -9.59
CA HIS A 156 -45.11 -59.18 -9.22
C HIS A 156 -45.88 -59.78 -10.39
N HIS A 157 -46.90 -59.05 -10.88
CA HIS A 157 -47.86 -59.48 -11.91
C HIS A 157 -48.82 -60.54 -11.36
N HIS A 158 -50.04 -60.60 -11.90
CA HIS A 158 -51.00 -61.62 -11.52
C HIS A 158 -50.51 -62.99 -11.99
N HIS A 159 -50.00 -63.79 -11.06
CA HIS A 159 -49.55 -65.15 -11.30
C HIS A 159 -49.65 -65.95 -9.99
N MET A 1 44.51 -62.22 -26.48
CA MET A 1 45.90 -61.74 -26.37
C MET A 1 45.98 -60.59 -25.37
N PRO A 2 45.96 -60.87 -24.06
CA PRO A 2 45.94 -59.84 -23.03
C PRO A 2 47.30 -59.17 -22.90
N HIS A 3 47.29 -57.87 -22.56
CA HIS A 3 48.47 -57.03 -22.44
C HIS A 3 48.08 -55.73 -21.72
N ASN A 4 49.07 -54.95 -21.30
CA ASN A 4 48.89 -53.67 -20.64
C ASN A 4 50.16 -52.85 -20.77
N SER A 5 50.00 -51.52 -20.85
CA SER A 5 51.09 -50.56 -21.02
C SER A 5 50.95 -49.44 -19.99
N ILE A 6 50.91 -49.80 -18.70
CA ILE A 6 50.79 -48.85 -17.60
C ILE A 6 52.18 -48.31 -17.25
N ARG A 7 52.81 -47.65 -18.23
CA ARG A 7 54.10 -46.99 -18.11
C ARG A 7 53.92 -45.56 -18.59
N SER A 8 54.12 -44.58 -17.70
CA SER A 8 53.85 -43.18 -17.95
C SER A 8 54.82 -42.31 -17.16
N GLY A 9 55.45 -41.33 -17.84
CA GLY A 9 56.24 -40.31 -17.21
C GLY A 9 55.33 -39.31 -16.47
N HIS A 10 55.91 -38.50 -15.59
CA HIS A 10 55.18 -37.64 -14.68
C HIS A 10 56.11 -36.63 -14.02
N GLY A 11 55.54 -35.53 -13.53
CA GLY A 11 56.27 -34.44 -12.87
C GLY A 11 55.28 -33.39 -12.37
N GLY A 12 55.80 -32.21 -12.00
CA GLY A 12 55.02 -31.11 -11.48
C GLY A 12 55.77 -29.79 -11.64
N LEU A 13 55.95 -29.34 -12.89
CA LEU A 13 56.67 -28.14 -13.25
C LEU A 13 55.81 -26.91 -12.97
N ASN A 14 55.67 -26.57 -11.68
CA ASN A 14 54.91 -25.42 -11.19
C ASN A 14 55.72 -24.13 -11.32
N GLN A 15 55.04 -22.98 -11.21
CA GLN A 15 55.64 -21.65 -11.26
C GLN A 15 54.99 -20.73 -10.22
N LEU A 16 55.69 -19.66 -9.87
CA LEU A 16 55.26 -18.71 -8.85
C LEU A 16 54.07 -17.88 -9.32
N GLY A 17 53.00 -17.85 -8.51
CA GLY A 17 51.89 -16.94 -8.68
C GLY A 17 52.23 -15.61 -8.01
N GLY A 18 52.31 -14.52 -8.80
CA GLY A 18 52.68 -13.19 -8.32
C GLY A 18 51.52 -12.50 -7.61
N ALA A 19 51.08 -13.06 -6.47
CA ALA A 19 50.00 -12.55 -5.65
C ALA A 19 50.52 -11.53 -4.63
N PHE A 20 49.68 -11.17 -3.65
CA PHE A 20 50.00 -10.28 -2.53
C PHE A 20 50.25 -8.85 -3.01
N VAL A 21 49.24 -8.00 -2.90
CA VAL A 21 49.24 -6.62 -3.38
C VAL A 21 49.56 -6.61 -4.88
N ASN A 22 48.76 -7.38 -5.63
CA ASN A 22 48.85 -7.53 -7.07
C ASN A 22 47.45 -7.91 -7.55
N GLY A 23 46.63 -6.90 -7.89
CA GLY A 23 45.25 -7.09 -8.33
C GLY A 23 44.29 -7.25 -7.14
N ARG A 24 44.65 -8.13 -6.20
CA ARG A 24 43.84 -8.48 -5.04
C ARG A 24 43.23 -7.27 -4.30
N PRO A 25 43.99 -6.22 -3.93
CA PRO A 25 43.44 -5.08 -3.23
C PRO A 25 42.70 -4.15 -4.21
N LEU A 26 41.49 -4.54 -4.61
CA LEU A 26 40.63 -3.75 -5.48
C LEU A 26 39.15 -3.97 -5.10
N PRO A 27 38.58 -5.19 -5.23
CA PRO A 27 37.27 -5.49 -4.66
C PRO A 27 37.34 -5.53 -3.13
N GLU A 28 36.22 -5.92 -2.49
CA GLU A 28 35.95 -5.93 -1.05
C GLU A 28 37.17 -6.25 -0.17
N VAL A 29 37.94 -7.28 -0.54
CA VAL A 29 39.10 -7.76 0.19
C VAL A 29 40.17 -6.68 0.45
N VAL A 30 40.14 -5.56 -0.30
CA VAL A 30 40.99 -4.39 -0.07
C VAL A 30 40.99 -3.98 1.41
N ARG A 31 39.82 -4.05 2.06
CA ARG A 31 39.64 -3.80 3.48
C ARG A 31 40.65 -4.60 4.31
N GLN A 32 40.69 -5.91 4.10
CA GLN A 32 41.53 -6.85 4.84
C GLN A 32 42.98 -6.83 4.34
N ARG A 33 43.23 -6.43 3.09
CA ARG A 33 44.58 -6.26 2.58
C ARG A 33 45.29 -5.12 3.32
N ILE A 34 44.61 -4.00 3.55
CA ILE A 34 45.13 -2.91 4.37
C ILE A 34 45.55 -3.45 5.73
N VAL A 35 44.65 -4.18 6.39
CA VAL A 35 44.87 -4.74 7.73
C VAL A 35 46.08 -5.67 7.73
N ASP A 36 46.04 -6.72 6.88
CA ASP A 36 47.07 -7.75 6.77
C ASP A 36 48.45 -7.16 6.49
N LEU A 37 48.52 -6.24 5.53
CA LEU A 37 49.76 -5.57 5.18
C LEU A 37 50.27 -4.77 6.36
N ALA A 38 49.45 -3.81 6.86
CA ALA A 38 49.82 -2.92 7.95
C ALA A 38 50.27 -3.68 9.20
N HIS A 39 49.66 -4.84 9.47
CA HIS A 39 49.94 -5.69 10.62
C HIS A 39 51.42 -6.01 10.79
N GLN A 40 52.16 -6.29 9.70
CA GLN A 40 53.58 -6.61 9.82
C GLN A 40 54.41 -5.41 10.29
N GLY A 41 53.88 -4.19 10.16
CA GLY A 41 54.47 -2.96 10.66
C GLY A 41 54.94 -2.10 9.49
N VAL A 42 53.99 -1.47 8.78
CA VAL A 42 54.24 -0.77 7.52
C VAL A 42 53.62 0.63 7.56
N ARG A 43 54.48 1.65 7.61
CA ARG A 43 54.10 3.05 7.40
C ARG A 43 53.66 3.25 5.93
N PRO A 44 52.89 4.29 5.60
CA PRO A 44 52.53 4.60 4.22
C PRO A 44 53.75 4.69 3.31
N CYS A 45 54.79 5.40 3.76
CA CYS A 45 56.06 5.48 3.07
C CYS A 45 56.72 4.10 2.91
N ASP A 46 56.56 3.24 3.92
CA ASP A 46 57.13 1.91 3.92
C ASP A 46 56.37 0.97 2.97
N ILE A 47 55.06 1.19 2.75
CA ILE A 47 54.31 0.50 1.71
C ILE A 47 54.89 0.92 0.36
N SER A 48 54.87 2.22 0.09
CA SER A 48 55.14 2.76 -1.24
C SER A 48 56.51 2.34 -1.77
N ARG A 49 57.55 2.30 -0.93
CA ARG A 49 58.88 1.93 -1.36
C ARG A 49 58.95 0.49 -1.88
N GLN A 50 58.26 -0.46 -1.22
CA GLN A 50 58.29 -1.87 -1.59
C GLN A 50 57.73 -2.09 -2.99
N LEU A 51 56.59 -1.46 -3.29
CA LEU A 51 55.94 -1.57 -4.60
C LEU A 51 56.63 -0.67 -5.61
N ARG A 52 57.26 0.41 -5.14
CA ARG A 52 57.96 1.45 -5.90
C ARG A 52 56.92 2.40 -6.52
N VAL A 53 56.19 3.10 -5.65
CA VAL A 53 54.99 3.86 -5.99
C VAL A 53 55.06 5.31 -5.53
N SER A 54 55.94 5.62 -4.58
CA SER A 54 56.10 6.93 -3.93
C SER A 54 54.95 7.20 -2.96
N HIS A 55 53.72 7.32 -3.48
CA HIS A 55 52.50 7.35 -2.67
C HIS A 55 51.21 7.17 -3.49
N GLY A 56 51.27 7.17 -4.83
CA GLY A 56 50.12 7.21 -5.73
C GLY A 56 48.96 6.30 -5.32
N CYS A 57 49.23 4.98 -5.20
CA CYS A 57 48.22 4.01 -4.81
C CYS A 57 47.93 4.12 -3.31
N VAL A 58 48.97 4.33 -2.50
CA VAL A 58 48.87 4.41 -1.05
C VAL A 58 47.83 5.44 -0.61
N SER A 59 47.74 6.59 -1.30
CA SER A 59 46.72 7.60 -1.10
C SER A 59 45.31 6.98 -1.07
N LYS A 60 44.97 6.24 -2.13
CA LYS A 60 43.67 5.63 -2.31
C LYS A 60 43.43 4.53 -1.27
N ILE A 61 44.41 3.62 -1.14
CA ILE A 61 44.31 2.44 -0.30
C ILE A 61 44.13 2.85 1.18
N LEU A 62 44.99 3.75 1.70
CA LEU A 62 44.86 4.26 3.06
C LEU A 62 43.61 5.15 3.20
N GLY A 63 43.18 5.80 2.12
CA GLY A 63 41.95 6.58 2.11
C GLY A 63 40.72 5.69 1.88
N ARG A 64 40.58 4.63 2.70
CA ARG A 64 39.49 3.66 2.62
C ARG A 64 38.14 4.24 3.07
N TYR A 65 38.16 5.46 3.64
CA TYR A 65 37.00 6.19 4.11
C TYR A 65 36.16 6.66 2.92
N TYR A 66 36.81 6.93 1.78
CA TYR A 66 36.16 7.21 0.51
C TYR A 66 35.56 5.93 -0.09
N GLU A 67 35.96 4.75 0.41
CA GLU A 67 35.54 3.45 -0.08
C GLU A 67 35.94 3.28 -1.55
N THR A 68 37.24 3.42 -1.82
CA THR A 68 37.82 3.41 -3.16
C THR A 68 37.50 2.12 -3.91
N GLY A 69 37.57 0.98 -3.23
CA GLY A 69 37.25 -0.32 -3.81
C GLY A 69 35.74 -0.52 -3.85
N SER A 70 35.20 -1.14 -2.78
CA SER A 70 33.80 -1.50 -2.66
C SER A 70 33.51 -1.82 -1.19
N ILE A 71 33.88 -0.89 -0.29
CA ILE A 71 34.01 -1.16 1.13
C ILE A 71 32.68 -0.86 1.84
N ARG A 72 31.61 -1.48 1.34
CA ARG A 72 30.26 -1.38 1.89
C ARG A 72 29.56 -2.74 1.72
N PRO A 73 29.99 -3.78 2.45
CA PRO A 73 29.41 -5.11 2.38
C PRO A 73 28.13 -5.17 3.21
N GLY A 74 27.04 -4.63 2.65
CA GLY A 74 25.73 -4.63 3.27
C GLY A 74 24.86 -3.49 2.74
N VAL A 75 23.54 -3.70 2.77
CA VAL A 75 22.53 -2.72 2.38
C VAL A 75 21.19 -3.13 3.02
N ILE A 76 20.66 -2.25 3.88
CA ILE A 76 19.41 -2.46 4.58
C ILE A 76 18.25 -2.04 3.68
N GLY A 77 17.19 -2.85 3.64
CA GLY A 77 15.99 -2.57 2.85
C GLY A 77 15.03 -3.76 2.87
N GLY A 78 14.05 -3.73 1.96
CA GLY A 78 13.10 -4.82 1.77
C GLY A 78 11.94 -4.76 2.76
N SER A 79 11.10 -3.73 2.64
CA SER A 79 9.88 -3.60 3.42
C SER A 79 8.77 -4.49 2.84
N LYS A 80 7.71 -4.71 3.63
CA LYS A 80 6.56 -5.52 3.23
C LYS A 80 5.32 -5.05 4.00
N PRO A 81 4.72 -3.91 3.61
CA PRO A 81 3.56 -3.34 4.27
C PRO A 81 2.28 -4.13 3.92
N LYS A 82 1.22 -3.90 4.71
CA LYS A 82 -0.08 -4.54 4.51
C LYS A 82 -1.15 -3.69 5.21
N VAL A 83 -1.87 -2.87 4.44
CA VAL A 83 -2.95 -2.02 4.94
C VAL A 83 -4.28 -2.75 4.83
N ALA A 84 -5.13 -2.62 5.85
CA ALA A 84 -6.49 -3.13 5.89
C ALA A 84 -7.25 -2.37 6.99
N THR A 85 -8.59 -2.43 6.96
CA THR A 85 -9.44 -1.73 7.93
C THR A 85 -10.84 -2.35 7.93
N PRO A 86 -11.49 -2.48 9.10
CA PRO A 86 -12.86 -2.98 9.20
C PRO A 86 -13.89 -1.96 8.69
N LYS A 87 -13.49 -0.70 8.47
CA LYS A 87 -14.35 0.33 7.90
C LYS A 87 -14.90 -0.07 6.53
N VAL A 88 -14.22 -0.98 5.81
CA VAL A 88 -14.71 -1.62 4.60
C VAL A 88 -16.09 -2.22 4.84
N VAL A 89 -16.26 -2.99 5.91
CA VAL A 89 -17.55 -3.56 6.30
C VAL A 89 -18.58 -2.44 6.51
N GLU A 90 -18.18 -1.38 7.22
CA GLU A 90 -19.06 -0.26 7.53
C GLU A 90 -19.22 0.71 6.36
N LYS A 91 -18.80 0.35 5.14
CA LYS A 91 -19.27 1.01 3.93
C LYS A 91 -20.74 0.64 3.77
N ILE A 92 -21.02 -0.67 3.69
CA ILE A 92 -22.37 -1.24 3.67
C ILE A 92 -23.16 -0.71 4.89
N GLY A 93 -22.49 -0.63 6.05
CA GLY A 93 -23.03 -0.01 7.25
C GLY A 93 -23.54 1.40 6.96
N ASP A 94 -22.63 2.37 6.86
CA ASP A 94 -22.94 3.78 6.67
C ASP A 94 -23.92 4.05 5.54
N TYR A 95 -23.82 3.30 4.44
CA TYR A 95 -24.76 3.37 3.34
C TYR A 95 -26.20 3.26 3.85
N LYS A 96 -26.55 2.14 4.47
CA LYS A 96 -27.90 1.84 4.90
C LYS A 96 -28.28 2.61 6.18
N ARG A 97 -27.32 2.83 7.09
CA ARG A 97 -27.51 3.63 8.29
C ARG A 97 -28.01 5.02 7.92
N GLN A 98 -27.29 5.70 7.03
CA GLN A 98 -27.61 7.07 6.63
C GLN A 98 -28.80 7.08 5.68
N ASN A 99 -28.74 6.29 4.60
CA ASN A 99 -29.76 6.22 3.56
C ASN A 99 -30.37 4.81 3.51
N PRO A 100 -31.34 4.49 4.38
CA PRO A 100 -32.05 3.23 4.34
C PRO A 100 -32.95 3.13 3.10
N THR A 101 -33.55 4.26 2.70
CA THR A 101 -34.52 4.36 1.61
C THR A 101 -33.90 3.99 0.26
N MET A 102 -32.85 4.70 -0.14
CA MET A 102 -32.23 4.58 -1.46
C MET A 102 -31.48 3.25 -1.62
N PHE A 103 -30.96 3.01 -2.83
CA PHE A 103 -30.53 1.70 -3.30
C PHE A 103 -29.02 1.57 -3.31
N ALA A 104 -28.52 0.32 -3.33
CA ALA A 104 -27.09 -0.01 -3.33
C ALA A 104 -26.35 0.75 -4.43
N TRP A 105 -26.90 0.71 -5.66
CA TRP A 105 -26.39 1.43 -6.83
C TRP A 105 -26.09 2.88 -6.49
N GLU A 106 -27.12 3.60 -6.00
CA GLU A 106 -27.08 5.00 -5.71
C GLU A 106 -26.07 5.30 -4.61
N ILE A 107 -26.16 4.55 -3.50
CA ILE A 107 -25.46 4.86 -2.26
C ILE A 107 -23.97 4.46 -2.34
N ARG A 108 -23.58 3.58 -3.27
CA ARG A 108 -22.17 3.37 -3.58
C ARG A 108 -21.49 4.71 -3.96
N ASP A 109 -22.21 5.63 -4.61
CA ASP A 109 -21.68 6.95 -4.98
C ASP A 109 -21.54 7.90 -3.77
N ARG A 110 -21.93 7.47 -2.56
CA ARG A 110 -21.59 8.15 -1.31
C ARG A 110 -20.09 8.45 -1.28
N LEU A 111 -19.28 7.43 -1.61
CA LEU A 111 -17.82 7.52 -1.60
C LEU A 111 -17.35 8.66 -2.51
N LEU A 112 -17.88 8.73 -3.73
CA LEU A 112 -17.49 9.73 -4.71
C LEU A 112 -17.95 11.12 -4.27
N ALA A 113 -19.19 11.23 -3.79
CA ALA A 113 -19.78 12.48 -3.34
C ALA A 113 -18.98 13.11 -2.20
N GLU A 114 -18.67 12.31 -1.17
CA GLU A 114 -17.89 12.74 -0.02
C GLU A 114 -16.42 12.95 -0.40
N GLY A 115 -15.91 12.21 -1.40
CA GLY A 115 -14.55 12.32 -1.88
C GLY A 115 -13.62 11.43 -1.07
N VAL A 116 -13.95 10.13 -1.02
CA VAL A 116 -13.24 9.11 -0.28
C VAL A 116 -12.31 8.34 -1.22
N CYS A 117 -12.82 7.94 -2.39
CA CYS A 117 -12.08 7.16 -3.37
C CYS A 117 -12.43 7.60 -4.80
N ASP A 118 -11.77 6.99 -5.78
CA ASP A 118 -11.90 7.32 -7.20
C ASP A 118 -13.08 6.58 -7.83
N ASN A 119 -13.50 7.04 -9.01
CA ASN A 119 -14.55 6.42 -9.81
C ASN A 119 -14.24 4.97 -10.18
N ASP A 120 -12.96 4.58 -10.20
CA ASP A 120 -12.50 3.24 -10.56
C ASP A 120 -12.36 2.40 -9.30
N THR A 121 -11.72 2.96 -8.26
CA THR A 121 -11.35 2.26 -7.05
C THR A 121 -12.53 1.98 -6.12
N VAL A 122 -13.65 2.68 -6.33
CA VAL A 122 -14.95 2.40 -5.72
C VAL A 122 -15.30 0.91 -5.85
N PRO A 123 -15.82 0.26 -4.79
CA PRO A 123 -16.09 -1.17 -4.79
C PRO A 123 -17.31 -1.52 -5.65
N SER A 124 -17.49 -2.83 -5.87
CA SER A 124 -18.57 -3.39 -6.67
C SER A 124 -19.93 -3.08 -6.03
N VAL A 125 -20.92 -2.74 -6.86
CA VAL A 125 -22.31 -2.69 -6.42
C VAL A 125 -22.81 -4.11 -6.13
N SER A 126 -22.43 -5.07 -6.98
CA SER A 126 -22.78 -6.48 -6.85
C SER A 126 -22.40 -7.03 -5.47
N SER A 127 -21.24 -6.63 -4.93
CA SER A 127 -20.76 -7.16 -3.67
C SER A 127 -21.66 -6.65 -2.54
N ILE A 128 -21.66 -5.33 -2.31
CA ILE A 128 -22.46 -4.67 -1.28
C ILE A 128 -23.94 -5.10 -1.35
N ASN A 129 -24.48 -5.24 -2.56
CA ASN A 129 -25.83 -5.74 -2.78
C ASN A 129 -26.00 -7.14 -2.17
N ARG A 130 -25.14 -8.09 -2.53
CA ARG A 130 -25.13 -9.43 -1.94
C ARG A 130 -24.99 -9.37 -0.42
N ILE A 131 -24.18 -8.46 0.13
CA ILE A 131 -24.05 -8.33 1.57
C ILE A 131 -25.41 -7.93 2.16
N ILE A 132 -26.05 -6.90 1.61
CA ILE A 132 -27.38 -6.43 2.01
C ILE A 132 -28.40 -7.58 2.00
N ARG A 133 -28.37 -8.47 0.99
CA ARG A 133 -29.25 -9.63 0.98
C ARG A 133 -29.12 -10.48 2.25
N THR A 134 -27.90 -10.84 2.65
CA THR A 134 -27.70 -11.68 3.83
C THR A 134 -28.22 -11.01 5.11
N LYS A 135 -28.24 -9.67 5.16
CA LYS A 135 -28.84 -8.94 6.26
C LYS A 135 -30.37 -9.01 6.16
N VAL A 136 -30.94 -8.47 5.07
CA VAL A 136 -32.36 -8.35 4.87
C VAL A 136 -32.66 -8.04 3.40
N GLN A 137 -33.11 -9.07 2.65
CA GLN A 137 -33.79 -8.90 1.37
C GLN A 137 -35.26 -9.32 1.53
N GLN A 138 -36.03 -8.51 2.26
CA GLN A 138 -37.44 -8.75 2.57
C GLN A 138 -38.30 -7.59 2.05
N PRO A 139 -38.41 -7.40 0.72
CA PRO A 139 -39.26 -6.38 0.14
C PRO A 139 -40.73 -6.79 0.27
N PHE A 140 -41.63 -5.79 0.30
CA PHE A 140 -43.06 -5.97 0.47
C PHE A 140 -43.77 -5.89 -0.88
N ASN A 141 -44.89 -6.60 -1.00
CA ASN A 141 -45.73 -6.63 -2.19
C ASN A 141 -47.14 -7.05 -1.78
N LEU A 142 -48.15 -6.66 -2.57
CA LEU A 142 -49.53 -7.01 -2.38
C LEU A 142 -50.20 -7.09 -3.76
N PRO A 143 -50.19 -8.27 -4.42
CA PRO A 143 -50.76 -8.43 -5.74
C PRO A 143 -52.28 -8.47 -5.65
N MET A 144 -52.97 -7.98 -6.69
CA MET A 144 -54.41 -7.88 -6.75
C MET A 144 -54.88 -7.66 -8.20
N ASP A 145 -56.19 -7.80 -8.41
CA ASP A 145 -56.85 -7.58 -9.69
C ASP A 145 -58.26 -7.03 -9.44
N SER A 146 -58.87 -6.44 -10.48
CA SER A 146 -60.21 -5.87 -10.42
C SER A 146 -61.26 -6.98 -10.57
N GLY A 147 -61.34 -7.86 -9.57
CA GLY A 147 -62.31 -8.94 -9.53
C GLY A 147 -63.67 -8.42 -9.07
N ALA A 148 -64.31 -7.60 -9.92
CA ALA A 148 -65.56 -6.91 -9.63
C ALA A 148 -66.61 -7.24 -10.69
N PRO A 149 -67.26 -8.41 -10.61
CA PRO A 149 -68.31 -8.82 -11.55
C PRO A 149 -69.61 -8.05 -11.27
N GLY A 150 -70.60 -8.18 -12.17
CA GLY A 150 -71.90 -7.54 -12.04
C GLY A 150 -72.84 -7.99 -13.15
N GLY A 151 -74.14 -7.67 -13.00
CA GLY A 151 -75.18 -8.01 -13.96
C GLY A 151 -76.55 -7.57 -13.43
N GLY A 152 -77.61 -7.85 -14.19
CA GLY A 152 -78.97 -7.51 -13.81
C GLY A 152 -79.99 -8.01 -14.85
N SER A 153 -81.27 -8.00 -14.46
CA SER A 153 -82.38 -8.43 -15.32
C SER A 153 -83.69 -7.88 -14.74
N HIS A 154 -84.59 -7.43 -15.62
CA HIS A 154 -85.85 -6.80 -15.24
C HIS A 154 -86.86 -7.88 -14.84
N HIS A 155 -87.28 -7.87 -13.57
CA HIS A 155 -88.30 -8.77 -13.03
C HIS A 155 -89.63 -8.03 -12.90
N HIS A 156 -90.71 -8.64 -13.37
CA HIS A 156 -92.02 -8.02 -13.54
C HIS A 156 -93.06 -9.08 -13.92
N HIS A 157 -94.33 -8.69 -14.02
CA HIS A 157 -95.43 -9.53 -14.46
C HIS A 157 -96.50 -8.68 -15.12
N HIS A 158 -97.32 -9.29 -15.99
CA HIS A 158 -98.41 -8.63 -16.66
C HIS A 158 -99.56 -8.34 -15.69
N HIS A 159 -100.39 -7.34 -16.01
CA HIS A 159 -101.52 -6.91 -15.19
C HIS A 159 -102.63 -7.97 -15.28
N MET A 1 23.74 -29.79 36.03
CA MET A 1 24.16 -29.26 34.73
C MET A 1 22.96 -28.76 33.93
N PRO A 2 23.11 -27.72 33.09
CA PRO A 2 22.04 -27.22 32.25
C PRO A 2 21.75 -28.19 31.11
N HIS A 3 20.54 -28.06 30.53
CA HIS A 3 20.11 -28.87 29.39
C HIS A 3 20.83 -28.42 28.12
N ASN A 4 20.90 -27.10 27.90
CA ASN A 4 21.46 -26.46 26.72
C ASN A 4 20.54 -26.66 25.50
N SER A 5 20.95 -26.13 24.35
CA SER A 5 20.19 -26.16 23.11
C SER A 5 21.13 -26.11 21.91
N ILE A 6 22.14 -25.23 21.96
CA ILE A 6 23.26 -25.16 21.04
C ILE A 6 22.76 -24.99 19.59
N ARG A 7 22.25 -23.79 19.28
CA ARG A 7 21.78 -23.47 17.94
C ARG A 7 22.95 -22.96 17.11
N SER A 8 22.99 -23.35 15.82
CA SER A 8 24.09 -23.09 14.91
C SER A 8 23.57 -22.54 13.58
N GLY A 9 24.50 -22.04 12.75
CA GLY A 9 24.20 -21.55 11.42
C GLY A 9 23.90 -22.71 10.45
N HIS A 10 23.75 -22.36 9.17
CA HIS A 10 23.38 -23.29 8.10
C HIS A 10 24.27 -23.07 6.89
N GLY A 11 24.26 -21.85 6.33
CA GLY A 11 25.08 -21.49 5.19
C GLY A 11 24.66 -20.14 4.62
N GLY A 12 25.40 -19.67 3.62
CA GLY A 12 25.13 -18.42 2.92
C GLY A 12 26.05 -18.32 1.71
N LEU A 13 25.52 -17.81 0.59
CA LEU A 13 26.23 -17.67 -0.67
C LEU A 13 26.00 -16.26 -1.22
N ASN A 14 26.85 -15.85 -2.18
CA ASN A 14 26.79 -14.56 -2.82
C ASN A 14 27.36 -14.67 -4.24
N GLN A 15 26.89 -13.80 -5.15
CA GLN A 15 27.38 -13.66 -6.50
C GLN A 15 27.09 -12.24 -7.00
N LEU A 16 27.76 -11.84 -8.10
CA LEU A 16 27.58 -10.56 -8.74
C LEU A 16 27.44 -10.80 -10.24
N GLY A 17 26.20 -11.00 -10.70
CA GLY A 17 25.90 -11.29 -12.09
C GLY A 17 26.07 -10.05 -12.98
N GLY A 18 26.23 -10.28 -14.28
CA GLY A 18 26.42 -9.22 -15.26
C GLY A 18 27.90 -8.82 -15.34
N ALA A 19 28.46 -8.38 -14.20
CA ALA A 19 29.86 -7.97 -14.04
C ALA A 19 30.15 -6.64 -14.75
N PHE A 20 31.40 -6.17 -14.63
CA PHE A 20 31.85 -4.87 -15.11
C PHE A 20 33.19 -5.05 -15.83
N VAL A 21 33.15 -5.67 -17.02
CA VAL A 21 34.32 -6.12 -17.76
C VAL A 21 34.59 -5.21 -18.97
N ASN A 22 35.88 -5.05 -19.31
CA ASN A 22 36.32 -4.36 -20.52
C ASN A 22 35.85 -5.13 -21.75
N GLY A 23 34.79 -4.65 -22.39
CA GLY A 23 34.20 -5.25 -23.59
C GLY A 23 32.68 -5.17 -23.50
N ARG A 24 32.13 -5.53 -22.34
CA ARG A 24 30.71 -5.44 -22.02
C ARG A 24 30.24 -3.98 -22.11
N PRO A 25 29.02 -3.71 -22.61
CA PRO A 25 28.45 -2.37 -22.62
C PRO A 25 27.95 -2.00 -21.22
N LEU A 26 28.82 -1.36 -20.42
CA LEU A 26 28.51 -1.00 -19.04
C LEU A 26 27.49 0.15 -18.99
N PRO A 27 26.52 0.10 -18.06
CA PRO A 27 25.56 1.17 -17.82
C PRO A 27 26.22 2.28 -16.98
N GLU A 28 25.41 3.04 -16.22
CA GLU A 28 25.79 4.13 -15.31
C GLU A 28 27.18 3.98 -14.71
N VAL A 29 27.45 2.83 -14.08
CA VAL A 29 28.69 2.46 -13.39
C VAL A 29 29.97 2.92 -14.10
N VAL A 30 30.00 2.92 -15.44
CA VAL A 30 31.17 3.29 -16.23
C VAL A 30 31.74 4.65 -15.81
N ARG A 31 30.85 5.61 -15.47
CA ARG A 31 31.20 6.97 -15.12
C ARG A 31 32.14 7.06 -13.90
N GLN A 32 32.14 6.04 -13.02
CA GLN A 32 33.02 5.92 -11.87
C GLN A 32 34.09 4.86 -12.10
N ARG A 33 33.79 3.79 -12.85
CA ARG A 33 34.73 2.71 -13.12
C ARG A 33 35.98 3.22 -13.84
N ILE A 34 35.78 4.02 -14.89
CA ILE A 34 36.88 4.61 -15.65
C ILE A 34 37.80 5.44 -14.75
N VAL A 35 37.24 6.10 -13.72
CA VAL A 35 38.01 6.89 -12.76
C VAL A 35 39.00 5.97 -12.03
N ASP A 36 38.49 4.90 -11.41
CA ASP A 36 39.30 3.90 -10.70
C ASP A 36 40.33 3.27 -11.63
N LEU A 37 39.89 2.86 -12.82
CA LEU A 37 40.72 2.22 -13.82
C LEU A 37 41.92 3.10 -14.18
N ALA A 38 41.67 4.34 -14.57
CA ALA A 38 42.70 5.33 -14.89
C ALA A 38 43.67 5.49 -13.72
N HIS A 39 43.13 5.60 -12.49
CA HIS A 39 43.86 5.81 -11.26
C HIS A 39 44.83 4.66 -10.92
N GLN A 40 44.71 3.48 -11.56
CA GLN A 40 45.72 2.43 -11.42
C GLN A 40 47.10 2.93 -11.91
N GLY A 41 47.10 3.88 -12.85
CA GLY A 41 48.27 4.47 -13.45
C GLY A 41 48.32 4.12 -14.94
N VAL A 42 47.25 4.43 -15.67
CA VAL A 42 47.15 4.22 -17.10
C VAL A 42 46.50 5.45 -17.74
N ARG A 43 47.08 5.94 -18.84
CA ARG A 43 46.64 7.15 -19.52
C ARG A 43 45.25 6.93 -20.11
N PRO A 44 44.42 7.97 -20.25
CA PRO A 44 43.10 7.85 -20.87
C PRO A 44 43.22 7.40 -22.33
N CYS A 45 44.30 7.82 -23.01
CA CYS A 45 44.67 7.32 -24.33
C CYS A 45 44.92 5.82 -24.28
N ASP A 46 45.74 5.38 -23.30
CA ASP A 46 46.17 3.99 -23.16
C ASP A 46 44.99 3.05 -22.87
N ILE A 47 43.93 3.52 -22.18
CA ILE A 47 42.73 2.73 -21.93
C ILE A 47 42.18 2.10 -23.22
N SER A 48 42.31 2.82 -24.35
CA SER A 48 41.93 2.34 -25.67
C SER A 48 42.47 0.93 -25.97
N ARG A 49 43.71 0.64 -25.55
CA ARG A 49 44.38 -0.61 -25.83
C ARG A 49 43.75 -1.79 -25.10
N GLN A 50 43.22 -1.58 -23.89
CA GLN A 50 42.57 -2.64 -23.11
C GLN A 50 41.34 -3.17 -23.85
N LEU A 51 40.55 -2.26 -24.42
CA LEU A 51 39.36 -2.60 -25.20
C LEU A 51 39.75 -3.00 -26.62
N ARG A 52 40.93 -2.54 -27.09
CA ARG A 52 41.50 -2.82 -28.40
C ARG A 52 40.66 -2.15 -29.48
N VAL A 53 40.49 -0.82 -29.38
CA VAL A 53 39.65 -0.04 -30.28
C VAL A 53 40.39 1.23 -30.75
N SER A 54 39.86 1.86 -31.79
CA SER A 54 40.52 2.92 -32.56
C SER A 54 40.37 4.28 -31.90
N HIS A 55 39.25 4.97 -32.15
CA HIS A 55 39.03 6.37 -31.81
C HIS A 55 37.56 6.66 -31.54
N GLY A 56 36.66 6.21 -32.44
CA GLY A 56 35.23 6.42 -32.32
C GLY A 56 34.68 5.82 -31.03
N CYS A 57 35.08 4.57 -30.75
CA CYS A 57 34.68 3.85 -29.54
C CYS A 57 35.30 4.49 -28.30
N VAL A 58 36.59 4.87 -28.39
CA VAL A 58 37.39 5.44 -27.31
C VAL A 58 36.61 6.50 -26.55
N SER A 59 36.04 7.46 -27.28
CA SER A 59 35.19 8.52 -26.74
C SER A 59 34.17 7.95 -25.74
N LYS A 60 33.35 7.01 -26.20
CA LYS A 60 32.23 6.46 -25.43
C LYS A 60 32.67 5.55 -24.28
N ILE A 61 33.70 4.70 -24.45
CA ILE A 61 34.16 3.85 -23.36
C ILE A 61 34.73 4.68 -22.21
N LEU A 62 35.49 5.74 -22.51
CA LEU A 62 35.95 6.68 -21.50
C LEU A 62 34.76 7.38 -20.82
N GLY A 63 33.71 7.71 -21.58
CA GLY A 63 32.45 8.15 -21.02
C GLY A 63 31.48 8.53 -22.13
N ARG A 64 30.18 8.28 -21.91
CA ARG A 64 29.14 8.75 -22.82
C ARG A 64 29.07 10.28 -22.79
N TYR A 65 29.35 10.87 -21.62
CA TYR A 65 29.33 12.30 -21.32
C TYR A 65 27.89 12.78 -21.26
N TYR A 66 27.21 12.80 -22.41
CA TYR A 66 25.78 12.98 -22.49
C TYR A 66 25.13 11.60 -22.57
N GLU A 67 24.92 10.98 -21.40
CA GLU A 67 23.92 9.95 -21.17
C GLU A 67 24.05 8.75 -22.13
N THR A 68 23.34 8.79 -23.27
CA THR A 68 23.29 7.76 -24.30
C THR A 68 23.35 6.34 -23.73
N GLY A 69 22.26 5.92 -23.07
CA GLY A 69 22.14 4.61 -22.46
C GLY A 69 22.73 4.59 -21.05
N SER A 70 24.02 4.94 -20.95
CA SER A 70 24.75 4.99 -19.69
C SER A 70 24.46 6.30 -18.96
N ILE A 71 25.26 6.56 -17.92
CA ILE A 71 25.29 7.77 -17.10
C ILE A 71 23.89 8.30 -16.82
N ARG A 72 23.03 7.43 -16.27
CA ARG A 72 21.62 7.69 -16.04
C ARG A 72 21.19 7.06 -14.71
N PRO A 73 21.63 7.62 -13.57
CA PRO A 73 21.10 7.27 -12.25
C PRO A 73 19.76 7.99 -12.06
N GLY A 74 18.76 7.54 -12.83
CA GLY A 74 17.45 8.18 -12.91
C GLY A 74 16.92 8.06 -14.34
N VAL A 75 16.13 7.02 -14.60
CA VAL A 75 15.52 6.76 -15.90
C VAL A 75 14.20 5.99 -15.73
N ILE A 76 14.19 4.92 -14.93
CA ILE A 76 12.99 4.14 -14.65
C ILE A 76 12.01 5.02 -13.86
N GLY A 77 10.76 5.09 -14.34
CA GLY A 77 9.68 5.81 -13.69
C GLY A 77 8.43 4.93 -13.66
N GLY A 78 8.52 3.80 -12.96
CA GLY A 78 7.43 2.84 -12.84
C GLY A 78 6.31 3.39 -11.97
N SER A 79 5.09 2.85 -12.17
CA SER A 79 3.90 3.25 -11.44
C SER A 79 4.06 2.94 -9.94
N LYS A 80 3.51 3.81 -9.09
CA LYS A 80 3.55 3.68 -7.64
C LYS A 80 2.11 3.59 -7.12
N PRO A 81 1.46 2.42 -7.21
CA PRO A 81 0.07 2.24 -6.84
C PRO A 81 -0.09 2.17 -5.31
N LYS A 82 -1.34 2.08 -4.86
CA LYS A 82 -1.71 1.90 -3.47
C LYS A 82 -2.10 0.43 -3.26
N VAL A 83 -3.01 0.18 -2.32
CA VAL A 83 -3.52 -1.12 -1.95
C VAL A 83 -5.02 -1.04 -1.70
N ALA A 84 -5.73 -2.14 -1.91
CA ALA A 84 -7.17 -2.22 -1.69
C ALA A 84 -7.49 -2.15 -0.19
N THR A 85 -8.70 -1.69 0.13
CA THR A 85 -9.20 -1.53 1.49
C THR A 85 -10.64 -2.05 1.55
N PRO A 86 -10.89 -3.20 2.20
CA PRO A 86 -12.18 -3.86 2.18
C PRO A 86 -13.21 -3.18 3.09
N LYS A 87 -12.74 -2.51 4.16
CA LYS A 87 -13.61 -1.87 5.15
C LYS A 87 -14.53 -0.81 4.53
N VAL A 88 -14.19 -0.28 3.35
CA VAL A 88 -15.01 0.64 2.59
C VAL A 88 -16.43 0.08 2.36
N VAL A 89 -16.56 -1.25 2.23
CA VAL A 89 -17.85 -1.94 2.12
C VAL A 89 -18.79 -1.56 3.29
N GLU A 90 -18.26 -1.50 4.51
CA GLU A 90 -19.05 -1.18 5.71
C GLU A 90 -19.66 0.22 5.63
N LYS A 91 -19.04 1.14 4.86
CA LYS A 91 -19.52 2.51 4.74
C LYS A 91 -20.89 2.57 4.07
N ILE A 92 -21.14 1.72 3.07
CA ILE A 92 -22.48 1.58 2.50
C ILE A 92 -23.43 1.08 3.59
N GLY A 93 -22.96 0.11 4.41
CA GLY A 93 -23.67 -0.36 5.59
C GLY A 93 -24.12 0.81 6.47
N ASP A 94 -23.21 1.73 6.81
CA ASP A 94 -23.52 2.92 7.59
C ASP A 94 -24.57 3.77 6.88
N TYR A 95 -24.34 4.10 5.61
CA TYR A 95 -25.20 4.97 4.84
C TYR A 95 -26.61 4.42 4.68
N LYS A 96 -26.80 3.08 4.63
CA LYS A 96 -28.12 2.47 4.67
C LYS A 96 -28.87 2.81 5.96
N ARG A 97 -28.16 2.96 7.09
CA ARG A 97 -28.78 3.35 8.37
C ARG A 97 -29.08 4.85 8.38
N GLN A 98 -28.10 5.66 7.96
CA GLN A 98 -28.18 7.11 7.97
C GLN A 98 -29.30 7.59 7.06
N ASN A 99 -29.22 7.21 5.78
CA ASN A 99 -30.18 7.54 4.74
C ASN A 99 -31.44 6.67 4.91
N PRO A 100 -32.56 7.02 4.26
CA PRO A 100 -33.67 6.11 4.05
C PRO A 100 -33.25 4.92 3.18
N THR A 101 -34.19 4.01 2.90
CA THR A 101 -33.96 2.77 2.17
C THR A 101 -33.80 3.04 0.66
N MET A 102 -32.71 3.71 0.29
CA MET A 102 -32.35 4.01 -1.08
C MET A 102 -31.49 2.89 -1.68
N PHE A 103 -31.27 3.00 -2.99
CA PHE A 103 -30.68 1.95 -3.81
C PHE A 103 -29.20 1.72 -3.52
N ALA A 104 -28.72 0.53 -3.91
CA ALA A 104 -27.33 0.14 -3.78
C ALA A 104 -26.42 1.06 -4.61
N TRP A 105 -26.83 1.42 -5.83
CA TRP A 105 -26.00 2.19 -6.74
C TRP A 105 -25.83 3.63 -6.22
N GLU A 106 -26.93 4.28 -5.78
CA GLU A 106 -26.88 5.60 -5.18
C GLU A 106 -25.85 5.64 -4.04
N ILE A 107 -25.94 4.65 -3.15
CA ILE A 107 -25.16 4.66 -1.93
C ILE A 107 -23.71 4.24 -2.18
N ARG A 108 -23.45 3.41 -3.22
CA ARG A 108 -22.10 3.18 -3.71
C ARG A 108 -21.47 4.53 -4.07
N ASP A 109 -22.15 5.28 -4.94
CA ASP A 109 -21.70 6.58 -5.42
C ASP A 109 -21.63 7.63 -4.32
N ARG A 110 -22.18 7.37 -3.12
CA ARG A 110 -22.01 8.26 -1.98
C ARG A 110 -20.54 8.46 -1.65
N LEU A 111 -19.75 7.38 -1.68
CA LEU A 111 -18.30 7.44 -1.46
C LEU A 111 -17.63 8.41 -2.43
N LEU A 112 -18.00 8.34 -3.71
CA LEU A 112 -17.41 9.18 -4.75
C LEU A 112 -17.84 10.64 -4.57
N ALA A 113 -19.13 10.87 -4.29
CA ALA A 113 -19.71 12.18 -4.07
C ALA A 113 -19.07 12.88 -2.87
N GLU A 114 -18.86 12.13 -1.77
CA GLU A 114 -18.20 12.58 -0.56
C GLU A 114 -16.72 12.88 -0.86
N GLY A 115 -16.07 11.99 -1.60
CA GLY A 115 -14.65 12.04 -1.92
C GLY A 115 -13.86 11.21 -0.92
N VAL A 116 -14.23 9.94 -0.76
CA VAL A 116 -13.65 9.01 0.20
C VAL A 116 -12.57 8.17 -0.47
N CYS A 117 -12.85 7.66 -1.67
CA CYS A 117 -11.95 6.76 -2.39
C CYS A 117 -12.08 6.95 -3.91
N ASP A 118 -11.22 6.27 -4.67
CA ASP A 118 -11.11 6.42 -6.11
C ASP A 118 -12.19 5.60 -6.84
N ASN A 119 -12.48 6.02 -8.08
CA ASN A 119 -13.43 5.40 -8.99
C ASN A 119 -13.19 3.90 -9.21
N ASP A 120 -11.95 3.43 -9.08
CA ASP A 120 -11.60 2.02 -9.25
C ASP A 120 -11.76 1.30 -7.91
N THR A 121 -11.14 1.86 -6.87
CA THR A 121 -11.00 1.24 -5.56
C THR A 121 -12.33 1.03 -4.86
N VAL A 122 -13.30 1.92 -5.12
CA VAL A 122 -14.65 1.86 -4.59
C VAL A 122 -15.26 0.47 -4.80
N PRO A 123 -15.94 -0.13 -3.80
CA PRO A 123 -16.46 -1.48 -3.91
C PRO A 123 -17.65 -1.54 -4.88
N SER A 124 -17.87 -2.72 -5.45
CA SER A 124 -18.85 -2.95 -6.50
C SER A 124 -20.28 -2.87 -5.96
N VAL A 125 -21.20 -2.42 -6.84
CA VAL A 125 -22.64 -2.39 -6.58
C VAL A 125 -23.16 -3.80 -6.28
N SER A 126 -22.69 -4.78 -7.04
CA SER A 126 -22.97 -6.19 -6.81
C SER A 126 -22.46 -6.63 -5.44
N SER A 127 -21.24 -6.21 -5.07
CA SER A 127 -20.59 -6.67 -3.85
C SER A 127 -21.37 -6.20 -2.62
N ILE A 128 -21.53 -4.88 -2.46
CA ILE A 128 -22.26 -4.28 -1.35
C ILE A 128 -23.65 -4.92 -1.17
N ASN A 129 -24.37 -5.13 -2.28
CA ASN A 129 -25.69 -5.73 -2.28
C ASN A 129 -25.65 -7.17 -1.77
N ARG A 130 -24.72 -7.99 -2.31
CA ARG A 130 -24.51 -9.38 -1.92
C ARG A 130 -24.27 -9.52 -0.41
N ILE A 131 -23.59 -8.56 0.22
CA ILE A 131 -23.36 -8.62 1.66
C ILE A 131 -24.71 -8.61 2.39
N ILE A 132 -25.57 -7.63 2.06
CA ILE A 132 -26.84 -7.41 2.71
C ILE A 132 -27.80 -8.59 2.54
N ARG A 133 -27.71 -9.34 1.42
CA ARG A 133 -28.46 -10.59 1.24
C ARG A 133 -28.32 -11.52 2.44
N THR A 134 -27.10 -11.72 2.94
CA THR A 134 -26.86 -12.61 4.08
C THR A 134 -27.37 -12.01 5.39
N LYS A 135 -27.58 -10.69 5.45
CA LYS A 135 -28.17 -10.00 6.59
C LYS A 135 -29.69 -9.92 6.39
N VAL A 136 -30.20 -8.76 5.95
CA VAL A 136 -31.62 -8.49 5.79
C VAL A 136 -31.76 -7.50 4.63
N GLN A 137 -32.02 -8.01 3.42
CA GLN A 137 -32.40 -7.22 2.27
C GLN A 137 -33.82 -6.66 2.44
N GLN A 138 -34.05 -5.50 1.82
CA GLN A 138 -35.32 -4.78 1.82
C GLN A 138 -35.66 -4.42 0.38
N PRO A 139 -36.15 -5.38 -0.43
CA PRO A 139 -36.40 -5.17 -1.85
C PRO A 139 -37.64 -4.32 -2.06
N PHE A 140 -37.70 -3.63 -3.20
CA PHE A 140 -38.78 -2.73 -3.58
C PHE A 140 -39.93 -3.54 -4.20
N ASN A 141 -40.49 -4.46 -3.40
CA ASN A 141 -41.51 -5.41 -3.82
C ASN A 141 -42.89 -4.97 -3.32
N LEU A 142 -43.95 -5.58 -3.89
CA LEU A 142 -45.34 -5.35 -3.51
C LEU A 142 -46.13 -6.65 -3.69
N PRO A 143 -47.19 -6.90 -2.90
CA PRO A 143 -48.06 -8.06 -3.05
C PRO A 143 -48.99 -7.86 -4.25
N MET A 144 -49.55 -8.97 -4.75
CA MET A 144 -50.48 -9.01 -5.88
C MET A 144 -51.55 -10.07 -5.59
N ASP A 145 -52.69 -9.98 -6.29
CA ASP A 145 -53.84 -10.88 -6.10
C ASP A 145 -54.62 -11.05 -7.40
N SER A 146 -55.43 -12.13 -7.47
CA SER A 146 -56.38 -12.36 -8.55
C SER A 146 -57.60 -13.12 -8.02
N GLY A 147 -58.14 -12.66 -6.88
CA GLY A 147 -59.28 -13.28 -6.20
C GLY A 147 -60.58 -12.62 -6.66
N ALA A 148 -61.16 -13.11 -7.75
CA ALA A 148 -62.37 -12.55 -8.36
C ALA A 148 -63.45 -13.63 -8.53
N PRO A 149 -64.07 -14.12 -7.44
CA PRO A 149 -65.18 -15.08 -7.48
C PRO A 149 -66.48 -14.38 -7.88
N GLY A 150 -67.52 -15.17 -8.19
CA GLY A 150 -68.84 -14.68 -8.54
C GLY A 150 -69.80 -15.84 -8.79
N GLY A 151 -71.10 -15.55 -8.93
CA GLY A 151 -72.13 -16.54 -9.16
C GLY A 151 -73.51 -15.89 -9.21
N GLY A 152 -74.54 -16.71 -9.51
CA GLY A 152 -75.92 -16.27 -9.58
C GLY A 152 -76.84 -17.47 -9.86
N SER A 153 -78.16 -17.29 -9.67
CA SER A 153 -79.16 -18.31 -9.92
C SER A 153 -80.54 -17.66 -10.05
N HIS A 154 -81.48 -18.38 -10.67
CA HIS A 154 -82.87 -17.96 -10.84
C HIS A 154 -83.77 -19.20 -10.93
N HIS A 155 -85.03 -19.04 -10.53
CA HIS A 155 -86.07 -20.05 -10.68
C HIS A 155 -87.43 -19.36 -10.78
N HIS A 156 -88.39 -20.03 -11.41
CA HIS A 156 -89.81 -19.65 -11.44
C HIS A 156 -90.63 -20.89 -11.79
N HIS A 157 -91.96 -20.77 -11.64
CA HIS A 157 -92.92 -21.77 -12.08
C HIS A 157 -94.19 -21.03 -12.50
N HIS A 158 -94.88 -21.58 -13.51
CA HIS A 158 -96.10 -21.03 -14.09
C HIS A 158 -97.02 -22.19 -14.48
N HIS A 159 -98.34 -21.96 -14.41
CA HIS A 159 -99.34 -22.93 -14.83
C HIS A 159 -99.56 -22.81 -16.35
N MET A 1 84.25 25.86 -6.55
CA MET A 1 84.01 24.41 -6.59
C MET A 1 83.57 23.92 -5.20
N PRO A 2 82.27 23.70 -4.96
CA PRO A 2 81.77 23.32 -3.65
C PRO A 2 82.09 21.86 -3.36
N HIS A 3 82.66 21.59 -2.18
CA HIS A 3 83.04 20.26 -1.72
C HIS A 3 82.61 20.10 -0.27
N ASN A 4 82.03 18.96 0.07
CA ASN A 4 81.52 18.66 1.40
C ASN A 4 81.22 17.16 1.51
N SER A 5 81.24 16.64 2.75
CA SER A 5 80.89 15.25 3.04
C SER A 5 79.38 15.07 2.98
N ILE A 6 78.95 13.85 2.62
CA ILE A 6 77.55 13.44 2.61
C ILE A 6 77.45 12.06 3.26
N ARG A 7 76.38 11.85 4.04
CA ARG A 7 76.13 10.63 4.81
C ARG A 7 74.70 10.17 4.59
N SER A 8 74.39 8.94 5.02
CA SER A 8 73.05 8.38 4.98
C SER A 8 72.11 9.14 5.92
N GLY A 9 70.82 9.16 5.59
CA GLY A 9 69.80 9.81 6.39
C GLY A 9 68.43 9.23 6.05
N HIS A 10 67.45 9.45 6.93
CA HIS A 10 66.09 8.96 6.77
C HIS A 10 65.34 9.78 5.73
N GLY A 11 64.46 9.11 4.96
CA GLY A 11 63.61 9.75 3.97
C GLY A 11 62.42 10.42 4.67
N GLY A 12 62.68 11.53 5.37
CA GLY A 12 61.70 12.26 6.15
C GLY A 12 60.45 12.65 5.35
N LEU A 13 60.61 12.91 4.05
CA LEU A 13 59.52 13.25 3.14
C LEU A 13 58.43 12.19 3.14
N ASN A 14 58.81 10.90 3.14
CA ASN A 14 57.89 9.77 3.17
C ASN A 14 57.68 9.29 4.61
N GLN A 15 56.49 8.75 4.89
CA GLN A 15 56.09 8.23 6.18
C GLN A 15 54.79 7.45 6.02
N LEU A 16 54.50 6.56 6.98
CA LEU A 16 53.32 5.70 7.05
C LEU A 16 53.34 4.59 6.00
N GLY A 17 53.20 4.98 4.74
CA GLY A 17 53.05 4.09 3.60
C GLY A 17 51.62 3.54 3.55
N GLY A 18 51.30 2.64 4.49
CA GLY A 18 49.97 2.08 4.65
C GLY A 18 49.53 1.31 3.41
N ALA A 19 50.15 0.14 3.18
CA ALA A 19 49.89 -0.70 2.03
C ALA A 19 50.11 -2.17 2.38
N PHE A 20 49.46 -3.06 1.62
CA PHE A 20 49.68 -4.50 1.72
C PHE A 20 51.03 -4.85 1.07
N VAL A 21 51.68 -5.90 1.58
CA VAL A 21 52.98 -6.36 1.10
C VAL A 21 53.01 -7.89 1.16
N ASN A 22 53.09 -8.45 2.36
CA ASN A 22 53.23 -9.89 2.59
C ASN A 22 52.98 -10.18 4.07
N GLY A 23 52.00 -11.04 4.36
CA GLY A 23 51.66 -11.43 5.72
C GLY A 23 51.13 -10.28 6.56
N ARG A 24 50.38 -9.35 5.94
CA ARG A 24 49.68 -8.28 6.64
C ARG A 24 48.37 -8.84 7.23
N PRO A 25 47.80 -8.19 8.26
CA PRO A 25 46.57 -8.66 8.91
C PRO A 25 45.37 -8.51 7.98
N LEU A 26 44.22 -9.09 8.38
CA LEU A 26 43.03 -9.21 7.55
C LEU A 26 41.81 -8.57 8.25
N PRO A 27 41.76 -7.22 8.36
CA PRO A 27 40.53 -6.51 8.69
C PRO A 27 39.58 -6.50 7.49
N GLU A 28 38.29 -6.21 7.72
CA GLU A 28 37.26 -6.28 6.70
C GLU A 28 37.54 -5.41 5.48
N VAL A 29 38.19 -4.26 5.65
CA VAL A 29 38.53 -3.36 4.56
C VAL A 29 39.35 -4.04 3.45
N VAL A 30 40.14 -5.07 3.78
CA VAL A 30 40.90 -5.85 2.81
C VAL A 30 39.99 -6.45 1.73
N ARG A 31 38.72 -6.72 2.04
CA ARG A 31 37.68 -7.13 1.09
C ARG A 31 37.82 -6.38 -0.24
N GLN A 32 37.99 -5.05 -0.16
CA GLN A 32 38.12 -4.16 -1.31
C GLN A 32 39.29 -4.54 -2.20
N ARG A 33 40.50 -4.70 -1.64
CA ARG A 33 41.67 -5.04 -2.44
C ARG A 33 41.58 -6.47 -2.99
N ILE A 34 40.92 -7.39 -2.29
CA ILE A 34 40.66 -8.75 -2.80
C ILE A 34 39.77 -8.67 -4.04
N VAL A 35 38.68 -7.90 -3.96
CA VAL A 35 37.77 -7.65 -5.07
C VAL A 35 38.55 -7.09 -6.26
N ASP A 36 39.33 -6.02 -6.03
CA ASP A 36 40.14 -5.36 -7.05
C ASP A 36 41.11 -6.35 -7.72
N LEU A 37 41.88 -7.08 -6.89
CA LEU A 37 42.88 -8.02 -7.34
C LEU A 37 42.25 -9.09 -8.23
N ALA A 38 41.18 -9.74 -7.75
CA ALA A 38 40.45 -10.75 -8.50
C ALA A 38 39.89 -10.19 -9.80
N HIS A 39 39.37 -8.96 -9.77
CA HIS A 39 38.75 -8.28 -10.91
C HIS A 39 39.72 -8.05 -12.07
N GLN A 40 41.05 -8.07 -11.83
CA GLN A 40 42.01 -8.01 -12.93
C GLN A 40 41.86 -9.21 -13.87
N GLY A 41 41.33 -10.33 -13.36
CA GLY A 41 41.16 -11.58 -14.08
C GLY A 41 42.41 -12.43 -13.89
N VAL A 42 42.61 -12.93 -12.66
CA VAL A 42 43.81 -13.67 -12.26
C VAL A 42 43.42 -14.92 -11.46
N ARG A 43 44.17 -16.00 -11.67
CA ARG A 43 43.95 -17.30 -11.06
C ARG A 43 44.52 -17.34 -9.63
N PRO A 44 43.92 -18.13 -8.71
CA PRO A 44 44.35 -18.20 -7.32
C PRO A 44 45.79 -18.71 -7.18
N CYS A 45 46.22 -19.58 -8.08
CA CYS A 45 47.61 -20.05 -8.16
C CYS A 45 48.60 -18.89 -8.32
N ASP A 46 48.17 -17.80 -8.96
CA ASP A 46 48.98 -16.61 -9.17
C ASP A 46 48.79 -15.58 -8.05
N ILE A 47 47.59 -15.50 -7.46
CA ILE A 47 47.38 -14.74 -6.22
C ILE A 47 48.38 -15.21 -5.15
N SER A 48 48.67 -16.52 -5.12
CA SER A 48 49.69 -17.10 -4.26
C SER A 48 51.00 -16.30 -4.35
N ARG A 49 51.56 -16.15 -5.56
CA ARG A 49 52.85 -15.50 -5.73
C ARG A 49 52.78 -13.97 -5.58
N GLN A 50 51.70 -13.32 -6.04
CA GLN A 50 51.52 -11.89 -5.86
C GLN A 50 51.61 -11.47 -4.39
N LEU A 51 50.93 -12.22 -3.50
CA LEU A 51 50.94 -11.95 -2.06
C LEU A 51 52.15 -12.59 -1.38
N ARG A 52 52.82 -13.54 -2.07
CA ARG A 52 53.99 -14.27 -1.60
C ARG A 52 53.61 -15.20 -0.45
N VAL A 53 52.62 -16.06 -0.70
CA VAL A 53 52.06 -16.99 0.27
C VAL A 53 51.90 -18.38 -0.37
N SER A 54 51.66 -19.39 0.47
CA SER A 54 51.33 -20.74 0.01
C SER A 54 49.91 -20.75 -0.57
N HIS A 55 49.67 -21.61 -1.55
CA HIS A 55 48.37 -21.73 -2.22
C HIS A 55 47.26 -22.11 -1.23
N GLY A 56 47.59 -22.90 -0.20
CA GLY A 56 46.66 -23.23 0.87
C GLY A 56 46.14 -21.97 1.57
N CYS A 57 46.99 -20.97 1.76
CA CYS A 57 46.66 -19.73 2.46
C CYS A 57 45.75 -18.85 1.61
N VAL A 58 45.85 -18.91 0.28
CA VAL A 58 45.04 -18.11 -0.63
C VAL A 58 43.54 -18.28 -0.34
N SER A 59 43.11 -19.46 0.09
CA SER A 59 41.73 -19.70 0.54
C SER A 59 41.29 -18.67 1.58
N LYS A 60 42.16 -18.39 2.57
CA LYS A 60 41.89 -17.43 3.64
C LYS A 60 42.06 -15.99 3.18
N ILE A 61 43.00 -15.72 2.26
CA ILE A 61 43.19 -14.40 1.67
C ILE A 61 41.89 -13.99 0.95
N LEU A 62 41.34 -14.89 0.13
CA LEU A 62 40.03 -14.72 -0.51
C LEU A 62 38.89 -14.73 0.52
N GLY A 63 39.09 -15.37 1.67
CA GLY A 63 38.10 -15.50 2.72
C GLY A 63 37.31 -16.79 2.50
N ARG A 64 37.46 -17.75 3.41
CA ARG A 64 36.79 -19.05 3.33
C ARG A 64 35.28 -18.89 3.15
N TYR A 65 34.68 -18.05 4.02
CA TYR A 65 33.26 -17.72 3.98
C TYR A 65 33.03 -16.38 4.69
N TYR A 66 33.39 -16.30 5.97
CA TYR A 66 33.24 -15.13 6.82
C TYR A 66 34.18 -15.38 8.00
N GLU A 67 35.47 -15.10 7.82
CA GLU A 67 36.48 -15.44 8.81
C GLU A 67 36.66 -14.28 9.79
N THR A 68 37.07 -13.12 9.24
CA THR A 68 37.24 -11.87 9.97
C THR A 68 36.07 -10.97 9.62
N GLY A 69 36.17 -10.29 8.46
CA GLY A 69 35.07 -9.57 7.85
C GLY A 69 34.17 -10.51 7.07
N SER A 70 33.10 -9.96 6.48
CA SER A 70 32.15 -10.68 5.66
C SER A 70 32.82 -11.30 4.45
N ILE A 71 33.32 -10.43 3.57
CA ILE A 71 33.94 -10.75 2.29
C ILE A 71 32.96 -11.52 1.41
N ARG A 72 31.66 -11.26 1.57
CA ARG A 72 30.56 -11.87 0.84
C ARG A 72 29.41 -10.85 0.81
N PRO A 73 29.21 -10.10 -0.28
CA PRO A 73 28.18 -9.07 -0.34
C PRO A 73 26.79 -9.70 -0.46
N GLY A 74 25.78 -9.04 0.11
CA GLY A 74 24.40 -9.48 0.11
C GLY A 74 23.54 -8.44 0.82
N VAL A 75 22.22 -8.60 0.72
CA VAL A 75 21.23 -7.71 1.31
C VAL A 75 19.89 -8.47 1.40
N ILE A 76 19.34 -8.54 2.61
CA ILE A 76 18.06 -9.16 2.89
C ILE A 76 16.94 -8.24 2.37
N GLY A 77 15.89 -8.83 1.80
CA GLY A 77 14.74 -8.10 1.28
C GLY A 77 13.55 -9.03 1.14
N GLY A 78 12.90 -9.36 2.27
CA GLY A 78 11.75 -10.25 2.29
C GLY A 78 11.02 -10.13 3.63
N SER A 79 10.47 -8.94 3.91
CA SER A 79 9.69 -8.67 5.12
C SER A 79 8.62 -7.61 4.81
N LYS A 80 7.87 -7.84 3.72
CA LYS A 80 6.86 -6.91 3.22
C LYS A 80 5.61 -6.97 4.10
N PRO A 81 5.13 -5.85 4.65
CA PRO A 81 3.92 -5.81 5.47
C PRO A 81 2.67 -5.85 4.58
N LYS A 82 1.50 -6.01 5.21
CA LYS A 82 0.21 -6.04 4.51
C LYS A 82 -0.87 -5.48 5.44
N VAL A 83 -1.30 -4.24 5.17
CA VAL A 83 -2.42 -3.60 5.87
C VAL A 83 -3.75 -4.24 5.46
N ALA A 84 -4.73 -4.18 6.37
CA ALA A 84 -6.09 -4.66 6.14
C ALA A 84 -7.06 -3.83 7.00
N THR A 85 -8.36 -3.89 6.69
CA THR A 85 -9.38 -3.08 7.33
C THR A 85 -10.76 -3.71 7.11
N PRO A 86 -11.42 -4.27 8.14
CA PRO A 86 -12.73 -4.89 8.02
C PRO A 86 -13.85 -3.85 7.86
N LYS A 87 -13.59 -2.59 8.23
CA LYS A 87 -14.53 -1.47 8.12
C LYS A 87 -15.07 -1.28 6.70
N VAL A 88 -14.31 -1.73 5.69
CA VAL A 88 -14.71 -1.79 4.30
C VAL A 88 -16.13 -2.35 4.13
N VAL A 89 -16.47 -3.41 4.88
CA VAL A 89 -17.78 -4.02 4.85
C VAL A 89 -18.85 -3.00 5.27
N GLU A 90 -18.61 -2.29 6.37
CA GLU A 90 -19.58 -1.35 6.93
C GLU A 90 -19.41 0.08 6.38
N LYS A 91 -18.98 0.24 5.11
CA LYS A 91 -19.11 1.49 4.37
C LYS A 91 -20.55 1.58 3.88
N ILE A 92 -20.97 0.58 3.09
CA ILE A 92 -22.37 0.23 2.86
C ILE A 92 -23.16 0.35 4.17
N GLY A 93 -22.62 -0.25 5.23
CA GLY A 93 -23.15 -0.15 6.59
C GLY A 93 -23.47 1.29 6.98
N ASP A 94 -22.47 2.18 6.98
CA ASP A 94 -22.68 3.57 7.36
C ASP A 94 -23.82 4.21 6.58
N TYR A 95 -23.79 4.14 5.25
CA TYR A 95 -24.77 4.84 4.43
C TYR A 95 -26.18 4.24 4.60
N LYS A 96 -26.30 2.92 4.80
CA LYS A 96 -27.56 2.29 5.15
C LYS A 96 -28.04 2.73 6.55
N ARG A 97 -27.14 2.88 7.51
CA ARG A 97 -27.47 3.35 8.85
C ARG A 97 -27.92 4.82 8.82
N GLN A 98 -27.27 5.64 7.98
CA GLN A 98 -27.63 7.04 7.77
C GLN A 98 -29.03 7.13 7.18
N ASN A 99 -29.28 6.39 6.09
CA ASN A 99 -30.55 6.36 5.37
C ASN A 99 -30.87 4.89 5.01
N PRO A 100 -31.91 4.27 5.60
CA PRO A 100 -32.25 2.88 5.33
C PRO A 100 -32.73 2.70 3.90
N THR A 101 -33.47 3.67 3.35
CA THR A 101 -33.99 3.63 1.99
C THR A 101 -32.89 4.07 1.01
N MET A 102 -31.84 3.25 0.92
CA MET A 102 -30.75 3.35 -0.03
C MET A 102 -30.63 2.03 -0.78
N PHE A 103 -29.93 2.09 -1.91
CA PHE A 103 -29.79 0.99 -2.86
C PHE A 103 -28.40 1.04 -3.48
N ALA A 104 -27.99 -0.07 -4.12
CA ALA A 104 -26.64 -0.30 -4.63
C ALA A 104 -26.02 0.94 -5.29
N TRP A 105 -26.68 1.46 -6.33
CA TRP A 105 -26.24 2.65 -7.04
C TRP A 105 -26.01 3.83 -6.08
N GLU A 106 -26.96 4.09 -5.17
CA GLU A 106 -26.94 5.21 -4.25
C GLU A 106 -25.72 5.11 -3.33
N ILE A 107 -25.42 3.91 -2.83
CA ILE A 107 -24.27 3.63 -1.99
C ILE A 107 -22.96 3.99 -2.71
N ARG A 108 -22.80 3.52 -3.96
CA ARG A 108 -21.60 3.82 -4.74
C ARG A 108 -21.48 5.32 -4.99
N ASP A 109 -22.59 5.96 -5.39
CA ASP A 109 -22.64 7.40 -5.60
C ASP A 109 -22.24 8.15 -4.32
N ARG A 110 -22.71 7.68 -3.16
CA ARG A 110 -22.38 8.28 -1.86
C ARG A 110 -21.00 7.83 -1.32
N LEU A 111 -20.12 7.34 -2.22
CA LEU A 111 -18.69 7.26 -2.01
C LEU A 111 -17.97 8.17 -3.01
N LEU A 112 -18.33 8.06 -4.30
CA LEU A 112 -17.73 8.83 -5.37
C LEU A 112 -18.06 10.33 -5.24
N ALA A 113 -19.35 10.67 -5.34
CA ALA A 113 -19.82 12.05 -5.25
C ALA A 113 -19.65 12.61 -3.83
N GLU A 114 -19.71 11.75 -2.81
CA GLU A 114 -19.46 12.13 -1.43
C GLU A 114 -18.00 12.61 -1.26
N GLY A 115 -17.09 12.11 -2.10
CA GLY A 115 -15.70 12.53 -2.13
C GLY A 115 -14.90 11.73 -1.11
N VAL A 116 -15.08 10.41 -1.13
CA VAL A 116 -14.51 9.46 -0.19
C VAL A 116 -13.50 8.57 -0.91
N CYS A 117 -13.88 8.05 -2.09
CA CYS A 117 -13.09 7.09 -2.84
C CYS A 117 -13.21 7.33 -4.35
N ASP A 118 -12.31 6.71 -5.10
CA ASP A 118 -12.27 6.70 -6.57
C ASP A 118 -13.09 5.53 -7.13
N ASN A 119 -13.48 5.67 -8.41
CA ASN A 119 -14.22 4.72 -9.23
C ASN A 119 -13.81 3.25 -9.03
N ASP A 120 -12.50 2.98 -9.06
CA ASP A 120 -11.97 1.63 -9.01
C ASP A 120 -11.83 1.15 -7.56
N THR A 121 -11.54 2.08 -6.65
CA THR A 121 -11.25 1.78 -5.25
C THR A 121 -12.49 1.35 -4.47
N VAL A 122 -13.65 1.99 -4.70
CA VAL A 122 -14.92 1.57 -4.10
C VAL A 122 -15.23 0.11 -4.41
N PRO A 123 -15.94 -0.61 -3.52
CA PRO A 123 -16.49 -1.91 -3.84
C PRO A 123 -17.55 -1.80 -4.93
N SER A 124 -17.69 -2.85 -5.73
CA SER A 124 -18.49 -2.84 -6.96
C SER A 124 -19.99 -2.74 -6.68
N VAL A 125 -20.75 -2.37 -7.71
CA VAL A 125 -22.21 -2.36 -7.69
C VAL A 125 -22.75 -3.74 -7.30
N SER A 126 -22.12 -4.80 -7.83
CA SER A 126 -22.43 -6.18 -7.46
C SER A 126 -22.15 -6.41 -5.98
N SER A 127 -20.95 -6.03 -5.50
CA SER A 127 -20.53 -6.27 -4.13
C SER A 127 -21.50 -5.64 -3.15
N ILE A 128 -21.63 -4.31 -3.19
CA ILE A 128 -22.49 -3.56 -2.27
C ILE A 128 -23.91 -4.13 -2.24
N ASN A 129 -24.46 -4.51 -3.41
CA ASN A 129 -25.74 -5.18 -3.50
C ASN A 129 -25.74 -6.49 -2.70
N ARG A 130 -24.72 -7.34 -2.87
CA ARG A 130 -24.59 -8.58 -2.11
C ARG A 130 -24.54 -8.32 -0.60
N ILE A 131 -23.77 -7.31 -0.15
CA ILE A 131 -23.75 -6.93 1.26
C ILE A 131 -25.18 -6.61 1.74
N ILE A 132 -25.88 -5.69 1.07
CA ILE A 132 -27.28 -5.33 1.33
C ILE A 132 -28.16 -6.59 1.48
N ARG A 133 -28.18 -7.47 0.48
CA ARG A 133 -28.90 -8.75 0.54
C ARG A 133 -28.57 -9.56 1.80
N THR A 134 -27.28 -9.70 2.12
CA THR A 134 -26.84 -10.52 3.25
C THR A 134 -27.09 -9.86 4.61
N LYS A 135 -27.55 -8.60 4.67
CA LYS A 135 -28.12 -8.04 5.89
C LYS A 135 -29.53 -8.59 6.14
N VAL A 136 -30.09 -9.34 5.17
CA VAL A 136 -31.43 -9.89 5.14
C VAL A 136 -32.41 -8.72 4.96
N GLN A 137 -32.39 -8.13 3.74
CA GLN A 137 -33.17 -6.97 3.37
C GLN A 137 -34.61 -7.37 3.02
N GLN A 138 -35.44 -7.61 4.05
CA GLN A 138 -36.83 -7.98 3.88
C GLN A 138 -37.61 -6.86 3.19
N PRO A 139 -38.60 -7.19 2.36
CA PRO A 139 -39.43 -6.20 1.67
C PRO A 139 -40.39 -5.54 2.65
N PHE A 140 -40.98 -4.41 2.24
CA PHE A 140 -41.93 -3.65 3.05
C PHE A 140 -43.33 -4.25 2.93
N ASN A 141 -43.44 -5.55 3.24
CA ASN A 141 -44.68 -6.31 3.16
C ASN A 141 -44.50 -7.64 3.89
N LEU A 142 -45.58 -8.10 4.54
CA LEU A 142 -45.69 -9.43 5.12
C LEU A 142 -46.85 -10.15 4.41
N PRO A 143 -46.58 -11.07 3.47
CA PRO A 143 -47.61 -11.72 2.68
C PRO A 143 -48.28 -12.84 3.50
N MET A 144 -49.20 -12.44 4.41
CA MET A 144 -49.94 -13.36 5.24
C MET A 144 -50.94 -14.16 4.39
N ASP A 145 -51.02 -15.47 4.64
CA ASP A 145 -51.97 -16.38 4.01
C ASP A 145 -53.36 -16.23 4.60
N SER A 146 -54.35 -16.86 3.97
CA SER A 146 -55.75 -16.86 4.39
C SER A 146 -56.38 -18.21 4.05
N GLY A 147 -57.37 -18.64 4.84
CA GLY A 147 -58.10 -19.87 4.62
C GLY A 147 -59.12 -20.08 5.75
N ALA A 148 -60.36 -20.44 5.38
CA ALA A 148 -61.46 -20.65 6.31
C ALA A 148 -62.58 -21.43 5.62
N PRO A 149 -63.39 -22.20 6.37
CA PRO A 149 -64.53 -22.94 5.83
C PRO A 149 -65.71 -22.01 5.56
N GLY A 150 -66.80 -22.56 5.02
CA GLY A 150 -68.02 -21.82 4.74
C GLY A 150 -69.18 -22.77 4.41
N GLY A 151 -70.38 -22.20 4.21
CA GLY A 151 -71.58 -22.96 3.91
C GLY A 151 -72.78 -22.02 3.77
N GLY A 152 -73.98 -22.59 3.71
CA GLY A 152 -75.23 -21.83 3.58
C GLY A 152 -76.43 -22.74 3.82
N SER A 153 -76.58 -23.21 5.06
CA SER A 153 -77.65 -24.11 5.47
C SER A 153 -78.98 -23.36 5.56
N HIS A 154 -80.08 -24.05 5.24
CA HIS A 154 -81.44 -23.54 5.35
C HIS A 154 -82.43 -24.71 5.30
N HIS A 155 -83.71 -24.42 5.57
CA HIS A 155 -84.79 -25.39 5.61
C HIS A 155 -85.13 -25.91 4.21
N HIS A 156 -86.01 -26.91 4.16
CA HIS A 156 -86.64 -27.42 2.93
C HIS A 156 -88.15 -27.28 3.09
N HIS A 157 -88.83 -26.95 1.98
CA HIS A 157 -90.28 -26.81 1.89
C HIS A 157 -90.84 -25.94 3.03
N HIS A 158 -91.54 -26.56 3.99
CA HIS A 158 -92.26 -25.89 5.07
C HIS A 158 -92.80 -26.96 6.01
N HIS A 159 -93.68 -27.82 5.47
CA HIS A 159 -94.28 -28.94 6.20
C HIS A 159 -93.28 -30.09 6.28
N MET A 1 68.54 5.35 -81.69
CA MET A 1 67.80 6.17 -82.66
C MET A 1 66.37 6.48 -82.19
N PRO A 2 65.44 5.51 -82.13
CA PRO A 2 64.08 5.77 -81.66
C PRO A 2 64.06 6.01 -80.16
N HIS A 3 63.14 6.88 -79.72
CA HIS A 3 62.95 7.21 -78.30
C HIS A 3 62.38 6.01 -77.55
N ASN A 4 62.96 5.72 -76.38
CA ASN A 4 62.55 4.62 -75.52
C ASN A 4 62.72 5.08 -74.06
N SER A 5 61.82 4.61 -73.18
CA SER A 5 61.81 4.93 -71.77
C SER A 5 61.01 3.88 -71.01
N ILE A 6 61.18 3.83 -69.68
CA ILE A 6 60.46 2.95 -68.78
C ILE A 6 60.24 3.71 -67.46
N ARG A 7 59.09 3.48 -66.81
CA ARG A 7 58.70 4.13 -65.57
C ARG A 7 57.98 3.12 -64.67
N SER A 8 57.85 3.46 -63.38
CA SER A 8 57.17 2.67 -62.37
C SER A 8 56.75 3.58 -61.22
N GLY A 9 55.82 3.10 -60.39
CA GLY A 9 55.32 3.85 -59.24
C GLY A 9 54.17 3.08 -58.59
N HIS A 10 54.40 2.58 -57.37
CA HIS A 10 53.40 1.86 -56.59
C HIS A 10 53.75 1.98 -55.10
N GLY A 11 52.74 1.83 -54.23
CA GLY A 11 52.90 1.89 -52.79
C GLY A 11 51.56 1.63 -52.10
N GLY A 12 51.52 1.87 -50.79
CA GLY A 12 50.33 1.71 -49.97
C GLY A 12 50.56 2.33 -48.58
N LEU A 13 49.47 2.70 -47.90
CA LEU A 13 49.50 3.40 -46.62
C LEU A 13 48.51 2.74 -45.67
N ASN A 14 49.01 1.88 -44.78
CA ASN A 14 48.22 1.26 -43.73
C ASN A 14 47.83 2.31 -42.68
N GLN A 15 46.71 2.08 -41.99
CA GLN A 15 46.19 2.94 -40.93
C GLN A 15 45.60 2.07 -39.82
N LEU A 16 45.53 2.64 -38.61
CA LEU A 16 45.02 1.99 -37.41
C LEU A 16 44.07 2.94 -36.69
N GLY A 17 43.30 2.42 -35.71
CA GLY A 17 42.37 3.21 -34.92
C GLY A 17 41.76 2.36 -33.81
N GLY A 18 41.20 3.03 -32.79
CA GLY A 18 40.56 2.39 -31.65
C GLY A 18 40.67 3.29 -30.41
N ALA A 19 39.54 3.51 -29.71
CA ALA A 19 39.49 4.34 -28.51
C ALA A 19 39.90 3.51 -27.29
N PHE A 20 41.12 2.98 -27.33
CA PHE A 20 41.67 2.08 -26.33
C PHE A 20 43.12 2.47 -26.07
N VAL A 21 43.30 3.65 -25.45
CA VAL A 21 44.58 4.32 -25.25
C VAL A 21 44.65 4.87 -23.82
N ASN A 22 45.82 5.38 -23.41
CA ASN A 22 45.98 6.01 -22.10
C ASN A 22 45.05 7.21 -21.98
N GLY A 23 44.26 7.24 -20.89
CA GLY A 23 43.30 8.31 -20.63
C GLY A 23 42.18 8.33 -21.66
N ARG A 24 41.72 7.16 -22.10
CA ARG A 24 40.56 7.02 -22.99
C ARG A 24 39.32 7.62 -22.33
N PRO A 25 38.38 8.20 -23.10
CA PRO A 25 37.20 8.87 -22.56
C PRO A 25 36.31 7.88 -21.80
N LEU A 26 35.62 8.38 -20.76
CA LEU A 26 34.86 7.56 -19.82
C LEU A 26 33.41 8.05 -19.67
N PRO A 27 32.60 8.06 -20.73
CA PRO A 27 31.15 8.24 -20.63
C PRO A 27 30.51 6.93 -20.13
N GLU A 28 29.19 6.81 -20.25
CA GLU A 28 28.39 5.66 -19.81
C GLU A 28 28.98 4.31 -20.23
N VAL A 29 29.61 4.26 -21.41
CA VAL A 29 30.25 3.06 -21.97
C VAL A 29 31.30 2.46 -21.03
N VAL A 30 31.85 3.25 -20.08
CA VAL A 30 32.76 2.76 -19.06
C VAL A 30 32.19 1.54 -18.35
N ARG A 31 30.91 1.60 -17.97
CA ARG A 31 30.22 0.48 -17.33
C ARG A 31 30.30 -0.76 -18.23
N GLN A 32 29.88 -0.62 -19.49
CA GLN A 32 29.83 -1.71 -20.46
C GLN A 32 31.21 -2.36 -20.64
N ARG A 33 32.26 -1.54 -20.85
CA ARG A 33 33.61 -2.03 -21.05
C ARG A 33 34.11 -2.78 -19.82
N ILE A 34 34.03 -2.16 -18.63
CA ILE A 34 34.47 -2.77 -17.38
C ILE A 34 33.75 -4.10 -17.15
N VAL A 35 32.43 -4.13 -17.32
CA VAL A 35 31.63 -5.34 -17.15
C VAL A 35 32.10 -6.43 -18.12
N ASP A 36 32.10 -6.13 -19.43
CA ASP A 36 32.45 -7.07 -20.49
C ASP A 36 33.84 -7.65 -20.27
N LEU A 37 34.81 -6.79 -19.97
CA LEU A 37 36.18 -7.18 -19.73
C LEU A 37 36.29 -8.05 -18.48
N ALA A 38 35.83 -7.53 -17.32
CA ALA A 38 35.88 -8.21 -16.03
C ALA A 38 35.24 -9.59 -16.08
N HIS A 39 34.21 -9.78 -16.91
CA HIS A 39 33.51 -11.04 -17.07
C HIS A 39 34.46 -12.21 -17.40
N GLN A 40 35.53 -11.98 -18.17
CA GLN A 40 36.48 -13.04 -18.48
C GLN A 40 37.26 -13.52 -17.25
N GLY A 41 37.37 -12.67 -16.21
CA GLY A 41 38.06 -12.96 -14.97
C GLY A 41 39.36 -12.15 -14.90
N VAL A 42 39.28 -10.89 -14.45
CA VAL A 42 40.38 -9.94 -14.49
C VAL A 42 40.59 -9.33 -13.10
N ARG A 43 41.81 -9.43 -12.57
CA ARG A 43 42.22 -8.77 -11.34
C ARG A 43 42.23 -7.25 -11.57
N PRO A 44 41.92 -6.42 -10.57
CA PRO A 44 41.87 -4.97 -10.71
C PRO A 44 43.22 -4.41 -11.17
N CYS A 45 44.33 -4.99 -10.70
CA CYS A 45 45.66 -4.65 -11.17
C CYS A 45 45.82 -4.89 -12.67
N ASP A 46 45.22 -5.96 -13.21
CA ASP A 46 45.26 -6.31 -14.61
C ASP A 46 44.32 -5.42 -15.43
N ILE A 47 43.14 -5.07 -14.89
CA ILE A 47 42.26 -4.08 -15.48
C ILE A 47 43.05 -2.79 -15.71
N SER A 48 43.85 -2.36 -14.73
CA SER A 48 44.66 -1.15 -14.83
C SER A 48 45.55 -1.15 -16.07
N ARG A 49 46.11 -2.32 -16.45
CA ARG A 49 46.94 -2.45 -17.64
C ARG A 49 46.11 -2.23 -18.90
N GLN A 50 45.03 -3.00 -19.05
CA GLN A 50 44.21 -3.05 -20.25
C GLN A 50 43.47 -1.72 -20.50
N LEU A 51 42.97 -1.09 -19.43
CA LEU A 51 42.39 0.25 -19.46
C LEU A 51 43.50 1.29 -19.60
N ARG A 52 44.70 0.96 -19.10
CA ARG A 52 45.90 1.78 -19.15
C ARG A 52 45.69 3.04 -18.32
N VAL A 53 45.47 2.83 -17.03
CA VAL A 53 45.16 3.83 -16.02
C VAL A 53 45.77 3.41 -14.67
N SER A 54 45.58 4.21 -13.63
CA SER A 54 45.97 3.88 -12.27
C SER A 54 44.99 2.88 -11.65
N HIS A 55 45.48 2.06 -10.71
CA HIS A 55 44.64 1.18 -9.89
C HIS A 55 43.63 2.00 -9.07
N GLY A 56 44.00 3.24 -8.71
CA GLY A 56 43.10 4.20 -8.09
C GLY A 56 41.89 4.49 -8.97
N CYS A 57 42.11 4.63 -10.29
CA CYS A 57 41.03 4.88 -11.25
C CYS A 57 40.17 3.62 -11.40
N VAL A 58 40.79 2.44 -11.52
CA VAL A 58 40.07 1.17 -11.61
C VAL A 58 39.09 1.03 -10.45
N SER A 59 39.59 1.21 -9.22
CA SER A 59 38.81 1.11 -8.00
C SER A 59 37.54 1.96 -8.07
N LYS A 60 37.64 3.19 -8.60
CA LYS A 60 36.52 4.09 -8.75
C LYS A 60 35.54 3.59 -9.82
N ILE A 61 35.98 3.46 -11.07
CA ILE A 61 35.10 3.15 -12.20
C ILE A 61 34.39 1.80 -12.06
N LEU A 62 34.98 0.86 -11.31
CA LEU A 62 34.32 -0.39 -10.92
C LEU A 62 32.92 -0.14 -10.34
N GLY A 63 32.79 0.91 -9.52
CA GLY A 63 31.52 1.26 -8.90
C GLY A 63 31.67 2.52 -8.05
N ARG A 64 31.59 3.69 -8.69
CA ARG A 64 31.42 4.94 -7.97
C ARG A 64 30.00 5.03 -7.40
N TYR A 65 29.04 4.44 -8.12
CA TYR A 65 27.60 4.56 -7.89
C TYR A 65 27.10 5.99 -8.16
N TYR A 66 27.82 6.74 -9.01
CA TYR A 66 27.45 8.08 -9.44
C TYR A 66 28.35 8.53 -10.61
N GLU A 67 28.52 7.66 -11.63
CA GLU A 67 29.26 8.02 -12.83
C GLU A 67 28.39 8.85 -13.78
N THR A 68 28.88 9.09 -15.00
CA THR A 68 28.21 9.88 -16.03
C THR A 68 26.78 9.39 -16.27
N GLY A 69 26.58 8.06 -16.29
CA GLY A 69 25.26 7.46 -16.37
C GLY A 69 24.59 7.53 -15.01
N SER A 70 24.84 6.53 -14.15
CA SER A 70 24.25 6.40 -12.83
C SER A 70 24.97 5.33 -12.05
N ILE A 71 24.75 4.09 -12.47
CA ILE A 71 25.17 2.86 -11.81
C ILE A 71 24.54 2.78 -10.42
N ARG A 72 23.26 3.18 -10.33
CA ARG A 72 22.45 3.10 -9.12
C ARG A 72 21.26 2.18 -9.40
N PRO A 73 21.41 0.85 -9.27
CA PRO A 73 20.39 -0.12 -9.63
C PRO A 73 19.28 -0.15 -8.58
N GLY A 74 18.22 0.62 -8.80
CA GLY A 74 17.04 0.65 -7.94
C GLY A 74 16.22 1.90 -8.23
N VAL A 75 16.18 2.83 -7.26
CA VAL A 75 15.47 4.10 -7.31
C VAL A 75 14.04 4.00 -7.88
N ILE A 76 13.30 2.98 -7.45
CA ILE A 76 11.92 2.74 -7.88
C ILE A 76 10.97 3.61 -7.05
N GLY A 77 11.13 3.59 -5.72
CA GLY A 77 10.21 4.26 -4.80
C GLY A 77 9.03 3.35 -4.49
N GLY A 78 8.14 3.17 -5.47
CA GLY A 78 6.97 2.30 -5.42
C GLY A 78 6.15 2.46 -4.13
N SER A 79 6.01 3.71 -3.67
CA SER A 79 5.47 4.04 -2.35
C SER A 79 3.98 4.35 -2.45
N LYS A 80 3.15 3.30 -2.32
CA LYS A 80 1.71 3.39 -2.26
C LYS A 80 1.21 2.83 -0.91
N PRO A 81 1.48 3.53 0.21
CA PRO A 81 1.09 3.08 1.54
C PRO A 81 -0.40 3.29 1.79
N LYS A 82 -0.89 2.78 2.94
CA LYS A 82 -2.25 2.96 3.43
C LYS A 82 -3.25 2.36 2.43
N VAL A 83 -3.37 1.03 2.45
CA VAL A 83 -4.38 0.32 1.67
C VAL A 83 -5.67 0.30 2.48
N ALA A 84 -6.77 0.74 1.87
CA ALA A 84 -8.09 0.76 2.49
C ALA A 84 -8.74 -0.62 2.32
N THR A 85 -9.15 -1.24 3.43
CA THR A 85 -9.75 -2.57 3.43
C THR A 85 -10.85 -2.72 4.49
N PRO A 86 -10.56 -2.69 5.80
CA PRO A 86 -11.57 -2.96 6.83
C PRO A 86 -12.61 -1.85 6.90
N LYS A 87 -12.18 -0.58 6.91
CA LYS A 87 -13.08 0.56 7.05
C LYS A 87 -14.08 0.65 5.89
N VAL A 88 -13.65 0.21 4.69
CA VAL A 88 -14.50 0.13 3.51
C VAL A 88 -15.74 -0.73 3.79
N VAL A 89 -15.60 -1.81 4.57
CA VAL A 89 -16.72 -2.71 4.91
C VAL A 89 -17.80 -1.97 5.70
N GLU A 90 -17.40 -1.11 6.65
CA GLU A 90 -18.32 -0.34 7.47
C GLU A 90 -19.19 0.59 6.61
N LYS A 91 -18.61 1.18 5.56
CA LYS A 91 -19.26 2.21 4.76
C LYS A 91 -20.60 1.76 4.18
N ILE A 92 -20.66 0.59 3.54
CA ILE A 92 -21.91 -0.08 3.17
C ILE A 92 -22.95 0.06 4.28
N GLY A 93 -22.63 -0.50 5.45
CA GLY A 93 -23.49 -0.50 6.62
C GLY A 93 -23.98 0.91 6.96
N ASP A 94 -23.05 1.86 7.12
CA ASP A 94 -23.38 3.22 7.50
C ASP A 94 -24.37 3.84 6.52
N TYR A 95 -24.08 3.78 5.22
CA TYR A 95 -24.93 4.38 4.20
C TYR A 95 -26.30 3.69 4.11
N LYS A 96 -26.39 2.38 4.38
CA LYS A 96 -27.69 1.71 4.49
C LYS A 96 -28.48 2.24 5.70
N ARG A 97 -27.82 2.41 6.86
CA ARG A 97 -28.45 2.91 8.07
C ARG A 97 -28.94 4.35 7.87
N GLN A 98 -28.07 5.21 7.32
CA GLN A 98 -28.33 6.62 7.06
C GLN A 98 -29.45 6.77 6.02
N ASN A 99 -29.37 6.00 4.93
CA ASN A 99 -30.21 6.15 3.75
C ASN A 99 -30.69 4.76 3.28
N PRO A 100 -31.66 4.15 3.98
CA PRO A 100 -32.19 2.84 3.65
C PRO A 100 -33.12 2.89 2.43
N THR A 101 -33.72 4.06 2.16
CA THR A 101 -34.67 4.25 1.08
C THR A 101 -33.99 4.06 -0.28
N MET A 102 -32.85 4.72 -0.51
CA MET A 102 -32.15 4.67 -1.78
C MET A 102 -31.36 3.37 -1.96
N PHE A 103 -30.83 3.21 -3.17
CA PHE A 103 -30.39 1.94 -3.72
C PHE A 103 -28.87 1.82 -3.74
N ALA A 104 -28.39 0.63 -4.13
CA ALA A 104 -26.97 0.33 -4.26
C ALA A 104 -26.26 1.35 -5.14
N TRP A 105 -26.84 1.67 -6.31
CA TRP A 105 -26.35 2.71 -7.22
C TRP A 105 -25.98 4.00 -6.47
N GLU A 106 -26.92 4.52 -5.68
CA GLU A 106 -26.74 5.73 -4.88
C GLU A 106 -25.56 5.57 -3.92
N ILE A 107 -25.54 4.44 -3.22
CA ILE A 107 -24.65 4.18 -2.09
C ILE A 107 -23.22 3.87 -2.54
N ARG A 108 -23.04 3.30 -3.73
CA ARG A 108 -21.75 3.23 -4.41
C ARG A 108 -21.24 4.65 -4.60
N ASP A 109 -22.04 5.49 -5.26
CA ASP A 109 -21.68 6.86 -5.60
C ASP A 109 -21.60 7.77 -4.37
N ARG A 110 -22.10 7.33 -3.21
CA ARG A 110 -21.98 8.06 -1.95
C ARG A 110 -20.52 8.15 -1.50
N LEU A 111 -19.73 7.10 -1.73
CA LEU A 111 -18.28 7.14 -1.49
C LEU A 111 -17.63 8.22 -2.35
N LEU A 112 -18.01 8.28 -3.63
CA LEU A 112 -17.45 9.23 -4.59
C LEU A 112 -17.84 10.67 -4.20
N ALA A 113 -19.11 10.89 -3.87
CA ALA A 113 -19.67 12.18 -3.49
C ALA A 113 -19.01 12.71 -2.21
N GLU A 114 -18.86 11.87 -1.18
CA GLU A 114 -18.19 12.23 0.06
C GLU A 114 -16.70 12.46 -0.19
N GLY A 115 -16.11 11.71 -1.14
CA GLY A 115 -14.72 11.83 -1.54
C GLY A 115 -13.87 10.88 -0.70
N VAL A 116 -14.18 9.58 -0.78
CA VAL A 116 -13.58 8.53 0.03
C VAL A 116 -12.76 7.60 -0.85
N CYS A 117 -13.41 6.96 -1.83
CA CYS A 117 -12.84 5.91 -2.66
C CYS A 117 -12.72 6.39 -4.11
N ASP A 118 -11.72 5.87 -4.85
CA ASP A 118 -11.54 6.21 -6.26
C ASP A 118 -12.61 5.52 -7.12
N ASN A 119 -12.94 6.17 -8.24
CA ASN A 119 -13.91 5.76 -9.25
C ASN A 119 -13.91 4.26 -9.54
N ASP A 120 -12.73 3.67 -9.76
CA ASP A 120 -12.59 2.28 -10.17
C ASP A 120 -12.52 1.36 -8.95
N THR A 121 -11.88 1.84 -7.87
CA THR A 121 -11.67 1.07 -6.65
C THR A 121 -12.96 0.90 -5.84
N VAL A 122 -13.96 1.78 -6.05
CA VAL A 122 -15.25 1.77 -5.38
C VAL A 122 -15.87 0.37 -5.43
N PRO A 123 -16.40 -0.16 -4.31
CA PRO A 123 -17.03 -1.47 -4.28
C PRO A 123 -18.30 -1.46 -5.12
N SER A 124 -18.52 -2.57 -5.82
CA SER A 124 -19.49 -2.70 -6.89
C SER A 124 -20.93 -2.60 -6.37
N VAL A 125 -21.87 -2.30 -7.27
CA VAL A 125 -23.31 -2.26 -7.00
C VAL A 125 -23.75 -3.59 -6.41
N SER A 126 -23.38 -4.69 -7.08
CA SER A 126 -23.66 -6.05 -6.63
C SER A 126 -23.01 -6.33 -5.27
N SER A 127 -21.79 -5.80 -5.02
CA SER A 127 -21.05 -6.09 -3.81
C SER A 127 -21.76 -5.49 -2.59
N ILE A 128 -21.91 -4.17 -2.56
CA ILE A 128 -22.55 -3.46 -1.45
C ILE A 128 -23.97 -3.98 -1.17
N ASN A 129 -24.69 -4.35 -2.23
CA ASN A 129 -25.98 -5.00 -2.11
C ASN A 129 -25.85 -6.35 -1.40
N ARG A 130 -25.07 -7.28 -1.97
CA ARG A 130 -24.95 -8.66 -1.48
C ARG A 130 -24.45 -8.72 -0.03
N ILE A 131 -23.53 -7.83 0.34
CA ILE A 131 -23.01 -7.69 1.70
C ILE A 131 -24.14 -7.51 2.72
N ILE A 132 -25.29 -6.93 2.34
CA ILE A 132 -26.46 -6.74 3.19
C ILE A 132 -27.57 -7.75 2.87
N ARG A 133 -27.66 -8.27 1.63
CA ARG A 133 -28.59 -9.35 1.29
C ARG A 133 -28.45 -10.52 2.26
N THR A 134 -27.19 -10.92 2.51
CA THR A 134 -26.84 -12.01 3.41
C THR A 134 -27.36 -11.81 4.84
N LYS A 135 -27.80 -10.60 5.23
CA LYS A 135 -28.31 -10.28 6.54
C LYS A 135 -29.83 -10.14 6.54
N VAL A 136 -30.37 -9.29 5.67
CA VAL A 136 -31.75 -8.83 5.75
C VAL A 136 -32.20 -8.29 4.40
N GLN A 137 -33.06 -9.07 3.72
CA GLN A 137 -33.63 -8.75 2.43
C GLN A 137 -34.94 -9.49 2.19
N GLN A 138 -35.68 -9.05 1.15
CA GLN A 138 -36.93 -9.67 0.71
C GLN A 138 -36.60 -10.79 -0.29
N PRO A 139 -37.28 -11.95 -0.21
CA PRO A 139 -36.99 -13.11 -1.04
C PRO A 139 -37.37 -12.91 -2.50
N PHE A 140 -36.80 -13.75 -3.37
CA PHE A 140 -37.05 -13.77 -4.81
C PHE A 140 -38.17 -14.77 -5.10
N ASN A 141 -39.17 -14.36 -5.87
CA ASN A 141 -40.36 -15.18 -6.16
C ASN A 141 -40.86 -14.91 -7.58
N LEU A 142 -41.66 -15.85 -8.11
CA LEU A 142 -42.25 -15.76 -9.44
C LEU A 142 -43.59 -16.52 -9.41
N PRO A 143 -44.67 -15.89 -8.88
CA PRO A 143 -45.95 -16.56 -8.65
C PRO A 143 -46.78 -16.63 -9.94
N MET A 144 -46.39 -17.53 -10.85
CA MET A 144 -47.08 -17.75 -12.11
C MET A 144 -48.21 -18.77 -11.95
N ASP A 145 -49.23 -18.63 -12.81
CA ASP A 145 -50.35 -19.55 -12.93
C ASP A 145 -50.04 -20.60 -14.00
N SER A 146 -50.66 -21.78 -13.88
CA SER A 146 -50.57 -22.86 -14.84
C SER A 146 -51.94 -23.48 -15.11
N GLY A 147 -53.00 -22.67 -15.06
CA GLY A 147 -54.37 -23.11 -15.26
C GLY A 147 -54.73 -23.02 -16.74
N ALA A 148 -55.37 -24.07 -17.27
CA ALA A 148 -55.79 -24.15 -18.67
C ALA A 148 -56.92 -25.18 -18.82
N PRO A 149 -58.13 -24.88 -18.31
CA PRO A 149 -59.27 -25.79 -18.37
C PRO A 149 -59.91 -25.78 -19.77
N GLY A 150 -60.84 -26.71 -20.00
CA GLY A 150 -61.57 -26.82 -21.26
C GLY A 150 -62.54 -28.00 -21.22
N GLY A 151 -63.42 -28.11 -22.22
CA GLY A 151 -64.40 -29.18 -22.31
C GLY A 151 -65.40 -28.93 -23.45
N GLY A 152 -66.34 -29.85 -23.62
CA GLY A 152 -67.38 -29.78 -24.63
C GLY A 152 -68.33 -30.99 -24.52
N SER A 153 -69.52 -30.88 -25.11
CA SER A 153 -70.54 -31.92 -25.06
C SER A 153 -71.60 -31.68 -26.13
N HIS A 154 -72.45 -32.69 -26.37
CA HIS A 154 -73.56 -32.67 -27.32
C HIS A 154 -74.69 -33.54 -26.80
N HIS A 155 -75.93 -33.24 -27.22
CA HIS A 155 -77.12 -34.01 -26.89
C HIS A 155 -78.14 -33.87 -28.04
N HIS A 156 -77.68 -34.14 -29.27
CA HIS A 156 -78.49 -34.01 -30.47
C HIS A 156 -79.24 -35.34 -30.71
N HIS A 157 -80.18 -35.65 -29.83
CA HIS A 157 -80.93 -36.89 -29.86
C HIS A 157 -82.06 -36.78 -30.88
N HIS A 158 -81.99 -37.60 -31.94
CA HIS A 158 -82.95 -37.61 -33.03
C HIS A 158 -84.24 -38.32 -32.62
N HIS A 159 -85.37 -37.93 -33.22
CA HIS A 159 -86.64 -38.63 -33.09
C HIS A 159 -86.74 -39.67 -34.20
N MET A 1 47.99 -87.19 3.17
CA MET A 1 48.80 -86.13 3.80
C MET A 1 49.00 -84.98 2.82
N PRO A 2 48.02 -84.06 2.69
CA PRO A 2 48.10 -82.94 1.75
C PRO A 2 49.01 -81.83 2.29
N HIS A 3 49.23 -80.80 1.47
CA HIS A 3 49.99 -79.60 1.81
C HIS A 3 49.24 -78.39 1.27
N ASN A 4 49.31 -77.27 2.01
CA ASN A 4 48.77 -75.97 1.64
C ASN A 4 49.70 -74.89 2.19
N SER A 5 49.61 -73.67 1.65
CA SER A 5 50.39 -72.53 2.09
C SER A 5 49.61 -71.24 1.82
N ILE A 6 49.23 -71.03 0.55
CA ILE A 6 48.36 -69.94 0.12
C ILE A 6 49.02 -68.59 0.42
N ARG A 7 50.03 -68.25 -0.39
CA ARG A 7 50.82 -67.03 -0.27
C ARG A 7 50.40 -66.03 -1.36
N SER A 8 50.39 -64.74 -1.01
CA SER A 8 50.02 -63.66 -1.92
C SER A 8 50.63 -62.35 -1.42
N GLY A 9 50.93 -61.44 -2.36
CA GLY A 9 51.37 -60.09 -2.06
C GLY A 9 50.18 -59.15 -1.84
N HIS A 10 50.48 -57.90 -1.47
CA HIS A 10 49.49 -56.84 -1.24
C HIS A 10 50.20 -55.48 -1.31
N GLY A 11 49.44 -54.41 -1.55
CA GLY A 11 49.94 -53.05 -1.60
C GLY A 11 48.77 -52.06 -1.72
N GLY A 12 49.10 -50.77 -1.91
CA GLY A 12 48.14 -49.70 -2.06
C GLY A 12 48.81 -48.45 -2.64
N LEU A 13 47.99 -47.44 -2.99
CA LEU A 13 48.42 -46.20 -3.62
C LEU A 13 47.88 -44.99 -2.86
N ASN A 14 48.63 -43.88 -2.90
CA ASN A 14 48.24 -42.59 -2.33
C ASN A 14 47.43 -41.79 -3.35
N GLN A 15 46.77 -40.71 -2.89
CA GLN A 15 45.88 -39.87 -3.69
C GLN A 15 46.22 -38.38 -3.57
N LEU A 16 46.08 -37.82 -2.35
CA LEU A 16 46.21 -36.38 -2.07
C LEU A 16 45.12 -35.56 -2.80
N GLY A 17 45.11 -34.24 -2.59
CA GLY A 17 44.14 -33.34 -3.21
C GLY A 17 44.49 -31.87 -2.93
N GLY A 18 43.74 -30.95 -3.57
CA GLY A 18 43.95 -29.51 -3.45
C GLY A 18 43.23 -28.93 -2.24
N ALA A 19 43.13 -27.59 -2.18
CA ALA A 19 42.48 -26.87 -1.08
C ALA A 19 41.97 -25.51 -1.55
N PHE A 20 40.95 -24.99 -0.86
CA PHE A 20 40.26 -23.75 -1.19
C PHE A 20 41.03 -22.54 -0.64
N VAL A 21 42.28 -22.39 -1.08
CA VAL A 21 43.20 -21.37 -0.61
C VAL A 21 44.41 -21.25 -1.54
N ASN A 22 44.87 -22.39 -2.09
CA ASN A 22 46.03 -22.48 -2.97
C ASN A 22 46.00 -21.45 -4.10
N GLY A 23 44.84 -21.34 -4.77
CA GLY A 23 44.60 -20.38 -5.83
C GLY A 23 43.14 -20.49 -6.28
N ARG A 24 42.21 -20.34 -5.33
CA ARG A 24 40.79 -20.60 -5.54
C ARG A 24 39.98 -19.34 -5.19
N PRO A 25 39.91 -18.35 -6.11
CA PRO A 25 39.17 -17.10 -5.92
C PRO A 25 37.68 -17.33 -6.18
N LEU A 26 37.04 -18.07 -5.28
CA LEU A 26 35.64 -18.47 -5.35
C LEU A 26 34.76 -17.49 -4.56
N PRO A 27 33.43 -17.54 -4.74
CA PRO A 27 32.48 -16.67 -4.05
C PRO A 27 32.39 -17.04 -2.55
N GLU A 28 31.29 -16.67 -1.88
CA GLU A 28 31.11 -16.77 -0.43
C GLU A 28 31.38 -18.17 0.16
N VAL A 29 31.36 -19.23 -0.65
CA VAL A 29 31.80 -20.57 -0.25
C VAL A 29 33.21 -20.56 0.37
N VAL A 30 34.09 -19.66 -0.12
CA VAL A 30 35.39 -19.39 0.45
C VAL A 30 35.29 -19.15 1.96
N ARG A 31 34.36 -18.28 2.40
CA ARG A 31 34.15 -17.96 3.80
C ARG A 31 34.08 -19.22 4.66
N GLN A 32 33.26 -20.19 4.23
CA GLN A 32 33.03 -21.44 4.92
C GLN A 32 34.33 -22.23 5.07
N ARG A 33 35.21 -22.18 4.06
CA ARG A 33 36.51 -22.84 4.09
C ARG A 33 37.51 -22.10 4.98
N ILE A 34 37.45 -20.76 5.03
CA ILE A 34 38.23 -19.99 5.99
C ILE A 34 37.85 -20.42 7.40
N VAL A 35 36.54 -20.46 7.70
CA VAL A 35 36.01 -20.94 8.97
C VAL A 35 36.50 -22.36 9.26
N ASP A 36 36.36 -23.27 8.28
CA ASP A 36 36.72 -24.68 8.41
C ASP A 36 38.15 -24.85 8.92
N LEU A 37 39.13 -24.21 8.26
CA LEU A 37 40.53 -24.32 8.63
C LEU A 37 40.82 -23.53 9.91
N ALA A 38 40.39 -22.25 9.97
CA ALA A 38 40.62 -21.36 11.09
C ALA A 38 40.11 -21.92 12.43
N HIS A 39 39.09 -22.78 12.37
CA HIS A 39 38.57 -23.51 13.52
C HIS A 39 39.69 -24.20 14.32
N GLN A 40 40.72 -24.74 13.64
CA GLN A 40 41.83 -25.40 14.30
C GLN A 40 42.63 -24.46 15.20
N GLY A 41 42.57 -23.14 14.93
CA GLY A 41 43.26 -22.12 15.70
C GLY A 41 44.66 -21.89 15.11
N VAL A 42 44.73 -21.13 14.02
CA VAL A 42 45.97 -20.83 13.32
C VAL A 42 45.93 -19.39 12.78
N ARG A 43 47.11 -18.77 12.70
CA ARG A 43 47.28 -17.44 12.11
C ARG A 43 47.24 -17.53 10.58
N PRO A 44 46.88 -16.46 9.86
CA PRO A 44 46.85 -16.43 8.40
C PRO A 44 48.26 -16.25 7.82
N CYS A 45 49.17 -17.17 8.17
CA CYS A 45 50.54 -17.24 7.68
C CYS A 45 50.91 -18.70 7.45
N ASP A 46 50.82 -19.50 8.53
CA ASP A 46 51.09 -20.94 8.51
C ASP A 46 50.11 -21.71 7.62
N ILE A 47 48.99 -21.10 7.22
CA ILE A 47 48.13 -21.64 6.18
C ILE A 47 48.97 -21.92 4.91
N SER A 48 49.95 -21.06 4.62
CA SER A 48 50.89 -21.24 3.53
C SER A 48 51.67 -22.55 3.65
N ARG A 49 52.42 -22.75 4.74
CA ARG A 49 53.30 -23.91 4.89
C ARG A 49 52.53 -25.22 5.01
N GLN A 50 51.37 -25.24 5.69
CA GLN A 50 50.53 -26.42 5.79
C GLN A 50 50.07 -26.92 4.42
N LEU A 51 49.42 -26.05 3.62
CA LEU A 51 48.87 -26.43 2.32
C LEU A 51 49.93 -26.32 1.22
N ARG A 52 51.12 -25.79 1.56
CA ARG A 52 52.27 -25.64 0.68
C ARG A 52 51.95 -24.72 -0.49
N VAL A 53 51.56 -23.48 -0.15
CA VAL A 53 51.19 -22.43 -1.10
C VAL A 53 52.40 -21.50 -1.27
N SER A 54 52.28 -20.21 -0.93
CA SER A 54 53.35 -19.23 -1.00
C SER A 54 53.14 -18.20 0.12
N HIS A 55 52.23 -17.24 -0.11
CA HIS A 55 51.87 -16.17 0.83
C HIS A 55 50.82 -15.26 0.19
N GLY A 56 51.03 -14.86 -1.06
CA GLY A 56 50.17 -13.92 -1.78
C GLY A 56 48.77 -14.49 -1.95
N CYS A 57 48.67 -15.69 -2.54
CA CYS A 57 47.40 -16.36 -2.77
C CYS A 57 46.65 -16.56 -1.46
N VAL A 58 47.36 -17.02 -0.42
CA VAL A 58 46.81 -17.21 0.90
C VAL A 58 46.17 -15.92 1.40
N SER A 59 46.96 -14.85 1.51
CA SER A 59 46.50 -13.52 1.93
C SER A 59 45.24 -13.10 1.17
N LYS A 60 45.21 -13.29 -0.15
CA LYS A 60 44.09 -12.92 -0.99
C LYS A 60 42.83 -13.71 -0.63
N ILE A 61 42.88 -15.05 -0.67
CA ILE A 61 41.71 -15.88 -0.39
C ILE A 61 41.21 -15.71 1.04
N LEU A 62 42.12 -15.54 2.02
CA LEU A 62 41.76 -15.17 3.39
C LEU A 62 40.95 -13.87 3.38
N GLY A 63 41.50 -12.81 2.76
CA GLY A 63 40.81 -11.56 2.58
C GLY A 63 41.75 -10.51 2.01
N ARG A 64 41.43 -9.97 0.83
CA ARG A 64 42.22 -8.89 0.23
C ARG A 64 42.19 -7.66 1.15
N TYR A 65 40.99 -7.29 1.63
CA TYR A 65 40.80 -6.14 2.51
C TYR A 65 39.48 -6.27 3.28
N TYR A 66 39.14 -7.47 3.74
CA TYR A 66 37.80 -7.82 4.22
C TYR A 66 36.81 -7.61 3.07
N GLU A 67 36.89 -8.52 2.08
CA GLU A 67 36.39 -8.34 0.73
C GLU A 67 34.93 -7.87 0.68
N THR A 68 34.65 -6.92 -0.20
CA THR A 68 33.30 -6.51 -0.56
C THR A 68 32.66 -7.50 -1.55
N GLY A 69 33.46 -8.08 -2.47
CA GLY A 69 32.99 -9.02 -3.46
C GLY A 69 32.58 -10.34 -2.81
N SER A 70 33.56 -11.22 -2.56
CA SER A 70 33.34 -12.48 -1.88
C SER A 70 33.23 -12.22 -0.36
N ILE A 71 32.88 -13.27 0.38
CA ILE A 71 32.80 -13.28 1.84
C ILE A 71 31.78 -12.24 2.35
N ARG A 72 30.66 -12.07 1.61
CA ARG A 72 29.59 -11.14 1.95
C ARG A 72 28.22 -11.73 1.56
N PRO A 73 27.77 -12.81 2.22
CA PRO A 73 26.45 -13.38 1.97
C PRO A 73 25.37 -12.48 2.59
N GLY A 74 24.39 -12.06 1.79
CA GLY A 74 23.28 -11.23 2.24
C GLY A 74 22.42 -10.77 1.06
N VAL A 75 21.18 -10.38 1.35
CA VAL A 75 20.21 -9.85 0.40
C VAL A 75 19.08 -9.18 1.19
N ILE A 76 18.80 -7.91 0.88
CA ILE A 76 17.77 -7.10 1.50
C ILE A 76 16.53 -7.08 0.59
N GLY A 77 15.34 -7.24 1.17
CA GLY A 77 14.08 -7.15 0.46
C GLY A 77 12.90 -7.34 1.42
N GLY A 78 11.69 -6.97 0.99
CA GLY A 78 10.49 -7.08 1.79
C GLY A 78 9.30 -6.40 1.11
N SER A 79 8.08 -6.70 1.58
CA SER A 79 6.83 -6.14 1.08
C SER A 79 5.77 -6.18 2.19
N LYS A 80 4.91 -5.16 2.27
CA LYS A 80 3.87 -5.06 3.27
C LYS A 80 2.78 -4.08 2.80
N PRO A 81 1.87 -4.51 1.90
CA PRO A 81 0.90 -3.62 1.27
C PRO A 81 -0.26 -3.27 2.23
N LYS A 82 -0.96 -2.18 1.91
CA LYS A 82 -2.07 -1.63 2.66
C LYS A 82 -3.06 -0.99 1.67
N VAL A 83 -4.23 -1.60 1.48
CA VAL A 83 -5.29 -1.11 0.60
C VAL A 83 -6.64 -1.32 1.28
N ALA A 84 -7.51 -0.30 1.23
CA ALA A 84 -8.86 -0.35 1.77
C ALA A 84 -9.80 -0.96 0.74
N THR A 85 -10.64 -1.92 1.15
CA THR A 85 -11.58 -2.60 0.27
C THR A 85 -12.79 -3.18 1.03
N PRO A 86 -12.65 -4.20 1.90
CA PRO A 86 -13.79 -4.86 2.51
C PRO A 86 -14.52 -3.95 3.50
N LYS A 87 -13.78 -3.18 4.31
CA LYS A 87 -14.33 -2.29 5.31
C LYS A 87 -15.27 -1.24 4.69
N VAL A 88 -15.07 -0.90 3.42
CA VAL A 88 -15.92 0.08 2.73
C VAL A 88 -17.38 -0.40 2.65
N VAL A 89 -17.63 -1.72 2.70
CA VAL A 89 -18.98 -2.28 2.81
C VAL A 89 -19.71 -1.69 4.02
N GLU A 90 -19.01 -1.58 5.16
CA GLU A 90 -19.57 -0.99 6.38
C GLU A 90 -20.01 0.44 6.11
N LYS A 91 -19.22 1.18 5.32
CA LYS A 91 -19.47 2.58 5.03
C LYS A 91 -20.65 2.75 4.07
N ILE A 92 -20.86 1.81 3.13
CA ILE A 92 -22.10 1.79 2.39
C ILE A 92 -23.26 1.58 3.36
N GLY A 93 -23.09 0.63 4.30
CA GLY A 93 -24.04 0.39 5.39
C GLY A 93 -24.41 1.67 6.13
N ASP A 94 -23.42 2.41 6.62
CA ASP A 94 -23.64 3.62 7.41
C ASP A 94 -24.39 4.68 6.61
N TYR A 95 -23.96 4.96 5.38
CA TYR A 95 -24.61 5.94 4.53
C TYR A 95 -26.04 5.52 4.18
N LYS A 96 -26.28 4.22 3.91
CA LYS A 96 -27.61 3.67 3.72
C LYS A 96 -28.49 3.92 4.94
N ARG A 97 -27.97 3.65 6.15
CA ARG A 97 -28.66 3.87 7.41
C ARG A 97 -28.98 5.35 7.62
N GLN A 98 -28.02 6.24 7.33
CA GLN A 98 -28.19 7.69 7.45
C GLN A 98 -29.33 8.16 6.54
N ASN A 99 -29.23 7.81 5.25
CA ASN A 99 -30.15 8.20 4.19
C ASN A 99 -31.49 7.49 4.33
N PRO A 100 -32.55 7.98 3.65
CA PRO A 100 -33.81 7.25 3.53
C PRO A 100 -33.65 6.07 2.56
N THR A 101 -34.75 5.55 2.00
CA THR A 101 -34.77 4.37 1.14
C THR A 101 -34.27 4.70 -0.27
N MET A 102 -33.01 5.11 -0.37
CA MET A 102 -32.29 5.35 -1.62
C MET A 102 -31.79 4.04 -2.21
N PHE A 103 -31.25 4.12 -3.43
CA PHE A 103 -30.67 3.00 -4.16
C PHE A 103 -29.18 2.91 -3.86
N ALA A 104 -28.64 1.68 -3.81
CA ALA A 104 -27.23 1.40 -3.60
C ALA A 104 -26.32 2.14 -4.58
N TRP A 105 -26.78 2.31 -5.83
CA TRP A 105 -26.09 3.08 -6.86
C TRP A 105 -25.75 4.50 -6.40
N GLU A 106 -26.63 5.12 -5.61
CA GLU A 106 -26.44 6.46 -5.09
C GLU A 106 -25.46 6.42 -3.92
N ILE A 107 -25.54 5.38 -3.07
CA ILE A 107 -24.65 5.24 -1.92
C ILE A 107 -23.20 5.00 -2.34
N ARG A 108 -23.00 4.21 -3.42
CA ARG A 108 -21.73 4.08 -4.11
C ARG A 108 -21.17 5.49 -4.39
N ASP A 109 -21.97 6.32 -5.08
CA ASP A 109 -21.57 7.66 -5.48
C ASP A 109 -21.39 8.60 -4.28
N ARG A 110 -22.00 8.29 -3.12
CA ARG A 110 -21.83 9.04 -1.88
C ARG A 110 -20.36 9.04 -1.45
N LEU A 111 -19.69 7.87 -1.49
CA LEU A 111 -18.26 7.75 -1.19
C LEU A 111 -17.43 8.61 -2.14
N LEU A 112 -17.75 8.58 -3.44
CA LEU A 112 -17.05 9.33 -4.46
C LEU A 112 -17.20 10.84 -4.19
N ALA A 113 -18.42 11.28 -3.91
CA ALA A 113 -18.76 12.68 -3.63
C ALA A 113 -18.05 13.19 -2.38
N GLU A 114 -18.00 12.38 -1.32
CA GLU A 114 -17.30 12.69 -0.09
C GLU A 114 -15.78 12.77 -0.34
N GLY A 115 -15.28 11.96 -1.29
CA GLY A 115 -13.89 11.91 -1.67
C GLY A 115 -13.16 10.87 -0.82
N VAL A 116 -13.77 9.69 -0.67
CA VAL A 116 -13.28 8.58 0.12
C VAL A 116 -12.67 7.56 -0.82
N CYS A 117 -13.48 7.10 -1.78
CA CYS A 117 -13.08 6.16 -2.82
C CYS A 117 -12.88 6.90 -4.14
N ASP A 118 -12.09 6.28 -5.03
CA ASP A 118 -11.90 6.69 -6.41
C ASP A 118 -12.85 5.89 -7.31
N ASN A 119 -12.95 6.31 -8.57
CA ASN A 119 -13.80 5.77 -9.63
C ASN A 119 -14.01 4.26 -9.54
N ASP A 120 -12.91 3.49 -9.54
CA ASP A 120 -12.94 2.03 -9.50
C ASP A 120 -12.01 1.55 -8.40
N THR A 121 -12.56 1.72 -7.21
CA THR A 121 -12.07 1.24 -5.93
C THR A 121 -13.29 0.96 -5.03
N VAL A 122 -14.25 1.90 -5.06
CA VAL A 122 -15.57 1.81 -4.45
C VAL A 122 -16.21 0.43 -4.68
N PRO A 123 -16.81 -0.19 -3.65
CA PRO A 123 -17.39 -1.52 -3.78
C PRO A 123 -18.67 -1.49 -4.63
N SER A 124 -18.87 -2.58 -5.37
CA SER A 124 -20.04 -2.81 -6.19
C SER A 124 -21.30 -3.01 -5.35
N VAL A 125 -22.46 -2.80 -5.99
CA VAL A 125 -23.75 -3.19 -5.46
C VAL A 125 -23.80 -4.71 -5.25
N SER A 126 -23.17 -5.47 -6.15
CA SER A 126 -22.94 -6.89 -5.98
C SER A 126 -22.07 -7.18 -4.75
N SER A 127 -21.08 -6.31 -4.47
CA SER A 127 -20.07 -6.56 -3.45
C SER A 127 -20.55 -6.21 -2.05
N ILE A 128 -21.58 -5.38 -1.91
CA ILE A 128 -22.31 -5.22 -0.65
C ILE A 128 -23.36 -6.34 -0.52
N ASN A 129 -24.10 -6.61 -1.60
CA ASN A 129 -25.18 -7.58 -1.67
C ASN A 129 -24.74 -8.96 -1.19
N ARG A 130 -23.60 -9.45 -1.69
CA ARG A 130 -23.09 -10.79 -1.38
C ARG A 130 -22.98 -11.08 0.13
N ILE A 131 -22.77 -10.05 0.97
CA ILE A 131 -22.76 -10.19 2.40
C ILE A 131 -24.19 -10.36 2.91
N ILE A 132 -25.08 -9.41 2.58
CA ILE A 132 -26.47 -9.40 2.99
C ILE A 132 -27.17 -10.73 2.63
N ARG A 133 -26.84 -11.28 1.45
CA ARG A 133 -27.33 -12.58 0.98
C ARG A 133 -27.17 -13.66 2.05
N THR A 134 -25.98 -13.81 2.62
CA THR A 134 -25.68 -14.84 3.60
C THR A 134 -26.47 -14.63 4.90
N LYS A 135 -26.78 -13.38 5.25
CA LYS A 135 -27.63 -13.06 6.39
C LYS A 135 -29.10 -13.35 6.00
N VAL A 136 -29.73 -12.43 5.26
CA VAL A 136 -31.10 -12.52 4.81
C VAL A 136 -31.36 -11.40 3.79
N GLN A 137 -31.35 -11.74 2.49
CA GLN A 137 -31.85 -10.88 1.43
C GLN A 137 -33.38 -11.03 1.31
N GLN A 138 -33.98 -10.15 0.51
CA GLN A 138 -35.42 -10.13 0.24
C GLN A 138 -35.63 -10.30 -1.27
N PRO A 139 -35.61 -11.54 -1.80
CA PRO A 139 -35.72 -11.78 -3.23
C PRO A 139 -37.12 -11.41 -3.74
N PHE A 140 -37.13 -10.61 -4.80
CA PHE A 140 -38.34 -10.01 -5.36
C PHE A 140 -38.92 -10.95 -6.41
N ASN A 141 -39.42 -12.10 -5.97
CA ASN A 141 -40.03 -13.11 -6.82
C ASN A 141 -40.99 -13.96 -5.98
N LEU A 142 -42.09 -14.39 -6.62
CA LEU A 142 -43.08 -15.29 -6.05
C LEU A 142 -43.10 -16.56 -6.90
N PRO A 143 -42.32 -17.61 -6.55
CA PRO A 143 -42.24 -18.83 -7.32
C PRO A 143 -43.51 -19.68 -7.10
N MET A 144 -43.80 -20.58 -8.05
CA MET A 144 -44.98 -21.43 -8.01
C MET A 144 -44.71 -22.68 -8.84
N ASP A 145 -44.79 -23.85 -8.21
CA ASP A 145 -44.69 -25.15 -8.87
C ASP A 145 -46.03 -25.48 -9.54
N SER A 146 -45.99 -26.34 -10.57
CA SER A 146 -47.18 -26.75 -11.32
C SER A 146 -46.89 -28.07 -12.04
N GLY A 147 -47.95 -28.76 -12.47
CA GLY A 147 -47.87 -30.03 -13.17
C GLY A 147 -49.24 -30.39 -13.77
N ALA A 148 -49.28 -31.51 -14.49
CA ALA A 148 -50.50 -32.00 -15.16
C ALA A 148 -50.43 -33.52 -15.33
N PRO A 149 -50.52 -34.29 -14.24
CA PRO A 149 -50.52 -35.75 -14.31
C PRO A 149 -51.86 -36.28 -14.84
N GLY A 150 -51.89 -37.57 -15.19
CA GLY A 150 -53.10 -38.22 -15.70
C GLY A 150 -52.80 -39.69 -16.03
N GLY A 151 -53.82 -40.41 -16.51
CA GLY A 151 -53.72 -41.81 -16.86
C GLY A 151 -55.07 -42.36 -17.31
N GLY A 152 -55.13 -43.67 -17.56
CA GLY A 152 -56.34 -44.36 -17.99
C GLY A 152 -56.13 -45.87 -17.96
N SER A 153 -57.22 -46.63 -18.13
CA SER A 153 -57.22 -48.08 -18.11
C SER A 153 -58.40 -48.60 -18.95
N HIS A 154 -58.35 -49.89 -19.29
CA HIS A 154 -59.37 -50.56 -20.10
C HIS A 154 -59.24 -52.07 -19.95
N HIS A 155 -60.21 -52.80 -20.51
CA HIS A 155 -60.22 -54.25 -20.55
C HIS A 155 -61.10 -54.71 -21.73
N HIS A 156 -61.37 -56.01 -21.81
CA HIS A 156 -62.17 -56.63 -22.85
C HIS A 156 -63.24 -57.55 -22.21
N HIS A 157 -64.03 -58.20 -23.05
CA HIS A 157 -65.06 -59.16 -22.65
C HIS A 157 -65.12 -60.28 -23.69
N HIS A 158 -65.56 -61.47 -23.25
CA HIS A 158 -65.93 -62.59 -24.09
C HIS A 158 -67.01 -63.38 -23.37
N HIS A 159 -67.92 -64.01 -24.13
CA HIS A 159 -68.98 -64.84 -23.59
C HIS A 159 -68.40 -66.20 -23.18
N MET A 1 59.24 11.68 57.65
CA MET A 1 59.53 10.76 56.53
C MET A 1 58.44 9.69 56.41
N PRO A 2 57.29 10.01 55.79
CA PRO A 2 56.16 9.09 55.70
C PRO A 2 56.47 7.95 54.72
N HIS A 3 57.00 8.29 53.54
CA HIS A 3 57.41 7.35 52.50
C HIS A 3 56.24 6.48 52.04
N ASN A 4 55.32 7.10 51.28
CA ASN A 4 54.19 6.42 50.65
C ASN A 4 53.99 6.97 49.25
N SER A 5 53.39 6.16 48.37
CA SER A 5 53.10 6.51 46.98
C SER A 5 51.88 5.71 46.51
N ILE A 6 51.92 4.39 46.69
CA ILE A 6 50.81 3.47 46.44
C ILE A 6 50.42 3.52 44.95
N ARG A 7 51.26 2.94 44.09
CA ARG A 7 50.99 2.74 42.68
C ARG A 7 50.37 1.35 42.53
N SER A 8 49.04 1.28 42.46
CA SER A 8 48.29 0.03 42.33
C SER A 8 46.97 0.31 41.62
N GLY A 9 46.57 -0.55 40.67
CA GLY A 9 45.34 -0.41 39.92
C GLY A 9 45.21 -1.54 38.90
N HIS A 10 44.08 -1.56 38.19
CA HIS A 10 43.77 -2.54 37.16
C HIS A 10 42.67 -2.01 36.23
N GLY A 11 42.66 -2.48 34.98
CA GLY A 11 41.60 -2.25 34.01
C GLY A 11 41.62 -3.38 32.99
N GLY A 12 40.46 -3.69 32.39
CA GLY A 12 40.33 -4.77 31.42
C GLY A 12 38.90 -4.82 30.88
N LEU A 13 38.67 -4.19 29.72
CA LEU A 13 37.38 -4.15 29.06
C LEU A 13 37.49 -4.81 27.68
N ASN A 14 36.40 -5.43 27.22
CA ASN A 14 36.34 -6.19 25.98
C ASN A 14 34.89 -6.22 25.49
N GLN A 15 34.68 -6.03 24.18
CA GLN A 15 33.36 -5.80 23.60
C GLN A 15 32.66 -7.11 23.20
N LEU A 16 33.26 -7.87 22.26
CA LEU A 16 32.63 -9.03 21.62
C LEU A 16 31.31 -8.62 20.95
N GLY A 17 30.32 -9.53 20.94
CA GLY A 17 29.05 -9.32 20.26
C GLY A 17 29.27 -9.19 18.75
N GLY A 18 29.76 -10.27 18.13
CA GLY A 18 30.25 -10.22 16.76
C GLY A 18 30.32 -11.61 16.12
N ALA A 19 29.16 -12.24 15.93
CA ALA A 19 29.03 -13.53 15.26
C ALA A 19 27.64 -13.64 14.63
N PHE A 20 27.56 -14.25 13.45
CA PHE A 20 26.33 -14.33 12.66
C PHE A 20 25.51 -15.53 13.09
N VAL A 21 24.19 -15.35 13.26
CA VAL A 21 23.26 -16.44 13.56
C VAL A 21 23.17 -17.35 12.34
N ASN A 22 22.97 -18.65 12.59
CA ASN A 22 22.93 -19.70 11.57
C ASN A 22 21.98 -19.34 10.43
N GLY A 23 22.53 -19.26 9.20
CA GLY A 23 21.76 -19.03 7.99
C GLY A 23 21.29 -17.58 7.82
N ARG A 24 21.77 -16.64 8.64
CA ARG A 24 21.43 -15.22 8.53
C ARG A 24 22.62 -14.50 7.87
N PRO A 25 22.44 -13.90 6.67
CA PRO A 25 23.51 -13.25 5.95
C PRO A 25 23.80 -11.88 6.55
N LEU A 26 24.99 -11.71 7.13
CA LEU A 26 25.51 -10.47 7.71
C LEU A 26 24.46 -9.58 8.37
N PRO A 27 23.77 -10.04 9.43
CA PRO A 27 22.83 -9.24 10.19
C PRO A 27 23.58 -8.12 10.94
N GLU A 28 22.83 -7.18 11.53
CA GLU A 28 23.34 -5.91 12.05
C GLU A 28 24.47 -6.07 13.09
N VAL A 29 24.57 -7.24 13.74
CA VAL A 29 25.66 -7.61 14.63
C VAL A 29 27.04 -7.35 13.99
N VAL A 30 27.14 -7.45 12.65
CA VAL A 30 28.35 -7.17 11.89
C VAL A 30 28.92 -5.79 12.21
N ARG A 31 28.06 -4.78 12.43
CA ARG A 31 28.50 -3.44 12.82
C ARG A 31 29.38 -3.56 14.06
N GLN A 32 28.85 -4.20 15.10
CA GLN A 32 29.51 -4.38 16.38
C GLN A 32 30.74 -5.29 16.28
N ARG A 33 30.75 -6.27 15.36
CA ARG A 33 31.91 -7.12 15.15
C ARG A 33 33.10 -6.29 14.65
N ILE A 34 32.85 -5.33 13.75
CA ILE A 34 33.87 -4.42 13.27
C ILE A 34 34.30 -3.45 14.37
N VAL A 35 33.40 -3.04 15.28
CA VAL A 35 33.78 -2.22 16.43
C VAL A 35 34.71 -2.99 17.36
N ASP A 36 34.34 -4.22 17.74
CA ASP A 36 35.14 -5.11 18.58
C ASP A 36 36.54 -5.30 17.98
N LEU A 37 36.60 -5.60 16.68
CA LEU A 37 37.84 -5.67 15.92
C LEU A 37 38.61 -4.36 16.07
N ALA A 38 37.98 -3.23 15.73
CA ALA A 38 38.62 -1.92 15.67
C ALA A 38 39.21 -1.49 17.01
N HIS A 39 38.61 -1.91 18.13
CA HIS A 39 39.13 -1.66 19.46
C HIS A 39 40.53 -2.25 19.68
N GLN A 40 40.95 -3.26 18.90
CA GLN A 40 42.33 -3.75 18.94
C GLN A 40 43.33 -2.68 18.49
N GLY A 41 42.88 -1.75 17.62
CA GLY A 41 43.70 -0.69 17.07
C GLY A 41 44.43 -1.16 15.81
N VAL A 42 43.65 -1.53 14.78
CA VAL A 42 44.17 -1.89 13.47
C VAL A 42 43.41 -1.09 12.40
N ARG A 43 44.07 -0.81 11.28
CA ARG A 43 43.53 0.04 10.21
C ARG A 43 42.26 -0.58 9.60
N PRO A 44 41.34 0.25 9.09
CA PRO A 44 40.08 -0.20 8.50
C PRO A 44 40.34 -1.01 7.21
N CYS A 45 41.32 -0.57 6.40
CA CYS A 45 41.70 -1.24 5.17
C CYS A 45 42.31 -2.62 5.43
N ASP A 46 43.14 -2.74 6.49
CA ASP A 46 43.84 -3.94 6.89
C ASP A 46 42.89 -5.12 7.18
N ILE A 47 41.63 -4.84 7.49
CA ILE A 47 40.58 -5.85 7.69
C ILE A 47 40.50 -6.79 6.47
N SER A 48 40.89 -6.30 5.28
CA SER A 48 41.10 -7.09 4.08
C SER A 48 41.84 -8.40 4.35
N ARG A 49 43.08 -8.34 4.86
CA ARG A 49 43.90 -9.53 5.05
C ARG A 49 43.40 -10.40 6.20
N GLN A 50 42.82 -9.80 7.25
CA GLN A 50 42.27 -10.53 8.38
C GLN A 50 41.15 -11.49 7.94
N LEU A 51 40.20 -10.98 7.14
CA LEU A 51 39.05 -11.75 6.68
C LEU A 51 39.30 -12.40 5.32
N ARG A 52 40.42 -12.06 4.65
CA ARG A 52 40.76 -12.46 3.30
C ARG A 52 39.67 -12.01 2.32
N VAL A 53 39.69 -10.72 1.98
CA VAL A 53 38.72 -10.09 1.07
C VAL A 53 39.50 -9.33 -0.02
N SER A 54 39.47 -7.99 0.00
CA SER A 54 40.06 -7.15 -1.04
C SER A 54 40.24 -5.72 -0.50
N HIS A 55 39.30 -4.81 -0.78
CA HIS A 55 39.32 -3.43 -0.30
C HIS A 55 37.99 -2.75 -0.59
N GLY A 56 37.55 -2.78 -1.85
CA GLY A 56 36.26 -2.25 -2.26
C GLY A 56 35.12 -3.00 -1.58
N CYS A 57 35.24 -4.33 -1.50
CA CYS A 57 34.28 -5.19 -0.84
C CYS A 57 34.38 -5.10 0.69
N VAL A 58 35.50 -4.57 1.21
CA VAL A 58 35.68 -4.29 2.63
C VAL A 58 34.99 -2.96 2.99
N SER A 59 35.12 -1.94 2.12
CA SER A 59 34.57 -0.61 2.33
C SER A 59 33.08 -0.66 2.72
N LYS A 60 32.29 -1.54 2.07
CA LYS A 60 30.89 -1.71 2.40
C LYS A 60 30.68 -2.20 3.84
N ILE A 61 31.54 -3.10 4.32
CA ILE A 61 31.48 -3.66 5.67
C ILE A 61 31.68 -2.56 6.71
N LEU A 62 32.63 -1.65 6.47
CA LEU A 62 32.83 -0.47 7.31
C LEU A 62 31.55 0.39 7.26
N GLY A 63 31.14 0.80 6.05
CA GLY A 63 29.92 1.54 5.84
C GLY A 63 30.01 2.43 4.60
N ARG A 64 29.97 1.84 3.40
CA ARG A 64 29.93 2.56 2.14
C ARG A 64 28.49 2.97 1.85
N TYR A 65 27.58 1.99 1.84
CA TYR A 65 26.14 2.19 1.74
C TYR A 65 25.41 1.35 2.80
N TYR A 66 26.05 1.20 3.96
CA TYR A 66 25.60 0.39 5.09
C TYR A 66 25.42 -1.07 4.65
N GLU A 67 26.41 -1.62 3.94
CA GLU A 67 26.32 -2.92 3.26
C GLU A 67 25.07 -2.95 2.38
N THR A 68 24.38 -4.09 2.30
CA THR A 68 23.11 -4.22 1.60
C THR A 68 21.98 -3.68 2.49
N GLY A 69 22.13 -2.42 2.93
CA GLY A 69 21.28 -1.79 3.92
C GLY A 69 21.09 -2.65 5.17
N SER A 70 22.17 -3.26 5.68
CA SER A 70 22.15 -4.23 6.76
C SER A 70 22.60 -3.67 8.10
N ILE A 71 23.38 -2.58 8.07
CA ILE A 71 23.84 -1.86 9.25
C ILE A 71 23.24 -0.45 9.26
N ARG A 72 21.92 -0.40 9.34
CA ARG A 72 21.13 0.82 9.45
C ARG A 72 20.34 0.78 10.77
N PRO A 73 20.99 1.05 11.92
CA PRO A 73 20.35 1.00 13.22
C PRO A 73 19.50 2.26 13.43
N GLY A 74 18.31 2.24 12.82
CA GLY A 74 17.36 3.34 12.85
C GLY A 74 16.38 3.21 11.68
N VAL A 75 15.45 2.26 11.79
CA VAL A 75 14.47 1.96 10.76
C VAL A 75 13.20 1.42 11.42
N ILE A 76 12.31 2.34 11.80
CA ILE A 76 11.02 2.02 12.40
C ILE A 76 10.10 1.45 11.31
N GLY A 77 9.39 0.36 11.61
CA GLY A 77 8.49 -0.28 10.68
C GLY A 77 7.59 -1.28 11.38
N GLY A 78 6.66 -1.88 10.64
CA GLY A 78 5.69 -2.83 11.15
C GLY A 78 4.64 -3.11 10.08
N SER A 79 4.60 -4.35 9.57
CA SER A 79 3.66 -4.76 8.53
C SER A 79 2.23 -4.82 9.06
N LYS A 80 1.27 -4.48 8.19
CA LYS A 80 -0.15 -4.48 8.46
C LYS A 80 -0.78 -5.71 7.80
N PRO A 81 -1.88 -6.25 8.34
CA PRO A 81 -2.55 -7.42 7.79
C PRO A 81 -3.20 -7.09 6.45
N LYS A 82 -3.37 -8.11 5.61
CA LYS A 82 -3.92 -7.98 4.27
C LYS A 82 -5.38 -8.44 4.29
N VAL A 83 -6.22 -7.67 4.98
CA VAL A 83 -7.65 -7.91 5.09
C VAL A 83 -8.32 -7.52 3.77
N ALA A 84 -9.25 -8.35 3.29
CA ALA A 84 -10.01 -8.10 2.08
C ALA A 84 -11.20 -7.20 2.41
N THR A 85 -11.33 -6.07 1.67
CA THR A 85 -12.41 -5.10 1.80
C THR A 85 -12.73 -4.76 3.27
N PRO A 86 -11.77 -4.19 4.02
CA PRO A 86 -11.89 -4.00 5.46
C PRO A 86 -12.91 -2.90 5.81
N LYS A 87 -12.51 -1.63 5.73
CA LYS A 87 -13.35 -0.50 6.12
C LYS A 87 -14.53 -0.32 5.16
N VAL A 88 -14.48 -0.96 3.98
CA VAL A 88 -15.60 -1.05 3.03
C VAL A 88 -16.90 -1.40 3.75
N VAL A 89 -16.85 -2.39 4.66
CA VAL A 89 -17.97 -2.83 5.47
C VAL A 89 -18.60 -1.64 6.21
N GLU A 90 -17.75 -0.81 6.84
CA GLU A 90 -18.18 0.38 7.56
C GLU A 90 -18.85 1.38 6.61
N LYS A 91 -18.28 1.58 5.41
CA LYS A 91 -18.83 2.55 4.45
C LYS A 91 -20.27 2.18 4.06
N ILE A 92 -20.46 0.96 3.52
CA ILE A 92 -21.79 0.38 3.27
C ILE A 92 -22.72 0.68 4.44
N GLY A 93 -22.26 0.30 5.66
CA GLY A 93 -22.95 0.51 6.91
C GLY A 93 -23.48 1.95 7.04
N ASP A 94 -22.58 2.93 7.02
CA ASP A 94 -22.93 4.33 7.23
C ASP A 94 -24.01 4.78 6.26
N TYR A 95 -23.80 4.63 4.95
CA TYR A 95 -24.79 4.98 3.96
C TYR A 95 -26.16 4.33 4.22
N LYS A 96 -26.19 3.05 4.59
CA LYS A 96 -27.44 2.37 4.90
C LYS A 96 -28.10 2.97 6.13
N ARG A 97 -27.33 3.27 7.17
CA ARG A 97 -27.82 3.83 8.43
C ARG A 97 -28.41 5.22 8.22
N GLN A 98 -27.66 6.10 7.53
CA GLN A 98 -28.08 7.49 7.31
C GLN A 98 -29.27 7.57 6.35
N ASN A 99 -29.41 6.61 5.42
CA ASN A 99 -30.61 6.46 4.61
C ASN A 99 -31.75 5.89 5.46
N PRO A 100 -33.02 6.20 5.13
CA PRO A 100 -34.17 5.52 5.70
C PRO A 100 -34.21 4.07 5.23
N THR A 101 -34.24 3.87 3.91
CA THR A 101 -34.33 2.59 3.24
C THR A 101 -33.25 2.53 2.16
N MET A 102 -33.59 2.98 0.94
CA MET A 102 -32.73 3.14 -0.22
C MET A 102 -32.00 1.86 -0.62
N PHE A 103 -31.13 1.99 -1.63
CA PHE A 103 -30.57 0.88 -2.38
C PHE A 103 -29.12 1.17 -2.77
N ALA A 104 -28.43 0.12 -3.24
CA ALA A 104 -27.02 0.14 -3.60
C ALA A 104 -26.67 1.16 -4.68
N TRP A 105 -27.62 1.49 -5.57
CA TRP A 105 -27.40 2.36 -6.72
C TRP A 105 -26.86 3.72 -6.26
N GLU A 106 -27.60 4.37 -5.36
CA GLU A 106 -27.21 5.61 -4.70
C GLU A 106 -25.81 5.50 -4.11
N ILE A 107 -25.59 4.41 -3.38
CA ILE A 107 -24.48 4.25 -2.45
C ILE A 107 -23.16 4.11 -3.19
N ARG A 108 -23.14 3.34 -4.30
CA ARG A 108 -21.94 3.16 -5.09
C ARG A 108 -21.44 4.49 -5.66
N ASP A 109 -22.36 5.33 -6.15
CA ASP A 109 -22.06 6.70 -6.54
C ASP A 109 -21.62 7.53 -5.33
N ARG A 110 -22.31 7.40 -4.19
CA ARG A 110 -22.07 8.22 -3.01
C ARG A 110 -20.65 8.07 -2.46
N LEU A 111 -20.07 6.86 -2.55
CA LEU A 111 -18.67 6.61 -2.26
C LEU A 111 -17.73 7.55 -3.02
N LEU A 112 -18.02 7.79 -4.31
CA LEU A 112 -17.20 8.65 -5.16
C LEU A 112 -17.53 10.12 -4.89
N ALA A 113 -18.82 10.44 -4.86
CA ALA A 113 -19.34 11.80 -4.72
C ALA A 113 -18.76 12.51 -3.51
N GLU A 114 -18.85 11.89 -2.34
CA GLU A 114 -18.33 12.43 -1.09
C GLU A 114 -16.80 12.37 -1.00
N GLY A 115 -16.14 11.65 -1.92
CA GLY A 115 -14.70 11.44 -1.88
C GLY A 115 -14.32 10.53 -0.72
N VAL A 116 -15.04 9.41 -0.60
CA VAL A 116 -14.91 8.42 0.47
C VAL A 116 -14.18 7.18 -0.04
N CYS A 117 -14.27 6.89 -1.34
CA CYS A 117 -13.47 5.87 -2.02
C CYS A 117 -13.06 6.41 -3.40
N ASP A 118 -11.90 5.97 -3.91
CA ASP A 118 -11.36 6.40 -5.19
C ASP A 118 -12.09 5.70 -6.35
N ASN A 119 -12.06 6.35 -7.52
CA ASN A 119 -12.69 5.91 -8.76
C ASN A 119 -12.33 4.48 -9.17
N ASP A 120 -11.10 4.04 -8.89
CA ASP A 120 -10.65 2.69 -9.21
C ASP A 120 -11.05 1.75 -8.08
N THR A 121 -10.71 2.14 -6.84
CA THR A 121 -10.77 1.27 -5.67
C THR A 121 -12.20 0.95 -5.23
N VAL A 122 -13.18 1.79 -5.62
CA VAL A 122 -14.59 1.62 -5.31
C VAL A 122 -15.09 0.20 -5.68
N PRO A 123 -15.81 -0.49 -4.77
CA PRO A 123 -16.39 -1.80 -5.04
C PRO A 123 -17.61 -1.66 -5.96
N SER A 124 -17.99 -2.77 -6.60
CA SER A 124 -19.16 -2.87 -7.47
C SER A 124 -20.44 -2.59 -6.69
N VAL A 125 -21.45 -2.07 -7.40
CA VAL A 125 -22.82 -1.93 -6.89
C VAL A 125 -23.33 -3.28 -6.37
N SER A 126 -23.02 -4.36 -7.09
CA SER A 126 -23.33 -5.73 -6.70
C SER A 126 -22.54 -6.15 -5.45
N SER A 127 -21.31 -5.66 -5.29
CA SER A 127 -20.43 -6.11 -4.21
C SER A 127 -20.76 -5.44 -2.88
N ILE A 128 -21.36 -4.24 -2.91
CA ILE A 128 -21.97 -3.65 -1.72
C ILE A 128 -23.37 -4.25 -1.47
N ASN A 129 -24.15 -4.48 -2.53
CA ASN A 129 -25.50 -5.01 -2.42
C ASN A 129 -25.52 -6.38 -1.75
N ARG A 130 -24.67 -7.30 -2.22
CA ARG A 130 -24.66 -8.69 -1.79
C ARG A 130 -24.52 -8.89 -0.28
N ILE A 131 -23.95 -7.92 0.46
CA ILE A 131 -23.95 -7.94 1.92
C ILE A 131 -25.41 -7.95 2.38
N ILE A 132 -26.14 -6.87 2.10
CA ILE A 132 -27.55 -6.69 2.45
C ILE A 132 -28.36 -7.91 2.00
N ARG A 133 -28.12 -8.43 0.79
CA ARG A 133 -28.84 -9.58 0.26
C ARG A 133 -28.64 -10.81 1.15
N THR A 134 -27.39 -11.20 1.41
CA THR A 134 -27.08 -12.37 2.22
C THR A 134 -27.68 -12.26 3.63
N LYS A 135 -27.74 -11.05 4.20
CA LYS A 135 -28.34 -10.83 5.50
C LYS A 135 -29.87 -10.93 5.38
N VAL A 136 -30.51 -9.96 4.70
CA VAL A 136 -31.95 -9.89 4.51
C VAL A 136 -32.21 -9.28 3.13
N GLN A 137 -32.36 -10.12 2.11
CA GLN A 137 -32.73 -9.70 0.77
C GLN A 137 -34.18 -9.21 0.72
N GLN A 138 -34.52 -8.51 -0.37
CA GLN A 138 -35.87 -8.10 -0.71
C GLN A 138 -36.30 -8.88 -1.96
N PRO A 139 -37.53 -9.42 -2.00
CA PRO A 139 -38.01 -10.19 -3.13
C PRO A 139 -38.32 -9.26 -4.32
N PHE A 140 -38.25 -9.82 -5.53
CA PHE A 140 -38.51 -9.09 -6.77
C PHE A 140 -39.97 -9.31 -7.18
N ASN A 141 -40.62 -8.25 -7.66
CA ASN A 141 -42.03 -8.25 -8.04
C ASN A 141 -42.31 -7.06 -8.95
N LEU A 142 -43.44 -7.11 -9.66
CA LEU A 142 -43.87 -6.07 -10.59
C LEU A 142 -45.40 -6.05 -10.62
N PRO A 143 -46.06 -5.52 -9.58
CA PRO A 143 -47.52 -5.39 -9.55
C PRO A 143 -47.94 -4.39 -10.63
N MET A 144 -48.88 -4.80 -11.48
CA MET A 144 -49.34 -4.01 -12.61
C MET A 144 -50.80 -4.38 -12.90
N ASP A 145 -51.61 -3.37 -13.24
CA ASP A 145 -53.00 -3.51 -13.64
C ASP A 145 -53.32 -2.44 -14.68
N SER A 146 -54.38 -2.66 -15.46
CA SER A 146 -54.85 -1.75 -16.49
C SER A 146 -56.26 -2.13 -16.91
N GLY A 147 -57.17 -1.16 -16.95
CA GLY A 147 -58.55 -1.38 -17.35
C GLY A 147 -59.21 -0.04 -17.66
N ALA A 148 -60.13 -0.03 -18.64
CA ALA A 148 -60.80 1.18 -19.12
C ALA A 148 -62.21 0.80 -19.59
N PRO A 149 -63.15 0.53 -18.68
CA PRO A 149 -64.51 0.15 -19.03
C PRO A 149 -65.31 1.37 -19.51
N GLY A 150 -66.43 1.13 -20.19
CA GLY A 150 -67.29 2.18 -20.72
C GLY A 150 -68.48 1.56 -21.45
N GLY A 151 -69.38 2.41 -21.94
CA GLY A 151 -70.56 1.99 -22.66
C GLY A 151 -71.47 3.18 -22.97
N GLY A 152 -72.64 2.92 -23.54
CA GLY A 152 -73.61 3.92 -23.89
C GLY A 152 -74.90 3.27 -24.39
N SER A 153 -75.98 4.05 -24.48
CA SER A 153 -77.28 3.61 -24.93
C SER A 153 -78.11 4.84 -25.33
N HIS A 154 -79.17 4.62 -26.11
CA HIS A 154 -80.07 5.67 -26.58
C HIS A 154 -81.41 5.03 -26.98
N HIS A 155 -82.46 5.85 -27.06
CA HIS A 155 -83.79 5.43 -27.45
C HIS A 155 -84.57 6.65 -27.96
N HIS A 156 -85.40 6.42 -28.98
CA HIS A 156 -86.28 7.41 -29.58
C HIS A 156 -87.72 7.12 -29.16
N HIS A 157 -88.27 7.99 -28.30
CA HIS A 157 -89.70 8.01 -28.00
C HIS A 157 -90.43 8.53 -29.24
N HIS A 158 -90.89 7.62 -30.10
CA HIS A 158 -91.50 7.96 -31.37
C HIS A 158 -92.90 8.54 -31.17
N HIS A 159 -93.24 9.56 -31.96
CA HIS A 159 -94.53 10.24 -31.92
C HIS A 159 -95.62 9.31 -32.45
N MET A 1 95.66 42.71 35.89
CA MET A 1 96.81 42.65 34.97
C MET A 1 96.49 41.88 33.68
N PRO A 2 96.24 40.56 33.68
CA PRO A 2 95.91 39.80 32.48
C PRO A 2 94.46 40.05 32.06
N HIS A 3 94.19 41.22 31.46
CA HIS A 3 92.89 41.59 30.94
C HIS A 3 92.52 40.71 29.74
N ASN A 4 91.28 40.23 29.69
CA ASN A 4 90.75 39.48 28.58
C ASN A 4 89.23 39.65 28.52
N SER A 5 88.78 40.66 27.78
CA SER A 5 87.36 40.88 27.49
C SER A 5 86.89 39.89 26.43
N ILE A 6 86.70 38.62 26.84
CA ILE A 6 86.21 37.56 25.97
C ILE A 6 84.72 37.76 25.65
N ARG A 7 84.27 37.24 24.51
CA ARG A 7 82.87 37.24 24.09
C ARG A 7 82.48 35.83 23.63
N SER A 8 81.17 35.59 23.51
CA SER A 8 80.58 34.34 23.03
C SER A 8 79.26 34.64 22.33
N GLY A 9 78.55 33.60 21.89
CA GLY A 9 77.28 33.71 21.19
C GLY A 9 76.65 32.34 20.98
N HIS A 10 75.57 32.30 20.18
CA HIS A 10 74.81 31.10 19.85
C HIS A 10 74.07 31.33 18.54
N GLY A 11 73.25 30.35 18.11
CA GLY A 11 72.46 30.44 16.90
C GLY A 11 71.23 29.54 16.98
N GLY A 12 70.54 29.38 15.85
CA GLY A 12 69.33 28.59 15.74
C GLY A 12 69.02 28.30 14.26
N LEU A 13 67.83 27.74 14.00
CA LEU A 13 67.42 27.29 12.67
C LEU A 13 65.91 27.16 12.59
N ASN A 14 65.41 26.74 11.42
CA ASN A 14 64.00 26.45 11.17
C ASN A 14 63.89 25.24 10.24
N GLN A 15 62.82 24.45 10.40
CA GLN A 15 62.64 23.18 9.72
C GLN A 15 61.37 23.17 8.87
N LEU A 16 60.22 23.50 9.47
CA LEU A 16 58.89 23.41 8.88
C LEU A 16 58.54 21.95 8.52
N GLY A 17 57.34 21.73 7.98
CA GLY A 17 56.86 20.41 7.59
C GLY A 17 55.55 20.52 6.81
N GLY A 18 55.10 19.39 6.25
CA GLY A 18 53.90 19.33 5.41
C GLY A 18 52.64 19.74 6.16
N ALA A 19 51.71 20.40 5.46
CA ALA A 19 50.49 20.96 6.03
C ALA A 19 49.42 21.06 4.95
N PHE A 20 48.15 21.05 5.38
CA PHE A 20 46.96 21.20 4.53
C PHE A 20 46.69 20.02 3.60
N VAL A 21 47.52 18.97 3.67
CA VAL A 21 47.34 17.74 2.91
C VAL A 21 48.08 16.60 3.62
N ASN A 22 49.35 16.84 3.99
CA ASN A 22 50.14 16.02 4.88
C ASN A 22 50.05 16.61 6.28
N GLY A 23 50.05 15.76 7.31
CA GLY A 23 49.86 16.18 8.68
C GLY A 23 48.37 16.42 8.95
N ARG A 24 47.78 17.43 8.28
CA ARG A 24 46.36 17.69 8.32
C ARG A 24 45.66 16.70 7.38
N PRO A 25 44.75 15.85 7.87
CA PRO A 25 44.10 14.83 7.08
C PRO A 25 42.99 15.42 6.19
N LEU A 26 42.41 14.57 5.33
CA LEU A 26 41.30 14.92 4.44
C LEU A 26 40.14 13.96 4.71
N PRO A 27 39.43 14.08 5.85
CA PRO A 27 38.24 13.31 6.16
C PRO A 27 37.07 13.79 5.29
N GLU A 28 35.83 13.56 5.73
CA GLU A 28 34.61 13.96 5.03
C GLU A 28 34.53 15.45 4.68
N VAL A 29 35.33 16.29 5.36
CA VAL A 29 35.50 17.71 5.02
C VAL A 29 36.01 17.91 3.58
N VAL A 30 36.52 16.86 2.93
CA VAL A 30 36.94 16.86 1.54
C VAL A 30 35.83 17.42 0.62
N ARG A 31 34.56 17.16 0.93
CA ARG A 31 33.44 17.77 0.22
C ARG A 31 33.54 19.30 0.30
N GLN A 32 33.77 19.86 1.49
CA GLN A 32 33.89 21.30 1.69
C GLN A 32 35.10 21.86 0.94
N ARG A 33 36.23 21.16 0.96
CA ARG A 33 37.43 21.54 0.20
C ARG A 33 37.07 21.66 -1.29
N ILE A 34 36.50 20.58 -1.85
CA ILE A 34 36.07 20.51 -3.26
C ILE A 34 35.15 21.67 -3.59
N VAL A 35 34.09 21.87 -2.79
CA VAL A 35 33.10 22.91 -3.00
C VAL A 35 33.76 24.28 -3.05
N ASP A 36 34.62 24.61 -2.06
CA ASP A 36 35.27 25.90 -1.99
C ASP A 36 36.13 26.18 -3.23
N LEU A 37 37.08 25.28 -3.51
CA LEU A 37 38.03 25.42 -4.62
C LEU A 37 37.31 25.48 -5.97
N ALA A 38 36.29 24.63 -6.17
CA ALA A 38 35.50 24.62 -7.38
C ALA A 38 34.69 25.90 -7.53
N HIS A 39 34.08 26.37 -6.43
CA HIS A 39 33.22 27.54 -6.44
C HIS A 39 33.99 28.80 -6.82
N GLN A 40 35.14 29.06 -6.17
CA GLN A 40 35.99 30.18 -6.55
C GLN A 40 36.57 29.98 -7.95
N GLY A 41 36.75 28.72 -8.38
CA GLY A 41 37.09 28.37 -9.76
C GLY A 41 38.59 28.49 -10.00
N VAL A 42 39.33 27.38 -9.81
CA VAL A 42 40.77 27.33 -10.04
C VAL A 42 41.11 26.07 -10.87
N ARG A 43 42.12 26.20 -11.76
CA ARG A 43 42.60 25.12 -12.60
C ARG A 43 43.38 24.08 -11.77
N PRO A 44 43.47 22.81 -12.23
CA PRO A 44 44.12 21.74 -11.49
C PRO A 44 45.66 21.79 -11.61
N CYS A 45 46.24 22.98 -11.39
CA CYS A 45 47.66 23.27 -11.35
C CYS A 45 47.92 24.24 -10.20
N ASP A 46 47.13 25.32 -10.16
CA ASP A 46 47.11 26.27 -9.05
C ASP A 46 46.44 25.64 -7.82
N ILE A 47 45.48 24.73 -8.00
CA ILE A 47 45.02 23.85 -6.94
C ILE A 47 46.21 23.08 -6.35
N SER A 48 47.10 22.57 -7.22
CA SER A 48 48.29 21.86 -6.79
C SER A 48 49.16 22.71 -5.86
N ARG A 49 49.21 24.03 -6.08
CA ARG A 49 49.91 24.96 -5.20
C ARG A 49 49.16 25.11 -3.87
N GLN A 50 47.86 25.42 -3.93
CA GLN A 50 47.02 25.59 -2.75
C GLN A 50 47.09 24.38 -1.80
N LEU A 51 47.14 23.15 -2.35
CA LEU A 51 47.19 21.91 -1.58
C LEU A 51 48.64 21.48 -1.29
N ARG A 52 49.62 22.05 -2.02
CA ARG A 52 51.03 21.70 -1.93
C ARG A 52 51.25 20.22 -2.29
N VAL A 53 50.99 19.88 -3.56
CA VAL A 53 51.15 18.54 -4.12
C VAL A 53 51.71 18.63 -5.54
N SER A 54 51.96 17.46 -6.16
CA SER A 54 52.53 17.35 -7.49
C SER A 54 51.50 17.67 -8.58
N HIS A 55 50.51 16.78 -8.76
CA HIS A 55 49.40 16.90 -9.70
C HIS A 55 48.49 15.68 -9.59
N GLY A 56 49.07 14.48 -9.55
CA GLY A 56 48.33 13.22 -9.46
C GLY A 56 47.34 13.21 -8.28
N CYS A 57 47.70 13.88 -7.18
CA CYS A 57 46.88 14.02 -6.00
C CYS A 57 45.68 14.93 -6.25
N VAL A 58 45.85 15.99 -7.06
CA VAL A 58 44.83 17.00 -7.30
C VAL A 58 43.52 16.37 -7.75
N SER A 59 43.56 15.48 -8.76
CA SER A 59 42.36 14.80 -9.28
C SER A 59 41.62 14.05 -8.17
N LYS A 60 42.37 13.36 -7.29
CA LYS A 60 41.82 12.58 -6.20
C LYS A 60 41.17 13.50 -5.15
N ILE A 61 41.86 14.61 -4.82
CA ILE A 61 41.38 15.63 -3.89
C ILE A 61 40.12 16.31 -4.45
N LEU A 62 40.06 16.50 -5.77
CA LEU A 62 38.88 16.98 -6.50
C LEU A 62 37.68 16.05 -6.27
N GLY A 63 37.92 14.81 -5.83
CA GLY A 63 36.91 13.85 -5.43
C GLY A 63 36.97 12.65 -6.35
N ARG A 64 36.80 11.44 -5.80
CA ARG A 64 36.60 10.24 -6.60
C ARG A 64 35.17 10.20 -7.17
N TYR A 65 34.26 11.03 -6.63
CA TYR A 65 32.90 11.28 -7.11
C TYR A 65 31.95 10.16 -6.68
N TYR A 66 30.83 10.57 -6.06
CA TYR A 66 29.81 9.70 -5.51
C TYR A 66 30.37 8.83 -4.39
N GLU A 67 30.97 9.49 -3.39
CA GLU A 67 31.48 8.86 -2.18
C GLU A 67 30.43 7.95 -1.54
N THR A 68 30.90 6.92 -0.82
CA THR A 68 30.10 5.83 -0.27
C THR A 68 28.69 6.25 0.11
N GLY A 69 28.57 7.19 1.06
CA GLY A 69 27.31 7.80 1.44
C GLY A 69 27.41 9.32 1.42
N SER A 70 27.93 9.92 0.34
CA SER A 70 27.96 11.35 0.15
C SER A 70 28.13 11.69 -1.34
N ILE A 71 27.92 12.97 -1.68
CA ILE A 71 27.98 13.48 -3.04
C ILE A 71 26.93 12.75 -3.89
N ARG A 72 25.68 12.72 -3.39
CA ARG A 72 24.58 11.98 -3.98
C ARG A 72 23.22 12.57 -3.57
N PRO A 73 22.98 13.87 -3.81
CA PRO A 73 21.73 14.52 -3.47
C PRO A 73 20.60 14.03 -4.37
N GLY A 74 19.36 14.06 -3.85
CA GLY A 74 18.17 13.62 -4.56
C GLY A 74 17.99 12.11 -4.43
N VAL A 75 17.04 11.68 -3.59
CA VAL A 75 16.75 10.29 -3.33
C VAL A 75 15.28 10.15 -2.91
N ILE A 76 14.47 9.55 -3.78
CA ILE A 76 13.06 9.25 -3.53
C ILE A 76 12.98 8.02 -2.62
N GLY A 77 12.05 8.04 -1.66
CA GLY A 77 11.81 6.91 -0.75
C GLY A 77 10.49 7.11 -0.01
N GLY A 78 9.90 6.00 0.47
CA GLY A 78 8.65 5.99 1.22
C GLY A 78 7.51 6.61 0.41
N SER A 79 7.28 6.08 -0.81
CA SER A 79 6.33 6.65 -1.75
C SER A 79 5.85 5.56 -2.71
N LYS A 80 4.88 4.75 -2.26
CA LYS A 80 4.19 3.76 -3.07
C LYS A 80 2.75 3.59 -2.58
N PRO A 81 1.89 4.61 -2.76
CA PRO A 81 0.51 4.58 -2.30
C PRO A 81 -0.40 3.84 -3.29
N LYS A 82 -1.58 3.42 -2.81
CA LYS A 82 -2.64 2.84 -3.62
C LYS A 82 -3.95 3.00 -2.84
N VAL A 83 -4.88 3.81 -3.35
CA VAL A 83 -6.16 4.07 -2.73
C VAL A 83 -7.06 2.84 -2.89
N ALA A 84 -7.50 2.30 -1.75
CA ALA A 84 -8.47 1.23 -1.57
C ALA A 84 -8.39 0.72 -0.13
N THR A 85 -9.53 0.26 0.40
CA THR A 85 -9.64 -0.39 1.70
C THR A 85 -10.92 -1.23 1.69
N PRO A 86 -10.93 -2.43 2.31
CA PRO A 86 -12.13 -3.27 2.36
C PRO A 86 -13.22 -2.67 3.26
N LYS A 87 -12.84 -1.76 4.17
CA LYS A 87 -13.74 -1.14 5.14
C LYS A 87 -14.88 -0.34 4.48
N VAL A 88 -14.73 0.04 3.20
CA VAL A 88 -15.81 0.61 2.41
C VAL A 88 -17.08 -0.24 2.52
N VAL A 89 -16.95 -1.57 2.38
CA VAL A 89 -18.06 -2.50 2.44
C VAL A 89 -18.82 -2.36 3.77
N GLU A 90 -18.10 -2.13 4.87
CA GLU A 90 -18.69 -1.96 6.18
C GLU A 90 -19.53 -0.68 6.22
N LYS A 91 -18.94 0.46 5.89
CA LYS A 91 -19.61 1.76 6.03
C LYS A 91 -20.62 2.09 4.91
N ILE A 92 -20.73 1.23 3.88
CA ILE A 92 -21.92 1.22 3.04
C ILE A 92 -23.15 0.91 3.91
N GLY A 93 -22.99 0.03 4.91
CA GLY A 93 -24.02 -0.27 5.89
C GLY A 93 -24.55 0.99 6.58
N ASP A 94 -23.65 1.90 6.98
CA ASP A 94 -24.05 3.17 7.56
C ASP A 94 -24.84 4.01 6.56
N TYR A 95 -24.36 4.13 5.32
CA TYR A 95 -25.07 4.88 4.31
C TYR A 95 -26.48 4.33 4.07
N LYS A 96 -26.66 3.00 4.08
CA LYS A 96 -27.96 2.36 3.97
C LYS A 96 -28.85 2.66 5.19
N ARG A 97 -28.38 2.40 6.42
CA ARG A 97 -29.19 2.61 7.61
C ARG A 97 -29.57 4.07 7.81
N GLN A 98 -28.70 5.00 7.36
CA GLN A 98 -28.96 6.43 7.34
C GLN A 98 -30.00 6.75 6.27
N ASN A 99 -29.72 6.35 5.02
CA ASN A 99 -30.51 6.66 3.84
C ASN A 99 -30.85 5.35 3.10
N PRO A 100 -31.93 4.66 3.48
CA PRO A 100 -32.31 3.38 2.89
C PRO A 100 -32.91 3.56 1.49
N THR A 101 -33.59 4.69 1.25
CA THR A 101 -34.19 5.03 -0.01
C THR A 101 -33.16 5.00 -1.14
N MET A 102 -31.94 5.51 -0.90
CA MET A 102 -30.84 5.33 -1.83
C MET A 102 -30.41 3.87 -1.84
N PHE A 103 -30.48 3.27 -3.03
CA PHE A 103 -30.15 1.87 -3.27
C PHE A 103 -28.66 1.72 -3.60
N ALA A 104 -28.17 0.47 -3.63
CA ALA A 104 -26.77 0.10 -3.75
C ALA A 104 -25.99 0.95 -4.76
N TRP A 105 -26.57 1.17 -5.95
CA TRP A 105 -25.97 1.92 -7.04
C TRP A 105 -25.88 3.42 -6.75
N GLU A 106 -26.88 3.97 -6.05
CA GLU A 106 -26.90 5.37 -5.64
C GLU A 106 -25.84 5.60 -4.56
N ILE A 107 -25.88 4.76 -3.51
CA ILE A 107 -24.98 4.78 -2.37
C ILE A 107 -23.52 4.71 -2.81
N ARG A 108 -23.21 3.98 -3.90
CA ARG A 108 -21.86 3.86 -4.43
C ARG A 108 -21.18 5.23 -4.60
N ASP A 109 -21.92 6.22 -5.11
CA ASP A 109 -21.43 7.58 -5.32
C ASP A 109 -21.11 8.33 -4.03
N ARG A 110 -21.71 7.96 -2.89
CA ARG A 110 -21.48 8.64 -1.61
C ARG A 110 -20.01 8.59 -1.20
N LEU A 111 -19.27 7.55 -1.62
CA LEU A 111 -17.84 7.41 -1.39
C LEU A 111 -17.07 8.49 -2.15
N LEU A 112 -17.45 8.74 -3.41
CA LEU A 112 -16.84 9.77 -4.22
C LEU A 112 -17.18 11.16 -3.64
N ALA A 113 -18.44 11.36 -3.23
CA ALA A 113 -18.89 12.58 -2.58
C ALA A 113 -18.13 12.86 -1.29
N GLU A 114 -17.89 11.83 -0.47
CA GLU A 114 -17.12 11.92 0.76
C GLU A 114 -15.64 12.25 0.43
N GLY A 115 -15.12 11.68 -0.65
CA GLY A 115 -13.75 11.85 -1.10
C GLY A 115 -12.89 10.67 -0.65
N VAL A 116 -13.44 9.46 -0.76
CA VAL A 116 -12.76 8.21 -0.47
C VAL A 116 -11.78 7.90 -1.60
N CYS A 117 -12.21 8.10 -2.84
CA CYS A 117 -11.45 7.76 -4.05
C CYS A 117 -11.94 8.61 -5.23
N ASP A 118 -11.33 8.40 -6.41
CA ASP A 118 -11.28 9.36 -7.51
C ASP A 118 -12.45 9.18 -8.50
N ASN A 119 -12.24 8.39 -9.56
CA ASN A 119 -13.27 7.96 -10.51
C ASN A 119 -14.07 6.89 -9.78
N ASP A 120 -13.38 5.80 -9.40
CA ASP A 120 -13.66 4.99 -8.23
C ASP A 120 -12.56 3.94 -8.08
N THR A 121 -12.49 3.37 -6.88
CA THR A 121 -11.84 2.11 -6.58
C THR A 121 -12.76 1.22 -5.74
N VAL A 122 -13.97 1.70 -5.43
CA VAL A 122 -14.93 1.00 -4.59
C VAL A 122 -15.38 -0.30 -5.30
N PRO A 123 -15.73 -1.36 -4.56
CA PRO A 123 -16.01 -2.67 -5.13
C PRO A 123 -17.38 -2.74 -5.81
N SER A 124 -17.73 -3.95 -6.25
CA SER A 124 -18.96 -4.29 -6.95
C SER A 124 -20.22 -3.85 -6.19
N VAL A 125 -21.16 -3.24 -6.93
CA VAL A 125 -22.48 -2.89 -6.46
C VAL A 125 -23.24 -4.13 -5.95
N SER A 126 -23.01 -5.28 -6.57
CA SER A 126 -23.59 -6.54 -6.15
C SER A 126 -22.99 -7.03 -4.83
N SER A 127 -21.72 -6.73 -4.55
CA SER A 127 -21.02 -7.25 -3.38
C SER A 127 -21.63 -6.67 -2.10
N ILE A 128 -21.79 -5.35 -2.04
CA ILE A 128 -22.46 -4.66 -0.95
C ILE A 128 -23.91 -5.13 -0.76
N ASN A 129 -24.61 -5.47 -1.85
CA ASN A 129 -25.98 -5.93 -1.79
C ASN A 129 -26.06 -7.29 -1.12
N ARG A 130 -25.28 -8.28 -1.59
CA ARG A 130 -25.35 -9.64 -1.09
C ARG A 130 -24.92 -9.80 0.38
N ILE A 131 -24.26 -8.80 0.99
CA ILE A 131 -23.99 -8.83 2.43
C ILE A 131 -25.30 -8.92 3.21
N ILE A 132 -26.34 -8.25 2.71
CA ILE A 132 -27.64 -8.10 3.34
C ILE A 132 -28.34 -9.44 3.53
N ARG A 133 -28.06 -10.44 2.67
CA ARG A 133 -28.71 -11.75 2.72
C ARG A 133 -28.56 -12.41 4.09
N THR A 134 -27.39 -12.24 4.73
CA THR A 134 -27.13 -12.80 6.06
C THR A 134 -28.05 -12.20 7.12
N LYS A 135 -28.49 -10.94 6.93
CA LYS A 135 -29.42 -10.28 7.82
C LYS A 135 -30.86 -10.67 7.47
N VAL A 136 -31.20 -10.63 6.18
CA VAL A 136 -32.54 -10.86 5.68
C VAL A 136 -32.48 -11.30 4.22
N GLN A 137 -32.61 -12.61 4.00
CA GLN A 137 -32.85 -13.21 2.70
C GLN A 137 -34.26 -13.83 2.69
N GLN A 138 -34.75 -14.16 1.48
CA GLN A 138 -36.08 -14.72 1.28
C GLN A 138 -35.95 -16.18 0.85
N PRO A 139 -36.81 -17.08 1.34
CA PRO A 139 -36.78 -18.50 0.99
C PRO A 139 -37.27 -18.71 -0.44
N PHE A 140 -37.01 -19.89 -0.99
CA PHE A 140 -37.35 -20.26 -2.36
C PHE A 140 -38.82 -20.68 -2.44
N ASN A 141 -39.73 -19.74 -2.15
CA ASN A 141 -41.18 -19.91 -2.21
C ASN A 141 -41.81 -18.51 -2.28
N LEU A 142 -43.02 -18.43 -2.84
CA LEU A 142 -43.77 -17.19 -2.99
C LEU A 142 -45.26 -17.52 -2.89
N PRO A 143 -45.80 -17.75 -1.67
CA PRO A 143 -47.16 -18.22 -1.46
C PRO A 143 -48.14 -17.04 -1.45
N MET A 144 -48.08 -16.19 -2.47
CA MET A 144 -48.85 -14.96 -2.56
C MET A 144 -50.23 -15.23 -3.15
N ASP A 145 -51.07 -15.96 -2.39
CA ASP A 145 -52.47 -16.16 -2.74
C ASP A 145 -53.24 -14.89 -2.46
N SER A 146 -54.08 -14.46 -3.42
CA SER A 146 -54.84 -13.21 -3.36
C SER A 146 -56.19 -13.41 -4.07
N GLY A 147 -57.02 -14.31 -3.52
CA GLY A 147 -58.33 -14.62 -4.07
C GLY A 147 -59.25 -15.09 -2.94
N ALA A 148 -60.43 -14.46 -2.80
CA ALA A 148 -61.41 -14.79 -1.79
C ALA A 148 -62.79 -14.29 -2.23
N PRO A 149 -63.88 -14.99 -1.86
CA PRO A 149 -65.23 -14.61 -2.24
C PRO A 149 -65.74 -13.46 -1.36
N GLY A 150 -66.89 -12.90 -1.72
CA GLY A 150 -67.55 -11.83 -0.99
C GLY A 150 -68.86 -11.46 -1.66
N GLY A 151 -69.87 -11.07 -0.88
CA GLY A 151 -71.18 -10.69 -1.39
C GLY A 151 -72.15 -10.38 -0.24
N GLY A 152 -73.37 -9.95 -0.60
CA GLY A 152 -74.41 -9.64 0.36
C GLY A 152 -75.65 -9.10 -0.37
N SER A 153 -76.79 -9.07 0.34
CA SER A 153 -78.05 -8.56 -0.17
C SER A 153 -79.00 -8.28 1.00
N HIS A 154 -79.93 -7.33 0.79
CA HIS A 154 -80.93 -6.94 1.77
C HIS A 154 -82.05 -6.18 1.07
N HIS A 155 -83.25 -6.21 1.65
CA HIS A 155 -84.40 -5.44 1.21
C HIS A 155 -85.33 -5.22 2.42
N HIS A 156 -86.01 -4.08 2.44
CA HIS A 156 -87.00 -3.73 3.45
C HIS A 156 -87.99 -2.74 2.83
N HIS A 157 -89.14 -2.56 3.49
CA HIS A 157 -90.18 -1.64 3.06
C HIS A 157 -91.11 -1.34 4.23
N HIS A 158 -91.85 -0.23 4.13
CA HIS A 158 -92.88 0.13 5.09
C HIS A 158 -94.06 -0.84 4.97
N HIS A 159 -94.72 -1.13 6.09
CA HIS A 159 -95.87 -2.03 6.13
C HIS A 159 -97.13 -1.34 5.59
N MET A 1 61.62 16.65 86.75
CA MET A 1 62.70 15.67 86.54
C MET A 1 62.93 15.39 85.05
N PRO A 2 62.03 14.71 84.32
CA PRO A 2 62.16 14.57 82.87
C PRO A 2 61.85 15.91 82.20
N HIS A 3 62.44 16.12 81.02
CA HIS A 3 62.25 17.34 80.22
C HIS A 3 62.11 16.92 78.76
N ASN A 4 60.95 16.37 78.41
CA ASN A 4 60.67 15.81 77.11
C ASN A 4 60.61 16.93 76.05
N SER A 5 61.23 16.68 74.89
CA SER A 5 61.33 17.66 73.82
C SER A 5 60.05 17.64 72.97
N ILE A 6 59.03 18.37 73.43
CA ILE A 6 57.84 18.65 72.63
C ILE A 6 58.23 19.71 71.60
N ARG A 7 57.91 19.46 70.33
CA ARG A 7 58.25 20.34 69.21
C ARG A 7 57.03 20.47 68.29
N SER A 8 56.94 21.60 67.58
CA SER A 8 55.80 21.95 66.76
C SER A 8 55.69 21.05 65.53
N GLY A 9 54.46 20.65 65.20
CA GLY A 9 54.15 19.97 63.95
C GLY A 9 54.14 20.93 62.77
N HIS A 10 53.96 20.41 61.56
CA HIS A 10 53.95 21.17 60.33
C HIS A 10 53.32 20.35 59.21
N GLY A 11 52.80 21.03 58.18
CA GLY A 11 52.16 20.41 57.04
C GLY A 11 51.52 21.47 56.15
N GLY A 12 50.72 21.04 55.16
CA GLY A 12 50.03 21.93 54.24
C GLY A 12 49.05 21.15 53.37
N LEU A 13 48.01 21.83 52.88
CA LEU A 13 46.98 21.25 52.03
C LEU A 13 47.40 21.35 50.57
N ASN A 14 47.18 20.27 49.80
CA ASN A 14 47.49 20.19 48.39
C ASN A 14 46.28 20.62 47.57
N GLN A 15 46.35 21.80 46.95
CA GLN A 15 45.30 22.29 46.06
C GLN A 15 45.33 21.47 44.77
N LEU A 16 44.15 21.18 44.21
CA LEU A 16 43.98 20.33 43.05
C LEU A 16 42.73 20.77 42.30
N GLY A 17 42.90 21.51 41.20
CA GLY A 17 41.82 22.07 40.41
C GLY A 17 41.17 21.01 39.50
N GLY A 18 40.12 21.42 38.78
CA GLY A 18 39.40 20.56 37.86
C GLY A 18 38.36 21.35 37.07
N ALA A 19 37.68 20.67 36.14
CA ALA A 19 36.69 21.21 35.22
C ALA A 19 37.33 22.11 34.15
N PHE A 20 36.83 22.01 32.91
CA PHE A 20 37.31 22.75 31.76
C PHE A 20 38.83 22.56 31.57
N VAL A 21 39.25 21.29 31.53
CA VAL A 21 40.64 20.88 31.36
C VAL A 21 40.84 20.46 29.91
N ASN A 22 42.02 20.79 29.34
CA ASN A 22 42.43 20.34 28.01
C ASN A 22 42.74 18.84 28.07
N GLY A 23 41.70 18.02 27.93
CA GLY A 23 41.77 16.58 28.12
C GLY A 23 40.37 16.07 28.52
N ARG A 24 39.71 16.78 29.44
CA ARG A 24 38.32 16.53 29.79
C ARG A 24 37.44 16.84 28.58
N PRO A 25 36.46 15.99 28.24
CA PRO A 25 35.52 16.26 27.18
C PRO A 25 34.49 17.30 27.64
N LEU A 26 34.22 18.30 26.80
CA LEU A 26 33.22 19.35 27.03
C LEU A 26 32.08 19.16 26.02
N PRO A 27 31.05 18.37 26.35
CA PRO A 27 29.88 18.19 25.48
C PRO A 27 28.99 19.44 25.53
N GLU A 28 27.70 19.30 25.14
CA GLU A 28 26.71 20.38 25.06
C GLU A 28 26.66 21.27 26.31
N VAL A 29 27.03 20.74 27.47
CA VAL A 29 27.13 21.47 28.74
C VAL A 29 27.94 22.77 28.61
N VAL A 30 28.87 22.83 27.65
CA VAL A 30 29.68 24.01 27.37
C VAL A 30 28.83 25.27 27.16
N ARG A 31 27.60 25.13 26.66
CA ARG A 31 26.63 26.22 26.57
C ARG A 31 26.55 27.04 27.85
N GLN A 32 26.56 26.37 29.01
CA GLN A 32 26.51 27.01 30.32
C GLN A 32 27.72 27.93 30.52
N ARG A 33 28.91 27.50 30.06
CA ARG A 33 30.12 28.31 30.12
C ARG A 33 30.04 29.50 29.17
N ILE A 34 29.51 29.32 27.96
CA ILE A 34 29.32 30.42 27.02
C ILE A 34 28.42 31.49 27.65
N VAL A 35 27.26 31.06 28.17
CA VAL A 35 26.28 31.91 28.84
C VAL A 35 26.94 32.63 30.01
N ASP A 36 27.56 31.88 30.94
CA ASP A 36 28.20 32.40 32.14
C ASP A 36 29.21 33.50 31.79
N LEU A 37 30.16 33.19 30.90
CA LEU A 37 31.22 34.11 30.51
C LEU A 37 30.62 35.36 29.86
N ALA A 38 29.70 35.19 28.90
CA ALA A 38 28.99 36.29 28.25
C ALA A 38 28.27 37.19 29.25
N HIS A 39 27.69 36.60 30.32
CA HIS A 39 26.87 37.29 31.30
C HIS A 39 27.62 38.41 32.01
N GLN A 40 28.96 38.32 32.14
CA GLN A 40 29.75 39.39 32.73
C GLN A 40 29.57 40.72 31.97
N GLY A 41 29.20 40.65 30.68
CA GLY A 41 29.03 41.79 29.81
C GLY A 41 30.28 41.94 28.93
N VAL A 42 30.54 40.93 28.09
CA VAL A 42 31.75 40.85 27.29
C VAL A 42 31.42 40.30 25.89
N ARG A 43 32.32 40.55 24.93
CA ARG A 43 32.19 40.24 23.51
C ARG A 43 33.52 39.60 23.06
N PRO A 44 33.53 38.75 22.02
CA PRO A 44 34.68 37.93 21.66
C PRO A 44 35.98 38.71 21.44
N CYS A 45 35.89 39.92 20.86
CA CYS A 45 37.04 40.81 20.71
C CYS A 45 37.66 41.15 22.07
N ASP A 46 36.82 41.39 23.08
CA ASP A 46 37.24 41.73 24.44
C ASP A 46 37.74 40.48 25.18
N ILE A 47 37.00 39.36 25.11
CA ILE A 47 37.36 38.08 25.72
C ILE A 47 38.81 37.72 25.44
N SER A 48 39.27 37.99 24.21
CA SER A 48 40.62 37.73 23.74
C SER A 48 41.72 38.28 24.65
N ARG A 49 41.46 39.29 25.49
CA ARG A 49 42.43 39.77 26.46
C ARG A 49 42.63 38.75 27.59
N GLN A 50 41.53 38.18 28.11
CA GLN A 50 41.56 37.18 29.17
C GLN A 50 42.16 35.88 28.66
N LEU A 51 41.77 35.45 27.46
CA LEU A 51 42.20 34.20 26.83
C LEU A 51 43.58 34.37 26.19
N ARG A 52 43.96 35.61 25.87
CA ARG A 52 45.21 35.99 25.26
C ARG A 52 45.34 35.40 23.85
N VAL A 53 44.44 35.83 22.94
CA VAL A 53 44.37 35.34 21.57
C VAL A 53 44.34 36.53 20.60
N SER A 54 43.17 36.89 20.06
CA SER A 54 43.02 37.95 19.06
C SER A 54 41.57 38.45 19.02
N HIS A 55 40.69 37.73 18.31
CA HIS A 55 39.28 38.07 18.14
C HIS A 55 38.57 36.98 17.34
N GLY A 56 39.01 36.77 16.09
CA GLY A 56 38.32 35.92 15.13
C GLY A 56 38.19 34.47 15.63
N CYS A 57 39.32 33.89 16.07
CA CYS A 57 39.37 32.54 16.60
C CYS A 57 38.44 32.41 17.82
N VAL A 58 38.52 33.40 18.73
CA VAL A 58 37.72 33.44 19.93
C VAL A 58 36.22 33.48 19.59
N SER A 59 35.82 34.27 18.60
CA SER A 59 34.43 34.34 18.15
C SER A 59 33.91 32.96 17.73
N LYS A 60 34.68 32.25 16.91
CA LYS A 60 34.34 30.91 16.43
C LYS A 60 34.21 29.93 17.61
N ILE A 61 35.17 29.96 18.55
CA ILE A 61 35.17 29.09 19.73
C ILE A 61 33.92 29.36 20.59
N LEU A 62 33.67 30.63 20.94
CA LEU A 62 32.51 31.05 21.73
C LEU A 62 31.23 30.49 21.13
N GLY A 63 30.99 30.76 19.84
CA GLY A 63 29.84 30.19 19.16
C GLY A 63 29.69 30.79 17.76
N ARG A 64 29.36 29.94 16.78
CA ARG A 64 28.88 30.37 15.48
C ARG A 64 27.48 30.98 15.65
N TYR A 65 26.65 30.33 16.48
CA TYR A 65 25.30 30.76 16.82
C TYR A 65 25.22 31.00 18.33
N TYR A 66 25.42 29.93 19.10
CA TYR A 66 25.49 29.92 20.56
C TYR A 66 26.56 28.91 20.97
N GLU A 67 26.45 27.69 20.45
CA GLU A 67 27.59 26.80 20.23
C GLU A 67 27.95 26.86 18.73
N THR A 68 28.95 26.06 18.34
CA THR A 68 29.34 25.91 16.95
C THR A 68 28.21 25.29 16.14
N GLY A 69 27.67 24.15 16.60
CA GLY A 69 26.55 23.47 15.97
C GLY A 69 25.84 22.59 16.99
N SER A 70 25.16 23.21 17.94
CA SER A 70 24.37 22.54 18.98
C SER A 70 23.36 23.53 19.56
N ILE A 71 22.62 23.09 20.59
CA ILE A 71 21.44 23.77 21.14
C ILE A 71 20.37 23.79 20.06
N ARG A 72 19.88 22.61 19.68
CA ARG A 72 18.95 22.42 18.58
C ARG A 72 17.89 21.38 18.97
N PRO A 73 16.97 21.72 19.89
CA PRO A 73 15.85 20.87 20.27
C PRO A 73 14.81 20.88 19.15
N GLY A 74 14.95 19.96 18.19
CA GLY A 74 14.09 19.86 17.03
C GLY A 74 12.81 19.09 17.33
N VAL A 75 12.06 18.79 16.26
CA VAL A 75 10.77 18.15 16.28
C VAL A 75 10.66 17.18 15.10
N ILE A 76 11.03 15.91 15.33
CA ILE A 76 10.95 14.87 14.32
C ILE A 76 9.48 14.54 14.07
N GLY A 77 9.09 14.42 12.79
CA GLY A 77 7.73 14.12 12.38
C GLY A 77 7.65 13.89 10.87
N GLY A 78 6.45 13.59 10.38
CA GLY A 78 6.20 13.32 8.97
C GLY A 78 4.76 12.87 8.77
N SER A 79 4.46 12.39 7.55
CA SER A 79 3.14 11.90 7.17
C SER A 79 2.78 10.63 7.97
N LYS A 80 1.50 10.48 8.31
CA LYS A 80 0.99 9.39 9.13
C LYS A 80 -0.12 8.65 8.37
N PRO A 81 0.25 7.74 7.44
CA PRO A 81 -0.72 6.95 6.68
C PRO A 81 -1.42 5.94 7.59
N LYS A 82 -2.53 5.37 7.10
CA LYS A 82 -3.40 4.52 7.87
C LYS A 82 -3.14 3.05 7.49
N VAL A 83 -4.14 2.20 7.73
CA VAL A 83 -4.10 0.77 7.50
C VAL A 83 -5.44 0.34 6.90
N ALA A 84 -5.41 -0.52 5.88
CA ALA A 84 -6.60 -1.02 5.21
C ALA A 84 -7.28 -2.12 6.03
N THR A 85 -8.57 -2.33 5.79
CA THR A 85 -9.37 -3.34 6.47
C THR A 85 -10.60 -3.66 5.61
N PRO A 86 -11.08 -4.92 5.59
CA PRO A 86 -12.32 -5.28 4.93
C PRO A 86 -13.53 -4.62 5.60
N LYS A 87 -13.37 -4.10 6.83
CA LYS A 87 -14.43 -3.38 7.54
C LYS A 87 -14.89 -2.14 6.77
N VAL A 88 -14.06 -1.60 5.87
CA VAL A 88 -14.46 -0.56 4.93
C VAL A 88 -15.75 -0.94 4.20
N VAL A 89 -15.89 -2.20 3.78
CA VAL A 89 -17.06 -2.71 3.05
C VAL A 89 -18.37 -2.38 3.79
N GLU A 90 -18.36 -2.51 5.13
CA GLU A 90 -19.52 -2.23 5.96
C GLU A 90 -20.02 -0.79 5.80
N LYS A 91 -19.12 0.16 5.54
CA LYS A 91 -19.44 1.57 5.44
C LYS A 91 -20.30 1.86 4.21
N ILE A 92 -20.04 1.16 3.09
CA ILE A 92 -20.91 1.23 1.93
C ILE A 92 -22.27 0.64 2.31
N GLY A 93 -22.27 -0.43 3.12
CA GLY A 93 -23.48 -0.99 3.71
C GLY A 93 -24.28 0.05 4.50
N ASP A 94 -23.60 0.83 5.34
CA ASP A 94 -24.21 1.75 6.29
C ASP A 94 -24.91 2.92 5.61
N TYR A 95 -24.29 3.53 4.58
CA TYR A 95 -24.75 4.80 4.05
C TYR A 95 -26.22 4.82 3.61
N LYS A 96 -26.76 3.73 3.03
CA LYS A 96 -28.17 3.67 2.69
C LYS A 96 -29.05 3.56 3.95
N ARG A 97 -28.56 2.89 5.00
CA ARG A 97 -29.26 2.83 6.28
C ARG A 97 -29.34 4.22 6.92
N GLN A 98 -28.28 5.04 6.77
CA GLN A 98 -28.26 6.41 7.30
C GLN A 98 -29.17 7.32 6.47
N ASN A 99 -28.97 7.33 5.15
CA ASN A 99 -29.68 8.19 4.21
C ASN A 99 -31.15 7.79 4.13
N PRO A 100 -32.06 8.74 3.84
CA PRO A 100 -33.49 8.49 3.85
C PRO A 100 -33.92 7.51 2.75
N THR A 101 -33.69 7.86 1.48
CA THR A 101 -34.13 7.09 0.34
C THR A 101 -33.00 6.97 -0.69
N MET A 102 -31.89 6.31 -0.29
CA MET A 102 -30.82 5.89 -1.17
C MET A 102 -30.56 4.41 -0.93
N PHE A 103 -29.97 3.77 -1.95
CA PHE A 103 -29.85 2.32 -2.08
C PHE A 103 -28.47 1.98 -2.64
N ALA A 104 -28.13 0.68 -2.70
CA ALA A 104 -26.81 0.18 -3.10
C ALA A 104 -26.24 0.89 -4.33
N TRP A 105 -27.04 1.03 -5.39
CA TRP A 105 -26.67 1.70 -6.62
C TRP A 105 -26.34 3.18 -6.39
N GLU A 106 -27.21 3.88 -5.64
CA GLU A 106 -27.11 5.31 -5.39
C GLU A 106 -25.86 5.63 -4.55
N ILE A 107 -25.68 4.85 -3.48
CA ILE A 107 -24.61 5.00 -2.50
C ILE A 107 -23.21 4.90 -3.12
N ARG A 108 -23.07 4.30 -4.30
CA ARG A 108 -21.83 4.40 -5.08
C ARG A 108 -21.34 5.84 -5.09
N ASP A 109 -22.21 6.76 -5.48
CA ASP A 109 -21.90 8.18 -5.66
C ASP A 109 -21.95 8.96 -4.34
N ARG A 110 -22.55 8.41 -3.28
CA ARG A 110 -22.40 8.97 -1.94
C ARG A 110 -20.92 8.99 -1.56
N LEU A 111 -20.23 7.85 -1.71
CA LEU A 111 -18.82 7.71 -1.40
C LEU A 111 -17.96 8.69 -2.20
N LEU A 112 -18.28 8.89 -3.48
CA LEU A 112 -17.58 9.83 -4.34
C LEU A 112 -17.76 11.25 -3.80
N ALA A 113 -19.01 11.67 -3.58
CA ALA A 113 -19.35 12.98 -3.06
C ALA A 113 -18.74 13.23 -1.68
N GLU A 114 -18.65 12.20 -0.85
CA GLU A 114 -18.11 12.27 0.49
C GLU A 114 -16.58 12.41 0.45
N GLY A 115 -15.95 11.88 -0.61
CA GLY A 115 -14.50 11.89 -0.78
C GLY A 115 -13.86 10.71 -0.07
N VAL A 116 -14.51 9.53 -0.17
CA VAL A 116 -14.12 8.30 0.48
C VAL A 116 -13.53 7.35 -0.57
N CYS A 117 -14.26 7.14 -1.68
CA CYS A 117 -13.82 6.37 -2.82
C CYS A 117 -13.61 7.28 -4.02
N ASP A 118 -12.83 6.80 -4.99
CA ASP A 118 -12.73 7.36 -6.34
C ASP A 118 -13.65 6.55 -7.27
N ASN A 119 -13.95 7.15 -8.44
CA ASN A 119 -14.93 6.69 -9.42
C ASN A 119 -14.89 5.17 -9.67
N ASP A 120 -13.70 4.61 -9.86
CA ASP A 120 -13.51 3.21 -10.21
C ASP A 120 -13.21 2.36 -8.97
N THR A 121 -12.44 2.91 -8.02
CA THR A 121 -11.99 2.19 -6.82
C THR A 121 -13.16 1.65 -5.99
N VAL A 122 -14.26 2.43 -5.91
CA VAL A 122 -15.51 2.08 -5.26
C VAL A 122 -15.90 0.62 -5.55
N PRO A 123 -16.18 -0.21 -4.52
CA PRO A 123 -16.32 -1.65 -4.69
C PRO A 123 -17.62 -2.04 -5.40
N SER A 124 -17.64 -3.28 -5.91
CA SER A 124 -18.74 -3.83 -6.70
C SER A 124 -20.06 -3.82 -5.93
N VAL A 125 -21.13 -3.40 -6.61
CA VAL A 125 -22.49 -3.43 -6.07
C VAL A 125 -22.90 -4.86 -5.69
N SER A 126 -22.43 -5.86 -6.44
CA SER A 126 -22.66 -7.27 -6.16
C SER A 126 -22.05 -7.70 -4.83
N SER A 127 -20.88 -7.13 -4.47
CA SER A 127 -20.17 -7.50 -3.25
C SER A 127 -20.97 -7.05 -2.03
N ILE A 128 -21.17 -5.74 -1.89
CA ILE A 128 -21.95 -5.16 -0.81
C ILE A 128 -23.32 -5.83 -0.69
N ASN A 129 -23.96 -6.12 -1.84
CA ASN A 129 -25.22 -6.85 -1.86
C ASN A 129 -25.08 -8.23 -1.21
N ARG A 130 -24.22 -9.11 -1.71
CA ARG A 130 -24.14 -10.47 -1.19
C ARG A 130 -23.71 -10.52 0.28
N ILE A 131 -22.85 -9.60 0.72
CA ILE A 131 -22.55 -9.38 2.12
C ILE A 131 -23.85 -9.09 2.90
N ILE A 132 -24.67 -8.13 2.45
CA ILE A 132 -25.92 -7.75 3.10
C ILE A 132 -26.92 -8.92 3.14
N ARG A 133 -27.05 -9.69 2.06
CA ARG A 133 -28.01 -10.78 1.93
C ARG A 133 -27.90 -11.77 3.09
N THR A 134 -26.68 -12.08 3.57
CA THR A 134 -26.49 -13.00 4.68
C THR A 134 -27.17 -12.50 5.98
N LYS A 135 -27.38 -11.18 6.11
CA LYS A 135 -28.11 -10.59 7.22
C LYS A 135 -29.60 -10.51 6.89
N VAL A 136 -29.95 -10.10 5.67
CA VAL A 136 -31.32 -9.81 5.26
C VAL A 136 -31.54 -10.23 3.80
N GLN A 137 -32.02 -11.47 3.63
CA GLN A 137 -32.52 -12.00 2.37
C GLN A 137 -33.68 -12.97 2.63
N GLN A 138 -34.40 -13.34 1.57
CA GLN A 138 -35.46 -14.33 1.59
C GLN A 138 -35.18 -15.35 0.48
N PRO A 139 -35.49 -16.65 0.70
CA PRO A 139 -35.30 -17.69 -0.31
C PRO A 139 -36.37 -17.60 -1.39
N PHE A 140 -36.23 -18.40 -2.44
CA PHE A 140 -37.17 -18.48 -3.55
C PHE A 140 -38.37 -19.36 -3.15
N ASN A 141 -39.14 -18.90 -2.16
CA ASN A 141 -40.30 -19.59 -1.63
C ASN A 141 -41.19 -18.59 -0.89
N LEU A 142 -42.51 -18.84 -0.90
CA LEU A 142 -43.50 -18.06 -0.18
C LEU A 142 -44.10 -18.94 0.93
N PRO A 143 -43.54 -18.92 2.16
CA PRO A 143 -44.09 -19.67 3.27
C PRO A 143 -45.42 -19.04 3.71
N MET A 144 -46.48 -19.85 3.78
CA MET A 144 -47.83 -19.38 4.04
C MET A 144 -48.64 -20.53 4.65
N ASP A 145 -48.91 -20.44 5.96
CA ASP A 145 -49.77 -21.36 6.69
C ASP A 145 -50.66 -20.55 7.64
N SER A 146 -51.95 -20.86 7.68
CA SER A 146 -52.96 -20.20 8.49
C SER A 146 -54.22 -21.07 8.57
N GLY A 147 -55.10 -20.75 9.52
CA GLY A 147 -56.39 -21.42 9.68
C GLY A 147 -56.27 -22.67 10.57
N ALA A 148 -57.43 -23.26 10.89
CA ALA A 148 -57.53 -24.45 11.72
C ALA A 148 -58.83 -25.20 11.36
N PRO A 149 -58.87 -25.88 10.20
CA PRO A 149 -60.05 -26.61 9.74
C PRO A 149 -60.24 -27.92 10.51
N GLY A 150 -61.36 -28.61 10.24
CA GLY A 150 -61.70 -29.88 10.86
C GLY A 150 -62.66 -29.65 12.02
N GLY A 151 -63.95 -29.85 11.78
CA GLY A 151 -65.00 -29.70 12.77
C GLY A 151 -66.31 -30.31 12.25
N GLY A 152 -67.33 -30.36 13.12
CA GLY A 152 -68.63 -30.91 12.78
C GLY A 152 -69.59 -30.74 13.96
N SER A 153 -70.84 -31.22 13.79
CA SER A 153 -71.89 -31.15 14.80
C SER A 153 -72.98 -32.16 14.47
N HIS A 154 -73.78 -32.53 15.48
CA HIS A 154 -74.87 -33.48 15.35
C HIS A 154 -75.84 -33.28 16.51
N HIS A 155 -77.00 -32.69 16.24
CA HIS A 155 -78.00 -32.37 17.25
C HIS A 155 -79.37 -32.83 16.77
N HIS A 156 -79.51 -34.15 16.58
CA HIS A 156 -80.69 -34.77 15.98
C HIS A 156 -81.24 -35.83 16.92
N HIS A 157 -82.58 -35.93 16.99
CA HIS A 157 -83.30 -36.86 17.87
C HIS A 157 -84.76 -36.92 17.44
N HIS A 158 -85.49 -37.91 17.97
CA HIS A 158 -86.94 -38.01 17.86
C HIS A 158 -87.59 -37.49 19.14
N HIS A 159 -88.93 -37.41 19.15
CA HIS A 159 -89.70 -37.06 20.33
C HIS A 159 -90.05 -38.31 21.12
N MET A 1 -27.36 61.98 69.72
CA MET A 1 -28.33 61.37 68.78
C MET A 1 -27.86 61.47 67.33
N PRO A 2 -27.83 62.65 66.69
CA PRO A 2 -27.28 62.78 65.35
C PRO A 2 -25.76 62.61 65.38
N HIS A 3 -25.18 62.29 64.20
CA HIS A 3 -23.75 62.07 64.04
C HIS A 3 -23.39 62.24 62.56
N ASN A 4 -22.09 62.42 62.28
CA ASN A 4 -21.56 62.53 60.92
C ASN A 4 -21.46 61.16 60.26
N SER A 5 -21.13 61.15 58.96
CA SER A 5 -20.88 59.93 58.19
C SER A 5 -19.71 60.19 57.25
N ILE A 6 -19.92 61.12 56.29
CA ILE A 6 -18.96 61.51 55.26
C ILE A 6 -18.34 60.31 54.53
N ARG A 7 -17.21 60.50 53.84
CA ARG A 7 -16.48 59.42 53.19
C ARG A 7 -15.05 59.89 52.92
N SER A 8 -14.09 58.98 53.05
CA SER A 8 -12.67 59.25 52.85
C SER A 8 -11.92 57.92 52.71
N GLY A 9 -11.25 57.71 51.57
CA GLY A 9 -10.47 56.51 51.32
C GLY A 9 -9.75 56.61 49.97
N HIS A 10 -8.71 55.81 49.80
CA HIS A 10 -7.89 55.77 48.59
C HIS A 10 -7.10 54.46 48.57
N GLY A 11 -6.63 54.06 47.37
CA GLY A 11 -5.80 52.88 47.20
C GLY A 11 -5.10 52.93 45.84
N GLY A 12 -4.16 52.00 45.63
CA GLY A 12 -3.45 51.84 44.36
C GLY A 12 -4.37 51.24 43.29
N LEU A 13 -3.90 51.28 42.03
CA LEU A 13 -4.65 50.76 40.88
C LEU A 13 -3.65 50.46 39.77
N ASN A 14 -2.95 51.51 39.31
CA ASN A 14 -2.02 51.45 38.18
C ASN A 14 -0.86 50.50 38.52
N GLN A 15 -0.58 49.58 37.61
CA GLN A 15 0.41 48.52 37.77
C GLN A 15 0.85 48.04 36.40
N LEU A 16 2.02 47.38 36.33
CA LEU A 16 2.65 46.94 35.08
C LEU A 16 3.05 45.47 35.17
N GLY A 17 3.14 44.81 34.01
CA GLY A 17 3.47 43.41 33.90
C GLY A 17 3.61 43.03 32.42
N GLY A 18 4.25 41.88 32.16
CA GLY A 18 4.52 41.40 30.81
C GLY A 18 5.30 42.43 29.98
N ALA A 19 6.27 43.11 30.62
CA ALA A 19 7.00 44.22 30.03
C ALA A 19 8.46 44.20 30.50
N PHE A 20 9.29 45.12 29.98
CA PHE A 20 10.66 45.28 30.43
C PHE A 20 10.69 45.70 31.90
N VAL A 21 11.75 45.29 32.62
CA VAL A 21 11.97 45.48 34.04
C VAL A 21 11.01 44.65 34.89
N ASN A 22 9.68 44.81 34.70
CA ASN A 22 8.66 44.07 35.41
C ASN A 22 8.80 42.56 35.14
N GLY A 23 8.59 42.16 33.88
CA GLY A 23 8.80 40.79 33.45
C GLY A 23 10.29 40.58 33.15
N ARG A 24 10.80 41.36 32.18
CA ARG A 24 12.20 41.46 31.77
C ARG A 24 12.74 40.18 31.12
N PRO A 25 13.71 40.28 30.19
CA PRO A 25 14.19 39.16 29.40
C PRO A 25 15.10 38.26 30.24
N LEU A 26 14.50 37.30 30.96
CA LEU A 26 15.18 36.25 31.71
C LEU A 26 14.65 34.88 31.26
N PRO A 27 13.40 34.46 31.58
CA PRO A 27 12.78 33.32 30.93
C PRO A 27 12.43 33.70 29.48
N GLU A 28 11.82 32.78 28.73
CA GLU A 28 11.43 33.04 27.34
C GLU A 28 10.17 33.92 27.21
N VAL A 29 9.98 34.84 28.16
CA VAL A 29 9.29 36.10 27.89
C VAL A 29 10.12 36.95 26.92
N VAL A 30 11.46 36.76 26.86
CA VAL A 30 12.34 37.48 25.95
C VAL A 30 11.83 37.38 24.49
N ARG A 31 11.41 36.19 24.06
CA ARG A 31 10.77 35.99 22.75
C ARG A 31 9.62 36.98 22.56
N GLN A 32 8.70 37.04 23.52
CA GLN A 32 7.54 37.92 23.46
C GLN A 32 7.98 39.38 23.38
N ARG A 33 8.94 39.78 24.21
CA ARG A 33 9.45 41.15 24.24
C ARG A 33 10.04 41.55 22.88
N ILE A 34 10.81 40.67 22.24
CA ILE A 34 11.31 40.86 20.88
C ILE A 34 10.15 41.02 19.89
N VAL A 35 9.14 40.14 19.94
CA VAL A 35 7.99 40.21 19.04
C VAL A 35 7.31 41.59 19.17
N ASP A 36 6.93 41.96 20.40
CA ASP A 36 6.25 43.19 20.74
C ASP A 36 7.05 44.42 20.28
N LEU A 37 8.36 44.42 20.54
CA LEU A 37 9.24 45.56 20.25
C LEU A 37 9.48 45.68 18.74
N ALA A 38 9.84 44.56 18.09
CA ALA A 38 10.12 44.49 16.67
C ALA A 38 8.93 44.95 15.81
N HIS A 39 7.71 44.85 16.34
CA HIS A 39 6.50 45.33 15.69
C HIS A 39 6.61 46.79 15.26
N GLN A 40 7.32 47.64 16.03
CA GLN A 40 7.50 49.04 15.68
C GLN A 40 8.33 49.24 14.41
N GLY A 41 9.09 48.21 13.99
CA GLY A 41 9.95 48.25 12.83
C GLY A 41 11.28 48.88 13.22
N VAL A 42 12.09 48.12 13.97
CA VAL A 42 13.33 48.61 14.58
C VAL A 42 14.45 47.57 14.44
N ARG A 43 15.65 48.07 14.17
CA ARG A 43 16.87 47.28 14.00
C ARG A 43 17.41 46.84 15.37
N PRO A 44 18.08 45.68 15.46
CA PRO A 44 18.63 45.16 16.72
C PRO A 44 19.69 46.08 17.31
N CYS A 45 20.42 46.83 16.46
CA CYS A 45 21.38 47.82 16.89
C CYS A 45 20.74 48.87 17.81
N ASP A 46 19.48 49.24 17.54
CA ASP A 46 18.76 50.17 18.40
C ASP A 46 18.35 49.46 19.69
N ILE A 47 17.79 48.25 19.59
CA ILE A 47 17.38 47.46 20.76
C ILE A 47 18.54 47.37 21.76
N SER A 48 19.76 47.20 21.26
CA SER A 48 20.97 47.17 22.07
C SER A 48 21.07 48.40 22.99
N ARG A 49 20.90 49.61 22.44
CA ARG A 49 21.05 50.85 23.19
C ARG A 49 19.79 51.24 23.98
N GLN A 50 18.58 50.81 23.59
CA GLN A 50 17.41 50.91 24.44
C GLN A 50 17.64 50.17 25.76
N LEU A 51 18.13 48.92 25.68
CA LEU A 51 18.41 48.08 26.85
C LEU A 51 19.79 48.37 27.43
N ARG A 52 20.62 49.19 26.74
CA ARG A 52 22.00 49.51 27.06
C ARG A 52 22.83 48.26 27.39
N VAL A 53 23.05 47.43 26.36
CA VAL A 53 23.78 46.17 26.40
C VAL A 53 24.61 46.01 25.12
N SER A 54 25.56 45.06 25.15
CA SER A 54 26.48 44.80 24.04
C SER A 54 25.79 44.00 22.93
N HIS A 55 26.12 44.32 21.68
CA HIS A 55 25.58 43.67 20.48
C HIS A 55 25.75 42.14 20.53
N GLY A 56 26.90 41.66 21.03
CA GLY A 56 27.21 40.25 21.16
C GLY A 56 26.14 39.53 21.99
N CYS A 57 25.82 40.07 23.17
CA CYS A 57 24.76 39.56 24.03
C CYS A 57 23.41 39.63 23.32
N VAL A 58 23.11 40.79 22.71
CA VAL A 58 21.84 41.07 22.04
C VAL A 58 21.50 40.03 20.98
N SER A 59 22.50 39.43 20.32
CA SER A 59 22.28 38.32 19.39
C SER A 59 21.40 37.24 20.02
N LYS A 60 21.74 36.81 21.25
CA LYS A 60 21.01 35.80 21.99
C LYS A 60 19.61 36.30 22.41
N ILE A 61 19.50 37.60 22.73
CA ILE A 61 18.24 38.22 23.12
C ILE A 61 17.26 38.19 21.94
N LEU A 62 17.73 38.48 20.71
CA LEU A 62 16.94 38.29 19.50
C LEU A 62 16.50 36.82 19.39
N GLY A 63 17.46 35.91 19.32
CA GLY A 63 17.20 34.49 19.21
C GLY A 63 18.45 33.72 19.60
N ARG A 64 18.25 32.53 20.18
CA ARG A 64 19.31 31.63 20.66
C ARG A 64 20.39 31.48 19.58
N TYR A 65 19.96 31.04 18.39
CA TYR A 65 20.71 31.04 17.14
C TYR A 65 20.29 32.29 16.35
N TYR A 66 19.47 32.14 15.31
CA TYR A 66 18.76 33.25 14.69
C TYR A 66 17.42 32.74 14.14
N GLU A 67 16.49 32.50 15.06
CA GLU A 67 15.09 32.17 14.77
C GLU A 67 14.94 30.95 13.86
N THR A 68 15.81 29.94 13.98
CA THR A 68 15.75 28.76 13.11
C THR A 68 14.75 27.76 13.70
N GLY A 69 15.18 26.98 14.70
CA GLY A 69 14.34 25.98 15.34
C GLY A 69 13.41 26.56 16.41
N SER A 70 13.17 27.88 16.42
CA SER A 70 12.27 28.55 17.35
C SER A 70 11.94 29.95 16.82
N ILE A 71 11.03 30.64 17.52
CA ILE A 71 10.54 31.99 17.22
C ILE A 71 9.91 32.07 15.82
N ARG A 72 9.40 30.93 15.29
CA ARG A 72 8.70 30.82 14.02
C ARG A 72 7.73 29.65 14.10
N PRO A 73 6.59 29.69 13.39
CA PRO A 73 5.67 28.58 13.30
C PRO A 73 6.22 27.50 12.36
N GLY A 74 5.72 26.28 12.52
CA GLY A 74 6.09 25.13 11.71
C GLY A 74 4.95 24.12 11.65
N VAL A 75 3.78 24.57 11.20
CA VAL A 75 2.56 23.76 11.11
C VAL A 75 2.55 22.96 9.80
N ILE A 76 3.55 22.11 9.61
CA ILE A 76 3.74 21.33 8.40
C ILE A 76 2.68 20.23 8.30
N GLY A 77 2.56 19.40 9.34
CA GLY A 77 1.65 18.26 9.35
C GLY A 77 2.12 17.18 8.38
N GLY A 78 1.17 16.56 7.65
CA GLY A 78 1.47 15.54 6.66
C GLY A 78 0.19 15.04 6.00
N SER A 79 0.28 14.69 4.71
CA SER A 79 -0.82 14.14 3.93
C SER A 79 -0.96 12.64 4.20
N LYS A 80 -2.20 12.13 4.09
CA LYS A 80 -2.54 10.74 4.34
C LYS A 80 -2.68 10.02 2.98
N PRO A 81 -2.04 8.85 2.81
CA PRO A 81 -2.11 8.09 1.56
C PRO A 81 -3.46 7.37 1.40
N LYS A 82 -3.79 7.05 0.15
CA LYS A 82 -5.04 6.39 -0.23
C LYS A 82 -4.87 4.86 -0.12
N VAL A 83 -4.71 4.37 1.12
CA VAL A 83 -4.61 2.94 1.39
C VAL A 83 -5.99 2.30 1.22
N ALA A 84 -6.02 1.13 0.56
CA ALA A 84 -7.22 0.35 0.33
C ALA A 84 -7.52 -0.50 1.57
N THR A 85 -8.80 -0.61 1.92
CA THR A 85 -9.25 -1.28 3.13
C THR A 85 -10.72 -1.68 2.98
N PRO A 86 -11.15 -2.83 3.51
CA PRO A 86 -12.52 -3.32 3.40
C PRO A 86 -13.52 -2.52 4.24
N LYS A 87 -13.06 -1.55 5.04
CA LYS A 87 -13.91 -0.65 5.82
C LYS A 87 -14.97 0.04 4.96
N VAL A 88 -14.69 0.22 3.66
CA VAL A 88 -15.63 0.76 2.68
C VAL A 88 -17.01 0.07 2.79
N VAL A 89 -17.04 -1.25 2.99
CA VAL A 89 -18.29 -2.00 3.14
C VAL A 89 -19.16 -1.41 4.26
N GLU A 90 -18.55 -1.03 5.38
CA GLU A 90 -19.24 -0.40 6.50
C GLU A 90 -19.85 0.95 6.09
N LYS A 91 -19.23 1.65 5.13
CA LYS A 91 -19.66 2.96 4.67
C LYS A 91 -20.90 2.86 3.79
N ILE A 92 -21.03 1.82 2.95
CA ILE A 92 -22.30 1.52 2.32
C ILE A 92 -23.35 1.26 3.40
N GLY A 93 -22.97 0.51 4.44
CA GLY A 93 -23.77 0.35 5.64
C GLY A 93 -24.26 1.69 6.17
N ASP A 94 -23.35 2.64 6.46
CA ASP A 94 -23.67 3.92 7.05
C ASP A 94 -24.71 4.68 6.24
N TYR A 95 -24.56 4.77 4.91
CA TYR A 95 -25.53 5.50 4.11
C TYR A 95 -26.91 4.85 4.13
N LYS A 96 -26.97 3.51 4.21
CA LYS A 96 -28.23 2.78 4.38
C LYS A 96 -28.85 2.96 5.78
N ARG A 97 -28.03 3.26 6.80
CA ARG A 97 -28.49 3.56 8.14
C ARG A 97 -29.03 5.00 8.23
N GLN A 98 -28.23 5.96 7.74
CA GLN A 98 -28.52 7.39 7.81
C GLN A 98 -29.74 7.72 6.96
N ASN A 99 -29.63 7.58 5.63
CA ASN A 99 -30.76 7.68 4.72
C ASN A 99 -31.49 6.34 4.76
N PRO A 100 -32.81 6.31 4.53
CA PRO A 100 -33.63 5.13 4.73
C PRO A 100 -33.36 4.05 3.66
N THR A 101 -32.33 3.23 3.92
CA THR A 101 -31.97 2.04 3.16
C THR A 101 -31.81 2.29 1.66
N MET A 102 -31.23 3.45 1.28
CA MET A 102 -31.07 3.89 -0.09
C MET A 102 -30.28 2.91 -0.95
N PHE A 103 -30.36 3.06 -2.28
CA PHE A 103 -29.91 2.06 -3.24
C PHE A 103 -28.38 2.04 -3.41
N ALA A 104 -27.86 0.85 -3.72
CA ALA A 104 -26.47 0.61 -4.05
C ALA A 104 -26.00 1.53 -5.18
N TRP A 105 -26.87 1.74 -6.18
CA TRP A 105 -26.65 2.63 -7.31
C TRP A 105 -26.25 4.03 -6.85
N GLU A 106 -27.06 4.63 -5.98
CA GLU A 106 -26.81 5.94 -5.39
C GLU A 106 -25.48 5.92 -4.63
N ILE A 107 -25.35 4.93 -3.76
CA ILE A 107 -24.29 4.82 -2.78
C ILE A 107 -22.90 4.77 -3.42
N ARG A 108 -22.75 4.06 -4.54
CA ARG A 108 -21.46 3.99 -5.23
C ARG A 108 -20.93 5.40 -5.47
N ASP A 109 -21.75 6.27 -6.06
CA ASP A 109 -21.42 7.67 -6.32
C ASP A 109 -21.33 8.48 -5.02
N ARG A 110 -22.19 8.18 -4.03
CA ARG A 110 -22.20 8.86 -2.73
C ARG A 110 -20.83 8.76 -2.04
N LEU A 111 -20.18 7.58 -2.12
CA LEU A 111 -18.84 7.39 -1.59
C LEU A 111 -17.83 8.34 -2.26
N LEU A 112 -17.96 8.56 -3.57
CA LEU A 112 -17.06 9.43 -4.31
C LEU A 112 -17.29 10.89 -3.93
N ALA A 113 -18.57 11.29 -3.83
CA ALA A 113 -18.97 12.64 -3.44
C ALA A 113 -18.42 13.01 -2.06
N GLU A 114 -18.57 12.10 -1.09
CA GLU A 114 -18.03 12.27 0.26
C GLU A 114 -16.50 12.23 0.28
N GLY A 115 -15.87 11.69 -0.77
CA GLY A 115 -14.42 11.55 -0.87
C GLY A 115 -13.92 10.43 0.05
N VAL A 116 -14.73 9.37 0.20
CA VAL A 116 -14.46 8.21 1.02
C VAL A 116 -13.75 7.14 0.19
N CYS A 117 -14.12 7.01 -1.09
CA CYS A 117 -13.60 5.98 -1.99
C CYS A 117 -13.31 6.58 -3.37
N ASP A 118 -12.57 5.84 -4.20
CA ASP A 118 -12.27 6.18 -5.59
C ASP A 118 -13.10 5.30 -6.53
N ASN A 119 -13.38 5.83 -7.73
CA ASN A 119 -14.23 5.25 -8.77
C ASN A 119 -13.89 3.80 -9.14
N ASP A 120 -12.61 3.40 -9.05
CA ASP A 120 -12.17 2.05 -9.33
C ASP A 120 -12.15 1.22 -8.05
N THR A 121 -11.61 1.79 -6.97
CA THR A 121 -11.40 1.12 -5.70
C THR A 121 -12.73 0.65 -5.07
N VAL A 122 -13.80 1.44 -5.26
CA VAL A 122 -15.13 1.17 -4.73
C VAL A 122 -15.62 -0.21 -5.19
N PRO A 123 -16.21 -1.03 -4.30
CA PRO A 123 -16.65 -2.37 -4.64
C PRO A 123 -17.83 -2.33 -5.62
N SER A 124 -18.09 -3.48 -6.26
CA SER A 124 -19.17 -3.64 -7.21
C SER A 124 -20.52 -3.48 -6.51
N VAL A 125 -21.53 -3.03 -7.26
CA VAL A 125 -22.92 -3.02 -6.83
C VAL A 125 -23.34 -4.44 -6.41
N SER A 126 -22.96 -5.42 -7.25
CA SER A 126 -23.16 -6.84 -6.99
C SER A 126 -22.58 -7.26 -5.63
N SER A 127 -21.38 -6.78 -5.28
CA SER A 127 -20.72 -7.15 -4.03
C SER A 127 -21.59 -6.70 -2.86
N ILE A 128 -21.61 -5.39 -2.57
CA ILE A 128 -22.36 -4.83 -1.44
C ILE A 128 -23.78 -5.39 -1.34
N ASN A 129 -24.49 -5.52 -2.46
CA ASN A 129 -25.80 -6.16 -2.48
C ASN A 129 -25.73 -7.56 -1.86
N ARG A 130 -24.92 -8.46 -2.45
CA ARG A 130 -24.77 -9.83 -2.00
C ARG A 130 -24.28 -9.93 -0.55
N ILE A 131 -23.34 -9.07 -0.15
CA ILE A 131 -22.80 -9.08 1.21
C ILE A 131 -23.96 -8.86 2.18
N ILE A 132 -24.73 -7.79 1.98
CA ILE A 132 -25.80 -7.34 2.86
C ILE A 132 -27.01 -8.28 2.79
N ARG A 133 -27.27 -8.93 1.64
CA ARG A 133 -28.31 -9.94 1.53
C ARG A 133 -28.15 -11.05 2.57
N THR A 134 -26.91 -11.55 2.78
CA THR A 134 -26.67 -12.60 3.77
C THR A 134 -26.88 -12.13 5.21
N LYS A 135 -26.97 -10.81 5.44
CA LYS A 135 -27.27 -10.22 6.73
C LYS A 135 -28.77 -9.91 6.75
N VAL A 136 -29.17 -8.63 6.76
CA VAL A 136 -30.56 -8.20 6.83
C VAL A 136 -30.72 -6.97 5.91
N GLN A 137 -30.92 -7.22 4.62
CA GLN A 137 -31.23 -6.21 3.64
C GLN A 137 -32.73 -5.86 3.75
N GLN A 138 -33.05 -4.85 4.57
CA GLN A 138 -34.40 -4.35 4.72
C GLN A 138 -34.86 -3.76 3.38
N PRO A 139 -36.12 -3.99 2.98
CA PRO A 139 -36.61 -3.63 1.66
C PRO A 139 -36.68 -2.12 1.47
N PHE A 140 -36.76 -1.69 0.21
CA PHE A 140 -36.78 -0.29 -0.19
C PHE A 140 -38.20 0.27 -0.03
N ASN A 141 -38.71 0.25 1.21
CA ASN A 141 -40.07 0.65 1.55
C ASN A 141 -40.15 0.93 3.05
N LEU A 142 -40.92 1.96 3.41
CA LEU A 142 -41.18 2.38 4.78
C LEU A 142 -42.37 1.61 5.36
N PRO A 143 -42.42 1.35 6.69
CA PRO A 143 -43.56 0.71 7.33
C PRO A 143 -44.73 1.69 7.45
N MET A 144 -45.93 1.15 7.70
CA MET A 144 -47.17 1.91 7.84
C MET A 144 -47.78 1.69 9.23
N ASP A 145 -48.61 2.63 9.67
CA ASP A 145 -49.33 2.60 10.93
C ASP A 145 -50.61 3.43 10.81
N SER A 146 -51.56 3.24 11.72
CA SER A 146 -52.83 3.97 11.80
C SER A 146 -53.38 3.87 13.22
N GLY A 147 -54.00 4.95 13.71
CA GLY A 147 -54.60 5.00 15.03
C GLY A 147 -54.95 6.44 15.40
N ALA A 148 -56.03 6.97 14.81
CA ALA A 148 -56.49 8.33 15.01
C ALA A 148 -58.00 8.34 15.31
N PRO A 149 -58.43 7.94 16.52
CA PRO A 149 -59.83 7.92 16.92
C PRO A 149 -60.33 9.34 17.26
N GLY A 150 -61.63 9.48 17.52
CA GLY A 150 -62.25 10.75 17.88
C GLY A 150 -63.74 10.57 18.20
N GLY A 151 -64.40 11.67 18.55
CA GLY A 151 -65.82 11.69 18.89
C GLY A 151 -66.27 13.08 19.32
N GLY A 152 -67.55 13.23 19.65
CA GLY A 152 -68.13 14.50 20.10
C GLY A 152 -69.62 14.35 20.43
N SER A 153 -70.23 15.43 20.92
CA SER A 153 -71.63 15.48 21.33
C SER A 153 -72.08 16.94 21.42
N HIS A 154 -73.39 17.15 21.58
CA HIS A 154 -74.02 18.47 21.70
C HIS A 154 -75.33 18.35 22.48
N HIS A 155 -76.02 19.48 22.69
CA HIS A 155 -77.33 19.54 23.32
C HIS A 155 -78.07 20.76 22.76
N HIS A 156 -79.09 20.51 21.91
CA HIS A 156 -79.94 21.53 21.33
C HIS A 156 -81.27 21.58 22.09
N HIS A 157 -81.73 22.80 22.40
CA HIS A 157 -82.87 23.06 23.27
C HIS A 157 -83.26 24.53 23.15
N HIS A 158 -84.44 24.89 23.68
CA HIS A 158 -85.00 26.24 23.57
C HIS A 158 -85.97 26.51 24.71
N HIS A 159 -86.45 27.76 24.79
CA HIS A 159 -87.49 28.18 25.71
C HIS A 159 -88.83 27.60 25.27
#